data_7QTI
#
_entry.id   7QTI
#
_cell.length_a   1.00
_cell.length_b   1.00
_cell.length_c   1.00
_cell.angle_alpha   90.00
_cell.angle_beta   90.00
_cell.angle_gamma   90.00
#
_symmetry.space_group_name_H-M   'P 1'
#
loop_
_entity.id
_entity.type
_entity.pdbx_description
1 polymer 'P2G3 Heavy Chain'
2 polymer 'P2G3 Light Chain'
3 polymer 'P5C3 Light Chain'
4 polymer 'P5C3 Heavy Chain'
5 polymer 'Spike glycoprotein,Envelope glycoprotein'
6 branched 2-acetamido-2-deoxy-beta-D-glucopyranose-(1-4)-2-acetamido-2-deoxy-beta-D-glucopyranose
7 branched alpha-D-mannopyranose-(1-3)-beta-D-mannopyranose-(1-4)-2-acetamido-2-deoxy-beta-D-glucopyranose-(1-4)-2-acetamido-2-deoxy-beta-D-glucopyranose
8 branched beta-D-mannopyranose-(1-4)-2-acetamido-2-deoxy-beta-D-glucopyranose-(1-4)-2-acetamido-2-deoxy-beta-D-glucopyranose
9 non-polymer 2-acetamido-2-deoxy-beta-D-glucopyranose
#
loop_
_entity_poly.entity_id
_entity_poly.type
_entity_poly.pdbx_seq_one_letter_code
_entity_poly.pdbx_strand_id
1 'polypeptide(L)'
;EVQLVESGGGLVQPGRSLRLSCAASGFRFDDYALHWVRQAPEKGLEWVSGISWNSNNIGYAESVKGRFTISRDTAKKSLY
LQMNDLRAEDTALYYCVKDRHYDSSGYFVNGFDIWGQGTLVTVSAASTKGPSVFPLAPSSKSTSGGTAALGCLVKDYFPE
PVTVSWNSGALTSGVHTFPAVLQSSGLYSLSSVVTVPSSSLGTQTYICNVNHKPSNTKVDKRVEPKSC
;
G,B,I
2 'polypeptide(L)'
;DIQLTQSPSFLSASVGDRVTVTCRASQGISSYVAWYQQKAGKAPTLLIYTASTLQSGVPSRFSGSGSGTEFTLTISSLQP
EDFATYYCQQLHSYPVTFGQGTRLDIERTVAAPSVFIFPPSDEQLKSGTASVVCLLNNFYPREAKVQWKVDNALQSGNSQ
ESVTEQDSKDSTYSLSSTLTLSKADYEKHKVYACEVTHQGLSSPVTKSFNRGEC
;
H,C,J
3 'polypeptide(L)'
;EIVLTQSPGTLSLSPGERATLSCRGSQSVRSSYLGWYQQKPGQAPRLLIYGASSRATGIPDRFSGSGSGTDFTLTISRLE
PEDFAVYYCQQYGSSPWTFGQGTKVEIKGTVAAPSVFIFPPSDEQLKSGTASVVCLLNNFYPREAKVQWKVDNALQSGNS
QESVTEQDSKDSTYSLSSTLTLSKADYEKHKVYACEVTHQGLSSPVTKSFNRGEC
;
E
4 'polypeptide(L)'
;QMQLVQSGPEVKKPGTSVKVSCKASGFTFTSSAVQWVRQARGQRLEWIGWIVVGSGNTDYAQQFQERVTITRDMSTSTAY
MELSSLGSEDTAVYYCAAPNCSGGSCYDGFDLWGQGTMVTVSSASTKGPSVFPLAPSSKSTSGGTAALGCLVKDYFPEPV
TVSWNSGALTSGVHTFPAVLQSSGLYSLSSVVTVPSSSLGTQTYICNVNHKPSNTKVDKKV
;
F
5 'polypeptide(L)'
;MFVFLVLLPLVSSQCVNLTTRTQLPPAYTNSFTRGVYYPDKVFRSSVLHSTQDLFLPFFSNVTWFHVISGTNGTKRFDNP
VLPFNDGVYFASIEKSNIIRGWIFGTTLDSKTQSLLIVNNATNVVIKVCEFQFCNDPFLDHKNNKSWMESEFRVYSSANN
CTFEYVSQPFLMDLEGKQGNFKNLREFVFKNIDGYFKIYSKHTPIIVREPEDLPQGFSALEPLVDLPIGINITRFQTLLA
LHRSYLTPGDSSSGWTAGAAAYYVGYLQPRTFLLKYNENGTITDAVDCALDPLSETKCTLKSFTVEKGIYQTSNFRVQPT
ESIVRFPNITNLCPFDEVFNATRFASVYAWNRKRISNCVADYSVLYNLAPFFTFKCYGVSPTKLNDLCFTNVYADSFVIR
GDEVRQIAPGQTGNIADYNYKLPDDFTGCVIAWNSNKLDSKVSGNYNYLYRLFRKSNLKPFERDISTEIYQAGNKPCNGV
AGFNCYFPLRSYSFRPTYGVGHQPYRVVVLSFELLHAPATVCGPKKSTNLVKNKCVNFNFNGLKGTGVLTESNKKFLPFQ
QFGRDIADTTDAVRDPQTLEILDITPCSFGGVSVITPGTNTSNQVAVLYQGVNCTEVPVAIHADQLTPTWRVYSTGSNVF
QTRAGCLIGAEYVNNSYECDIPIGAGICASYQTQTKSHGSASSVASQSIIAYTMSLGAENSVAYSNNSIAIPTNFTISVT
TEILPVSMTKTSVDCTMYICGDSTECSNLLLQYGSFCTQLKRALTGIAVEQDKNTQEVFAQVKQIYKTPPIKYFGGFNFS
QILPDPSKPSKRSFIEDLLFNKVTLADAGFIKQYGDCLGDIAARDLICAQKFKGLTVLPPLLTDEMIAQYTSALLAGTIT
SGWTFGAGAALQIPFAMQMAYRFNGIGVTQNVLYENQKLIANQFNSAIGKIQDSLSSTASALGKLQDVVNHNAQALNTLV
KQLSSKFGAISSVLNDIFSRLDPPEAEVQIDRLITGRLQSLQTYVTQQLIRAAEIRASANLAATKMSECVLGQSKRVDFC
GKGYHLMSFPQSAPHGVVFLHVTYVPAQEKNFTTAPAICHDGKAHFPREGVFVSNGTHWFVTQRNFYEPQIITTDNTFVS
GNCDVVIGIVNNTVYDPLQPELDSFKEELDKYFKNHTSPDVDLGDISGINASVVNIQKEIDRLNEVAKNLNESLIDLQEL
GKYEQGSGYIPEAPRDGQAYVRKDGEWVLLSTFLGRSLEVLFQGPGHHHHHHHHSAWSHPQFEKGGGSGGGGSGGSAWSH
PQFEK
;
D,K,A
#
# COMPACT_ATOMS: atom_id res chain seq x y z
N GLU A 1 27.04 48.06 -0.91
CA GLU A 1 27.60 47.66 -2.20
C GLU A 1 28.87 46.84 -2.03
N VAL A 2 28.94 45.71 -2.73
CA VAL A 2 30.10 44.85 -2.69
C VAL A 2 31.27 45.56 -3.35
N GLN A 3 32.24 45.98 -2.55
CA GLN A 3 33.39 46.71 -3.04
C GLN A 3 34.66 46.16 -2.41
N LEU A 4 35.77 46.34 -3.12
CA LEU A 4 37.08 45.89 -2.66
C LEU A 4 38.10 46.99 -2.95
N VAL A 5 38.98 47.25 -1.98
CA VAL A 5 39.97 48.32 -2.09
C VAL A 5 41.35 47.72 -1.83
N GLU A 6 42.29 47.99 -2.74
CA GLU A 6 43.67 47.58 -2.57
C GLU A 6 44.55 48.78 -2.21
N SER A 7 45.55 48.53 -1.37
CA SER A 7 46.45 49.58 -0.91
C SER A 7 47.77 48.97 -0.48
N GLY A 8 48.77 49.83 -0.30
CA GLY A 8 50.09 49.41 0.11
C GLY A 8 51.13 49.37 -0.99
N GLY A 9 50.73 49.54 -2.25
CA GLY A 9 51.67 49.50 -3.34
C GLY A 9 52.54 50.75 -3.41
N GLY A 10 53.58 50.65 -4.23
CA GLY A 10 54.51 51.75 -4.41
C GLY A 10 55.78 51.26 -5.07
N LEU A 11 56.80 52.11 -5.04
CA LEU A 11 58.10 51.82 -5.62
C LEU A 11 59.04 51.28 -4.56
N VAL A 12 59.61 50.11 -4.84
CA VAL A 12 60.48 49.42 -3.89
C VAL A 12 61.79 49.06 -4.56
N GLN A 13 62.88 49.09 -3.80
CA GLN A 13 64.21 48.72 -4.24
C GLN A 13 64.43 47.23 -4.01
N PRO A 14 65.15 46.55 -4.90
CA PRO A 14 65.46 45.14 -4.68
C PRO A 14 66.20 44.93 -3.36
N GLY A 15 65.86 43.85 -2.67
CA GLY A 15 66.36 43.59 -1.34
C GLY A 15 65.51 44.17 -0.22
N ARG A 16 64.39 44.81 -0.55
CA ARG A 16 63.49 45.40 0.44
C ARG A 16 62.11 44.79 0.28
N SER A 17 61.42 44.58 1.40
CA SER A 17 60.11 43.94 1.41
C SER A 17 59.01 45.00 1.48
N LEU A 18 57.77 44.52 1.35
CA LEU A 18 56.59 45.38 1.40
C LEU A 18 55.41 44.52 1.84
N ARG A 19 54.27 45.16 2.10
CA ARG A 19 53.05 44.45 2.52
C ARG A 19 51.85 45.12 1.85
N LEU A 20 51.17 44.38 0.98
CA LEU A 20 49.97 44.88 0.34
C LEU A 20 48.74 44.58 1.18
N SER A 21 47.72 45.43 1.04
CA SER A 21 46.49 45.29 1.81
C SER A 21 45.30 45.21 0.86
N CYS A 22 44.31 44.40 1.25
CA CYS A 22 43.10 44.19 0.47
C CYS A 22 41.90 44.41 1.36
N ALA A 23 41.24 45.55 1.21
CA ALA A 23 40.07 45.89 2.02
C ALA A 23 38.83 45.16 1.52
N ALA A 24 37.92 44.89 2.45
CA ALA A 24 36.67 44.21 2.15
C ALA A 24 35.51 45.05 2.67
N SER A 25 34.50 45.26 1.82
CA SER A 25 33.33 46.05 2.17
C SER A 25 32.13 45.57 1.37
N GLY A 26 30.95 45.63 1.99
CA GLY A 26 29.72 45.31 1.33
C GLY A 26 29.36 43.85 1.26
N PHE A 27 30.20 42.96 1.81
CA PHE A 27 29.94 41.53 1.77
C PHE A 27 30.52 40.88 3.01
N ARG A 28 29.94 39.74 3.39
CA ARG A 28 30.46 38.98 4.52
C ARG A 28 31.82 38.39 4.18
N PHE A 29 32.80 38.62 5.06
CA PHE A 29 34.18 38.27 4.77
C PHE A 29 34.59 36.90 5.32
N ASP A 30 33.96 36.43 6.39
CA ASP A 30 34.37 35.19 7.03
C ASP A 30 34.06 33.95 6.19
N ASP A 31 33.07 34.03 5.31
CA ASP A 31 32.73 32.93 4.41
C ASP A 31 32.68 33.47 2.97
N TYR A 32 33.85 33.54 2.34
CA TYR A 32 34.16 33.81 0.94
C TYR A 32 35.65 33.62 0.71
N ALA A 33 36.02 32.97 -0.38
CA ALA A 33 37.43 32.79 -0.68
C ALA A 33 37.99 34.02 -1.39
N LEU A 34 39.29 34.23 -1.21
CA LEU A 34 39.98 35.38 -1.79
C LEU A 34 41.23 34.90 -2.52
N HIS A 35 41.54 35.64 -3.58
CA HIS A 35 42.74 35.30 -4.39
C HIS A 35 43.44 36.59 -4.78
N TRP A 36 44.72 36.51 -5.12
CA TRP A 36 45.49 37.64 -5.62
C TRP A 36 45.84 37.40 -7.08
N VAL A 37 45.70 38.44 -7.90
CA VAL A 37 46.05 38.41 -9.31
C VAL A 37 46.86 39.65 -9.63
N ARG A 38 47.97 39.47 -10.34
CA ARG A 38 48.81 40.56 -10.78
C ARG A 38 48.82 40.64 -12.29
N GLN A 39 49.04 41.84 -12.81
CA GLN A 39 49.01 42.08 -14.25
C GLN A 39 50.18 43.00 -14.61
N ALA A 40 51.20 42.44 -15.23
CA ALA A 40 52.29 43.24 -15.75
C ALA A 40 51.89 43.83 -17.10
N PRO A 41 52.52 44.95 -17.51
CA PRO A 41 52.09 45.61 -18.74
C PRO A 41 52.21 44.72 -19.97
N GLU A 42 51.08 44.55 -20.66
CA GLU A 42 51.03 43.93 -21.99
C GLU A 42 51.57 42.51 -21.99
N LYS A 43 51.25 41.74 -20.94
CA LYS A 43 51.50 40.30 -20.95
C LYS A 43 50.33 39.56 -20.30
N GLY A 44 49.12 40.05 -20.52
CA GLY A 44 47.95 39.41 -19.94
C GLY A 44 47.90 39.54 -18.44
N LEU A 45 47.39 38.51 -17.78
CA LEU A 45 47.26 38.49 -16.33
C LEU A 45 48.00 37.27 -15.80
N GLU A 46 48.18 37.24 -14.48
CA GLU A 46 48.87 36.13 -13.83
C GLU A 46 48.31 35.93 -12.43
N TRP A 47 48.07 34.67 -12.08
CA TRP A 47 47.55 34.31 -10.74
C TRP A 47 48.69 34.41 -9.70
N VAL A 48 48.38 34.92 -8.51
CA VAL A 48 49.38 35.10 -7.46
C VAL A 48 49.17 34.07 -6.36
N SER A 49 48.01 34.13 -5.70
CA SER A 49 47.74 33.24 -4.54
C SER A 49 46.24 33.02 -4.34
N GLY A 50 45.85 32.23 -3.33
CA GLY A 50 44.44 31.98 -3.03
C GLY A 50 44.27 31.42 -1.62
N ILE A 51 43.37 32.00 -0.83
CA ILE A 51 43.20 31.56 0.56
C ILE A 51 41.77 31.08 0.75
N SER A 52 41.52 30.34 1.83
CA SER A 52 40.22 29.74 2.08
C SER A 52 39.55 30.48 3.23
N TRP A 53 38.29 30.11 3.50
CA TRP A 53 37.53 30.76 4.55
C TRP A 53 38.13 30.47 5.93
N ASN A 54 38.60 29.24 6.15
CA ASN A 54 39.09 28.81 7.45
C ASN A 54 40.61 28.82 7.54
N SER A 55 41.29 29.41 6.55
CA SER A 55 42.75 29.49 6.51
C SER A 55 43.38 28.11 6.63
N ASN A 56 42.81 27.15 5.91
CA ASN A 56 43.33 25.79 5.86
C ASN A 56 43.94 25.42 4.51
N ASN A 57 43.48 26.05 3.44
CA ASN A 57 44.01 25.81 2.10
C ASN A 57 44.69 27.10 1.62
N ILE A 58 46.02 27.07 1.56
CA ILE A 58 46.82 28.21 1.12
C ILE A 58 47.75 27.72 0.02
N GLY A 59 47.69 28.39 -1.14
CA GLY A 59 48.52 27.96 -2.29
C GLY A 59 49.10 29.11 -3.10
N TYR A 60 50.32 28.94 -3.62
CA TYR A 60 50.99 29.93 -4.43
C TYR A 60 51.47 29.30 -5.74
N ALA A 61 51.66 30.15 -6.75
CA ALA A 61 52.29 29.71 -7.98
C ALA A 61 53.76 29.38 -7.74
N GLU A 62 54.27 28.39 -8.47
CA GLU A 62 55.64 27.95 -8.26
C GLU A 62 56.64 29.05 -8.57
N SER A 63 56.26 30.01 -9.42
CA SER A 63 57.16 31.11 -9.75
C SER A 63 57.39 32.02 -8.55
N VAL A 64 56.43 32.10 -7.64
CA VAL A 64 56.50 33.02 -6.51
C VAL A 64 56.59 32.27 -5.18
N LYS A 65 56.90 30.99 -5.19
CA LYS A 65 57.01 30.22 -3.95
C LYS A 65 58.26 30.64 -3.18
N GLY A 66 58.17 30.56 -1.86
CA GLY A 66 59.32 30.76 -1.00
C GLY A 66 59.63 32.21 -0.69
N ARG A 67 58.87 33.15 -1.27
CA ARG A 67 59.12 34.57 -1.07
C ARG A 67 57.87 35.33 -0.65
N PHE A 68 56.68 34.80 -0.90
CA PHE A 68 55.45 35.51 -0.59
C PHE A 68 54.68 34.74 0.48
N THR A 69 53.79 35.44 1.17
CA THR A 69 52.99 34.85 2.23
C THR A 69 51.66 35.58 2.32
N ILE A 70 50.57 34.85 2.07
CA ILE A 70 49.23 35.42 2.12
C ILE A 70 48.63 35.16 3.49
N SER A 71 47.84 36.13 3.98
CA SER A 71 47.18 36.00 5.27
C SER A 71 45.89 36.81 5.26
N ARG A 72 44.98 36.46 6.16
CA ARG A 72 43.70 37.15 6.30
C ARG A 72 43.33 37.23 7.77
N ASP A 73 42.51 38.23 8.10
CA ASP A 73 42.07 38.44 9.47
C ASP A 73 40.61 38.83 9.46
N THR A 74 39.81 38.13 10.27
CA THR A 74 38.36 38.34 10.27
C THR A 74 37.97 39.61 11.02
N ALA A 75 38.78 40.02 12.00
CA ALA A 75 38.41 41.17 12.84
C ALA A 75 38.33 42.46 12.02
N LYS A 76 39.32 42.70 11.16
CA LYS A 76 39.38 43.91 10.36
C LYS A 76 38.86 43.71 8.94
N LYS A 77 38.47 42.48 8.59
CA LYS A 77 37.98 42.15 7.26
C LYS A 77 38.96 42.58 6.18
N SER A 78 40.18 42.03 6.21
CA SER A 78 41.20 42.41 5.24
C SER A 78 42.02 41.19 4.85
N LEU A 79 42.55 41.22 3.64
CA LEU A 79 43.46 40.21 3.14
C LEU A 79 44.85 40.81 3.00
N TYR A 80 45.85 40.12 3.55
CA TYR A 80 47.21 40.64 3.60
C TYR A 80 48.10 39.85 2.66
N LEU A 81 48.80 40.55 1.77
CA LEU A 81 49.75 39.95 0.85
C LEU A 81 51.15 40.44 1.20
N GLN A 82 51.99 39.54 1.70
CA GLN A 82 53.28 39.92 2.27
C GLN A 82 54.40 39.63 1.28
N MET A 83 55.27 40.61 1.08
CA MET A 83 56.40 40.50 0.16
C MET A 83 57.69 40.21 0.92
N ASN A 84 58.56 39.43 0.30
CA ASN A 84 59.91 39.19 0.80
C ASN A 84 60.83 38.95 -0.38
N ASP A 85 61.98 39.62 -0.37
CA ASP A 85 62.99 39.51 -1.43
C ASP A 85 62.38 39.84 -2.79
N LEU A 86 61.95 41.09 -2.93
CA LEU A 86 61.34 41.53 -4.18
C LEU A 86 62.36 41.56 -5.31
N ARG A 87 61.92 41.21 -6.51
CA ARG A 87 62.79 41.18 -7.68
C ARG A 87 62.14 41.86 -8.87
N ALA A 88 62.77 41.75 -10.05
CA ALA A 88 62.30 42.49 -11.21
C ALA A 88 60.93 42.03 -11.67
N GLU A 89 60.64 40.73 -11.55
CA GLU A 89 59.38 40.19 -12.06
C GLU A 89 58.18 40.73 -11.28
N ASP A 90 58.43 41.30 -10.10
CA ASP A 90 57.35 41.70 -9.21
C ASP A 90 56.70 43.02 -9.64
N THR A 91 57.22 43.64 -10.68
CA THR A 91 56.67 44.91 -11.19
C THR A 91 55.41 44.62 -11.99
N ALA A 92 54.25 44.86 -11.38
CA ALA A 92 52.97 44.58 -12.02
C ALA A 92 51.87 45.27 -11.23
N LEU A 93 50.68 45.32 -11.84
CA LEU A 93 49.50 45.86 -11.18
C LEU A 93 48.76 44.71 -10.50
N TYR A 94 48.64 44.78 -9.18
CA TYR A 94 48.14 43.68 -8.37
C TYR A 94 46.66 43.88 -8.06
N TYR A 95 45.84 42.88 -8.40
CA TYR A 95 44.42 42.89 -8.11
C TYR A 95 44.12 41.88 -7.01
N CYS A 96 43.25 42.29 -6.07
CA CYS A 96 42.72 41.39 -5.07
C CYS A 96 41.28 41.04 -5.47
N VAL A 97 40.99 39.74 -5.56
CA VAL A 97 39.69 39.28 -6.06
C VAL A 97 39.02 38.45 -4.99
N LYS A 98 37.69 38.35 -5.10
CA LYS A 98 36.86 37.66 -4.12
C LYS A 98 36.12 36.51 -4.81
N ASP A 99 36.28 35.31 -4.29
CA ASP A 99 35.61 34.14 -4.85
C ASP A 99 34.22 34.03 -4.23
N ARG A 100 33.46 33.00 -4.61
CA ARG A 100 32.04 32.93 -4.27
C ARG A 100 31.66 31.64 -3.56
N HIS A 101 32.61 30.75 -3.26
CA HIS A 101 32.25 29.53 -2.54
C HIS A 101 33.29 29.14 -1.50
N TYR A 102 33.86 30.12 -0.79
CA TYR A 102 34.71 29.98 0.40
C TYR A 102 35.89 29.02 0.22
N ASP A 103 36.27 28.67 -1.01
CA ASP A 103 37.43 27.82 -1.21
C ASP A 103 38.03 28.13 -2.57
N SER A 104 39.32 27.83 -2.72
CA SER A 104 40.03 28.18 -3.98
C SER A 104 39.49 27.40 -5.18
N SER A 105 39.77 26.10 -5.25
CA SER A 105 39.36 25.33 -6.46
C SER A 105 38.90 23.92 -6.10
N GLY A 106 38.45 23.15 -7.10
CA GLY A 106 38.04 21.78 -6.91
C GLY A 106 36.54 21.63 -7.02
N TYR A 107 35.83 22.73 -6.74
CA TYR A 107 34.38 22.74 -6.84
C TYR A 107 33.93 22.80 -8.29
N PHE A 108 32.71 22.33 -8.54
CA PHE A 108 32.15 22.40 -9.89
C PHE A 108 31.85 23.84 -10.28
N VAL A 109 31.59 24.71 -9.31
CA VAL A 109 31.29 26.12 -9.58
C VAL A 109 32.24 26.99 -8.78
N ASN A 110 33.02 27.81 -9.49
CA ASN A 110 33.92 28.78 -8.89
C ASN A 110 34.08 29.95 -9.86
N GLY A 111 34.46 31.11 -9.32
CA GLY A 111 34.66 32.26 -10.16
C GLY A 111 34.98 33.54 -9.41
N PHE A 112 35.90 34.34 -9.95
CA PHE A 112 36.19 35.65 -9.38
C PHE A 112 35.10 36.63 -9.77
N ASP A 113 34.18 36.89 -8.83
CA ASP A 113 32.99 37.68 -9.12
C ASP A 113 33.41 39.14 -9.14
N ILE A 114 34.00 39.68 -8.08
CA ILE A 114 34.34 41.09 -8.06
C ILE A 114 35.85 41.25 -8.23
N TRP A 115 36.25 42.28 -8.99
CA TRP A 115 37.65 42.59 -9.23
C TRP A 115 37.92 44.01 -8.75
N GLY A 116 38.96 44.17 -7.94
CA GLY A 116 39.31 45.47 -7.43
C GLY A 116 40.04 46.32 -8.46
N GLN A 117 40.16 47.61 -8.13
CA GLN A 117 40.88 48.53 -9.01
C GLN A 117 42.35 48.18 -9.14
N GLY A 118 43.00 47.79 -8.05
CA GLY A 118 44.38 47.37 -8.08
C GLY A 118 45.34 48.48 -7.69
N THR A 119 46.50 48.07 -7.17
CA THR A 119 47.55 48.99 -6.79
C THR A 119 48.80 48.67 -7.60
N LEU A 120 49.62 49.70 -7.80
CA LEU A 120 50.80 49.62 -8.68
C LEU A 120 52.04 49.36 -7.83
N VAL A 121 52.74 48.27 -8.13
CA VAL A 121 53.99 47.92 -7.45
C VAL A 121 55.10 47.93 -8.47
N THR A 122 56.16 48.68 -8.21
CA THR A 122 57.30 48.80 -9.10
C THR A 122 58.57 48.46 -8.32
N VAL A 123 59.40 47.59 -8.89
CA VAL A 123 60.65 47.17 -8.29
C VAL A 123 61.78 47.57 -9.23
N SER A 124 62.69 48.41 -8.74
CA SER A 124 63.82 48.86 -9.55
C SER A 124 64.82 49.57 -8.65
N ALA A 125 65.98 49.90 -9.24
CA ALA A 125 67.02 50.69 -8.59
C ALA A 125 66.84 52.19 -8.80
N ALA A 126 65.59 52.62 -8.91
CA ALA A 126 65.20 53.97 -9.33
C ALA A 126 66.03 55.09 -8.70
N SER A 127 66.48 56.01 -9.53
CA SER A 127 67.06 57.28 -9.10
C SER A 127 66.44 58.39 -9.92
N THR A 128 65.74 59.32 -9.25
CA THR A 128 64.98 60.37 -10.00
C THR A 128 65.87 61.10 -11.00
N LYS A 129 65.53 61.03 -12.30
CA LYS A 129 66.32 61.74 -13.34
C LYS A 129 65.38 62.61 -14.20
N GLY A 130 65.67 63.90 -14.36
CA GLY A 130 64.85 64.71 -15.22
C GLY A 130 64.93 64.27 -16.67
N PRO A 131 63.90 64.58 -17.44
CA PRO A 131 63.88 64.16 -18.85
C PRO A 131 64.70 65.08 -19.73
N SER A 132 65.25 64.49 -20.80
CA SER A 132 65.96 65.24 -21.83
C SER A 132 65.14 65.25 -23.10
N VAL A 133 64.82 66.45 -23.60
CA VAL A 133 63.95 66.62 -24.76
C VAL A 133 64.80 67.09 -25.93
N PHE A 134 64.70 66.39 -27.06
CA PHE A 134 65.41 66.77 -28.28
C PHE A 134 64.41 66.95 -29.42
N PRO A 135 64.61 67.97 -30.26
CA PRO A 135 63.60 68.27 -31.28
C PRO A 135 63.72 67.37 -32.49
N LEU A 136 62.57 66.87 -32.95
CA LEU A 136 62.48 66.16 -34.23
C LEU A 136 62.15 67.21 -35.30
N ALA A 137 63.18 67.93 -35.72
CA ALA A 137 63.02 69.09 -36.60
C ALA A 137 62.44 68.67 -37.95
N PRO A 138 61.42 69.36 -38.44
CA PRO A 138 60.88 69.04 -39.77
C PRO A 138 61.89 69.39 -40.86
N SER A 139 61.92 68.57 -41.91
CA SER A 139 62.83 68.76 -43.02
C SER A 139 62.15 68.26 -44.30
N SER A 140 62.95 68.12 -45.36
CA SER A 140 62.43 67.61 -46.61
C SER A 140 62.02 66.15 -46.52
N LYS A 141 62.56 65.40 -45.55
CA LYS A 141 62.26 63.99 -45.39
C LYS A 141 61.02 63.73 -44.54
N SER A 142 60.45 64.76 -43.92
CA SER A 142 59.27 64.61 -43.08
C SER A 142 58.04 65.29 -43.68
N THR A 143 58.13 65.75 -44.93
CA THR A 143 57.04 66.43 -45.60
C THR A 143 56.57 65.58 -46.77
N SER A 144 55.27 65.28 -46.81
CA SER A 144 54.68 64.47 -47.86
C SER A 144 53.26 64.97 -48.14
N GLY A 145 53.04 65.48 -49.35
CA GLY A 145 51.71 65.90 -49.74
C GLY A 145 51.18 67.11 -48.99
N GLY A 146 52.03 68.10 -48.74
CA GLY A 146 51.61 69.35 -48.17
C GLY A 146 51.50 69.38 -46.65
N THR A 147 51.88 68.31 -45.96
CA THR A 147 51.85 68.27 -44.51
C THR A 147 53.24 67.97 -43.99
N ALA A 148 53.57 68.49 -42.82
CA ALA A 148 54.88 68.34 -42.20
C ALA A 148 54.75 67.61 -40.87
N ALA A 149 55.66 66.67 -40.64
CA ALA A 149 55.69 65.89 -39.41
C ALA A 149 56.82 66.37 -38.51
N LEU A 150 56.49 66.73 -37.28
CA LEU A 150 57.46 67.19 -36.31
C LEU A 150 57.06 66.71 -34.92
N GLY A 151 58.05 66.61 -34.04
CA GLY A 151 57.79 66.12 -32.70
C GLY A 151 58.95 66.40 -31.78
N CYS A 152 58.85 65.84 -30.57
CA CYS A 152 59.86 66.00 -29.54
C CYS A 152 60.19 64.63 -28.95
N LEU A 153 61.47 64.38 -28.69
CA LEU A 153 61.92 63.10 -28.16
C LEU A 153 62.24 63.25 -26.67
N VAL A 154 61.37 62.71 -25.82
CA VAL A 154 61.59 62.68 -24.38
C VAL A 154 62.42 61.44 -24.08
N LYS A 155 63.62 61.64 -23.56
CA LYS A 155 64.59 60.57 -23.36
C LYS A 155 65.20 60.66 -21.98
N ASP A 156 65.46 59.49 -21.37
CA ASP A 156 66.20 59.40 -20.09
C ASP A 156 65.40 59.80 -18.84
N TYR A 157 64.55 58.93 -18.31
CA TYR A 157 63.86 59.26 -17.03
C TYR A 157 63.53 57.98 -16.24
N PHE A 158 64.10 57.84 -15.05
CA PHE A 158 63.76 56.67 -14.19
C PHE A 158 62.27 56.74 -13.81
N PRO A 159 61.70 57.88 -13.41
CA PRO A 159 60.24 57.95 -13.19
C PRO A 159 59.61 57.79 -14.58
N GLU A 160 58.60 56.92 -14.71
CA GLU A 160 57.98 56.59 -16.03
C GLU A 160 57.23 57.72 -16.75
N PRO A 161 56.40 58.59 -16.12
CA PRO A 161 55.57 59.55 -16.87
C PRO A 161 56.23 60.84 -17.38
N VAL A 162 55.56 61.57 -18.29
CA VAL A 162 56.07 62.86 -18.84
C VAL A 162 54.91 63.47 -19.62
N THR A 163 53.98 64.18 -18.96
CA THR A 163 52.87 64.75 -19.69
C THR A 163 53.38 65.69 -20.77
N VAL A 164 52.98 65.41 -22.02
CA VAL A 164 53.46 66.15 -23.18
C VAL A 164 52.28 66.89 -23.80
N SER A 165 52.41 68.21 -23.90
CA SER A 165 51.41 69.06 -24.54
C SER A 165 52.08 69.99 -25.53
N TRP A 166 51.34 70.40 -26.54
CA TRP A 166 51.86 71.22 -27.62
C TRP A 166 51.23 72.60 -27.57
N ASN A 167 52.08 73.63 -27.58
CA ASN A 167 51.64 75.03 -27.56
C ASN A 167 50.75 75.31 -26.36
N SER A 168 51.11 74.75 -25.21
CA SER A 168 50.37 74.90 -23.96
C SER A 168 48.91 74.47 -24.11
N GLY A 169 48.68 73.38 -24.84
CA GLY A 169 47.34 72.86 -25.05
C GLY A 169 46.60 73.47 -26.23
N ALA A 170 47.19 74.47 -26.90
CA ALA A 170 46.50 75.08 -28.03
C ALA A 170 46.49 74.17 -29.25
N LEU A 171 47.51 73.33 -29.40
CA LEU A 171 47.62 72.41 -30.53
C LEU A 171 47.27 71.01 -30.05
N THR A 172 46.14 70.49 -30.53
CA THR A 172 45.68 69.15 -30.17
C THR A 172 45.37 68.26 -31.37
N SER A 173 45.06 68.82 -32.53
CA SER A 173 44.72 68.02 -33.70
C SER A 173 45.97 67.39 -34.28
N GLY A 174 45.91 66.08 -34.53
CA GLY A 174 47.02 65.37 -35.10
C GLY A 174 48.14 65.03 -34.14
N VAL A 175 47.96 65.28 -32.85
CA VAL A 175 48.98 65.01 -31.85
C VAL A 175 48.96 63.52 -31.50
N HIS A 176 50.12 62.89 -31.60
CA HIS A 176 50.26 61.47 -31.30
C HIS A 176 51.39 61.31 -30.30
N THR A 177 51.05 60.91 -29.07
CA THR A 177 52.02 60.71 -28.00
C THR A 177 52.22 59.21 -27.80
N PHE A 178 53.39 58.71 -28.18
CA PHE A 178 53.70 57.29 -28.09
C PHE A 178 53.91 56.87 -26.64
N PRO A 179 53.50 55.65 -26.29
CA PRO A 179 53.74 55.16 -24.93
C PRO A 179 55.23 55.02 -24.64
N ALA A 180 55.58 55.17 -23.36
CA ALA A 180 56.97 55.08 -22.95
C ALA A 180 57.48 53.65 -23.09
N VAL A 181 58.76 53.53 -23.44
CA VAL A 181 59.43 52.23 -23.55
C VAL A 181 60.65 52.24 -22.64
N LEU A 182 60.86 51.13 -21.93
CA LEU A 182 61.97 51.01 -20.99
C LEU A 182 63.24 50.69 -21.75
N GLN A 183 64.19 51.64 -21.76
CA GLN A 183 65.45 51.44 -22.45
C GLN A 183 66.35 50.49 -21.67
N SER A 184 67.42 50.05 -22.34
CA SER A 184 68.37 49.13 -21.72
C SER A 184 69.08 49.77 -20.53
N SER A 185 69.20 51.10 -20.51
CA SER A 185 69.82 51.78 -19.38
C SER A 185 68.91 51.86 -18.17
N GLY A 186 67.65 51.44 -18.29
CA GLY A 186 66.70 51.52 -17.20
C GLY A 186 65.88 52.78 -17.16
N LEU A 187 66.13 53.73 -18.05
CA LEU A 187 65.38 54.97 -18.11
C LEU A 187 64.33 54.91 -19.21
N TYR A 188 63.23 55.61 -18.97
CA TYR A 188 62.11 55.57 -19.94
C TYR A 188 62.37 56.56 -21.06
N SER A 189 61.69 56.37 -22.18
CA SER A 189 61.76 57.26 -23.32
C SER A 189 60.51 57.11 -24.17
N LEU A 190 60.06 58.22 -24.76
CA LEU A 190 58.91 58.21 -25.65
C LEU A 190 58.99 59.40 -26.59
N SER A 191 58.14 59.37 -27.62
CA SER A 191 58.07 60.44 -28.61
C SER A 191 56.63 60.91 -28.76
N SER A 192 56.46 62.22 -28.93
CA SER A 192 55.17 62.82 -29.21
C SER A 192 55.30 63.69 -30.46
N VAL A 193 54.49 63.39 -31.48
CA VAL A 193 54.58 64.07 -32.76
C VAL A 193 53.20 64.60 -33.15
N VAL A 194 53.20 65.66 -33.95
CA VAL A 194 51.98 66.26 -34.47
C VAL A 194 52.19 66.63 -35.93
N THR A 195 51.17 66.39 -36.75
CA THR A 195 51.23 66.69 -38.18
C THR A 195 50.60 68.06 -38.43
N VAL A 196 51.35 68.92 -39.12
CA VAL A 196 50.90 70.29 -39.41
C VAL A 196 51.08 70.56 -40.90
N PRO A 197 50.32 71.49 -41.48
CA PRO A 197 50.52 71.82 -42.89
C PRO A 197 51.92 72.37 -43.14
N SER A 198 52.47 72.04 -44.31
CA SER A 198 53.81 72.51 -44.66
C SER A 198 53.84 74.02 -44.87
N SER A 199 52.73 74.62 -45.29
CA SER A 199 52.68 76.05 -45.51
C SER A 199 52.80 76.84 -44.20
N SER A 200 52.53 76.20 -43.07
CA SER A 200 52.62 76.88 -41.78
C SER A 200 54.03 76.88 -41.20
N LEU A 201 54.99 76.26 -41.89
CA LEU A 201 56.37 76.26 -41.41
C LEU A 201 57.01 77.62 -41.65
N GLY A 202 57.49 78.24 -40.58
CA GLY A 202 58.10 79.56 -40.62
C GLY A 202 57.18 80.67 -40.17
N THR A 203 55.87 80.45 -40.23
CA THR A 203 54.89 81.44 -39.78
C THR A 203 54.27 81.10 -38.43
N GLN A 204 54.19 79.82 -38.08
CA GLN A 204 53.62 79.38 -36.82
C GLN A 204 54.70 78.72 -35.97
N THR A 205 54.76 79.11 -34.70
CA THR A 205 55.75 78.57 -33.78
C THR A 205 55.17 77.41 -33.00
N TYR A 206 55.88 76.29 -32.97
CA TYR A 206 55.43 75.08 -32.30
C TYR A 206 56.36 74.81 -31.12
N ILE A 207 55.77 74.69 -29.93
CA ILE A 207 56.53 74.43 -28.70
C ILE A 207 55.89 73.24 -28.00
N CYS A 208 56.70 72.24 -27.67
CA CYS A 208 56.22 71.07 -26.95
C CYS A 208 56.53 71.24 -25.46
N ASN A 209 55.52 71.02 -24.62
CA ASN A 209 55.65 71.20 -23.18
C ASN A 209 55.71 69.81 -22.53
N VAL A 210 56.83 69.51 -21.89
CA VAL A 210 57.04 68.25 -21.19
C VAL A 210 57.12 68.53 -19.71
N ASN A 211 56.29 67.83 -18.92
CA ASN A 211 56.25 68.01 -17.48
C ASN A 211 56.46 66.66 -16.81
N HIS A 212 57.49 66.62 -15.94
CA HIS A 212 57.82 65.39 -15.18
C HIS A 212 57.69 65.75 -13.69
N LYS A 213 56.54 65.45 -13.08
CA LYS A 213 56.26 65.78 -11.68
C LYS A 213 57.21 65.14 -10.69
N PRO A 214 57.53 63.82 -10.71
CA PRO A 214 58.46 63.28 -9.71
C PRO A 214 59.83 63.99 -9.66
N SER A 215 60.36 64.43 -10.80
CA SER A 215 61.63 65.15 -10.78
C SER A 215 61.45 66.66 -10.75
N ASN A 216 60.20 67.15 -10.78
CA ASN A 216 59.91 68.59 -10.76
C ASN A 216 60.64 69.31 -11.90
N THR A 217 60.64 68.69 -13.07
CA THR A 217 61.31 69.23 -14.24
C THR A 217 60.27 69.65 -15.28
N LYS A 218 60.34 70.91 -15.70
CA LYS A 218 59.45 71.46 -16.73
C LYS A 218 60.32 72.11 -17.80
N VAL A 219 60.24 71.59 -19.02
CA VAL A 219 61.02 72.10 -20.14
C VAL A 219 60.09 72.34 -21.32
N ASP A 220 60.23 73.49 -21.96
CA ASP A 220 59.47 73.82 -23.17
C ASP A 220 60.45 73.91 -24.33
N LYS A 221 60.38 72.95 -25.25
CA LYS A 221 61.32 72.85 -26.35
C LYS A 221 60.64 73.32 -27.63
N ARG A 222 61.25 74.32 -28.28
CA ARG A 222 60.75 74.83 -29.54
C ARG A 222 61.36 74.04 -30.70
N VAL A 223 60.51 73.60 -31.63
CA VAL A 223 60.93 72.83 -32.78
C VAL A 223 60.95 73.78 -33.98
N GLU A 224 62.09 73.83 -34.68
CA GLU A 224 62.26 74.67 -35.85
C GLU A 224 62.75 73.84 -37.03
N PRO A 225 62.38 74.21 -38.25
CA PRO A 225 62.89 73.48 -39.43
C PRO A 225 64.40 73.57 -39.51
N LYS A 226 65.02 72.47 -39.94
CA LYS A 226 66.47 72.41 -40.05
C LYS A 226 66.97 73.32 -41.16
N SER A 227 67.72 74.35 -40.79
CA SER A 227 68.24 75.30 -41.76
C SER A 227 69.56 74.80 -42.35
N CYS A 228 69.50 74.26 -43.55
CA CYS A 228 70.69 73.72 -44.21
C CYS A 228 71.63 74.84 -44.66
N ASP B 1 51.19 21.88 -14.54
CA ASP B 1 49.90 22.54 -14.68
C ASP B 1 49.32 22.35 -16.08
N ILE B 2 48.03 22.67 -16.23
CA ILE B 2 47.38 22.56 -17.53
C ILE B 2 47.63 23.82 -18.33
N GLN B 3 48.08 23.64 -19.57
CA GLN B 3 48.39 24.74 -20.46
C GLN B 3 47.18 25.08 -21.32
N LEU B 4 46.83 26.36 -21.35
CA LEU B 4 45.66 26.84 -22.06
C LEU B 4 46.12 27.74 -23.20
N THR B 5 45.60 27.49 -24.41
CA THR B 5 46.01 28.21 -25.61
C THR B 5 44.79 28.79 -26.30
N GLN B 6 44.86 30.07 -26.65
CA GLN B 6 43.81 30.74 -27.42
C GLN B 6 44.17 30.67 -28.89
N SER B 7 43.33 29.99 -29.68
CA SER B 7 43.60 29.89 -31.11
C SER B 7 43.60 31.24 -31.80
N PRO B 8 42.59 32.12 -31.66
CA PRO B 8 42.69 33.44 -32.28
C PRO B 8 43.36 34.46 -31.36
N SER B 9 44.52 34.99 -31.78
CA SER B 9 45.17 36.03 -30.99
C SER B 9 44.43 37.35 -31.12
N PHE B 10 44.06 37.73 -32.34
CA PHE B 10 43.34 38.96 -32.62
C PHE B 10 42.24 38.68 -33.63
N LEU B 11 41.15 39.43 -33.52
CA LEU B 11 39.96 39.22 -34.37
C LEU B 11 39.32 40.57 -34.66
N SER B 12 39.47 41.05 -35.90
CA SER B 12 38.70 42.21 -36.33
C SER B 12 37.28 41.80 -36.69
N ALA B 13 36.32 42.63 -36.30
CA ALA B 13 34.91 42.29 -36.47
C ALA B 13 34.09 43.56 -36.61
N SER B 14 32.84 43.39 -37.01
CA SER B 14 31.91 44.49 -37.20
C SER B 14 30.62 44.20 -36.44
N VAL B 15 29.76 45.22 -36.35
CA VAL B 15 28.51 45.08 -35.61
C VAL B 15 27.57 44.13 -36.35
N GLY B 16 26.93 43.24 -35.59
CA GLY B 16 25.95 42.33 -36.12
C GLY B 16 26.49 40.98 -36.54
N ASP B 17 27.81 40.78 -36.51
CA ASP B 17 28.39 39.51 -36.91
C ASP B 17 28.41 38.53 -35.74
N ARG B 18 29.12 37.42 -35.95
CA ARG B 18 29.32 36.42 -34.91
C ARG B 18 30.82 36.21 -34.69
N VAL B 19 31.21 36.13 -33.42
CA VAL B 19 32.60 35.94 -33.03
C VAL B 19 32.69 34.72 -32.11
N THR B 20 33.60 33.82 -32.45
CA THR B 20 33.83 32.61 -31.65
C THR B 20 35.31 32.46 -31.38
N VAL B 21 35.65 32.21 -30.12
CA VAL B 21 37.03 31.99 -29.70
C VAL B 21 37.14 30.55 -29.19
N THR B 22 38.37 30.03 -29.21
CA THR B 22 38.62 28.65 -28.83
C THR B 22 39.69 28.62 -27.74
N CYS B 23 39.34 28.08 -26.58
CA CYS B 23 40.29 27.81 -25.51
C CYS B 23 40.61 26.32 -25.50
N ARG B 24 41.87 25.98 -25.74
CA ARG B 24 42.31 24.60 -25.84
C ARG B 24 43.29 24.27 -24.71
N ALA B 25 43.05 23.15 -24.06
CA ALA B 25 43.87 22.68 -22.96
C ALA B 25 44.65 21.44 -23.38
N SER B 26 45.59 21.03 -22.52
CA SER B 26 46.42 19.86 -22.79
C SER B 26 45.80 18.58 -22.26
N GLN B 27 45.46 18.54 -20.97
CA GLN B 27 44.83 17.39 -20.35
C GLN B 27 43.31 17.57 -20.40
N GLY B 28 42.50 16.73 -19.74
CA GLY B 28 41.07 16.92 -19.71
C GLY B 28 40.60 17.52 -18.41
N ILE B 29 40.09 18.75 -18.46
CA ILE B 29 39.70 19.47 -17.25
C ILE B 29 38.18 19.50 -17.12
N SER B 30 37.51 18.53 -17.75
CA SER B 30 36.06 18.34 -17.65
C SER B 30 35.38 19.62 -18.13
N SER B 31 34.51 20.24 -17.33
CA SER B 31 33.78 21.43 -17.75
C SER B 31 34.07 22.62 -16.83
N TYR B 32 35.20 22.59 -16.11
CA TYR B 32 35.55 23.67 -15.19
C TYR B 32 36.24 24.80 -15.96
N VAL B 33 35.45 25.48 -16.79
CA VAL B 33 35.95 26.54 -17.65
C VAL B 33 35.00 27.74 -17.57
N ALA B 34 35.60 28.92 -17.43
CA ALA B 34 34.85 30.17 -17.42
C ALA B 34 35.62 31.19 -18.26
N TRP B 35 35.02 32.37 -18.42
CA TRP B 35 35.61 33.42 -19.24
C TRP B 35 35.48 34.77 -18.54
N TYR B 36 36.48 35.64 -18.73
CA TYR B 36 36.40 37.02 -18.28
C TYR B 36 36.48 37.96 -19.48
N GLN B 37 36.11 39.22 -19.24
CA GLN B 37 36.26 40.30 -20.21
C GLN B 37 36.80 41.52 -19.50
N GLN B 38 37.88 42.10 -20.02
CA GLN B 38 38.50 43.28 -19.44
C GLN B 38 38.16 44.50 -20.30
N LYS B 39 37.59 45.53 -19.67
CA LYS B 39 37.37 46.78 -20.38
C LYS B 39 38.68 47.56 -20.48
N ALA B 40 38.72 48.50 -21.43
CA ALA B 40 39.92 49.31 -21.62
C ALA B 40 40.26 50.07 -20.35
N GLY B 41 41.38 49.70 -19.73
CA GLY B 41 41.80 50.31 -18.48
C GLY B 41 40.84 50.06 -17.34
N LYS B 42 40.33 48.83 -17.25
CA LYS B 42 39.36 48.49 -16.22
C LYS B 42 39.56 47.02 -15.84
N ALA B 43 39.18 46.68 -14.62
CA ALA B 43 39.38 45.32 -14.13
C ALA B 43 38.48 44.34 -14.88
N PRO B 44 38.95 43.12 -15.13
CA PRO B 44 38.13 42.15 -15.87
C PRO B 44 36.86 41.77 -15.11
N THR B 45 35.84 41.38 -15.87
CA THR B 45 34.55 40.98 -15.32
C THR B 45 34.15 39.62 -15.87
N LEU B 46 33.62 38.78 -14.99
CA LEU B 46 33.16 37.44 -15.38
C LEU B 46 31.92 37.55 -16.25
N LEU B 47 31.83 36.65 -17.24
CA LEU B 47 30.66 36.61 -18.13
C LEU B 47 29.90 35.30 -17.98
N ILE B 48 30.61 34.18 -18.19
CA ILE B 48 30.00 32.86 -18.17
C ILE B 48 30.89 31.96 -17.31
N TYR B 49 30.24 31.11 -16.51
CA TYR B 49 30.96 30.16 -15.67
C TYR B 49 30.42 28.77 -15.92
N THR B 50 31.29 27.78 -15.67
CA THR B 50 31.04 26.38 -16.03
C THR B 50 30.82 26.22 -17.53
N ALA B 51 31.28 27.21 -18.30
CA ALA B 51 31.32 27.17 -19.76
C ALA B 51 29.93 27.18 -20.40
N SER B 52 28.87 27.16 -19.57
CA SER B 52 27.51 27.12 -20.08
C SER B 52 26.55 28.07 -19.37
N THR B 53 26.82 28.43 -18.12
CA THR B 53 25.84 29.12 -17.29
C THR B 53 26.17 30.61 -17.20
N LEU B 54 25.20 31.45 -17.50
CA LEU B 54 25.33 32.89 -17.34
C LEU B 54 25.19 33.27 -15.87
N GLN B 55 25.98 34.25 -15.44
CA GLN B 55 26.03 34.57 -14.02
C GLN B 55 24.89 35.49 -13.58
N SER B 56 24.89 36.73 -14.06
CA SER B 56 23.87 37.70 -13.70
C SER B 56 24.07 38.98 -14.50
N GLY B 57 22.96 39.57 -14.92
CA GLY B 57 22.99 40.87 -15.58
C GLY B 57 23.86 40.92 -16.82
N VAL B 58 24.07 39.78 -17.48
CA VAL B 58 24.91 39.68 -18.66
C VAL B 58 23.99 39.61 -19.87
N PRO B 59 24.28 40.33 -20.95
CA PRO B 59 23.40 40.29 -22.12
C PRO B 59 23.25 38.89 -22.68
N SER B 60 22.05 38.60 -23.19
CA SER B 60 21.75 37.25 -23.68
C SER B 60 22.54 36.92 -24.94
N ARG B 61 23.16 37.92 -25.58
CA ARG B 61 23.95 37.67 -26.77
C ARG B 61 25.15 36.78 -26.48
N PHE B 62 25.71 36.87 -25.27
CA PHE B 62 26.84 36.04 -24.90
C PHE B 62 26.39 34.61 -24.65
N SER B 63 27.16 33.65 -25.15
CA SER B 63 26.85 32.24 -25.01
C SER B 63 28.13 31.44 -25.16
N GLY B 64 28.07 30.17 -24.79
CA GLY B 64 29.23 29.32 -24.91
C GLY B 64 28.89 27.88 -24.58
N SER B 65 29.87 27.01 -24.82
CA SER B 65 29.73 25.58 -24.57
C SER B 65 31.12 24.99 -24.43
N GLY B 66 31.20 23.71 -24.12
CA GLY B 66 32.48 23.04 -23.99
C GLY B 66 32.37 21.60 -23.52
N SER B 67 33.15 20.72 -24.14
CA SER B 67 33.16 19.31 -23.78
C SER B 67 34.59 18.77 -23.94
N GLY B 68 35.02 17.96 -22.98
CA GLY B 68 36.35 17.38 -23.04
C GLY B 68 37.47 18.39 -22.92
N THR B 69 38.21 18.59 -24.01
CA THR B 69 39.35 19.50 -24.05
C THR B 69 39.08 20.75 -24.89
N GLU B 70 37.85 20.91 -25.38
CA GLU B 70 37.53 22.04 -26.25
C GLU B 70 36.41 22.86 -25.63
N PHE B 71 36.63 24.17 -25.59
CA PHE B 71 35.66 25.12 -25.05
C PHE B 71 35.63 26.35 -25.96
N THR B 72 34.42 26.81 -26.28
CA THR B 72 34.26 27.90 -27.25
C THR B 72 33.31 28.93 -26.65
N LEU B 73 33.78 30.17 -26.56
CA LEU B 73 32.90 31.29 -26.23
C LEU B 73 32.40 31.96 -27.50
N THR B 74 31.10 32.14 -27.61
CA THR B 74 30.47 32.64 -28.82
C THR B 74 29.64 33.88 -28.53
N ILE B 75 29.74 34.87 -29.41
CA ILE B 75 28.97 36.10 -29.32
C ILE B 75 28.01 36.13 -30.50
N SER B 76 26.71 36.04 -30.20
CA SER B 76 25.72 35.97 -31.28
C SER B 76 25.62 37.29 -32.05
N SER B 77 25.52 38.40 -31.32
CA SER B 77 25.42 39.71 -31.94
C SER B 77 26.40 40.66 -31.25
N LEU B 78 26.91 41.61 -32.02
CA LEU B 78 27.93 42.53 -31.55
C LEU B 78 27.32 43.88 -31.21
N GLN B 79 27.81 44.48 -30.13
CA GLN B 79 27.42 45.80 -29.66
C GLN B 79 28.67 46.63 -29.41
N PRO B 80 28.54 47.96 -29.37
CA PRO B 80 29.75 48.80 -29.17
C PRO B 80 30.50 48.51 -27.88
N GLU B 81 29.81 48.03 -26.84
CA GLU B 81 30.49 47.73 -25.59
C GLU B 81 31.19 46.38 -25.61
N ASP B 82 30.96 45.57 -26.66
CA ASP B 82 31.54 44.23 -26.68
C ASP B 82 33.04 44.26 -26.95
N PHE B 83 33.52 45.29 -27.66
CA PHE B 83 34.92 45.34 -28.06
C PHE B 83 35.84 45.36 -26.85
N ALA B 84 36.54 44.24 -26.63
CA ALA B 84 37.44 44.07 -25.50
C ALA B 84 38.26 42.80 -25.65
N THR B 85 39.07 42.48 -24.65
CA THR B 85 39.88 41.26 -24.64
C THR B 85 39.26 40.24 -23.68
N TYR B 86 39.23 38.99 -24.13
CA TYR B 86 38.60 37.90 -23.38
C TYR B 86 39.65 36.88 -22.99
N TYR B 87 39.45 36.25 -21.83
CA TYR B 87 40.40 35.29 -21.27
C TYR B 87 39.67 34.02 -20.83
N CYS B 88 40.35 32.88 -20.94
CA CYS B 88 39.84 31.62 -20.45
C CYS B 88 40.75 31.08 -19.34
N GLN B 89 40.15 30.35 -18.41
CA GLN B 89 40.86 29.87 -17.23
C GLN B 89 40.50 28.42 -16.98
N GLN B 90 41.43 27.65 -16.42
CA GLN B 90 41.14 26.29 -15.99
C GLN B 90 40.84 26.27 -14.49
N LEU B 91 40.15 25.20 -14.06
CA LEU B 91 39.75 25.10 -12.67
C LEU B 91 39.86 23.67 -12.13
N HIS B 92 40.46 22.74 -12.88
CA HIS B 92 40.55 21.35 -12.42
C HIS B 92 41.47 21.22 -11.21
N SER B 93 42.74 21.61 -11.39
CA SER B 93 43.74 21.46 -10.30
C SER B 93 43.85 22.74 -9.46
N TYR B 94 44.56 22.67 -8.33
CA TYR B 94 44.72 23.83 -7.42
C TYR B 94 45.49 25.00 -8.10
N PRO B 95 46.62 24.81 -8.82
CA PRO B 95 47.28 25.93 -9.52
C PRO B 95 46.38 26.44 -10.65
N VAL B 96 46.31 27.76 -10.87
CA VAL B 96 45.39 28.34 -11.89
C VAL B 96 46.20 29.09 -12.95
N THR B 97 45.85 28.97 -14.24
CA THR B 97 46.57 29.75 -15.25
C THR B 97 45.55 30.56 -16.05
N PHE B 98 45.89 31.81 -16.34
CA PHE B 98 45.06 32.65 -17.19
C PHE B 98 45.54 32.59 -18.63
N GLY B 99 44.60 32.59 -19.56
CA GLY B 99 44.94 32.55 -20.97
C GLY B 99 45.62 33.82 -21.45
N GLN B 100 46.34 33.74 -22.57
CA GLN B 100 47.04 34.90 -23.09
C GLN B 100 46.10 35.95 -23.67
N GLY B 101 44.85 35.59 -23.95
CA GLY B 101 43.81 36.55 -24.26
C GLY B 101 43.59 36.73 -25.75
N THR B 102 42.33 36.99 -26.11
CA THR B 102 41.94 37.25 -27.50
C THR B 102 41.40 38.67 -27.59
N ARG B 103 42.06 39.49 -28.40
CA ARG B 103 41.69 40.90 -28.54
C ARG B 103 40.83 41.07 -29.78
N LEU B 104 39.60 41.56 -29.58
CA LEU B 104 38.73 41.86 -30.70
C LEU B 104 38.96 43.30 -31.17
N ASP B 105 38.84 43.51 -32.48
CA ASP B 105 39.18 44.78 -33.08
C ASP B 105 38.01 45.29 -33.90
N ILE B 106 37.93 46.61 -34.03
CA ILE B 106 36.88 47.27 -34.79
C ILE B 106 37.23 47.19 -36.27
N GLU B 107 36.26 47.43 -37.14
CA GLU B 107 36.45 47.37 -38.58
C GLU B 107 36.50 48.77 -39.16
N ARG B 108 37.52 49.03 -39.97
CA ARG B 108 37.69 50.32 -40.62
C ARG B 108 38.45 50.11 -41.92
N THR B 109 38.19 50.98 -42.89
CA THR B 109 38.83 50.87 -44.20
C THR B 109 40.34 50.93 -44.08
N VAL B 110 41.03 50.04 -44.81
CA VAL B 110 42.48 50.00 -44.78
C VAL B 110 43.05 51.19 -45.54
N ALA B 111 44.02 51.86 -44.92
CA ALA B 111 44.68 53.02 -45.52
C ALA B 111 46.18 52.77 -45.55
N ALA B 112 46.82 53.21 -46.63
CA ALA B 112 48.25 53.02 -46.77
C ALA B 112 48.99 53.85 -45.72
N PRO B 113 50.06 53.30 -45.13
CA PRO B 113 50.78 54.04 -44.08
C PRO B 113 51.80 55.01 -44.67
N SER B 114 51.86 56.20 -44.09
CA SER B 114 52.88 57.16 -44.48
C SER B 114 54.18 56.88 -43.73
N VAL B 115 55.29 56.93 -44.46
CA VAL B 115 56.60 56.59 -43.90
C VAL B 115 57.47 57.84 -43.89
N PHE B 116 58.03 58.17 -42.73
CA PHE B 116 58.96 59.27 -42.57
C PHE B 116 60.15 58.80 -41.77
N ILE B 117 61.32 59.35 -42.07
CA ILE B 117 62.56 59.01 -41.37
C ILE B 117 63.18 60.28 -40.83
N PHE B 118 63.65 60.22 -39.58
CA PHE B 118 64.23 61.38 -38.91
C PHE B 118 65.67 61.08 -38.53
N PRO B 119 66.65 61.76 -39.14
CA PRO B 119 68.04 61.56 -38.75
C PRO B 119 68.30 62.06 -37.34
N PRO B 120 69.32 61.52 -36.67
CA PRO B 120 69.63 62.01 -35.31
C PRO B 120 69.98 63.49 -35.32
N SER B 121 69.51 64.18 -34.29
CA SER B 121 69.77 65.62 -34.18
C SER B 121 71.20 65.88 -33.71
N ASP B 122 71.66 67.11 -33.91
CA ASP B 122 73.00 67.48 -33.49
C ASP B 122 73.13 67.45 -31.98
N GLU B 123 72.08 67.85 -31.26
CA GLU B 123 72.14 67.91 -29.81
C GLU B 123 72.37 66.54 -29.19
N GLN B 124 71.67 65.52 -29.69
CA GLN B 124 71.87 64.18 -29.15
C GLN B 124 73.18 63.58 -29.63
N LEU B 125 73.63 63.95 -30.83
CA LEU B 125 74.95 63.54 -31.28
C LEU B 125 76.05 64.11 -30.39
N LYS B 126 75.83 65.31 -29.84
CA LYS B 126 76.77 65.88 -28.88
C LYS B 126 76.84 65.07 -27.59
N SER B 127 75.82 64.24 -27.32
CA SER B 127 75.77 63.43 -26.11
C SER B 127 76.43 62.07 -26.26
N GLY B 128 76.97 61.75 -27.45
CA GLY B 128 77.64 60.50 -27.67
C GLY B 128 76.77 59.36 -28.14
N THR B 129 75.46 59.57 -28.26
CA THR B 129 74.53 58.55 -28.71
C THR B 129 73.74 59.06 -29.91
N ALA B 130 73.35 58.14 -30.77
CA ALA B 130 72.59 58.48 -31.97
C ALA B 130 71.41 57.53 -32.11
N SER B 131 70.23 58.10 -32.33
CA SER B 131 69.00 57.34 -32.52
C SER B 131 68.28 57.87 -33.75
N VAL B 132 68.07 57.00 -34.74
CA VAL B 132 67.34 57.33 -35.95
C VAL B 132 65.94 56.74 -35.85
N VAL B 133 64.93 57.54 -36.18
CA VAL B 133 63.53 57.19 -35.99
C VAL B 133 62.84 57.12 -37.34
N CYS B 134 62.19 56.00 -37.62
CA CYS B 134 61.37 55.82 -38.81
C CYS B 134 59.90 55.91 -38.39
N LEU B 135 59.20 56.92 -38.88
CA LEU B 135 57.82 57.20 -38.49
C LEU B 135 56.88 56.50 -39.46
N LEU B 136 55.96 55.69 -38.91
CA LEU B 136 55.01 54.93 -39.70
C LEU B 136 53.62 55.32 -39.23
N ASN B 137 52.94 56.15 -40.02
CA ASN B 137 51.75 56.87 -39.56
C ASN B 137 50.51 56.48 -40.35
N ASN B 138 49.35 56.57 -39.68
CA ASN B 138 48.04 56.48 -40.32
C ASN B 138 47.83 55.16 -41.06
N PHE B 139 47.81 54.05 -40.32
CA PHE B 139 47.57 52.73 -40.89
C PHE B 139 46.52 52.02 -40.05
N TYR B 140 45.54 51.40 -40.71
CA TYR B 140 44.52 50.66 -39.98
C TYR B 140 44.98 49.27 -39.55
N PRO B 141 45.53 48.40 -40.44
CA PRO B 141 45.98 47.09 -39.96
C PRO B 141 47.22 47.19 -39.09
N ARG B 142 47.09 46.84 -37.81
CA ARG B 142 48.19 46.99 -36.87
C ARG B 142 49.42 46.21 -37.29
N GLU B 143 49.24 45.12 -38.05
CA GLU B 143 50.35 44.30 -38.48
C GLU B 143 51.23 45.08 -39.45
N ALA B 144 52.38 45.54 -38.97
CA ALA B 144 53.33 46.28 -39.79
C ALA B 144 54.74 45.82 -39.43
N LYS B 145 55.58 45.70 -40.45
CA LYS B 145 56.95 45.21 -40.30
C LYS B 145 57.92 46.31 -40.72
N VAL B 146 58.92 46.56 -39.87
CA VAL B 146 59.94 47.56 -40.12
C VAL B 146 61.30 46.87 -40.09
N GLN B 147 62.08 47.05 -41.15
CA GLN B 147 63.42 46.49 -41.25
C GLN B 147 64.42 47.63 -41.44
N TRP B 148 65.49 47.63 -40.65
CA TRP B 148 66.51 48.66 -40.73
C TRP B 148 67.67 48.18 -41.58
N LYS B 149 68.08 49.03 -42.54
CA LYS B 149 69.19 48.73 -43.43
C LYS B 149 70.23 49.83 -43.29
N VAL B 150 71.42 49.46 -42.84
CA VAL B 150 72.54 50.38 -42.66
C VAL B 150 73.57 50.05 -43.73
N ASP B 151 73.82 51.00 -44.63
CA ASP B 151 74.71 50.80 -45.77
C ASP B 151 74.33 49.55 -46.55
N ASN B 152 73.03 49.40 -46.81
CA ASN B 152 72.43 48.28 -47.53
C ASN B 152 72.60 46.96 -46.80
N ALA B 153 72.90 46.98 -45.51
CA ALA B 153 73.03 45.77 -44.70
C ALA B 153 71.95 45.75 -43.64
N LEU B 154 71.26 44.61 -43.52
CA LEU B 154 70.15 44.50 -42.57
C LEU B 154 70.68 44.53 -41.14
N GLN B 155 70.03 45.35 -40.30
CA GLN B 155 70.41 45.49 -38.90
C GLN B 155 69.34 44.86 -38.03
N SER B 156 69.76 44.01 -37.09
CA SER B 156 68.85 43.31 -36.20
C SER B 156 69.41 43.35 -34.78
N GLY B 157 68.52 43.56 -33.81
CA GLY B 157 68.89 43.53 -32.40
C GLY B 157 69.08 44.88 -31.75
N ASN B 158 69.06 45.98 -32.51
CA ASN B 158 69.27 47.31 -31.96
C ASN B 158 68.11 48.24 -32.25
N SER B 159 66.93 47.69 -32.53
CA SER B 159 65.76 48.49 -32.88
C SER B 159 64.60 48.16 -31.95
N GLN B 160 63.86 49.21 -31.59
CA GLN B 160 62.69 49.08 -30.73
C GLN B 160 61.49 49.75 -31.41
N GLU B 161 60.33 49.14 -31.30
CA GLU B 161 59.12 49.61 -31.97
C GLU B 161 58.03 49.89 -30.93
N SER B 162 57.27 50.96 -31.17
CA SER B 162 56.16 51.34 -30.32
C SER B 162 54.95 51.62 -31.19
N VAL B 163 53.81 51.03 -30.83
CA VAL B 163 52.57 51.15 -31.58
C VAL B 163 51.54 51.88 -30.73
N THR B 164 50.92 52.91 -31.30
CA THR B 164 49.90 53.67 -30.60
C THR B 164 48.57 52.91 -30.60
N GLU B 165 47.66 53.37 -29.75
CA GLU B 165 46.32 52.80 -29.71
C GLU B 165 45.53 53.24 -30.94
N GLN B 166 44.36 52.60 -31.12
CA GLN B 166 43.52 52.93 -32.26
C GLN B 166 42.99 54.36 -32.14
N ASP B 167 43.19 55.14 -33.19
CA ASP B 167 42.78 56.54 -33.17
C ASP B 167 41.27 56.66 -33.10
N SER B 168 40.79 57.64 -32.32
CA SER B 168 39.35 57.81 -32.14
C SER B 168 38.70 58.57 -33.30
N LYS B 169 39.50 59.14 -34.21
CA LYS B 169 38.95 59.94 -35.29
C LYS B 169 38.89 59.17 -36.61
N ASP B 170 40.01 58.60 -37.04
CA ASP B 170 40.07 57.88 -38.30
C ASP B 170 40.35 56.39 -38.14
N SER B 171 40.52 55.91 -36.91
CA SER B 171 40.78 54.49 -36.63
C SER B 171 42.02 53.99 -37.38
N THR B 172 43.06 54.82 -37.40
CA THR B 172 44.35 54.47 -37.99
C THR B 172 45.42 54.55 -36.91
N TYR B 173 46.28 53.53 -36.86
CA TYR B 173 47.31 53.44 -35.85
C TYR B 173 48.56 54.20 -36.27
N SER B 174 49.50 54.30 -35.33
CA SER B 174 50.80 54.91 -35.58
C SER B 174 51.90 54.05 -34.97
N LEU B 175 52.99 53.90 -35.71
CA LEU B 175 54.11 53.07 -35.29
C LEU B 175 55.40 53.84 -35.46
N SER B 176 56.26 53.79 -34.45
CA SER B 176 57.57 54.43 -34.48
C SER B 176 58.64 53.40 -34.21
N SER B 177 59.64 53.34 -35.10
CA SER B 177 60.78 52.45 -34.94
C SER B 177 62.04 53.29 -34.74
N THR B 178 62.78 53.00 -33.67
CA THR B 178 63.97 53.76 -33.32
C THR B 178 65.17 52.83 -33.30
N LEU B 179 66.18 53.15 -34.10
CA LEU B 179 67.44 52.41 -34.11
C LEU B 179 68.50 53.22 -33.38
N THR B 180 68.98 52.70 -32.26
CA THR B 180 69.92 53.40 -31.40
C THR B 180 71.33 52.87 -31.63
N LEU B 181 72.25 53.77 -31.94
CA LEU B 181 73.64 53.42 -32.17
C LEU B 181 74.54 54.45 -31.49
N SER B 182 75.76 54.03 -31.18
CA SER B 182 76.72 54.95 -30.60
C SER B 182 77.17 55.99 -31.62
N LYS B 183 77.72 57.10 -31.11
CA LYS B 183 78.13 58.20 -31.99
C LYS B 183 79.21 57.75 -32.97
N ALA B 184 80.21 57.01 -32.48
CA ALA B 184 81.25 56.51 -33.38
C ALA B 184 80.68 55.55 -34.41
N ASP B 185 79.83 54.62 -33.96
CA ASP B 185 79.22 53.68 -34.90
C ASP B 185 78.32 54.39 -35.90
N TYR B 186 77.59 55.41 -35.45
CA TYR B 186 76.75 56.18 -36.35
C TYR B 186 77.58 56.92 -37.39
N GLU B 187 78.72 57.48 -36.97
CA GLU B 187 79.59 58.18 -37.90
C GLU B 187 80.38 57.24 -38.81
N LYS B 188 80.47 55.95 -38.45
CA LYS B 188 81.19 54.99 -39.29
C LYS B 188 80.41 54.58 -40.53
N HIS B 189 79.14 54.94 -40.61
CA HIS B 189 78.29 54.59 -41.75
C HIS B 189 77.71 55.86 -42.37
N LYS B 190 77.28 55.74 -43.63
CA LYS B 190 76.81 56.87 -44.42
C LYS B 190 75.33 56.82 -44.71
N VAL B 191 74.81 55.68 -45.14
CA VAL B 191 73.42 55.55 -45.58
C VAL B 191 72.65 54.75 -44.53
N TYR B 192 71.52 55.31 -44.09
CA TYR B 192 70.63 54.64 -43.15
C TYR B 192 69.23 54.61 -43.74
N ALA B 193 68.60 53.44 -43.73
CA ALA B 193 67.31 53.26 -44.36
C ALA B 193 66.41 52.39 -43.49
N CYS B 194 65.10 52.64 -43.55
CA CYS B 194 64.10 51.83 -42.88
C CYS B 194 63.14 51.30 -43.94
N GLU B 195 62.92 49.99 -43.96
CA GLU B 195 62.06 49.34 -44.93
C GLU B 195 60.75 48.96 -44.26
N VAL B 196 59.64 49.34 -44.88
CA VAL B 196 58.31 49.15 -44.32
C VAL B 196 57.56 48.13 -45.17
N THR B 197 57.02 47.10 -44.52
CA THR B 197 56.23 46.07 -45.17
C THR B 197 54.81 46.12 -44.61
N HIS B 198 53.86 46.55 -45.44
CA HIS B 198 52.46 46.63 -45.03
C HIS B 198 51.57 46.01 -46.10
N GLN B 199 50.42 45.48 -45.65
CA GLN B 199 49.50 44.84 -46.56
C GLN B 199 48.96 45.82 -47.60
N GLY B 200 48.65 47.04 -47.17
CA GLY B 200 48.13 48.04 -48.10
C GLY B 200 49.14 48.45 -49.15
N LEU B 201 50.41 48.54 -48.76
CA LEU B 201 51.45 49.03 -49.67
C LEU B 201 51.66 48.07 -50.83
N SER B 202 51.81 48.63 -52.03
CA SER B 202 52.02 47.79 -53.21
C SER B 202 53.39 47.12 -53.19
N SER B 203 54.43 47.87 -52.84
CA SER B 203 55.79 47.38 -52.83
C SER B 203 56.46 47.84 -51.54
N PRO B 204 57.50 47.13 -51.09
CA PRO B 204 58.23 47.58 -49.90
C PRO B 204 58.83 48.96 -50.12
N VAL B 205 58.42 49.91 -49.28
CA VAL B 205 58.87 51.29 -49.37
C VAL B 205 60.07 51.47 -48.47
N THR B 206 61.09 52.19 -48.95
CA THR B 206 62.32 52.42 -48.23
C THR B 206 62.61 53.91 -48.18
N LYS B 207 62.79 54.44 -46.97
CA LYS B 207 63.17 55.83 -46.77
C LYS B 207 64.61 55.88 -46.28
N SER B 208 65.46 56.59 -47.01
CA SER B 208 66.89 56.63 -46.71
C SER B 208 67.38 58.07 -46.73
N PHE B 209 68.43 58.31 -45.96
CA PHE B 209 69.08 59.62 -45.91
C PHE B 209 70.58 59.42 -45.83
N ASN B 210 71.32 60.43 -46.30
CA ASN B 210 72.78 60.40 -46.26
C ASN B 210 73.26 61.29 -45.12
N ARG B 211 74.19 60.78 -44.31
CA ARG B 211 74.69 61.51 -43.16
C ARG B 211 75.40 62.79 -43.59
N GLY B 212 76.18 62.71 -44.66
CA GLY B 212 76.88 63.87 -45.18
C GLY B 212 76.05 64.81 -46.03
N GLU B 213 74.77 64.48 -46.24
CA GLU B 213 73.87 65.30 -47.04
C GLU B 213 72.83 65.91 -46.12
N CYS B 214 72.65 67.23 -46.22
CA CYS B 214 71.70 67.93 -45.37
C CYS B 214 70.27 67.76 -45.87
N GLU C 1 -17.90 -11.24 -52.46
CA GLU C 1 -17.22 -12.32 -53.15
C GLU C 1 -16.21 -11.75 -54.15
N VAL C 2 -15.16 -12.53 -54.43
CA VAL C 2 -14.07 -12.06 -55.27
C VAL C 2 -14.40 -12.35 -56.73
N GLN C 3 -14.46 -11.30 -57.54
CA GLN C 3 -14.57 -11.43 -58.98
C GLN C 3 -13.67 -10.40 -59.64
N LEU C 4 -13.21 -10.73 -60.85
CA LEU C 4 -12.51 -9.78 -61.71
C LEU C 4 -13.20 -9.77 -63.07
N VAL C 5 -13.56 -8.58 -63.53
CA VAL C 5 -14.31 -8.41 -64.77
C VAL C 5 -13.47 -7.61 -65.74
N GLU C 6 -13.31 -8.14 -66.95
CA GLU C 6 -12.53 -7.50 -67.99
C GLU C 6 -13.45 -6.90 -69.06
N SER C 7 -13.06 -5.73 -69.57
CA SER C 7 -13.88 -5.01 -70.54
C SER C 7 -12.96 -4.16 -71.42
N GLY C 8 -13.51 -3.73 -72.56
CA GLY C 8 -12.80 -2.91 -73.50
C GLY C 8 -12.28 -3.63 -74.73
N GLY C 9 -12.35 -4.96 -74.75
CA GLY C 9 -11.88 -5.71 -75.89
C GLY C 9 -12.81 -5.60 -77.08
N GLY C 10 -12.30 -6.04 -78.23
CA GLY C 10 -13.06 -6.01 -79.45
C GLY C 10 -12.14 -6.18 -80.65
N LEU C 11 -12.69 -5.87 -81.83
CA LEU C 11 -11.93 -5.99 -83.10
C LEU C 11 -11.36 -4.63 -83.48
N VAL C 12 -10.11 -4.59 -83.90
CA VAL C 12 -9.39 -3.37 -84.25
C VAL C 12 -8.64 -3.55 -85.55
N GLN C 13 -8.18 -2.45 -86.14
CA GLN C 13 -7.42 -2.42 -87.38
C GLN C 13 -5.96 -2.13 -87.09
N PRO C 14 -5.04 -2.51 -87.98
CA PRO C 14 -3.63 -2.19 -87.77
C PRO C 14 -3.41 -0.68 -87.69
N GLY C 15 -2.51 -0.29 -86.80
CA GLY C 15 -2.25 1.11 -86.54
C GLY C 15 -3.24 1.78 -85.63
N ARG C 16 -4.20 1.04 -85.08
CA ARG C 16 -5.24 1.58 -84.21
C ARG C 16 -5.08 0.99 -82.82
N SER C 17 -5.18 1.84 -81.80
CA SER C 17 -5.06 1.43 -80.41
C SER C 17 -6.44 1.25 -79.78
N LEU C 18 -6.45 0.64 -78.60
CA LEU C 18 -7.67 0.34 -77.88
C LEU C 18 -7.39 0.47 -76.38
N ARG C 19 -8.44 0.41 -75.57
CA ARG C 19 -8.32 0.57 -74.12
C ARG C 19 -8.92 -0.67 -73.46
N LEU C 20 -8.13 -1.35 -72.63
CA LEU C 20 -8.66 -2.43 -71.81
C LEU C 20 -8.82 -1.98 -70.37
N SER C 21 -9.85 -2.51 -69.71
CA SER C 21 -10.14 -2.20 -68.32
C SER C 21 -10.37 -3.50 -67.54
N CYS C 22 -10.00 -3.50 -66.27
CA CYS C 22 -10.22 -4.64 -65.38
C CYS C 22 -10.88 -4.13 -64.11
N ALA C 23 -12.20 -4.26 -64.03
CA ALA C 23 -12.94 -3.91 -62.83
C ALA C 23 -13.19 -5.16 -61.99
N ALA C 24 -12.95 -5.04 -60.69
CA ALA C 24 -13.05 -6.15 -59.76
C ALA C 24 -13.83 -5.70 -58.53
N SER C 25 -14.28 -6.68 -57.74
CA SER C 25 -15.08 -6.43 -56.55
C SER C 25 -14.84 -7.54 -55.53
N GLY C 26 -15.11 -7.22 -54.27
CA GLY C 26 -15.06 -8.19 -53.20
C GLY C 26 -13.80 -8.21 -52.36
N PHE C 27 -12.79 -7.43 -52.72
CA PHE C 27 -11.55 -7.41 -51.96
C PHE C 27 -10.97 -6.00 -51.98
N ARG C 28 -10.18 -5.68 -50.95
CA ARG C 28 -9.53 -4.37 -50.89
C ARG C 28 -8.43 -4.30 -51.93
N PHE C 29 -8.43 -3.22 -52.71
CA PHE C 29 -7.52 -3.10 -53.86
C PHE C 29 -6.15 -2.57 -53.50
N ASP C 30 -6.02 -1.74 -52.46
CA ASP C 30 -4.81 -0.95 -52.26
C ASP C 30 -3.61 -1.78 -51.82
N ASP C 31 -3.81 -3.06 -51.45
CA ASP C 31 -2.70 -3.95 -51.15
C ASP C 31 -2.88 -5.31 -51.86
N TYR C 32 -2.57 -5.33 -53.16
CA TYR C 32 -2.49 -6.53 -53.98
C TYR C 32 -1.75 -6.24 -55.27
N ALA C 33 -1.01 -7.21 -55.79
CA ALA C 33 -0.41 -7.07 -57.10
C ALA C 33 -1.34 -7.59 -58.18
N LEU C 34 -1.40 -6.87 -59.30
CA LEU C 34 -2.25 -7.20 -60.42
C LEU C 34 -1.43 -7.35 -61.69
N HIS C 35 -1.86 -8.26 -62.55
CA HIS C 35 -1.09 -8.62 -63.74
C HIS C 35 -2.01 -8.90 -64.91
N TRP C 36 -1.43 -8.89 -66.11
CA TRP C 36 -2.16 -9.21 -67.34
C TRP C 36 -1.60 -10.46 -68.00
N VAL C 37 -2.49 -11.34 -68.44
CA VAL C 37 -2.15 -12.56 -69.17
C VAL C 37 -3.13 -12.70 -70.33
N ARG C 38 -2.63 -13.06 -71.51
CA ARG C 38 -3.48 -13.31 -72.65
C ARG C 38 -3.45 -14.78 -73.05
N GLN C 39 -4.55 -15.25 -73.62
CA GLN C 39 -4.70 -16.64 -74.04
C GLN C 39 -5.07 -16.67 -75.52
N ALA C 40 -4.07 -16.87 -76.38
CA ALA C 40 -4.33 -17.10 -77.78
C ALA C 40 -4.69 -18.57 -78.01
N PRO C 41 -5.43 -18.87 -79.06
CA PRO C 41 -5.90 -20.24 -79.28
C PRO C 41 -4.76 -21.22 -79.46
N GLU C 42 -4.66 -22.18 -78.53
CA GLU C 42 -3.82 -23.36 -78.67
C GLU C 42 -2.33 -23.00 -78.82
N LYS C 43 -1.84 -22.12 -77.96
CA LYS C 43 -0.40 -21.88 -77.85
C LYS C 43 0.00 -21.68 -76.39
N GLY C 44 -0.74 -22.32 -75.48
CA GLY C 44 -0.40 -22.22 -74.07
C GLY C 44 -0.81 -20.87 -73.49
N LEU C 45 0.01 -20.39 -72.55
CA LEU C 45 -0.25 -19.13 -71.87
C LEU C 45 1.05 -18.35 -71.78
N GLU C 46 0.93 -17.02 -71.80
CA GLU C 46 2.10 -16.15 -71.70
C GLU C 46 1.72 -14.88 -70.97
N TRP C 47 2.72 -14.29 -70.29
CA TRP C 47 2.49 -13.09 -69.45
C TRP C 47 2.63 -11.81 -70.25
N VAL C 48 1.88 -10.77 -69.87
CA VAL C 48 1.91 -9.49 -70.56
C VAL C 48 2.59 -8.43 -69.70
N SER C 49 1.98 -8.11 -68.56
CA SER C 49 2.45 -7.01 -67.71
C SER C 49 1.84 -7.18 -66.33
N GLY C 50 2.33 -6.38 -65.39
CA GLY C 50 1.87 -6.44 -64.02
C GLY C 50 2.06 -5.13 -63.30
N ILE C 51 1.54 -5.10 -62.07
CA ILE C 51 1.60 -3.92 -61.20
C ILE C 51 1.46 -4.38 -59.77
N SER C 52 1.93 -3.55 -58.84
CA SER C 52 1.85 -3.83 -57.41
C SER C 52 1.04 -2.74 -56.73
N TRP C 53 0.98 -2.80 -55.39
CA TRP C 53 0.16 -1.85 -54.64
C TRP C 53 0.70 -0.43 -54.78
N ASN C 54 2.03 -0.27 -54.69
CA ASN C 54 2.61 1.06 -54.81
C ASN C 54 2.83 1.46 -56.25
N SER C 55 2.73 0.51 -57.18
CA SER C 55 2.94 0.70 -58.61
C SER C 55 4.35 1.18 -58.94
N ASN C 56 5.28 1.13 -57.98
CA ASN C 56 6.65 1.57 -58.26
C ASN C 56 7.38 0.58 -59.14
N ASN C 57 7.05 -0.71 -59.04
CA ASN C 57 7.66 -1.75 -59.86
C ASN C 57 6.68 -2.15 -60.96
N ILE C 58 7.07 -1.93 -62.20
CA ILE C 58 6.24 -2.26 -63.37
C ILE C 58 7.13 -2.99 -64.37
N GLY C 59 6.67 -4.15 -64.83
CA GLY C 59 7.46 -4.95 -65.75
C GLY C 59 6.71 -5.41 -66.98
N TYR C 60 7.41 -5.49 -68.10
CA TYR C 60 6.85 -5.99 -69.36
C TYR C 60 7.75 -7.07 -69.94
N ALA C 61 7.15 -7.94 -70.73
CA ALA C 61 7.94 -8.89 -71.51
C ALA C 61 8.62 -8.17 -72.67
N GLU C 62 9.83 -8.62 -73.01
CA GLU C 62 10.61 -7.94 -74.04
C GLU C 62 9.93 -8.00 -75.41
N SER C 63 9.17 -9.07 -75.66
CA SER C 63 8.46 -9.17 -76.94
C SER C 63 7.36 -8.13 -77.06
N VAL C 64 6.76 -7.74 -75.93
CA VAL C 64 5.67 -6.78 -75.91
C VAL C 64 6.11 -5.43 -75.35
N LYS C 65 7.39 -5.25 -75.08
CA LYS C 65 7.89 -4.02 -74.48
C LYS C 65 7.85 -2.88 -75.49
N GLY C 66 7.61 -1.67 -74.98
CA GLY C 66 7.69 -0.47 -75.78
C GLY C 66 6.38 -0.06 -76.44
N ARG C 67 5.35 -0.90 -76.33
CA ARG C 67 4.06 -0.60 -76.93
C ARG C 67 2.89 -0.98 -76.03
N PHE C 68 3.15 -1.35 -74.78
CA PHE C 68 2.11 -1.46 -73.76
C PHE C 68 2.46 -0.57 -72.58
N THR C 69 1.43 -0.22 -71.81
CA THR C 69 1.60 0.62 -70.63
C THR C 69 0.50 0.25 -69.64
N ILE C 70 0.88 -0.22 -68.47
CA ILE C 70 -0.10 -0.60 -67.45
C ILE C 70 -0.30 0.56 -66.49
N SER C 71 -1.56 0.77 -66.08
CA SER C 71 -1.90 1.82 -65.15
C SER C 71 -3.06 1.36 -64.28
N ARG C 72 -3.18 1.98 -63.11
CA ARG C 72 -4.19 1.60 -62.14
C ARG C 72 -4.53 2.80 -61.27
N ASP C 73 -5.81 2.90 -60.90
CA ASP C 73 -6.27 3.98 -60.03
C ASP C 73 -7.15 3.40 -58.94
N THR C 74 -6.92 3.86 -57.71
CA THR C 74 -7.65 3.32 -56.56
C THR C 74 -9.08 3.87 -56.52
N ALA C 75 -9.26 5.14 -56.86
CA ALA C 75 -10.57 5.76 -56.73
C ALA C 75 -11.60 5.07 -57.64
N LYS C 76 -11.21 4.75 -58.87
CA LYS C 76 -12.08 4.11 -59.84
C LYS C 76 -12.06 2.59 -59.71
N LYS C 77 -11.24 2.05 -58.80
CA LYS C 77 -11.19 0.62 -58.48
C LYS C 77 -11.10 -0.27 -59.72
N SER C 78 -10.17 0.05 -60.61
CA SER C 78 -10.04 -0.76 -61.82
C SER C 78 -8.61 -0.72 -62.31
N LEU C 79 -8.24 -1.74 -63.08
CA LEU C 79 -6.92 -1.86 -63.68
C LEU C 79 -7.03 -1.51 -65.16
N TYR C 80 -6.02 -0.80 -65.68
CA TYR C 80 -6.06 -0.30 -67.04
C TYR C 80 -4.85 -0.81 -67.81
N LEU C 81 -5.07 -1.19 -69.06
CA LEU C 81 -3.99 -1.57 -69.97
C LEU C 81 -4.04 -0.66 -71.19
N GLN C 82 -2.90 -0.04 -71.50
CA GLN C 82 -2.80 0.89 -72.62
C GLN C 82 -2.08 0.21 -73.78
N MET C 83 -2.74 0.14 -74.94
CA MET C 83 -2.15 -0.42 -76.14
C MET C 83 -1.72 0.69 -77.09
N ASN C 84 -0.64 0.43 -77.82
CA ASN C 84 -0.17 1.34 -78.85
C ASN C 84 0.38 0.52 -80.01
N ASP C 85 -0.06 0.87 -81.23
CA ASP C 85 0.38 0.20 -82.46
C ASP C 85 0.09 -1.31 -82.40
N LEU C 86 -1.20 -1.63 -82.36
CA LEU C 86 -1.62 -3.02 -82.27
C LEU C 86 -1.21 -3.81 -83.52
N ARG C 87 -0.71 -5.01 -83.30
CA ARG C 87 -0.20 -5.84 -84.39
C ARG C 87 -0.88 -7.21 -84.42
N ALA C 88 -0.39 -8.11 -85.28
CA ALA C 88 -1.06 -9.39 -85.50
C ALA C 88 -0.97 -10.28 -84.26
N GLU C 89 0.16 -10.24 -83.55
CA GLU C 89 0.36 -11.15 -82.43
C GLU C 89 -0.59 -10.85 -81.27
N ASP C 90 -1.22 -9.68 -81.29
CA ASP C 90 -2.03 -9.23 -80.16
C ASP C 90 -3.35 -9.98 -80.04
N THR C 91 -3.69 -10.79 -81.05
CA THR C 91 -4.95 -11.51 -81.06
C THR C 91 -4.91 -12.64 -80.04
N ALA C 92 -5.56 -12.42 -78.89
CA ALA C 92 -5.59 -13.41 -77.81
C ALA C 92 -6.70 -13.03 -76.84
N LEU C 93 -7.04 -13.99 -75.98
CA LEU C 93 -8.00 -13.76 -74.91
C LEU C 93 -7.27 -13.24 -73.67
N TYR C 94 -7.50 -11.98 -73.34
CA TYR C 94 -6.76 -11.30 -72.28
C TYR C 94 -7.41 -11.56 -70.93
N TYR C 95 -6.58 -11.97 -69.96
CA TYR C 95 -7.02 -12.26 -68.60
C TYR C 95 -6.49 -11.19 -67.67
N CYS C 96 -7.22 -10.91 -66.61
CA CYS C 96 -6.77 -9.97 -65.57
C CYS C 96 -6.48 -10.78 -64.31
N VAL C 97 -5.34 -10.51 -63.68
CA VAL C 97 -4.79 -11.38 -62.65
C VAL C 97 -4.62 -10.58 -61.36
N LYS C 98 -4.89 -11.23 -60.24
CA LYS C 98 -4.58 -10.70 -58.92
C LYS C 98 -3.59 -11.63 -58.21
N ASP C 99 -2.68 -11.04 -57.45
CA ASP C 99 -1.71 -11.81 -56.68
C ASP C 99 -2.22 -11.94 -55.24
N ARG C 100 -1.36 -12.47 -54.36
CA ARG C 100 -1.71 -12.66 -52.95
C ARG C 100 -0.67 -12.07 -52.02
N HIS C 101 0.38 -11.44 -52.57
CA HIS C 101 1.48 -10.95 -51.74
C HIS C 101 1.90 -9.54 -52.15
N TYR C 102 0.98 -8.75 -52.69
CA TYR C 102 1.09 -7.33 -52.98
C TYR C 102 2.30 -6.95 -53.83
N ASP C 103 3.02 -7.91 -54.41
CA ASP C 103 4.25 -7.60 -55.10
C ASP C 103 4.41 -8.51 -56.31
N SER C 104 5.34 -8.12 -57.20
CA SER C 104 5.54 -8.80 -58.47
C SER C 104 5.96 -10.25 -58.29
N SER C 105 7.16 -10.48 -57.74
CA SER C 105 7.72 -11.80 -57.60
C SER C 105 8.97 -11.76 -56.73
N GLY C 106 9.52 -12.93 -56.43
CA GLY C 106 10.74 -13.03 -55.66
C GLY C 106 10.53 -13.56 -54.27
N TYR C 107 9.35 -13.33 -53.71
CA TYR C 107 9.06 -13.74 -52.35
C TYR C 107 8.73 -15.23 -52.28
N PHE C 108 8.85 -15.79 -51.07
CA PHE C 108 8.52 -17.20 -50.88
C PHE C 108 7.04 -17.46 -51.14
N VAL C 109 6.18 -16.52 -50.79
CA VAL C 109 4.74 -16.65 -50.97
C VAL C 109 4.33 -15.76 -52.13
N ASN C 110 3.90 -16.38 -53.23
CA ASN C 110 3.37 -15.70 -54.40
C ASN C 110 2.55 -16.70 -55.19
N GLY C 111 1.50 -16.22 -55.83
CA GLY C 111 0.64 -17.10 -56.60
C GLY C 111 -0.57 -16.43 -57.21
N PHE C 112 -1.03 -16.95 -58.34
CA PHE C 112 -2.19 -16.39 -59.01
C PHE C 112 -3.45 -17.10 -58.52
N ASP C 113 -4.35 -16.35 -57.88
CA ASP C 113 -5.49 -16.93 -57.20
C ASP C 113 -6.72 -16.77 -58.08
N ILE C 114 -7.13 -15.56 -58.42
CA ILE C 114 -8.40 -15.37 -59.11
C ILE C 114 -8.15 -14.83 -60.51
N TRP C 115 -8.75 -15.48 -61.51
CA TRP C 115 -8.65 -15.07 -62.91
C TRP C 115 -10.06 -14.77 -63.42
N GLY C 116 -10.22 -13.62 -64.06
CA GLY C 116 -11.51 -13.24 -64.60
C GLY C 116 -11.84 -13.99 -65.88
N GLN C 117 -13.06 -13.76 -66.36
CA GLN C 117 -13.52 -14.43 -67.57
C GLN C 117 -12.70 -14.05 -68.80
N GLY C 118 -12.34 -12.77 -68.94
CA GLY C 118 -11.52 -12.33 -70.03
C GLY C 118 -12.33 -11.72 -71.16
N THR C 119 -11.63 -10.94 -72.00
CA THR C 119 -12.22 -10.31 -73.16
C THR C 119 -11.41 -10.67 -74.40
N LEU C 120 -12.07 -10.63 -75.56
CA LEU C 120 -11.48 -11.05 -76.81
C LEU C 120 -10.96 -9.83 -77.57
N VAL C 121 -9.67 -9.85 -77.91
CA VAL C 121 -9.05 -8.80 -78.70
C VAL C 121 -8.57 -9.41 -80.01
N THR C 122 -9.06 -8.86 -81.14
CA THR C 122 -8.72 -9.39 -82.48
C THR C 122 -8.20 -8.27 -83.38
N VAL C 123 -7.00 -8.45 -83.94
CA VAL C 123 -6.36 -7.47 -84.82
C VAL C 123 -6.28 -8.09 -86.21
N SER C 124 -6.83 -7.40 -87.20
CA SER C 124 -6.85 -7.92 -88.56
C SER C 124 -7.19 -6.81 -89.53
N ALA C 125 -7.25 -7.17 -90.82
CA ALA C 125 -7.62 -6.27 -91.90
C ALA C 125 -9.11 -6.32 -92.19
N ALA C 126 -9.90 -6.44 -91.12
CA ALA C 126 -11.37 -6.61 -91.17
C ALA C 126 -12.15 -6.08 -92.37
N SER C 127 -12.83 -6.97 -93.09
CA SER C 127 -13.78 -6.53 -94.10
C SER C 127 -14.96 -7.50 -94.10
N THR C 128 -16.05 -7.08 -93.42
CA THR C 128 -17.22 -7.98 -93.23
C THR C 128 -17.64 -8.63 -94.55
N LYS C 129 -17.94 -9.93 -94.53
CA LYS C 129 -18.26 -10.66 -95.78
C LYS C 129 -19.10 -11.89 -95.46
N GLY C 130 -20.09 -12.21 -96.30
CA GLY C 130 -20.80 -13.44 -96.06
C GLY C 130 -20.00 -14.66 -96.44
N PRO C 131 -20.29 -15.80 -95.80
CA PRO C 131 -19.58 -17.03 -96.12
C PRO C 131 -20.14 -17.72 -97.35
N SER C 132 -19.30 -18.53 -97.98
CA SER C 132 -19.68 -19.34 -99.12
C SER C 132 -19.84 -20.79 -98.68
N VAL C 133 -20.97 -21.40 -99.05
CA VAL C 133 -21.30 -22.76 -98.63
C VAL C 133 -21.30 -23.65 -99.87
N PHE C 134 -20.53 -24.73 -99.81
CA PHE C 134 -20.45 -25.72 -100.86
C PHE C 134 -20.74 -27.11 -100.31
N PRO C 135 -21.56 -27.91 -100.98
CA PRO C 135 -21.96 -29.20 -100.42
C PRO C 135 -20.92 -30.28 -100.69
N LEU C 136 -20.68 -31.11 -99.67
CA LEU C 136 -19.83 -32.29 -99.81
C LEU C 136 -20.74 -33.45 -100.19
N ALA C 137 -21.03 -33.55 -101.49
CA ALA C 137 -22.01 -34.49 -102.01
C ALA C 137 -21.56 -35.93 -101.75
N PRO C 138 -22.44 -36.79 -101.25
CA PRO C 138 -22.06 -38.19 -101.02
C PRO C 138 -21.88 -38.93 -102.33
N SER C 139 -20.90 -39.84 -102.35
CA SER C 139 -20.59 -40.62 -103.55
C SER C 139 -20.13 -42.00 -103.12
N SER C 140 -19.65 -42.78 -104.09
CA SER C 140 -19.17 -44.13 -103.81
C SER C 140 -17.94 -44.13 -102.92
N LYS C 141 -17.14 -43.05 -102.94
CA LYS C 141 -15.97 -42.94 -102.10
C LYS C 141 -16.30 -42.43 -100.70
N SER C 142 -17.55 -42.10 -100.42
CA SER C 142 -17.97 -41.54 -99.14
C SER C 142 -18.92 -42.46 -98.38
N THR C 143 -19.07 -43.70 -98.82
CA THR C 143 -19.93 -44.68 -98.16
C THR C 143 -19.09 -45.88 -97.76
N SER C 144 -19.34 -46.40 -96.56
CA SER C 144 -18.61 -47.55 -96.02
C SER C 144 -19.53 -48.30 -95.07
N GLY C 145 -19.82 -49.56 -95.40
CA GLY C 145 -20.63 -50.40 -94.54
C GLY C 145 -22.06 -49.91 -94.36
N GLY C 146 -22.68 -49.42 -95.43
CA GLY C 146 -24.05 -48.97 -95.38
C GLY C 146 -24.25 -47.57 -94.83
N THR C 147 -23.18 -46.87 -94.47
CA THR C 147 -23.25 -45.52 -93.94
C THR C 147 -22.52 -44.58 -94.89
N ALA C 148 -23.18 -43.49 -95.26
CA ALA C 148 -22.63 -42.51 -96.19
C ALA C 148 -22.34 -41.20 -95.46
N ALA C 149 -21.21 -40.59 -95.79
CA ALA C 149 -20.78 -39.35 -95.16
C ALA C 149 -21.00 -38.19 -96.12
N LEU C 150 -21.71 -37.16 -95.65
CA LEU C 150 -21.98 -35.96 -96.43
C LEU C 150 -21.88 -34.74 -95.52
N GLY C 151 -21.62 -33.59 -96.13
CA GLY C 151 -21.48 -32.38 -95.35
C GLY C 151 -21.52 -31.15 -96.23
N CYS C 152 -21.19 -30.02 -95.62
CA CYS C 152 -21.16 -28.72 -96.29
C CYS C 152 -19.84 -28.05 -96.01
N LEU C 153 -19.31 -27.33 -97.00
CA LEU C 153 -18.02 -26.64 -96.88
C LEU C 153 -18.27 -25.15 -96.72
N VAL C 154 -17.75 -24.56 -95.64
CA VAL C 154 -17.93 -23.15 -95.34
C VAL C 154 -16.58 -22.47 -95.51
N LYS C 155 -16.56 -21.36 -96.26
CA LYS C 155 -15.33 -20.66 -96.59
C LYS C 155 -15.54 -19.16 -96.43
N ASP C 156 -14.42 -18.43 -96.48
CA ASP C 156 -14.46 -16.94 -96.48
C ASP C 156 -15.40 -16.32 -95.46
N TYR C 157 -15.07 -16.41 -94.17
CA TYR C 157 -15.88 -15.64 -93.19
C TYR C 157 -14.88 -14.83 -92.35
N PHE C 158 -14.79 -13.53 -92.63
CA PHE C 158 -13.85 -12.65 -91.87
C PHE C 158 -14.30 -12.53 -90.41
N PRO C 159 -15.60 -12.36 -90.08
CA PRO C 159 -16.11 -12.56 -88.71
C PRO C 159 -16.11 -14.02 -88.23
N GLU C 160 -16.75 -14.32 -87.09
CA GLU C 160 -16.60 -15.70 -86.53
C GLU C 160 -17.85 -16.40 -85.95
N PRO C 161 -19.02 -15.80 -85.56
CA PRO C 161 -20.11 -16.64 -85.05
C PRO C 161 -20.69 -17.48 -86.16
N VAL C 162 -20.62 -18.81 -86.03
CA VAL C 162 -21.03 -19.70 -87.11
C VAL C 162 -21.78 -20.89 -86.54
N THR C 163 -23.10 -20.89 -86.70
CA THR C 163 -23.88 -22.05 -86.30
C THR C 163 -24.30 -22.86 -87.53
N VAL C 164 -23.98 -24.15 -87.52
CA VAL C 164 -24.30 -25.06 -88.60
C VAL C 164 -25.25 -26.12 -88.06
N SER C 165 -26.48 -26.10 -88.57
CA SER C 165 -27.51 -27.05 -88.16
C SER C 165 -28.03 -27.79 -89.39
N TRP C 166 -28.37 -29.06 -89.20
CA TRP C 166 -28.84 -29.92 -90.27
C TRP C 166 -30.35 -30.11 -90.14
N ASN C 167 -31.07 -29.85 -91.23
CA ASN C 167 -32.53 -29.96 -91.27
C ASN C 167 -33.18 -29.12 -90.18
N SER C 168 -32.69 -27.90 -90.02
CA SER C 168 -33.19 -26.96 -89.01
C SER C 168 -33.11 -27.55 -87.60
N GLY C 169 -32.03 -28.27 -87.32
CA GLY C 169 -31.84 -28.89 -86.03
C GLY C 169 -32.46 -30.26 -85.87
N ALA C 170 -33.16 -30.77 -86.89
CA ALA C 170 -33.77 -32.09 -86.78
C ALA C 170 -32.73 -33.20 -86.78
N LEU C 171 -31.65 -33.02 -87.52
CA LEU C 171 -30.58 -34.02 -87.62
C LEU C 171 -29.43 -33.58 -86.72
N THR C 172 -29.21 -34.33 -85.64
CA THR C 172 -28.16 -34.03 -84.69
C THR C 172 -27.18 -35.18 -84.47
N SER C 173 -27.65 -36.42 -84.43
CA SER C 173 -26.78 -37.57 -84.24
C SER C 173 -25.87 -37.74 -85.45
N GLY C 174 -24.57 -37.94 -85.20
CA GLY C 174 -23.61 -38.10 -86.25
C GLY C 174 -23.11 -36.81 -86.87
N VAL C 175 -23.55 -35.66 -86.36
CA VAL C 175 -23.12 -34.36 -86.89
C VAL C 175 -21.79 -33.98 -86.25
N HIS C 176 -20.80 -33.72 -87.08
CA HIS C 176 -19.47 -33.31 -86.62
C HIS C 176 -19.09 -32.01 -87.32
N THR C 177 -19.00 -30.93 -86.55
CA THR C 177 -18.59 -29.63 -87.07
C THR C 177 -17.15 -29.38 -86.65
N PHE C 178 -16.27 -29.23 -87.63
CA PHE C 178 -14.86 -29.04 -87.33
C PHE C 178 -14.58 -27.59 -86.95
N PRO C 179 -13.57 -27.36 -86.11
CA PRO C 179 -13.21 -25.98 -85.76
C PRO C 179 -12.66 -25.22 -86.95
N ALA C 180 -12.73 -23.90 -86.86
CA ALA C 180 -12.32 -23.04 -87.95
C ALA C 180 -10.80 -23.03 -88.09
N VAL C 181 -10.34 -22.96 -89.34
CA VAL C 181 -8.92 -22.90 -89.65
C VAL C 181 -8.63 -21.69 -90.51
N LEU C 182 -7.69 -20.85 -90.07
CA LEU C 182 -7.29 -19.67 -90.82
C LEU C 182 -6.56 -20.06 -92.10
N GLN C 183 -6.91 -19.42 -93.21
CA GLN C 183 -6.24 -19.67 -94.47
C GLN C 183 -5.13 -18.64 -94.70
N SER C 184 -4.36 -18.85 -95.76
CA SER C 184 -3.26 -17.95 -96.09
C SER C 184 -3.76 -16.56 -96.48
N SER C 185 -5.01 -16.43 -96.91
CA SER C 185 -5.56 -15.12 -97.28
C SER C 185 -6.07 -14.34 -96.08
N GLY C 186 -5.96 -14.87 -94.87
CA GLY C 186 -6.49 -14.23 -93.70
C GLY C 186 -7.96 -14.47 -93.46
N LEU C 187 -8.54 -15.51 -94.06
CA LEU C 187 -9.96 -15.81 -93.94
C LEU C 187 -10.13 -17.20 -93.35
N TYR C 188 -10.99 -17.29 -92.33
CA TYR C 188 -11.20 -18.57 -91.62
C TYR C 188 -12.16 -19.47 -92.40
N SER C 189 -12.06 -20.78 -92.19
CA SER C 189 -12.88 -21.76 -92.88
C SER C 189 -13.11 -22.95 -91.96
N LEU C 190 -14.25 -23.62 -92.16
CA LEU C 190 -14.58 -24.81 -91.37
C LEU C 190 -15.38 -25.75 -92.24
N SER C 191 -15.46 -27.00 -91.79
CA SER C 191 -16.25 -28.03 -92.46
C SER C 191 -17.16 -28.70 -91.45
N SER C 192 -18.39 -28.98 -91.86
CA SER C 192 -19.37 -29.67 -91.04
C SER C 192 -19.92 -30.86 -91.82
N VAL C 193 -19.81 -32.05 -91.24
CA VAL C 193 -20.22 -33.28 -91.91
C VAL C 193 -21.15 -34.07 -90.99
N VAL C 194 -21.96 -34.92 -91.59
CA VAL C 194 -22.87 -35.80 -90.86
C VAL C 194 -22.86 -37.17 -91.52
N THR C 195 -22.89 -38.22 -90.70
CA THR C 195 -22.92 -39.59 -91.18
C THR C 195 -24.35 -40.11 -91.17
N VAL C 196 -24.82 -40.57 -92.31
CA VAL C 196 -26.19 -41.06 -92.46
C VAL C 196 -26.17 -42.42 -93.15
N PRO C 197 -27.17 -43.28 -92.92
CA PRO C 197 -27.22 -44.55 -93.64
C PRO C 197 -27.32 -44.34 -95.15
N SER C 198 -26.69 -45.25 -95.90
CA SER C 198 -26.72 -45.14 -97.36
C SER C 198 -28.13 -45.37 -97.92
N SER C 199 -28.93 -46.20 -97.25
CA SER C 199 -30.28 -46.48 -97.72
C SER C 199 -31.19 -45.26 -97.67
N SER C 200 -30.85 -44.27 -96.84
CA SER C 200 -31.64 -43.04 -96.74
C SER C 200 -31.35 -42.05 -97.86
N LEU C 201 -30.35 -42.31 -98.69
CA LEU C 201 -30.03 -41.41 -99.80
C LEU C 201 -31.09 -41.55 -100.88
N GLY C 202 -31.71 -40.42 -101.25
CA GLY C 202 -32.76 -40.38 -102.25
C GLY C 202 -34.16 -40.27 -101.66
N THR C 203 -34.37 -40.82 -100.47
CA THR C 203 -35.66 -40.73 -99.79
C THR C 203 -35.72 -39.60 -98.79
N GLN C 204 -34.61 -39.24 -98.16
CA GLN C 204 -34.55 -38.18 -97.17
C GLN C 204 -33.62 -37.07 -97.65
N THR C 205 -34.11 -35.83 -97.59
CA THR C 205 -33.34 -34.67 -97.99
C THR C 205 -32.56 -34.13 -96.80
N TYR C 206 -31.32 -33.70 -97.04
CA TYR C 206 -30.46 -33.17 -96.01
C TYR C 206 -30.06 -31.74 -96.40
N ILE C 207 -30.38 -30.79 -95.53
CA ILE C 207 -30.09 -29.37 -95.77
C ILE C 207 -29.30 -28.84 -94.59
N CYS C 208 -28.17 -28.21 -94.87
CA CYS C 208 -27.34 -27.60 -93.83
C CYS C 208 -27.67 -26.11 -93.73
N ASN C 209 -27.87 -25.63 -92.50
CA ASN C 209 -28.21 -24.25 -92.24
C ASN C 209 -26.99 -23.54 -91.67
N VAL C 210 -26.39 -22.64 -92.44
CA VAL C 210 -25.25 -21.86 -92.03
C VAL C 210 -25.69 -20.41 -91.84
N ASN C 211 -25.44 -19.85 -90.66
CA ASN C 211 -25.87 -18.51 -90.31
C ASN C 211 -24.65 -17.68 -89.95
N HIS C 212 -24.58 -16.49 -90.54
CA HIS C 212 -23.50 -15.53 -90.22
C HIS C 212 -24.18 -14.24 -89.78
N LYS C 213 -24.28 -14.00 -88.47
CA LYS C 213 -24.97 -12.83 -87.94
C LYS C 213 -24.35 -11.50 -88.35
N PRO C 214 -23.03 -11.27 -88.18
CA PRO C 214 -22.50 -9.92 -88.46
C PRO C 214 -22.68 -9.48 -89.91
N SER C 215 -22.59 -10.40 -90.85
CA SER C 215 -22.83 -10.09 -92.26
C SER C 215 -24.28 -10.30 -92.66
N ASN C 216 -25.13 -10.72 -91.73
CA ASN C 216 -26.54 -10.97 -91.99
C ASN C 216 -26.73 -11.94 -93.15
N THR C 217 -25.94 -13.00 -93.17
CA THR C 217 -25.97 -13.99 -94.24
C THR C 217 -26.54 -15.30 -93.71
N LYS C 218 -27.60 -15.78 -94.36
CA LYS C 218 -28.23 -17.05 -94.02
C LYS C 218 -28.27 -17.90 -95.28
N VAL C 219 -27.57 -19.03 -95.26
CA VAL C 219 -27.46 -19.91 -96.42
C VAL C 219 -27.97 -21.29 -96.02
N ASP C 220 -28.95 -21.80 -96.77
CA ASP C 220 -29.46 -23.16 -96.59
C ASP C 220 -29.09 -23.95 -97.82
N LYS C 221 -28.19 -24.94 -97.66
CA LYS C 221 -27.66 -25.70 -98.78
C LYS C 221 -28.13 -27.15 -98.65
N ARG C 222 -28.75 -27.66 -99.72
CA ARG C 222 -29.17 -29.05 -99.76
C ARG C 222 -28.02 -29.92 -100.27
N VAL C 223 -27.80 -31.06 -99.62
CA VAL C 223 -26.75 -32.00 -100.00
C VAL C 223 -27.42 -33.17 -100.70
N GLU C 224 -27.02 -33.41 -101.94
CA GLU C 224 -27.58 -34.48 -102.75
C GLU C 224 -26.47 -35.39 -103.28
N PRO C 225 -26.75 -36.67 -103.49
CA PRO C 225 -25.75 -37.55 -104.10
C PRO C 225 -25.37 -37.08 -105.50
N LYS C 226 -24.08 -37.23 -105.83
CA LYS C 226 -23.59 -36.83 -107.14
C LYS C 226 -24.07 -37.79 -108.21
N SER C 227 -24.85 -37.30 -109.17
CA SER C 227 -25.39 -38.13 -110.23
C SER C 227 -24.40 -38.23 -111.38
N CYS C 228 -23.75 -39.38 -111.52
CA CYS C 228 -22.77 -39.60 -112.57
C CYS C 228 -23.44 -39.74 -113.93
N ASP D 1 15.31 -15.11 -70.65
CA ASP D 1 14.41 -15.37 -69.49
C ASP D 1 14.54 -16.84 -69.06
N ILE D 2 14.22 -17.13 -67.80
CA ILE D 2 14.26 -18.52 -67.39
C ILE D 2 13.17 -19.29 -68.13
N GLN D 3 13.55 -20.39 -68.76
CA GLN D 3 12.66 -21.13 -69.64
C GLN D 3 12.32 -22.48 -69.03
N LEU D 4 11.08 -22.92 -69.23
CA LEU D 4 10.57 -24.15 -68.64
C LEU D 4 10.09 -25.09 -69.74
N THR D 5 10.37 -26.38 -69.56
CA THR D 5 9.97 -27.41 -70.52
C THR D 5 9.22 -28.51 -69.80
N GLN D 6 7.98 -28.76 -70.22
CA GLN D 6 7.22 -29.92 -69.76
C GLN D 6 7.71 -31.15 -70.52
N SER D 7 8.02 -32.22 -69.79
CA SER D 7 8.47 -33.44 -70.47
C SER D 7 7.36 -34.11 -71.27
N PRO D 8 6.24 -34.56 -70.67
CA PRO D 8 5.21 -35.19 -71.48
C PRO D 8 4.22 -34.18 -72.05
N SER D 9 4.14 -34.07 -73.37
CA SER D 9 3.17 -33.16 -73.97
C SER D 9 1.75 -33.68 -73.78
N PHE D 10 1.53 -34.96 -74.09
CA PHE D 10 0.24 -35.63 -73.90
C PHE D 10 0.44 -36.84 -73.00
N LEU D 11 -0.56 -37.12 -72.16
CA LEU D 11 -0.49 -38.23 -71.21
C LEU D 11 -1.79 -39.02 -71.26
N SER D 12 -1.67 -40.24 -71.77
CA SER D 12 -2.84 -41.15 -71.74
C SER D 12 -2.81 -41.85 -70.38
N ALA D 13 -3.96 -41.96 -69.72
CA ALA D 13 -4.02 -42.54 -68.38
C ALA D 13 -5.38 -43.18 -68.17
N SER D 14 -5.45 -44.04 -67.15
CA SER D 14 -6.67 -44.71 -66.75
C SER D 14 -6.91 -44.47 -65.27
N VAL D 15 -8.17 -44.59 -64.86
CA VAL D 15 -8.55 -44.29 -63.49
C VAL D 15 -7.82 -45.23 -62.53
N GLY D 16 -7.25 -44.66 -61.48
CA GLY D 16 -6.51 -45.42 -60.50
C GLY D 16 -5.00 -45.42 -60.68
N ASP D 17 -4.50 -44.93 -61.81
CA ASP D 17 -3.07 -44.91 -62.06
C ASP D 17 -2.44 -43.62 -61.56
N ARG D 18 -1.12 -43.62 -61.50
CA ARG D 18 -0.35 -42.47 -61.05
C ARG D 18 0.19 -41.69 -62.25
N VAL D 19 0.03 -40.37 -62.21
CA VAL D 19 0.45 -39.49 -63.28
C VAL D 19 1.41 -38.46 -62.71
N THR D 20 2.56 -38.30 -63.37
CA THR D 20 3.59 -37.36 -62.92
C THR D 20 3.94 -36.40 -64.05
N VAL D 21 3.93 -35.11 -63.73
CA VAL D 21 4.32 -34.06 -64.66
C VAL D 21 5.57 -33.36 -64.11
N THR D 22 6.58 -33.25 -64.96
CA THR D 22 7.89 -32.72 -64.56
C THR D 22 8.28 -31.62 -65.52
N CYS D 23 8.58 -30.44 -64.98
CA CYS D 23 9.12 -29.33 -65.79
C CYS D 23 10.38 -28.81 -65.12
N ARG D 24 11.39 -28.48 -65.93
CA ARG D 24 12.68 -28.02 -65.45
C ARG D 24 12.93 -26.59 -65.91
N ALA D 25 13.92 -25.96 -65.31
CA ALA D 25 14.39 -24.64 -65.69
C ALA D 25 15.86 -24.69 -66.08
N SER D 26 16.32 -23.66 -66.77
CA SER D 26 17.71 -23.59 -67.18
C SER D 26 18.63 -23.14 -66.05
N GLN D 27 18.24 -22.12 -65.30
CA GLN D 27 18.99 -21.64 -64.14
C GLN D 27 18.36 -22.24 -62.88
N GLY D 28 18.77 -21.83 -61.67
CA GLY D 28 18.17 -22.35 -60.47
C GLY D 28 17.12 -21.41 -59.90
N ILE D 29 15.88 -21.90 -59.80
CA ILE D 29 14.75 -21.07 -59.39
C ILE D 29 14.36 -21.38 -57.95
N SER D 30 15.22 -22.12 -57.24
CA SER D 30 15.00 -22.49 -55.84
C SER D 30 13.66 -23.21 -55.74
N SER D 31 12.69 -22.70 -54.97
CA SER D 31 11.38 -23.32 -54.84
C SER D 31 10.26 -22.38 -55.28
N TYR D 32 10.53 -21.50 -56.22
CA TYR D 32 9.55 -20.49 -56.66
C TYR D 32 8.78 -21.02 -57.86
N VAL D 33 8.02 -22.11 -57.64
CA VAL D 33 7.22 -22.73 -58.68
C VAL D 33 5.85 -23.08 -58.11
N ALA D 34 4.83 -22.91 -58.95
CA ALA D 34 3.46 -23.29 -58.61
C ALA D 34 2.83 -23.95 -59.83
N TRP D 35 1.82 -24.78 -59.59
CA TRP D 35 1.17 -25.53 -60.65
C TRP D 35 -0.31 -25.15 -60.72
N TYR D 36 -0.85 -25.16 -61.93
CA TYR D 36 -2.24 -24.80 -62.18
C TYR D 36 -2.91 -25.89 -63.01
N GLN D 37 -4.24 -25.99 -62.87
CA GLN D 37 -5.03 -26.93 -63.64
C GLN D 37 -6.06 -26.15 -64.46
N GLN D 38 -6.06 -26.37 -65.77
CA GLN D 38 -6.94 -25.65 -66.69
C GLN D 38 -8.15 -26.54 -66.99
N LYS D 39 -9.29 -26.20 -66.41
CA LYS D 39 -10.52 -26.91 -66.71
C LYS D 39 -10.95 -26.64 -68.15
N ALA D 40 -11.58 -27.63 -68.77
CA ALA D 40 -11.97 -27.53 -70.17
C ALA D 40 -12.96 -26.41 -70.38
N GLY D 41 -12.56 -25.42 -71.19
CA GLY D 41 -13.40 -24.28 -71.49
C GLY D 41 -13.75 -23.45 -70.26
N LYS D 42 -12.82 -23.38 -69.32
CA LYS D 42 -13.04 -22.66 -68.07
C LYS D 42 -11.73 -22.05 -67.62
N ALA D 43 -11.84 -21.08 -66.72
CA ALA D 43 -10.65 -20.41 -66.19
C ALA D 43 -9.86 -21.39 -65.34
N PRO D 44 -8.54 -21.47 -65.53
CA PRO D 44 -7.74 -22.43 -64.75
C PRO D 44 -7.70 -22.05 -63.27
N THR D 45 -7.45 -23.05 -62.43
CA THR D 45 -7.43 -22.88 -60.98
C THR D 45 -6.08 -23.30 -60.42
N LEU D 46 -5.74 -22.73 -59.27
CA LEU D 46 -4.50 -23.05 -58.58
C LEU D 46 -4.61 -24.44 -57.95
N LEU D 47 -3.48 -25.15 -57.91
CA LEU D 47 -3.43 -26.48 -57.31
C LEU D 47 -2.48 -26.51 -56.13
N ILE D 48 -1.31 -25.90 -56.28
CA ILE D 48 -0.24 -26.01 -55.30
C ILE D 48 0.59 -24.73 -55.37
N TYR D 49 1.17 -24.37 -54.22
CA TYR D 49 2.12 -23.26 -54.15
C TYR D 49 3.29 -23.65 -53.28
N THR D 50 4.45 -23.09 -53.59
CA THR D 50 5.74 -23.46 -52.99
C THR D 50 6.05 -24.94 -53.25
N ALA D 51 5.32 -25.54 -54.18
CA ALA D 51 5.57 -26.88 -54.70
C ALA D 51 5.32 -27.97 -53.66
N SER D 52 5.01 -27.58 -52.42
CA SER D 52 4.78 -28.55 -51.36
C SER D 52 3.56 -28.25 -50.49
N THR D 53 3.10 -26.99 -50.45
CA THR D 53 2.02 -26.60 -49.55
C THR D 53 0.72 -26.50 -50.34
N LEU D 54 -0.28 -27.27 -49.95
CA LEU D 54 -1.61 -27.15 -50.55
C LEU D 54 -2.26 -25.83 -50.14
N GLN D 55 -3.00 -25.24 -51.07
CA GLN D 55 -3.57 -23.92 -50.82
C GLN D 55 -4.86 -24.00 -50.00
N SER D 56 -5.91 -24.58 -50.59
CA SER D 56 -7.18 -24.74 -49.91
C SER D 56 -8.13 -25.55 -50.79
N GLY D 57 -8.99 -26.33 -50.15
CA GLY D 57 -10.01 -27.07 -50.87
C GLY D 57 -9.49 -27.98 -51.96
N VAL D 58 -8.30 -28.55 -51.75
CA VAL D 58 -7.65 -29.40 -52.73
C VAL D 58 -7.69 -30.83 -52.20
N PRO D 59 -8.18 -31.80 -52.97
CA PRO D 59 -8.16 -33.19 -52.51
C PRO D 59 -6.73 -33.68 -52.30
N SER D 60 -6.58 -34.60 -51.34
CA SER D 60 -5.24 -35.02 -50.93
C SER D 60 -4.53 -35.83 -52.00
N ARG D 61 -5.25 -36.24 -53.05
CA ARG D 61 -4.62 -37.04 -54.10
C ARG D 61 -3.53 -36.26 -54.83
N PHE D 62 -3.66 -34.93 -54.89
CA PHE D 62 -2.62 -34.12 -55.51
C PHE D 62 -1.44 -33.95 -54.56
N SER D 63 -0.23 -34.03 -55.11
CA SER D 63 1.00 -33.92 -54.32
C SER D 63 2.14 -33.52 -55.25
N GLY D 64 3.24 -33.10 -54.66
CA GLY D 64 4.41 -32.76 -55.44
C GLY D 64 5.56 -32.36 -54.55
N SER D 65 6.75 -32.34 -55.15
CA SER D 65 7.98 -31.96 -54.47
C SER D 65 9.04 -31.69 -55.53
N GLY D 66 10.25 -31.34 -55.09
CA GLY D 66 11.32 -31.06 -56.01
C GLY D 66 12.46 -30.26 -55.41
N SER D 67 13.65 -30.38 -55.96
CA SER D 67 14.83 -29.64 -55.49
C SER D 67 15.54 -29.00 -56.68
N GLY D 68 15.96 -27.76 -56.51
CA GLY D 68 16.73 -27.07 -57.52
C GLY D 68 15.99 -26.75 -58.81
N THR D 69 16.54 -27.18 -59.94
CA THR D 69 16.01 -26.85 -61.25
C THR D 69 15.06 -27.93 -61.79
N GLU D 70 14.75 -28.95 -61.00
CA GLU D 70 13.82 -29.99 -61.43
C GLU D 70 12.76 -30.18 -60.35
N PHE D 71 11.50 -30.05 -60.78
CA PHE D 71 10.34 -30.20 -59.90
C PHE D 71 9.42 -31.25 -60.48
N THR D 72 8.59 -31.84 -59.61
CA THR D 72 7.68 -32.91 -60.03
C THR D 72 6.30 -32.62 -59.46
N LEU D 73 5.27 -32.72 -60.30
CA LEU D 73 3.91 -32.75 -59.82
C LEU D 73 3.33 -34.16 -59.97
N THR D 74 2.76 -34.68 -58.90
CA THR D 74 2.36 -36.08 -58.82
C THR D 74 0.89 -36.20 -58.45
N ILE D 75 0.20 -37.15 -59.07
CA ILE D 75 -1.18 -37.49 -58.75
C ILE D 75 -1.20 -38.92 -58.26
N SER D 76 -1.52 -39.10 -56.98
CA SER D 76 -1.49 -40.44 -56.38
C SER D 76 -2.57 -41.33 -56.96
N SER D 77 -3.81 -40.84 -57.01
CA SER D 77 -4.94 -41.57 -57.56
C SER D 77 -5.71 -40.67 -58.51
N LEU D 78 -6.22 -41.26 -59.57
CA LEU D 78 -6.87 -40.52 -60.65
C LEU D 78 -8.38 -40.56 -60.49
N GLN D 79 -9.02 -39.42 -60.72
CA GLN D 79 -10.46 -39.26 -60.70
C GLN D 79 -10.94 -38.67 -62.02
N PRO D 80 -12.20 -38.92 -62.40
CA PRO D 80 -12.68 -38.43 -63.70
C PRO D 80 -12.60 -36.91 -63.84
N GLU D 81 -12.66 -36.16 -62.73
CA GLU D 81 -12.57 -34.72 -62.82
C GLU D 81 -11.15 -34.24 -63.07
N ASP D 82 -10.16 -35.11 -62.83
CA ASP D 82 -8.76 -34.67 -62.90
C ASP D 82 -8.33 -34.38 -64.33
N PHE D 83 -9.01 -34.96 -65.31
CA PHE D 83 -8.63 -34.78 -66.72
C PHE D 83 -8.70 -33.32 -67.11
N ALA D 84 -7.52 -32.72 -67.33
CA ALA D 84 -7.40 -31.31 -67.66
C ALA D 84 -5.97 -30.98 -68.10
N THR D 85 -5.68 -29.71 -68.32
CA THR D 85 -4.35 -29.26 -68.71
C THR D 85 -3.63 -28.67 -67.51
N TYR D 86 -2.38 -29.07 -67.32
CA TYR D 86 -1.56 -28.65 -66.19
C TYR D 86 -0.46 -27.71 -66.66
N TYR D 87 -0.29 -26.61 -65.93
CA TYR D 87 0.74 -25.62 -66.22
C TYR D 87 1.58 -25.37 -64.97
N CYS D 88 2.90 -25.29 -65.15
CA CYS D 88 3.79 -24.93 -64.06
C CYS D 88 4.39 -23.55 -64.31
N GLN D 89 4.53 -22.78 -63.24
CA GLN D 89 4.82 -21.35 -63.33
C GLN D 89 6.12 -21.05 -62.60
N GLN D 90 6.95 -20.21 -63.22
CA GLN D 90 8.23 -19.77 -62.59
C GLN D 90 7.93 -18.53 -61.76
N LEU D 91 8.58 -18.37 -60.61
CA LEU D 91 8.34 -17.26 -59.70
C LEU D 91 9.62 -16.62 -59.18
N HIS D 92 10.80 -17.07 -59.63
CA HIS D 92 12.05 -16.55 -59.09
C HIS D 92 12.29 -15.10 -59.51
N SER D 93 12.36 -14.88 -60.82
CA SER D 93 12.55 -13.49 -61.33
C SER D 93 11.24 -12.97 -61.96
N TYR D 94 11.25 -11.75 -62.50
CA TYR D 94 10.00 -11.14 -63.03
C TYR D 94 9.68 -11.41 -64.50
N PRO D 95 10.49 -12.05 -65.37
CA PRO D 95 10.06 -12.26 -66.75
C PRO D 95 9.19 -13.50 -66.62
N VAL D 96 8.04 -13.37 -65.94
CA VAL D 96 7.25 -14.59 -65.64
C VAL D 96 6.81 -15.24 -66.95
N THR D 97 6.95 -16.55 -67.02
CA THR D 97 6.56 -17.30 -68.25
C THR D 97 5.95 -18.62 -67.82
N PHE D 98 4.81 -18.99 -68.40
CA PHE D 98 4.16 -20.25 -68.11
C PHE D 98 4.68 -21.35 -69.04
N GLY D 99 4.68 -22.58 -68.54
CA GLY D 99 5.10 -23.71 -69.35
C GLY D 99 4.16 -23.96 -70.51
N GLN D 100 4.58 -24.77 -71.48
CA GLN D 100 3.72 -25.05 -72.63
C GLN D 100 2.51 -25.89 -72.26
N GLY D 101 2.53 -26.56 -71.13
CA GLY D 101 1.35 -27.27 -70.65
C GLY D 101 1.43 -28.77 -70.90
N THR D 102 0.74 -29.51 -70.03
CA THR D 102 0.65 -30.96 -70.14
C THR D 102 -0.83 -31.35 -70.14
N ARG D 103 -1.25 -32.07 -71.17
CA ARG D 103 -2.64 -32.47 -71.32
C ARG D 103 -2.80 -33.96 -70.99
N LEU D 104 -3.68 -34.27 -70.04
CA LEU D 104 -3.99 -35.65 -69.72
C LEU D 104 -5.07 -36.18 -70.66
N ASP D 105 -4.95 -37.45 -71.02
CA ASP D 105 -5.88 -38.06 -71.97
C ASP D 105 -6.39 -39.37 -71.40
N ILE D 106 -7.55 -39.81 -71.89
CA ILE D 106 -8.21 -41.04 -71.36
C ILE D 106 -7.63 -42.29 -72.03
N GLU D 107 -7.96 -43.47 -71.51
CA GLU D 107 -7.52 -44.74 -72.15
C GLU D 107 -8.74 -45.28 -72.89
N ARG D 108 -8.68 -45.38 -74.22
CA ARG D 108 -9.87 -45.79 -75.01
C ARG D 108 -9.53 -46.93 -75.98
N THR D 109 -10.56 -47.62 -76.49
CA THR D 109 -10.32 -48.77 -77.39
C THR D 109 -9.60 -48.29 -78.66
N VAL D 110 -8.57 -49.01 -79.08
CA VAL D 110 -7.78 -48.59 -80.27
C VAL D 110 -8.72 -48.66 -81.48
N ALA D 111 -8.63 -47.70 -82.39
CA ALA D 111 -9.61 -47.67 -83.51
C ALA D 111 -8.95 -47.25 -84.82
N ALA D 112 -8.89 -48.15 -85.81
CA ALA D 112 -8.39 -47.74 -87.11
C ALA D 112 -9.28 -46.65 -87.70
N PRO D 113 -8.69 -45.71 -88.46
CA PRO D 113 -9.50 -44.64 -89.07
C PRO D 113 -10.14 -45.09 -90.36
N SER D 114 -11.32 -44.53 -90.64
CA SER D 114 -11.94 -44.67 -91.94
C SER D 114 -11.58 -43.45 -92.81
N VAL D 115 -10.93 -43.71 -93.94
CA VAL D 115 -10.40 -42.65 -94.79
C VAL D 115 -11.37 -42.41 -95.94
N PHE D 116 -11.87 -41.18 -96.03
CA PHE D 116 -12.74 -40.74 -97.10
C PHE D 116 -12.10 -39.54 -97.79
N ILE D 117 -12.26 -39.47 -99.11
CA ILE D 117 -11.72 -38.37 -99.90
C ILE D 117 -12.86 -37.77 -100.73
N PHE D 118 -12.90 -36.45 -100.78
CA PHE D 118 -13.97 -35.72 -101.46
C PHE D 118 -13.40 -34.81 -102.54
N PRO D 119 -13.71 -35.05 -103.81
CA PRO D 119 -13.27 -34.14 -104.87
C PRO D 119 -13.91 -32.77 -104.71
N PRO D 120 -13.28 -31.71 -105.19
CA PRO D 120 -13.89 -30.39 -105.11
C PRO D 120 -15.21 -30.33 -105.87
N SER D 121 -16.16 -29.61 -105.30
CA SER D 121 -17.49 -29.52 -105.90
C SER D 121 -17.46 -28.68 -107.17
N ASP D 122 -18.45 -28.93 -108.04
CA ASP D 122 -18.55 -28.16 -109.27
C ASP D 122 -18.82 -26.68 -109.01
N GLU D 123 -19.67 -26.40 -108.01
CA GLU D 123 -19.95 -25.01 -107.68
C GLU D 123 -18.70 -24.29 -107.20
N GLN D 124 -17.89 -24.95 -106.36
CA GLN D 124 -16.63 -24.34 -105.93
C GLN D 124 -15.69 -24.14 -107.11
N LEU D 125 -15.65 -25.11 -108.03
CA LEU D 125 -14.84 -24.95 -109.24
C LEU D 125 -15.31 -23.77 -110.07
N LYS D 126 -16.61 -23.47 -110.04
CA LYS D 126 -17.13 -22.30 -110.75
C LYS D 126 -16.60 -21.00 -110.18
N SER D 127 -16.12 -21.01 -108.94
CA SER D 127 -15.54 -19.82 -108.31
C SER D 127 -14.05 -19.68 -108.55
N GLY D 128 -13.43 -20.62 -109.27
CA GLY D 128 -12.01 -20.56 -109.56
C GLY D 128 -11.10 -21.17 -108.53
N THR D 129 -11.65 -21.79 -107.49
CA THR D 129 -10.86 -22.41 -106.44
C THR D 129 -11.31 -23.85 -106.24
N ALA D 130 -10.36 -24.72 -105.92
CA ALA D 130 -10.63 -26.14 -105.71
C ALA D 130 -10.07 -26.58 -104.38
N SER D 131 -10.87 -27.32 -103.61
CA SER D 131 -10.46 -27.85 -102.32
C SER D 131 -10.73 -29.35 -102.28
N VAL D 132 -9.71 -30.13 -101.96
CA VAL D 132 -9.83 -31.58 -101.82
C VAL D 132 -9.75 -31.92 -100.34
N VAL D 133 -10.75 -32.65 -99.85
CA VAL D 133 -10.89 -32.94 -98.43
C VAL D 133 -10.69 -34.43 -98.20
N CYS D 134 -9.74 -34.76 -97.32
CA CYS D 134 -9.51 -36.14 -96.88
C CYS D 134 -9.99 -36.25 -95.44
N LEU D 135 -10.89 -37.20 -95.19
CA LEU D 135 -11.58 -37.32 -93.91
C LEU D 135 -11.09 -38.55 -93.17
N LEU D 136 -10.66 -38.34 -91.92
CA LEU D 136 -10.30 -39.42 -91.01
C LEU D 136 -11.38 -39.49 -89.94
N ASN D 137 -11.99 -40.66 -89.75
CA ASN D 137 -13.16 -40.80 -88.90
C ASN D 137 -12.88 -41.77 -87.75
N ASN D 138 -13.36 -41.41 -86.56
CA ASN D 138 -13.32 -42.32 -85.37
C ASN D 138 -11.95 -42.93 -85.06
N PHE D 139 -10.99 -42.13 -84.57
CA PHE D 139 -9.71 -42.74 -84.11
C PHE D 139 -9.45 -42.29 -82.67
N TYR D 140 -9.40 -43.23 -81.71
CA TYR D 140 -9.03 -42.84 -80.32
C TYR D 140 -7.60 -42.30 -80.29
N PRO D 141 -6.58 -42.94 -80.92
CA PRO D 141 -5.21 -42.42 -80.84
C PRO D 141 -5.12 -41.16 -81.71
N ARG D 142 -4.98 -39.99 -81.07
CA ARG D 142 -4.95 -38.75 -81.85
C ARG D 142 -3.82 -38.74 -82.88
N GLU D 143 -2.69 -39.38 -82.57
CA GLU D 143 -1.49 -39.26 -83.41
C GLU D 143 -1.77 -39.87 -84.78
N ALA D 144 -2.01 -39.01 -85.77
CA ALA D 144 -2.28 -39.44 -87.13
C ALA D 144 -1.57 -38.49 -88.09
N LYS D 145 -1.02 -39.05 -89.16
CA LYS D 145 -0.26 -38.30 -90.15
C LYS D 145 -0.97 -38.37 -91.49
N VAL D 146 -1.13 -37.21 -92.13
CA VAL D 146 -1.77 -37.11 -93.44
C VAL D 146 -0.77 -36.53 -94.43
N GLN D 147 -0.55 -37.24 -95.53
CA GLN D 147 0.34 -36.80 -96.59
C GLN D 147 -0.44 -36.71 -97.88
N TRP D 148 -0.27 -35.60 -98.61
CA TRP D 148 -0.98 -35.38 -99.86
C TRP D 148 -0.07 -35.65 -101.05
N LYS D 149 -0.56 -36.46 -101.97
CA LYS D 149 0.17 -36.81 -103.19
C LYS D 149 -0.67 -36.41 -104.39
N VAL D 150 -0.09 -35.61 -105.29
CA VAL D 150 -0.75 -35.17 -106.51
C VAL D 150 0.05 -35.71 -107.69
N ASP D 151 -0.61 -36.49 -108.55
CA ASP D 151 0.04 -37.15 -109.68
C ASP D 151 1.24 -37.97 -109.22
N ASN D 152 1.06 -38.69 -108.11
CA ASN D 152 2.07 -39.52 -107.47
C ASN D 152 3.27 -38.73 -106.98
N ALA D 153 3.12 -37.42 -106.79
CA ALA D 153 4.20 -36.56 -106.30
C ALA D 153 3.79 -35.97 -104.96
N LEU D 154 4.71 -35.98 -104.01
CA LEU D 154 4.44 -35.47 -102.68
C LEU D 154 4.26 -33.95 -102.72
N GLN D 155 3.18 -33.47 -102.09
CA GLN D 155 2.87 -32.04 -102.03
C GLN D 155 2.90 -31.59 -100.57
N SER D 156 3.59 -30.49 -100.31
CA SER D 156 3.71 -29.92 -98.97
C SER D 156 3.48 -28.42 -99.04
N GLY D 157 2.87 -27.87 -98.00
CA GLY D 157 2.66 -26.44 -97.88
C GLY D 157 1.30 -25.94 -98.29
N ASN D 158 0.41 -26.82 -98.78
CA ASN D 158 -0.91 -26.42 -99.22
C ASN D 158 -2.02 -27.22 -98.54
N SER D 159 -1.75 -27.75 -97.35
CA SER D 159 -2.71 -28.57 -96.63
C SER D 159 -2.91 -28.04 -95.22
N GLN D 160 -4.16 -28.06 -94.76
CA GLN D 160 -4.53 -27.67 -93.42
C GLN D 160 -5.35 -28.77 -92.78
N GLU D 161 -5.07 -29.07 -91.51
CA GLU D 161 -5.71 -30.14 -90.79
C GLU D 161 -6.49 -29.58 -89.61
N SER D 162 -7.73 -30.06 -89.45
CA SER D 162 -8.59 -29.66 -88.34
C SER D 162 -9.15 -30.92 -87.69
N VAL D 163 -8.97 -31.04 -86.38
CA VAL D 163 -9.37 -32.21 -85.63
C VAL D 163 -10.36 -31.80 -84.55
N THR D 164 -11.48 -32.50 -84.47
CA THR D 164 -12.48 -32.23 -83.44
C THR D 164 -12.03 -32.78 -82.09
N GLU D 165 -12.74 -32.35 -81.05
CA GLU D 165 -12.50 -32.87 -79.72
C GLU D 165 -12.96 -34.32 -79.62
N GLN D 166 -12.50 -34.99 -78.55
CA GLN D 166 -12.88 -36.41 -78.34
C GLN D 166 -14.41 -36.49 -78.28
N ASP D 167 -15.00 -37.48 -78.94
CA ASP D 167 -16.44 -37.63 -79.00
C ASP D 167 -17.00 -38.07 -77.66
N SER D 168 -18.27 -37.71 -77.40
CA SER D 168 -18.88 -38.03 -76.13
C SER D 168 -19.45 -39.46 -76.10
N LYS D 169 -19.58 -40.12 -77.26
CA LYS D 169 -20.18 -41.43 -77.30
C LYS D 169 -19.15 -42.55 -77.36
N ASP D 170 -18.30 -42.55 -78.38
CA ASP D 170 -17.26 -43.57 -78.52
C ASP D 170 -15.88 -43.07 -78.13
N SER D 171 -15.79 -41.82 -77.68
CA SER D 171 -14.49 -41.21 -77.24
C SER D 171 -13.40 -41.39 -78.31
N THR D 172 -13.71 -41.15 -79.58
CA THR D 172 -12.74 -41.18 -80.66
C THR D 172 -12.62 -39.81 -81.31
N TYR D 173 -11.55 -39.68 -82.10
CA TYR D 173 -11.27 -38.38 -82.75
C TYR D 173 -11.51 -38.49 -84.24
N SER D 174 -11.77 -37.35 -84.87
CA SER D 174 -11.97 -37.26 -86.31
C SER D 174 -11.08 -36.15 -86.87
N LEU D 175 -10.46 -36.43 -88.02
CA LEU D 175 -9.52 -35.50 -88.64
C LEU D 175 -10.02 -35.14 -90.03
N SER D 176 -9.91 -33.87 -90.39
CA SER D 176 -10.24 -33.38 -91.72
C SER D 176 -9.06 -32.59 -92.26
N SER D 177 -8.57 -32.98 -93.44
CA SER D 177 -7.48 -32.30 -94.11
C SER D 177 -7.98 -31.77 -95.45
N THR D 178 -7.76 -30.48 -95.69
CA THR D 178 -8.24 -29.81 -96.90
C THR D 178 -7.02 -29.37 -97.72
N LEU D 179 -6.99 -29.79 -98.99
CA LEU D 179 -5.93 -29.39 -99.91
C LEU D 179 -6.49 -28.34 -100.85
N THR D 180 -5.97 -27.11 -100.75
CA THR D 180 -6.46 -25.98 -101.51
C THR D 180 -5.54 -25.71 -102.70
N LEU D 181 -6.11 -25.71 -103.90
CA LEU D 181 -5.38 -25.40 -105.12
C LEU D 181 -6.28 -24.58 -106.04
N SER D 182 -5.64 -23.83 -106.94
CA SER D 182 -6.40 -23.04 -107.90
C SER D 182 -7.08 -23.95 -108.92
N LYS D 183 -8.10 -23.40 -109.58
CA LYS D 183 -8.86 -24.17 -110.55
C LYS D 183 -7.98 -24.63 -111.71
N ALA D 184 -7.14 -23.72 -112.22
CA ALA D 184 -6.21 -24.10 -113.28
C ALA D 184 -5.21 -25.15 -112.80
N ASP D 185 -4.68 -24.95 -111.59
CA ASP D 185 -3.76 -25.93 -111.02
C ASP D 185 -4.46 -27.26 -110.76
N TYR D 186 -5.71 -27.21 -110.30
CA TYR D 186 -6.46 -28.44 -110.08
C TYR D 186 -6.69 -29.19 -111.38
N GLU D 187 -7.02 -28.47 -112.46
CA GLU D 187 -7.26 -29.08 -113.75
C GLU D 187 -5.98 -29.52 -114.45
N LYS D 188 -4.83 -28.99 -114.05
CA LYS D 188 -3.55 -29.41 -114.64
C LYS D 188 -3.12 -30.79 -114.17
N HIS D 189 -3.78 -31.36 -113.17
CA HIS D 189 -3.43 -32.66 -112.63
C HIS D 189 -4.63 -33.60 -112.75
N LYS D 190 -4.34 -34.90 -112.68
CA LYS D 190 -5.34 -35.94 -112.87
C LYS D 190 -5.65 -36.74 -111.61
N VAL D 191 -4.61 -37.19 -110.89
CA VAL D 191 -4.77 -38.08 -109.76
C VAL D 191 -4.43 -37.32 -108.49
N TYR D 192 -5.35 -37.35 -107.53
CA TYR D 192 -5.16 -36.74 -106.21
C TYR D 192 -5.37 -37.81 -105.15
N ALA D 193 -4.39 -37.94 -104.25
CA ALA D 193 -4.44 -38.96 -103.21
C ALA D 193 -4.01 -38.36 -101.88
N CYS D 194 -4.61 -38.85 -100.79
CA CYS D 194 -4.23 -38.49 -99.44
C CYS D 194 -3.73 -39.75 -98.73
N GLU D 195 -2.54 -39.66 -98.15
CA GLU D 195 -1.92 -40.79 -97.47
C GLU D 195 -2.17 -40.66 -95.97
N VAL D 196 -2.71 -41.72 -95.36
CA VAL D 196 -3.03 -41.74 -93.95
C VAL D 196 -2.20 -42.82 -93.26
N THR D 197 -1.42 -42.41 -92.26
CA THR D 197 -0.65 -43.33 -91.44
C THR D 197 -1.13 -43.22 -90.00
N HIS D 198 -1.59 -44.35 -89.46
CA HIS D 198 -2.15 -44.36 -88.08
C HIS D 198 -1.72 -45.64 -87.36
N GLN D 199 -1.66 -45.61 -86.03
CA GLN D 199 -1.26 -46.77 -85.24
C GLN D 199 -2.19 -47.95 -85.46
N GLY D 200 -3.46 -47.70 -85.74
CA GLY D 200 -4.41 -48.77 -85.97
C GLY D 200 -4.35 -49.41 -87.34
N LEU D 201 -3.51 -48.89 -88.22
CA LEU D 201 -3.34 -49.43 -89.57
C LEU D 201 -1.97 -50.06 -89.70
N SER D 202 -1.93 -51.33 -90.11
CA SER D 202 -0.65 -52.01 -90.32
C SER D 202 0.14 -51.35 -91.45
N SER D 203 -0.53 -50.94 -92.51
CA SER D 203 0.09 -50.29 -93.65
C SER D 203 -0.70 -49.03 -93.96
N PRO D 204 -0.06 -48.04 -94.58
CA PRO D 204 -0.78 -46.80 -94.94
C PRO D 204 -1.95 -47.10 -95.88
N VAL D 205 -3.05 -46.38 -95.68
CA VAL D 205 -4.25 -46.53 -96.48
C VAL D 205 -4.31 -45.36 -97.47
N THR D 206 -4.44 -45.67 -98.75
CA THR D 206 -4.44 -44.67 -99.81
C THR D 206 -5.82 -44.57 -100.41
N LYS D 207 -6.39 -43.37 -100.41
CA LYS D 207 -7.64 -43.08 -101.09
C LYS D 207 -7.39 -42.04 -102.17
N SER D 208 -7.67 -42.40 -103.42
CA SER D 208 -7.39 -41.54 -104.56
C SER D 208 -8.60 -41.49 -105.49
N PHE D 209 -8.72 -40.38 -106.20
CA PHE D 209 -9.78 -40.19 -107.18
C PHE D 209 -9.18 -39.57 -108.44
N ASN D 210 -9.74 -39.93 -109.58
CA ASN D 210 -9.33 -39.37 -110.86
C ASN D 210 -10.31 -38.28 -111.26
N ARG D 211 -9.79 -37.14 -111.71
CA ARG D 211 -10.62 -36.00 -112.07
C ARG D 211 -11.55 -36.35 -113.22
N GLY D 212 -11.06 -37.12 -114.18
CA GLY D 212 -11.86 -37.54 -115.31
C GLY D 212 -12.77 -38.72 -115.08
N GLU D 213 -12.73 -39.31 -113.89
CA GLU D 213 -13.55 -40.46 -113.54
C GLU D 213 -14.58 -40.05 -112.49
N CYS D 214 -15.85 -40.33 -112.76
CA CYS D 214 -16.92 -39.97 -111.84
C CYS D 214 -17.08 -41.02 -110.75
N GLU E 1 30.78 16.52 -68.44
CA GLU E 1 32.10 16.80 -67.89
C GLU E 1 32.37 18.29 -67.83
N ILE E 2 32.42 18.83 -66.62
CA ILE E 2 32.69 20.25 -66.40
C ILE E 2 34.19 20.36 -66.12
N VAL E 3 34.95 20.67 -67.16
CA VAL E 3 36.40 20.75 -67.06
C VAL E 3 36.80 22.18 -66.69
N LEU E 4 37.89 22.30 -65.93
CA LEU E 4 38.41 23.58 -65.50
C LEU E 4 39.76 23.82 -66.15
N THR E 5 39.93 25.00 -66.74
CA THR E 5 41.17 25.37 -67.41
C THR E 5 41.60 26.74 -66.92
N GLN E 6 42.85 26.85 -66.49
CA GLN E 6 43.43 28.11 -66.03
C GLN E 6 44.38 28.64 -67.09
N SER E 7 44.03 29.79 -67.68
CA SER E 7 44.83 30.33 -68.78
C SER E 7 46.26 30.69 -68.36
N PRO E 8 46.51 31.37 -67.22
CA PRO E 8 47.90 31.76 -66.92
C PRO E 8 48.78 30.58 -66.53
N GLY E 9 49.64 30.14 -67.44
CA GLY E 9 50.58 29.08 -67.11
C GLY E 9 51.64 29.52 -66.13
N THR E 10 52.16 30.74 -66.30
CA THR E 10 53.22 31.27 -65.46
C THR E 10 52.82 32.68 -65.01
N LEU E 11 53.13 32.98 -63.75
CA LEU E 11 52.78 34.26 -63.15
C LEU E 11 54.02 34.86 -62.49
N SER E 12 55.13 34.88 -63.24
CA SER E 12 56.38 35.43 -62.73
C SER E 12 56.20 36.89 -62.31
N LEU E 13 56.52 37.17 -61.06
CA LEU E 13 56.30 38.51 -60.50
C LEU E 13 57.38 38.76 -59.44
N SER E 14 57.16 39.77 -58.60
CA SER E 14 58.03 40.06 -57.47
C SER E 14 57.20 40.03 -56.19
N PRO E 15 57.82 39.70 -55.06
CA PRO E 15 57.07 39.68 -53.79
C PRO E 15 56.44 41.04 -53.50
N GLY E 16 55.11 41.10 -53.53
CA GLY E 16 54.40 42.34 -53.32
C GLY E 16 53.55 42.78 -54.48
N GLU E 17 53.93 42.38 -55.70
CA GLU E 17 53.25 42.87 -56.90
C GLU E 17 51.82 42.32 -56.97
N ARG E 18 51.00 43.01 -57.78
CA ARG E 18 49.62 42.61 -58.02
C ARG E 18 49.53 41.23 -58.69
N ALA E 19 48.94 40.27 -57.97
CA ALA E 19 48.77 38.90 -58.43
C ALA E 19 47.30 38.60 -58.70
N THR E 20 47.01 38.15 -59.93
CA THR E 20 45.67 37.76 -60.33
C THR E 20 45.72 36.36 -60.92
N LEU E 21 44.84 35.48 -60.46
CA LEU E 21 44.76 34.11 -60.94
C LEU E 21 43.39 33.85 -61.55
N SER E 22 43.38 33.13 -62.67
CA SER E 22 42.16 32.88 -63.43
C SER E 22 41.82 31.40 -63.45
N CYS E 23 40.53 31.10 -63.31
CA CYS E 23 40.00 29.76 -63.44
C CYS E 23 38.78 29.80 -64.34
N ARG E 24 38.85 29.13 -65.49
CA ARG E 24 37.78 29.11 -66.47
C ARG E 24 37.05 27.77 -66.42
N GLY E 25 35.72 27.83 -66.39
CA GLY E 25 34.91 26.62 -66.44
C GLY E 25 34.20 26.50 -67.78
N SER E 26 34.29 25.30 -68.37
CA SER E 26 33.63 25.04 -69.64
C SER E 26 32.11 25.11 -69.50
N GLN E 27 31.57 24.75 -68.35
CA GLN E 27 30.15 24.85 -68.08
C GLN E 27 29.94 25.52 -66.73
N SER E 28 28.84 26.26 -66.61
CA SER E 28 28.58 27.03 -65.40
C SER E 28 28.23 26.10 -64.24
N VAL E 29 28.48 26.60 -63.03
CA VAL E 29 28.20 25.86 -61.79
C VAL E 29 27.44 26.78 -60.85
N ARG E 30 27.16 26.29 -59.63
CA ARG E 30 26.47 27.14 -58.68
C ARG E 30 27.42 28.22 -58.14
N SER E 31 26.83 29.26 -57.55
CA SER E 31 27.58 30.44 -57.17
C SER E 31 28.67 30.12 -56.15
N SER E 32 28.35 29.31 -55.15
CA SER E 32 29.23 29.14 -53.99
C SER E 32 29.72 27.71 -53.81
N TYR E 33 29.99 26.99 -54.91
CA TYR E 33 30.54 25.65 -54.83
C TYR E 33 31.89 25.53 -55.53
N LEU E 34 32.78 26.49 -55.32
CA LEU E 34 34.15 26.38 -55.83
C LEU E 34 35.14 26.46 -54.68
N GLY E 35 36.35 25.98 -54.95
CA GLY E 35 37.41 26.01 -53.96
C GLY E 35 38.71 26.50 -54.57
N TRP E 36 39.61 26.95 -53.70
CA TRP E 36 40.92 27.44 -54.11
C TRP E 36 41.94 26.81 -53.17
N TYR E 37 42.86 26.02 -53.72
CA TYR E 37 43.85 25.30 -52.95
C TYR E 37 45.25 25.70 -53.39
N GLN E 38 46.11 26.00 -52.42
CA GLN E 38 47.51 26.30 -52.66
C GLN E 38 48.37 25.13 -52.22
N GLN E 39 49.29 24.72 -53.09
CA GLN E 39 50.12 23.55 -52.83
C GLN E 39 51.59 23.92 -53.00
N LYS E 40 52.37 23.70 -51.97
CA LYS E 40 53.82 23.83 -51.97
C LYS E 40 54.46 22.48 -52.27
N PRO E 41 55.61 22.46 -52.97
CA PRO E 41 56.28 21.19 -53.26
C PRO E 41 56.59 20.38 -52.01
N GLY E 42 56.13 19.13 -51.97
CA GLY E 42 56.30 18.29 -50.82
C GLY E 42 55.26 18.46 -49.73
N GLN E 43 54.30 19.35 -49.90
CA GLN E 43 53.27 19.62 -48.91
C GLN E 43 51.88 19.40 -49.50
N ALA E 44 50.97 18.93 -48.65
CA ALA E 44 49.61 18.67 -49.10
C ALA E 44 48.88 19.98 -49.39
N PRO E 45 47.92 19.97 -50.32
CA PRO E 45 47.16 21.19 -50.62
C PRO E 45 46.35 21.65 -49.42
N ARG E 46 46.17 22.97 -49.35
CA ARG E 46 45.39 23.61 -48.28
C ARG E 46 44.39 24.57 -48.88
N LEU E 47 43.18 24.57 -48.33
CA LEU E 47 42.11 25.41 -48.84
C LEU E 47 42.38 26.88 -48.59
N LEU E 48 42.05 27.72 -49.57
CA LEU E 48 42.19 29.15 -49.44
C LEU E 48 40.83 29.83 -49.44
N ILE E 49 40.02 29.57 -50.46
CA ILE E 49 38.73 30.22 -50.66
C ILE E 49 37.69 29.13 -50.89
N TYR E 50 36.58 29.20 -50.14
CA TYR E 50 35.43 28.34 -50.36
C TYR E 50 34.23 29.23 -50.68
N GLY E 51 33.28 28.66 -51.43
CA GLY E 51 32.14 29.44 -51.85
C GLY E 51 32.48 30.52 -52.85
N ALA E 52 33.71 30.50 -53.38
CA ALA E 52 34.20 31.41 -54.41
C ALA E 52 34.34 32.85 -53.93
N SER E 53 33.92 33.13 -52.69
CA SER E 53 34.04 34.49 -52.18
C SER E 53 34.53 34.53 -50.74
N SER E 54 34.46 33.41 -50.03
CA SER E 54 34.74 33.41 -48.60
C SER E 54 36.16 32.89 -48.32
N ARG E 55 36.76 33.46 -47.27
CA ARG E 55 38.11 33.11 -46.86
C ARG E 55 38.09 32.05 -45.78
N ALA E 56 39.01 31.08 -45.87
CA ALA E 56 39.11 30.02 -44.89
C ALA E 56 39.77 30.53 -43.61
N THR E 57 39.68 29.72 -42.56
CA THR E 57 40.25 30.09 -41.28
C THR E 57 41.77 30.16 -41.36
N GLY E 58 42.33 31.23 -40.79
CA GLY E 58 43.76 31.46 -40.84
C GLY E 58 44.27 32.05 -42.12
N ILE E 59 43.40 32.26 -43.11
CA ILE E 59 43.79 32.84 -44.39
C ILE E 59 43.91 34.35 -44.21
N PRO E 60 45.04 34.95 -44.57
CA PRO E 60 45.15 36.41 -44.50
C PRO E 60 44.17 37.08 -45.44
N ASP E 61 43.83 38.32 -45.11
CA ASP E 61 42.86 39.06 -45.92
C ASP E 61 43.37 39.35 -47.33
N ARG E 62 44.66 39.14 -47.60
CA ARG E 62 45.20 39.39 -48.92
C ARG E 62 44.59 38.48 -49.98
N PHE E 63 44.15 37.28 -49.62
CA PHE E 63 43.52 36.35 -50.55
C PHE E 63 42.04 36.68 -50.68
N SER E 64 41.57 36.82 -51.92
CA SER E 64 40.16 37.09 -52.16
C SER E 64 39.73 36.46 -53.49
N GLY E 65 38.51 35.93 -53.52
CA GLY E 65 37.96 35.32 -54.71
C GLY E 65 36.73 36.06 -55.19
N SER E 66 36.50 36.02 -56.51
CA SER E 66 35.39 36.74 -57.12
C SER E 66 35.02 36.05 -58.43
N GLY E 67 33.84 36.39 -58.93
CA GLY E 67 33.33 35.85 -60.17
C GLY E 67 32.01 35.12 -59.99
N SER E 68 31.40 34.81 -61.12
CA SER E 68 30.13 34.08 -61.15
C SER E 68 30.02 33.38 -62.49
N GLY E 69 29.18 32.35 -62.54
CA GLY E 69 28.96 31.61 -63.77
C GLY E 69 30.12 30.75 -64.20
N THR E 70 30.81 31.16 -65.26
CA THR E 70 31.91 30.39 -65.83
C THR E 70 33.28 31.00 -65.60
N ASP E 71 33.36 32.27 -65.20
CA ASP E 71 34.63 32.94 -65.00
C ASP E 71 34.79 33.31 -63.53
N PHE E 72 35.90 32.90 -62.94
CA PHE E 72 36.19 33.16 -61.54
C PHE E 72 37.63 33.60 -61.40
N THR E 73 37.92 34.36 -60.34
CA THR E 73 39.22 34.96 -60.15
C THR E 73 39.68 34.78 -58.71
N LEU E 74 40.95 34.42 -58.55
CA LEU E 74 41.61 34.39 -57.26
C LEU E 74 42.54 35.60 -57.18
N THR E 75 42.32 36.46 -56.18
CA THR E 75 43.09 37.68 -56.02
C THR E 75 43.93 37.56 -54.76
N ILE E 76 45.20 37.91 -54.88
CA ILE E 76 46.09 38.10 -53.75
C ILE E 76 46.57 39.55 -53.79
N SER E 77 46.20 40.35 -52.76
CA SER E 77 46.51 41.78 -52.80
C SER E 77 48.01 42.05 -52.80
N ARG E 78 48.77 41.40 -51.91
CA ARG E 78 50.20 41.60 -51.81
C ARG E 78 50.92 40.26 -51.73
N LEU E 79 51.85 40.02 -52.65
CA LEU E 79 52.57 38.76 -52.69
C LEU E 79 53.61 38.70 -51.57
N GLU E 80 53.66 37.57 -50.89
CA GLU E 80 54.64 37.28 -49.87
C GLU E 80 55.47 36.06 -50.28
N PRO E 81 56.71 35.94 -49.81
CA PRO E 81 57.55 34.84 -50.31
C PRO E 81 57.07 33.45 -49.91
N GLU E 82 56.18 33.33 -48.93
CA GLU E 82 55.51 32.06 -48.68
C GLU E 82 54.36 31.80 -49.64
N ASP E 83 53.91 32.81 -50.38
CA ASP E 83 52.74 32.67 -51.26
C ASP E 83 53.10 32.19 -52.66
N PHE E 84 54.38 32.05 -52.99
CA PHE E 84 54.77 31.56 -54.31
C PHE E 84 54.64 30.04 -54.36
N ALA E 85 53.55 29.56 -54.96
CA ALA E 85 53.27 28.13 -55.03
C ALA E 85 52.28 27.90 -56.16
N VAL E 86 51.75 26.67 -56.24
CA VAL E 86 50.79 26.29 -57.26
C VAL E 86 49.39 26.38 -56.67
N TYR E 87 48.49 27.07 -57.36
CA TYR E 87 47.13 27.29 -56.89
C TYR E 87 46.16 26.48 -57.74
N TYR E 88 45.25 25.78 -57.09
CA TYR E 88 44.28 24.92 -57.76
C TYR E 88 42.87 25.41 -57.47
N CYS E 89 42.01 25.31 -58.48
CA CYS E 89 40.60 25.60 -58.37
C CYS E 89 39.79 24.34 -58.61
N GLN E 90 38.84 24.07 -57.72
CA GLN E 90 38.06 22.84 -57.77
C GLN E 90 36.60 23.15 -57.52
N GLN E 91 35.72 22.48 -58.27
CA GLN E 91 34.28 22.64 -58.11
C GLN E 91 33.76 21.74 -57.01
N TYR E 92 32.55 22.05 -56.54
CA TYR E 92 31.94 21.34 -55.43
C TYR E 92 30.52 20.87 -55.69
N GLY E 93 29.87 21.30 -56.76
CA GLY E 93 28.44 21.08 -56.91
C GLY E 93 28.01 20.11 -58.00
N SER E 94 28.71 20.09 -59.12
CA SER E 94 28.31 19.21 -60.21
C SER E 94 28.56 17.76 -59.84
N SER E 95 27.99 16.82 -60.60
CA SER E 95 28.22 15.41 -60.31
C SER E 95 29.71 15.07 -60.37
N PRO E 96 30.49 15.63 -61.30
CA PRO E 96 31.95 15.52 -61.17
C PRO E 96 32.51 16.71 -60.43
N TRP E 97 33.54 16.47 -59.63
CA TRP E 97 34.34 17.53 -59.02
C TRP E 97 35.78 17.41 -59.48
N THR E 98 36.16 18.27 -60.43
CA THR E 98 37.48 18.25 -61.03
C THR E 98 38.27 19.46 -60.54
N PHE E 99 39.56 19.47 -60.86
CA PHE E 99 40.47 20.52 -60.46
C PHE E 99 40.96 21.30 -61.69
N GLY E 100 41.44 22.51 -61.44
CA GLY E 100 41.93 23.34 -62.52
C GLY E 100 43.33 22.96 -62.96
N GLN E 101 43.83 23.67 -63.95
CA GLN E 101 45.17 23.45 -64.47
C GLN E 101 46.23 23.68 -63.39
N GLY E 102 46.18 24.83 -62.75
CA GLY E 102 47.15 25.17 -61.71
C GLY E 102 48.06 26.27 -62.19
N THR E 103 48.12 27.35 -61.41
CA THR E 103 48.92 28.52 -61.75
C THR E 103 50.18 28.53 -60.90
N LYS E 104 51.34 28.44 -61.56
CA LYS E 104 52.61 28.45 -60.86
C LYS E 104 53.05 29.90 -60.66
N VAL E 105 52.84 30.43 -59.46
CA VAL E 105 53.25 31.78 -59.12
C VAL E 105 54.71 31.72 -58.66
N GLU E 106 55.60 32.30 -59.46
CA GLU E 106 57.02 32.29 -59.17
C GLU E 106 57.56 33.72 -59.21
N ILE E 107 58.82 33.88 -58.79
CA ILE E 107 59.43 35.20 -58.77
C ILE E 107 60.00 35.54 -60.14
N LYS E 108 60.13 36.84 -60.40
CA LYS E 108 60.59 37.35 -61.67
C LYS E 108 61.86 38.18 -61.49
N GLY E 109 62.74 38.09 -62.48
CA GLY E 109 63.99 38.84 -62.46
C GLY E 109 64.56 38.95 -63.85
N THR E 110 65.73 39.58 -63.93
CA THR E 110 66.40 39.74 -65.21
C THR E 110 66.88 38.40 -65.74
N VAL E 111 66.91 38.27 -67.07
CA VAL E 111 67.34 37.02 -67.68
C VAL E 111 68.83 36.84 -67.51
N ALA E 112 69.24 35.66 -67.03
CA ALA E 112 70.63 35.35 -66.77
C ALA E 112 71.06 34.17 -67.64
N ALA E 113 72.25 34.28 -68.22
CA ALA E 113 72.77 33.23 -69.09
C ALA E 113 73.20 32.03 -68.25
N PRO E 114 72.93 30.80 -68.72
CA PRO E 114 73.33 29.62 -67.96
C PRO E 114 74.80 29.28 -68.15
N SER E 115 75.39 28.70 -67.12
CA SER E 115 76.74 28.15 -67.21
C SER E 115 76.64 26.68 -67.62
N VAL E 116 77.32 26.32 -68.70
CA VAL E 116 77.21 25.00 -69.30
C VAL E 116 78.43 24.18 -68.95
N PHE E 117 78.20 22.98 -68.42
CA PHE E 117 79.26 22.03 -68.12
C PHE E 117 78.89 20.67 -68.69
N ILE E 118 79.88 19.96 -69.24
CA ILE E 118 79.68 18.65 -69.83
C ILE E 118 80.58 17.66 -69.09
N PHE E 119 80.06 16.46 -68.82
CA PHE E 119 80.77 15.45 -68.06
C PHE E 119 80.96 14.20 -68.90
N PRO E 120 82.19 13.85 -69.27
CA PRO E 120 82.42 12.57 -69.93
C PRO E 120 82.23 11.42 -68.95
N PRO E 121 81.84 10.24 -69.44
CA PRO E 121 81.69 9.09 -68.54
C PRO E 121 83.00 8.72 -67.87
N SER E 122 82.91 8.33 -66.60
CA SER E 122 84.09 8.00 -65.83
C SER E 122 84.59 6.60 -66.17
N ASP E 123 85.85 6.33 -65.80
CA ASP E 123 86.42 5.01 -66.03
C ASP E 123 85.69 3.94 -65.23
N GLU E 124 85.32 4.27 -63.99
CA GLU E 124 84.56 3.32 -63.17
C GLU E 124 83.22 2.99 -63.81
N GLN E 125 82.55 4.00 -64.36
CA GLN E 125 81.30 3.76 -65.08
C GLN E 125 81.54 2.90 -66.32
N LEU E 126 82.61 3.19 -67.07
CA LEU E 126 82.91 2.41 -68.27
C LEU E 126 83.22 0.96 -67.93
N LYS E 127 83.77 0.71 -66.74
CA LYS E 127 84.10 -0.66 -66.34
C LYS E 127 82.87 -1.55 -66.21
N SER E 128 81.70 -0.95 -66.00
CA SER E 128 80.47 -1.72 -65.82
C SER E 128 79.73 -1.99 -67.14
N GLY E 129 80.20 -1.43 -68.25
CA GLY E 129 79.53 -1.58 -69.52
C GLY E 129 78.55 -0.49 -69.87
N THR E 130 78.48 0.58 -69.10
CA THR E 130 77.57 1.69 -69.34
C THR E 130 78.35 2.99 -69.39
N ALA E 131 77.79 3.97 -70.11
CA ALA E 131 78.40 5.28 -70.25
C ALA E 131 77.31 6.33 -70.38
N SER E 132 77.39 7.39 -69.57
CA SER E 132 76.43 8.47 -69.60
C SER E 132 77.16 9.80 -69.62
N VAL E 133 76.78 10.67 -70.55
CA VAL E 133 77.33 12.03 -70.65
C VAL E 133 76.30 12.99 -70.11
N VAL E 134 76.72 13.86 -69.19
CA VAL E 134 75.83 14.78 -68.50
C VAL E 134 76.17 16.21 -68.92
N CYS E 135 75.14 16.95 -69.34
CA CYS E 135 75.26 18.36 -69.65
C CYS E 135 74.54 19.15 -68.57
N LEU E 136 75.28 19.99 -67.85
CA LEU E 136 74.77 20.69 -66.68
C LEU E 136 74.59 22.17 -67.00
N LEU E 137 73.40 22.71 -66.74
CA LEU E 137 73.09 24.11 -66.93
C LEU E 137 72.85 24.74 -65.57
N ASN E 138 73.57 25.81 -65.26
CA ASN E 138 73.57 26.40 -63.93
C ASN E 138 73.15 27.87 -64.00
N ASN E 139 72.29 28.28 -63.06
CA ASN E 139 72.01 29.69 -62.81
C ASN E 139 71.45 30.42 -64.02
N PHE E 140 70.27 30.02 -64.48
CA PHE E 140 69.57 30.71 -65.55
C PHE E 140 68.17 31.07 -65.08
N TYR E 141 67.75 32.30 -65.37
CA TYR E 141 66.46 32.78 -64.86
C TYR E 141 65.28 32.07 -65.53
N PRO E 142 65.14 32.05 -66.86
CA PRO E 142 64.02 31.31 -67.46
C PRO E 142 64.17 29.82 -67.21
N ARG E 143 63.14 29.22 -66.61
CA ARG E 143 63.24 27.86 -66.12
C ARG E 143 63.49 26.85 -67.24
N GLU E 144 62.81 27.01 -68.37
CA GLU E 144 62.89 26.05 -69.46
C GLU E 144 63.88 26.53 -70.52
N ALA E 145 64.80 25.65 -70.89
CA ALA E 145 65.73 25.90 -71.98
C ALA E 145 65.65 24.77 -73.00
N LYS E 146 66.51 24.80 -74.02
CA LYS E 146 66.50 23.76 -75.05
C LYS E 146 67.90 23.17 -75.12
N VAL E 147 68.02 21.89 -74.82
CA VAL E 147 69.31 21.18 -74.87
C VAL E 147 69.23 20.10 -75.94
N GLN E 148 70.17 20.14 -76.88
CA GLN E 148 70.26 19.16 -77.96
C GLN E 148 71.56 18.40 -77.84
N TRP E 149 71.49 17.07 -77.96
CA TRP E 149 72.68 16.23 -77.91
C TRP E 149 73.15 15.90 -79.31
N LYS E 150 74.41 16.24 -79.60
CA LYS E 150 75.02 15.97 -80.89
C LYS E 150 76.17 15.01 -80.68
N VAL E 151 76.12 13.86 -81.34
CA VAL E 151 77.16 12.84 -81.27
C VAL E 151 77.78 12.70 -82.64
N ASP E 152 79.08 12.99 -82.74
CA ASP E 152 79.79 13.03 -84.03
C ASP E 152 79.06 13.94 -85.02
N ASN E 153 78.63 15.11 -84.51
CA ASN E 153 77.88 16.12 -85.26
C ASN E 153 76.54 15.61 -85.77
N ALA E 154 75.97 14.59 -85.13
CA ALA E 154 74.66 14.06 -85.48
C ALA E 154 73.71 14.20 -84.30
N LEU E 155 72.51 14.72 -84.57
CA LEU E 155 71.53 14.94 -83.51
C LEU E 155 71.03 13.60 -82.98
N GLN E 156 70.87 13.53 -81.65
CA GLN E 156 70.37 12.32 -80.99
C GLN E 156 69.07 12.65 -80.26
N SER E 157 68.05 11.82 -80.46
CA SER E 157 66.75 12.00 -79.84
C SER E 157 66.27 10.67 -79.29
N GLY E 158 65.67 10.70 -78.10
CA GLY E 158 65.11 9.52 -77.49
C GLY E 158 66.04 8.82 -76.50
N ASN E 159 67.28 9.28 -76.33
CA ASN E 159 68.22 8.68 -75.41
C ASN E 159 68.68 9.66 -74.34
N SER E 160 68.01 10.81 -74.22
CA SER E 160 68.40 11.83 -73.27
C SER E 160 67.25 12.13 -72.32
N GLN E 161 67.58 12.22 -71.04
CA GLN E 161 66.61 12.53 -70.00
C GLN E 161 67.08 13.75 -69.22
N GLU E 162 66.18 14.71 -69.04
CA GLU E 162 66.48 15.97 -68.38
C GLU E 162 65.74 16.06 -67.05
N SER E 163 66.39 16.69 -66.07
CA SER E 163 65.77 16.90 -64.76
C SER E 163 65.99 18.35 -64.35
N VAL E 164 64.97 18.92 -63.71
CA VAL E 164 64.98 20.32 -63.31
C VAL E 164 64.65 20.42 -61.82
N THR E 165 65.43 21.23 -61.11
CA THR E 165 65.19 21.50 -59.70
C THR E 165 64.31 22.73 -59.54
N GLU E 166 63.90 22.97 -58.30
CA GLU E 166 63.02 24.09 -58.00
C GLU E 166 63.77 25.42 -58.12
N GLN E 167 63.01 26.51 -58.13
CA GLN E 167 63.60 27.83 -58.18
C GLN E 167 64.33 28.14 -56.87
N ASP E 168 65.53 28.69 -57.00
CA ASP E 168 66.33 29.03 -55.83
C ASP E 168 65.75 30.26 -55.13
N SER E 169 65.86 30.27 -53.81
CA SER E 169 65.30 31.36 -53.00
C SER E 169 66.30 32.47 -52.73
N LYS E 170 67.55 32.34 -53.17
CA LYS E 170 68.56 33.36 -52.89
C LYS E 170 68.80 34.29 -54.06
N ASP E 171 69.15 33.74 -55.23
CA ASP E 171 69.58 34.54 -56.38
C ASP E 171 68.76 34.20 -57.62
N SER E 172 67.58 33.61 -57.41
CA SER E 172 66.61 33.38 -58.49
C SER E 172 67.21 32.58 -59.64
N THR E 173 67.79 31.43 -59.33
CA THR E 173 68.47 30.60 -60.32
C THR E 173 67.72 29.30 -60.51
N TYR E 174 67.50 28.93 -61.78
CA TYR E 174 66.97 27.63 -62.17
C TYR E 174 68.12 26.78 -62.67
N SER E 175 68.13 25.50 -62.31
CA SER E 175 69.17 24.59 -62.72
C SER E 175 68.59 23.52 -63.66
N LEU E 176 69.45 22.82 -64.39
CA LEU E 176 69.02 21.79 -65.32
C LEU E 176 70.17 20.85 -65.64
N SER E 177 69.90 19.55 -65.68
CA SER E 177 70.90 18.53 -66.00
C SER E 177 70.31 17.59 -67.04
N SER E 178 71.03 17.39 -68.14
CA SER E 178 70.64 16.47 -69.20
C SER E 178 71.65 15.33 -69.27
N THR E 179 71.17 14.10 -69.21
CA THR E 179 72.02 12.92 -69.22
C THR E 179 71.71 12.07 -70.44
N LEU E 180 72.73 11.76 -71.23
CA LEU E 180 72.59 10.90 -72.39
C LEU E 180 73.10 9.51 -72.05
N THR E 181 72.20 8.54 -72.00
CA THR E 181 72.51 7.18 -71.58
C THR E 181 72.80 6.32 -72.81
N LEU E 182 73.99 5.72 -72.84
CA LEU E 182 74.40 4.85 -73.93
C LEU E 182 75.17 3.66 -73.36
N SER E 183 75.20 2.58 -74.12
CA SER E 183 76.00 1.42 -73.74
C SER E 183 77.48 1.72 -73.97
N LYS E 184 78.33 0.87 -73.37
CA LYS E 184 79.77 1.05 -73.52
C LYS E 184 80.21 0.89 -74.96
N ALA E 185 79.67 -0.13 -75.66
CA ALA E 185 80.00 -0.32 -77.06
C ALA E 185 79.54 0.86 -77.91
N ASP E 186 78.31 1.34 -77.68
CA ASP E 186 77.81 2.49 -78.42
C ASP E 186 78.63 3.74 -78.11
N TYR E 187 79.02 3.92 -76.85
CA TYR E 187 79.86 5.06 -76.49
C TYR E 187 81.22 4.99 -77.19
N GLU E 188 81.80 3.80 -77.26
CA GLU E 188 83.10 3.62 -77.89
C GLU E 188 83.02 3.58 -79.41
N LYS E 189 81.82 3.49 -79.98
CA LYS E 189 81.68 3.54 -81.43
C LYS E 189 81.62 4.94 -82.00
N HIS E 190 81.61 5.97 -81.13
CA HIS E 190 81.54 7.36 -81.57
C HIS E 190 82.67 8.16 -80.93
N LYS E 191 83.01 9.28 -81.57
CA LYS E 191 84.19 10.05 -81.21
C LYS E 191 83.87 11.27 -80.35
N VAL E 192 83.03 12.17 -80.83
CA VAL E 192 82.82 13.48 -80.20
C VAL E 192 81.39 13.57 -79.71
N TYR E 193 81.21 13.98 -78.46
CA TYR E 193 79.90 14.16 -77.85
C TYR E 193 79.74 15.60 -77.44
N ALA E 194 78.64 16.22 -77.86
CA ALA E 194 78.39 17.63 -77.61
C ALA E 194 76.95 17.85 -77.21
N CYS E 195 76.74 18.80 -76.29
CA CYS E 195 75.40 19.24 -75.90
C CYS E 195 75.24 20.70 -76.28
N GLU E 196 74.16 21.02 -76.97
CA GLU E 196 73.90 22.37 -77.46
C GLU E 196 72.79 23.00 -76.64
N VAL E 197 73.03 24.22 -76.15
CA VAL E 197 72.08 24.96 -75.34
C VAL E 197 71.63 26.17 -76.14
N THR E 198 70.31 26.35 -76.24
CA THR E 198 69.71 27.48 -76.95
C THR E 198 68.88 28.31 -75.98
N HIS E 199 69.44 28.58 -74.82
CA HIS E 199 68.73 29.32 -73.77
C HIS E 199 68.59 30.79 -74.16
N GLN E 200 67.52 31.41 -73.68
CA GLN E 200 67.20 32.78 -74.08
C GLN E 200 68.29 33.78 -73.69
N GLY E 201 68.84 33.63 -72.48
CA GLY E 201 69.89 34.53 -72.04
C GLY E 201 71.12 34.46 -72.94
N LEU E 202 71.44 33.28 -73.46
CA LEU E 202 72.54 33.14 -74.39
C LEU E 202 72.20 33.85 -75.70
N SER E 203 73.04 34.81 -76.08
CA SER E 203 72.83 35.53 -77.34
C SER E 203 72.94 34.58 -78.53
N SER E 204 73.91 33.66 -78.49
CA SER E 204 74.08 32.62 -79.49
C SER E 204 74.13 31.27 -78.80
N PRO E 205 73.67 30.22 -79.47
CA PRO E 205 73.71 28.88 -78.85
C PRO E 205 75.14 28.47 -78.52
N VAL E 206 75.33 28.01 -77.29
CA VAL E 206 76.64 27.61 -76.77
C VAL E 206 76.68 26.10 -76.69
N THR E 207 77.67 25.49 -77.36
CA THR E 207 77.82 24.05 -77.42
C THR E 207 79.12 23.66 -76.72
N LYS E 208 79.03 22.76 -75.75
CA LYS E 208 80.20 22.20 -75.09
C LYS E 208 80.47 20.82 -75.66
N SER E 209 81.66 20.64 -76.24
CA SER E 209 82.01 19.41 -76.92
C SER E 209 83.31 18.87 -76.37
N PHE E 210 83.46 17.55 -76.41
CA PHE E 210 84.66 16.88 -75.91
C PHE E 210 84.96 15.66 -76.77
N ASN E 211 86.23 15.28 -76.81
CA ASN E 211 86.69 14.13 -77.59
C ASN E 211 87.12 13.03 -76.62
N ARG E 212 86.90 11.77 -77.01
CA ARG E 212 87.25 10.64 -76.16
C ARG E 212 88.76 10.54 -75.95
N GLY E 213 89.55 10.76 -76.99
CA GLY E 213 90.98 10.56 -76.90
C GLY E 213 91.76 11.67 -76.25
N GLU E 214 91.13 12.83 -76.02
CA GLU E 214 91.79 13.96 -75.39
C GLU E 214 91.60 13.97 -73.88
N CYS E 215 90.92 12.97 -73.33
CA CYS E 215 90.72 12.88 -71.88
C CYS E 215 91.96 12.33 -71.20
N GLN F 1 42.50 15.04 -31.78
CA GLN F 1 42.88 15.88 -32.92
C GLN F 1 42.30 15.30 -34.21
N MET F 2 41.79 16.17 -35.07
CA MET F 2 41.17 15.74 -36.31
C MET F 2 42.25 15.46 -37.36
N GLN F 3 42.27 14.23 -37.86
CA GLN F 3 43.29 13.82 -38.81
C GLN F 3 42.80 12.63 -39.61
N LEU F 4 43.46 12.40 -40.74
CA LEU F 4 43.20 11.24 -41.60
C LEU F 4 44.50 10.48 -41.77
N VAL F 5 44.45 9.16 -41.58
CA VAL F 5 45.62 8.30 -41.67
C VAL F 5 45.41 7.34 -42.83
N GLN F 6 46.37 7.30 -43.75
CA GLN F 6 46.30 6.45 -44.93
C GLN F 6 47.30 5.31 -44.83
N SER F 7 47.13 4.34 -45.73
CA SER F 7 48.03 3.19 -45.77
C SER F 7 49.39 3.58 -46.35
N GLY F 8 50.37 2.71 -46.15
CA GLY F 8 51.70 2.95 -46.61
C GLY F 8 51.83 2.78 -48.11
N PRO F 9 53.01 3.11 -48.64
CA PRO F 9 53.24 2.95 -50.08
C PRO F 9 53.12 1.51 -50.52
N GLU F 10 52.61 1.33 -51.74
CA GLU F 10 52.34 0.01 -52.29
C GLU F 10 52.91 -0.09 -53.71
N VAL F 11 53.42 -1.28 -54.04
CA VAL F 11 53.91 -1.54 -55.42
C VAL F 11 53.18 -2.80 -55.91
N LYS F 12 52.51 -2.71 -57.06
CA LYS F 12 51.69 -3.79 -57.59
C LYS F 12 51.95 -3.94 -59.08
N LYS F 13 51.66 -5.17 -59.60
CA LYS F 13 51.83 -5.50 -61.01
C LYS F 13 50.64 -5.02 -61.83
N PRO F 14 50.86 -4.70 -63.11
CA PRO F 14 49.75 -4.23 -63.96
C PRO F 14 48.71 -5.31 -64.15
N GLY F 15 47.45 -4.88 -64.29
CA GLY F 15 46.34 -5.77 -64.51
C GLY F 15 45.66 -6.29 -63.26
N THR F 16 46.30 -6.17 -62.11
CA THR F 16 45.74 -6.65 -60.86
C THR F 16 44.99 -5.50 -60.17
N SER F 17 44.65 -5.70 -58.90
CA SER F 17 43.91 -4.72 -58.11
C SER F 17 44.75 -4.22 -56.95
N VAL F 18 44.46 -3.00 -56.51
CA VAL F 18 45.16 -2.37 -55.40
C VAL F 18 44.14 -1.94 -54.36
N LYS F 19 44.53 -2.01 -53.09
CA LYS F 19 43.67 -1.64 -51.97
C LYS F 19 44.26 -0.42 -51.27
N VAL F 20 43.44 0.61 -51.08
CA VAL F 20 43.85 1.84 -50.42
C VAL F 20 42.89 2.11 -49.26
N SER F 21 43.46 2.42 -48.10
CA SER F 21 42.70 2.66 -46.88
C SER F 21 42.97 4.06 -46.34
N CYS F 22 41.96 4.63 -45.70
CA CYS F 22 42.04 5.95 -45.06
C CYS F 22 41.29 5.90 -43.73
N LYS F 23 42.03 5.99 -42.63
CA LYS F 23 41.44 5.92 -41.30
C LYS F 23 41.19 7.33 -40.76
N ALA F 24 40.03 7.53 -40.15
CA ALA F 24 39.63 8.82 -39.61
C ALA F 24 39.50 8.76 -38.09
N SER F 25 39.92 9.82 -37.43
CA SER F 25 39.82 9.94 -35.98
C SER F 25 39.73 11.40 -35.59
N GLY F 26 39.20 11.66 -34.39
CA GLY F 26 39.12 12.99 -33.86
C GLY F 26 37.86 13.76 -34.21
N PHE F 27 36.95 13.18 -34.98
CA PHE F 27 35.74 13.86 -35.39
C PHE F 27 34.64 12.82 -35.64
N THR F 28 33.41 13.31 -35.77
CA THR F 28 32.27 12.44 -35.99
C THR F 28 32.32 11.84 -37.39
N PHE F 29 32.77 10.59 -37.48
CA PHE F 29 32.86 9.93 -38.79
C PHE F 29 31.48 9.72 -39.41
N THR F 30 30.49 9.37 -38.60
CA THR F 30 29.17 8.99 -39.11
C THR F 30 28.37 10.20 -39.59
N SER F 31 29.02 11.37 -39.64
CA SER F 31 28.37 12.57 -40.13
C SER F 31 29.31 13.32 -41.07
N SER F 32 30.14 12.58 -41.79
CA SER F 32 31.15 13.18 -42.66
C SER F 32 31.04 12.54 -44.04
N ALA F 33 32.02 12.83 -44.90
CA ALA F 33 32.08 12.28 -46.23
C ALA F 33 33.54 12.06 -46.60
N VAL F 34 33.76 11.21 -47.60
CA VAL F 34 35.10 10.84 -48.04
C VAL F 34 35.24 11.18 -49.52
N GLN F 35 36.27 11.95 -49.86
CA GLN F 35 36.61 12.27 -51.24
C GLN F 35 37.98 11.72 -51.57
N TRP F 36 38.07 11.01 -52.70
CA TRP F 36 39.33 10.41 -53.14
C TRP F 36 39.89 11.21 -54.31
N VAL F 37 41.12 11.68 -54.16
CA VAL F 37 41.80 12.49 -55.17
C VAL F 37 43.14 11.84 -55.48
N ARG F 38 43.43 11.65 -56.76
CA ARG F 38 44.67 11.05 -57.21
C ARG F 38 45.51 12.07 -57.95
N GLN F 39 46.80 12.13 -57.62
CA GLN F 39 47.74 13.06 -58.24
C GLN F 39 49.00 12.32 -58.64
N ALA F 40 49.40 12.47 -59.89
CA ALA F 40 50.68 11.95 -60.35
C ALA F 40 51.74 13.05 -60.32
N ARG F 41 52.97 12.66 -60.62
CA ARG F 41 54.07 13.61 -60.64
C ARG F 41 53.87 14.62 -61.77
N GLY F 42 53.53 15.85 -61.41
CA GLY F 42 53.28 16.88 -62.40
C GLY F 42 52.08 16.60 -63.28
N GLN F 43 50.99 16.11 -62.70
CA GLN F 43 49.77 15.85 -63.47
C GLN F 43 48.56 16.37 -62.70
N ARG F 44 47.37 16.05 -63.16
CA ARG F 44 46.13 16.69 -62.70
C ARG F 44 45.65 16.04 -61.40
N LEU F 45 45.20 16.87 -60.47
CA LEU F 45 44.37 16.37 -59.39
C LEU F 45 43.02 15.95 -59.95
N GLU F 46 42.72 14.66 -59.82
CA GLU F 46 41.58 14.07 -60.53
C GLU F 46 40.64 13.39 -59.56
N TRP F 47 39.38 13.29 -59.97
CA TRP F 47 38.28 12.84 -59.14
C TRP F 47 38.12 11.33 -59.24
N ILE F 48 37.86 10.69 -58.10
CA ILE F 48 37.68 9.25 -58.04
C ILE F 48 36.28 8.98 -57.51
N GLY F 49 35.61 10.02 -57.04
CA GLY F 49 34.28 9.87 -56.48
C GLY F 49 34.23 10.18 -54.99
N TRP F 50 33.01 10.27 -54.48
CA TRP F 50 32.80 10.60 -53.08
C TRP F 50 31.64 9.77 -52.55
N ILE F 51 31.63 9.60 -51.23
CA ILE F 51 30.65 8.77 -50.54
C ILE F 51 30.19 9.49 -49.28
N VAL F 52 28.90 9.34 -48.95
CA VAL F 52 28.37 9.80 -47.68
C VAL F 52 28.60 8.67 -46.68
N VAL F 53 29.34 8.97 -45.62
CA VAL F 53 29.65 7.97 -44.60
C VAL F 53 28.37 7.50 -43.93
N GLY F 54 27.45 8.43 -43.67
CA GLY F 54 26.22 8.07 -42.99
C GLY F 54 25.33 7.15 -43.80
N SER F 55 25.16 7.45 -45.09
CA SER F 55 24.21 6.72 -45.91
C SER F 55 24.86 5.66 -46.79
N GLY F 56 26.11 5.86 -47.20
CA GLY F 56 26.79 4.89 -48.03
C GLY F 56 26.52 4.98 -49.51
N ASN F 57 25.79 5.99 -49.96
CA ASN F 57 25.57 6.16 -51.40
C ASN F 57 26.89 6.53 -52.09
N THR F 58 27.08 5.98 -53.30
CA THR F 58 28.33 6.15 -54.02
C THR F 58 28.05 6.68 -55.42
N ASP F 59 29.04 7.37 -55.97
CA ASP F 59 28.99 7.83 -57.35
C ASP F 59 30.41 7.83 -57.90
N TYR F 60 30.51 7.65 -59.21
CA TYR F 60 31.82 7.52 -59.86
C TYR F 60 31.82 8.29 -61.17
N ALA F 61 32.96 8.88 -61.49
CA ALA F 61 33.11 9.61 -62.74
C ALA F 61 33.15 8.64 -63.92
N GLN F 62 32.82 9.18 -65.10
CA GLN F 62 32.88 8.36 -66.32
C GLN F 62 34.30 7.90 -66.61
N GLN F 63 35.27 8.77 -66.40
CA GLN F 63 36.67 8.44 -66.67
C GLN F 63 37.14 7.28 -65.80
N PHE F 64 36.77 7.30 -64.51
CA PHE F 64 37.15 6.23 -63.58
C PHE F 64 35.89 5.51 -63.14
N GLN F 65 35.55 4.46 -63.88
CA GLN F 65 34.32 3.71 -63.68
C GLN F 65 34.60 2.24 -63.93
N GLU F 66 33.72 1.38 -63.41
CA GLU F 66 33.66 -0.08 -63.55
C GLU F 66 34.92 -0.77 -63.05
N ARG F 67 35.88 -0.05 -62.47
CA ARG F 67 37.03 -0.66 -61.83
C ARG F 67 37.37 -0.01 -60.49
N VAL F 68 36.55 0.94 -60.03
CA VAL F 68 36.74 1.61 -58.76
C VAL F 68 35.57 1.27 -57.83
N THR F 69 35.90 0.90 -56.60
CA THR F 69 34.89 0.54 -55.61
C THR F 69 35.21 1.26 -54.31
N ILE F 70 34.16 1.71 -53.62
CA ILE F 70 34.30 2.39 -52.34
C ILE F 70 33.49 1.65 -51.29
N THR F 71 34.14 1.26 -50.20
CA THR F 71 33.49 0.59 -49.10
C THR F 71 33.89 1.28 -47.80
N ARG F 72 33.06 1.12 -46.77
CA ARG F 72 33.27 1.77 -45.49
C ARG F 72 32.92 0.82 -44.35
N ASP F 73 33.55 1.06 -43.20
CA ASP F 73 33.27 0.30 -41.98
C ASP F 73 33.14 1.28 -40.83
N MET F 74 32.04 1.18 -40.09
CA MET F 74 31.77 2.13 -39.01
C MET F 74 32.62 1.82 -37.78
N SER F 75 32.86 0.53 -37.51
CA SER F 75 33.57 0.15 -36.30
C SER F 75 35.02 0.64 -36.33
N THR F 76 35.70 0.51 -37.46
CA THR F 76 37.09 0.90 -37.57
C THR F 76 37.27 2.38 -37.90
N SER F 77 36.20 3.07 -38.30
CA SER F 77 36.26 4.47 -38.70
C SER F 77 37.31 4.69 -39.78
N THR F 78 37.34 3.76 -40.75
CA THR F 78 38.33 3.78 -41.82
C THR F 78 37.62 3.74 -43.16
N ALA F 79 38.09 4.56 -44.09
CA ALA F 79 37.57 4.58 -45.44
C ALA F 79 38.38 3.65 -46.33
N TYR F 80 37.69 2.95 -47.23
CA TYR F 80 38.31 1.95 -48.08
C TYR F 80 38.00 2.26 -49.53
N MET F 81 39.03 2.21 -50.37
CA MET F 81 38.90 2.44 -51.81
C MET F 81 39.55 1.27 -52.54
N GLU F 82 38.85 0.71 -53.52
CA GLU F 82 39.34 -0.42 -54.30
C GLU F 82 39.49 0.00 -55.75
N LEU F 83 40.65 -0.30 -56.34
CA LEU F 83 40.92 -0.06 -57.75
C LEU F 83 41.40 -1.35 -58.38
N SER F 84 40.72 -1.77 -59.45
CA SER F 84 41.07 -2.99 -60.17
C SER F 84 41.55 -2.64 -61.58
N SER F 85 42.14 -3.64 -62.24
CA SER F 85 42.69 -3.49 -63.59
C SER F 85 43.73 -2.36 -63.64
N LEU F 86 44.78 -2.54 -62.84
CA LEU F 86 45.82 -1.53 -62.75
C LEU F 86 46.59 -1.40 -64.05
N GLY F 87 46.94 -0.16 -64.41
CA GLY F 87 47.76 0.11 -65.56
C GLY F 87 48.94 1.01 -65.18
N SER F 88 49.85 1.17 -66.14
CA SER F 88 51.01 2.02 -65.91
C SER F 88 50.63 3.46 -65.59
N GLU F 89 49.49 3.91 -66.12
CA GLU F 89 49.00 5.26 -65.84
C GLU F 89 48.41 5.39 -64.44
N ASP F 90 48.17 4.28 -63.74
CA ASP F 90 47.61 4.31 -62.39
C ASP F 90 48.68 4.58 -61.33
N THR F 91 49.95 4.61 -61.70
CA THR F 91 51.00 4.95 -60.74
C THR F 91 50.92 6.42 -60.38
N ALA F 92 50.45 6.72 -59.17
CA ALA F 92 50.29 8.08 -58.71
C ALA F 92 50.02 8.06 -57.21
N VAL F 93 49.76 9.23 -56.65
CA VAL F 93 49.51 9.38 -55.21
C VAL F 93 48.02 9.48 -54.98
N TYR F 94 47.53 8.71 -54.01
CA TYR F 94 46.10 8.67 -53.68
C TYR F 94 45.87 9.41 -52.37
N TYR F 95 45.01 10.42 -52.42
CA TYR F 95 44.68 11.24 -51.26
C TYR F 95 43.22 11.02 -50.87
N CYS F 96 42.96 10.98 -49.56
CA CYS F 96 41.60 10.95 -49.03
C CYS F 96 41.30 12.28 -48.35
N ALA F 97 40.11 12.80 -48.63
CA ALA F 97 39.73 14.12 -48.11
C ALA F 97 38.35 14.03 -47.48
N ALA F 98 38.22 14.65 -46.32
CA ALA F 98 36.98 14.68 -45.56
C ALA F 98 36.73 16.08 -45.04
N PRO F 99 35.46 16.50 -44.98
CA PRO F 99 35.14 17.81 -44.37
C PRO F 99 35.04 17.66 -42.85
N ASN F 100 35.84 18.46 -42.15
CA ASN F 100 35.87 18.38 -40.69
C ASN F 100 34.53 18.79 -40.11
N CYS F 101 34.09 18.05 -39.09
CA CYS F 101 32.84 18.32 -38.39
C CYS F 101 33.15 18.52 -36.91
N SER F 102 33.06 19.76 -36.44
CA SER F 102 33.41 20.06 -35.05
C SER F 102 32.48 19.33 -34.09
N GLY F 103 31.19 19.65 -34.13
CA GLY F 103 30.21 18.95 -33.33
C GLY F 103 29.14 18.31 -34.18
N GLY F 104 27.91 18.83 -34.09
CA GLY F 104 26.84 18.40 -34.97
C GLY F 104 26.80 19.21 -36.25
N SER F 105 27.69 20.17 -36.36
CA SER F 105 27.80 21.03 -37.54
C SER F 105 29.09 20.71 -38.29
N CYS F 106 29.01 20.72 -39.61
CA CYS F 106 30.13 20.33 -40.47
C CYS F 106 30.59 21.51 -41.30
N TYR F 107 31.91 21.71 -41.34
CA TYR F 107 32.48 22.80 -42.11
C TYR F 107 32.19 22.58 -43.59
N ASP F 108 31.79 23.66 -44.27
CA ASP F 108 31.26 23.58 -45.63
C ASP F 108 32.32 23.29 -46.69
N GLY F 109 33.54 22.95 -46.30
CA GLY F 109 34.60 22.64 -47.24
C GLY F 109 35.48 21.53 -46.72
N PHE F 110 36.25 20.92 -47.62
CA PHE F 110 37.15 19.85 -47.23
C PHE F 110 38.43 20.44 -46.65
N ASP F 111 38.67 20.16 -45.37
CA ASP F 111 39.86 20.66 -44.68
C ASP F 111 40.81 19.54 -44.29
N LEU F 112 40.30 18.39 -43.87
CA LEU F 112 41.17 17.29 -43.49
C LEU F 112 41.63 16.51 -44.72
N TRP F 113 42.94 16.46 -44.93
CA TRP F 113 43.53 15.76 -46.07
C TRP F 113 44.61 14.81 -45.56
N GLY F 114 44.64 13.62 -46.12
CA GLY F 114 45.61 12.62 -45.73
C GLY F 114 46.99 12.90 -46.30
N GLN F 115 47.95 12.10 -45.84
CA GLN F 115 49.33 12.22 -46.28
C GLN F 115 49.58 11.61 -47.65
N GLY F 116 48.63 10.83 -48.18
CA GLY F 116 48.79 10.23 -49.48
C GLY F 116 49.32 8.81 -49.42
N THR F 117 48.95 7.99 -50.41
CA THR F 117 49.41 6.61 -50.52
C THR F 117 50.11 6.44 -51.86
N MET F 118 51.39 6.09 -51.83
CA MET F 118 52.16 5.90 -53.04
C MET F 118 51.91 4.51 -53.61
N VAL F 119 51.27 4.45 -54.77
CA VAL F 119 51.00 3.19 -55.46
C VAL F 119 51.77 3.23 -56.77
N THR F 120 52.63 2.23 -56.97
CA THR F 120 53.44 2.11 -58.17
C THR F 120 53.01 0.85 -58.93
N VAL F 121 52.67 1.01 -60.20
CA VAL F 121 52.21 -0.09 -61.04
C VAL F 121 53.28 -0.34 -62.09
N SER F 122 53.96 -1.48 -61.98
CA SER F 122 54.96 -1.89 -62.95
C SER F 122 55.21 -3.39 -62.79
N SER F 123 55.73 -4.00 -63.86
CA SER F 123 55.95 -5.44 -63.89
C SER F 123 57.37 -5.83 -63.49
N ALA F 124 58.27 -4.87 -63.29
CA ALA F 124 59.64 -5.20 -62.93
C ALA F 124 59.74 -5.48 -61.43
N SER F 125 60.80 -6.18 -61.04
CA SER F 125 61.02 -6.57 -59.65
C SER F 125 61.93 -5.57 -58.94
N THR F 126 62.02 -5.72 -57.61
CA THR F 126 62.88 -4.82 -56.80
C THR F 126 64.35 -5.20 -57.02
N LYS F 127 65.15 -4.26 -57.49
CA LYS F 127 66.56 -4.46 -57.81
C LYS F 127 67.39 -3.35 -57.19
N GLY F 128 68.60 -3.68 -56.77
CA GLY F 128 69.51 -2.71 -56.20
C GLY F 128 70.05 -1.76 -57.25
N PRO F 129 70.40 -0.54 -56.83
CA PRO F 129 70.92 0.44 -57.76
C PRO F 129 72.40 0.23 -58.06
N SER F 130 72.78 0.50 -59.30
CA SER F 130 74.18 0.50 -59.71
C SER F 130 74.65 1.94 -59.81
N VAL F 131 75.60 2.32 -58.96
CA VAL F 131 76.03 3.70 -58.80
C VAL F 131 77.36 3.88 -59.54
N PHE F 132 77.43 4.90 -60.39
CA PHE F 132 78.62 5.22 -61.15
C PHE F 132 78.99 6.70 -60.95
N PRO F 133 80.21 6.99 -60.53
CA PRO F 133 80.61 8.39 -60.32
C PRO F 133 80.83 9.11 -61.64
N LEU F 134 80.72 10.43 -61.60
CA LEU F 134 81.04 11.28 -62.75
C LEU F 134 82.37 11.96 -62.44
N ALA F 135 83.46 11.33 -62.87
CA ALA F 135 84.80 11.80 -62.55
C ALA F 135 85.05 13.17 -63.18
N PRO F 136 85.56 14.13 -62.41
CA PRO F 136 85.85 15.46 -62.98
C PRO F 136 87.07 15.40 -63.90
N SER F 137 87.09 16.33 -64.85
CA SER F 137 88.20 16.44 -65.79
C SER F 137 88.36 17.91 -66.17
N SER F 138 89.33 18.18 -67.05
CA SER F 138 89.54 19.54 -67.53
C SER F 138 88.39 20.06 -68.37
N LYS F 139 87.51 19.18 -68.84
CA LYS F 139 86.37 19.57 -69.66
C LYS F 139 85.12 19.85 -68.84
N SER F 140 85.16 19.61 -67.53
CA SER F 140 84.06 19.95 -66.63
C SER F 140 84.43 21.10 -65.70
N THR F 141 85.49 21.82 -66.00
CA THR F 141 85.97 22.93 -65.18
C THR F 141 85.91 24.22 -65.98
N SER F 142 85.43 25.28 -65.35
CA SER F 142 85.31 26.58 -65.99
C SER F 142 85.32 27.66 -64.92
N GLY F 143 86.22 28.62 -65.06
CA GLY F 143 86.31 29.72 -64.12
C GLY F 143 86.71 29.32 -62.71
N GLY F 144 87.59 28.33 -62.58
CA GLY F 144 88.06 27.90 -61.29
C GLY F 144 87.09 27.04 -60.50
N THR F 145 85.97 26.64 -61.09
CA THR F 145 84.98 25.81 -60.43
C THR F 145 84.91 24.46 -61.12
N ALA F 146 85.02 23.38 -60.33
CA ALA F 146 84.97 22.03 -60.84
C ALA F 146 83.70 21.33 -60.37
N ALA F 147 83.10 20.55 -61.25
CA ALA F 147 81.88 19.83 -60.93
C ALA F 147 82.08 18.34 -61.13
N LEU F 148 81.62 17.56 -60.14
CA LEU F 148 81.69 16.11 -60.17
C LEU F 148 80.42 15.55 -59.54
N GLY F 149 80.13 14.29 -59.83
CA GLY F 149 78.90 13.71 -59.33
C GLY F 149 78.93 12.19 -59.38
N CYS F 150 77.80 11.61 -58.99
CA CYS F 150 77.59 10.17 -59.04
C CYS F 150 76.25 9.89 -59.68
N LEU F 151 76.20 8.86 -60.52
CA LEU F 151 74.99 8.51 -61.25
C LEU F 151 74.36 7.26 -60.65
N VAL F 152 73.07 7.34 -60.32
CA VAL F 152 72.32 6.20 -59.80
C VAL F 152 71.46 5.68 -60.94
N LYS F 153 71.58 4.39 -61.24
CA LYS F 153 70.92 3.78 -62.38
C LYS F 153 70.34 2.42 -62.03
N ASP F 154 69.18 2.11 -62.61
CA ASP F 154 68.56 0.76 -62.44
C ASP F 154 68.05 0.46 -61.02
N TYR F 155 67.11 1.26 -60.49
CA TYR F 155 66.50 0.88 -59.19
C TYR F 155 64.98 0.90 -59.39
N PHE F 156 64.32 -0.22 -59.14
CA PHE F 156 62.86 -0.30 -59.42
C PHE F 156 62.08 0.66 -58.53
N PRO F 157 62.29 0.73 -57.19
CA PRO F 157 61.68 1.75 -56.34
C PRO F 157 62.65 2.94 -56.34
N GLU F 158 62.18 4.17 -56.07
CA GLU F 158 63.13 5.32 -56.19
C GLU F 158 63.17 6.18 -54.93
N PRO F 159 63.59 5.67 -53.75
CA PRO F 159 63.77 6.49 -52.55
C PRO F 159 65.30 6.68 -52.41
N VAL F 160 66.04 6.53 -53.51
CA VAL F 160 67.54 6.61 -53.46
C VAL F 160 68.00 7.92 -52.80
N THR F 161 68.26 7.89 -51.50
CA THR F 161 68.79 9.03 -50.77
C THR F 161 70.30 9.08 -50.94
N VAL F 162 70.80 10.22 -51.41
CA VAL F 162 72.21 10.40 -51.73
C VAL F 162 72.76 11.48 -50.80
N SER F 163 73.68 11.09 -49.93
CA SER F 163 74.43 12.00 -49.08
C SER F 163 75.91 11.88 -49.44
N TRP F 164 76.64 12.98 -49.29
CA TRP F 164 78.02 13.04 -49.73
C TRP F 164 78.95 13.19 -48.52
N ASN F 165 79.98 12.35 -48.47
CA ASN F 165 80.97 12.36 -47.39
C ASN F 165 80.28 12.23 -46.03
N SER F 166 79.33 11.30 -45.96
CA SER F 166 78.54 11.05 -44.75
C SER F 166 77.82 12.32 -44.28
N GLY F 167 77.36 13.12 -45.25
CA GLY F 167 76.64 14.34 -44.95
C GLY F 167 77.52 15.55 -44.69
N ALA F 168 78.85 15.40 -44.74
CA ALA F 168 79.72 16.53 -44.48
C ALA F 168 79.69 17.56 -45.59
N LEU F 169 79.43 17.14 -46.82
CA LEU F 169 79.37 18.04 -47.98
C LEU F 169 77.91 18.23 -48.37
N THR F 170 77.42 19.47 -48.24
CA THR F 170 76.05 19.80 -48.59
C THR F 170 75.94 21.02 -49.51
N SER F 171 76.88 21.97 -49.43
CA SER F 171 76.80 23.17 -50.24
C SER F 171 77.03 22.83 -51.72
N GLY F 172 76.16 23.36 -52.58
CA GLY F 172 76.28 23.13 -54.00
C GLY F 172 75.84 21.77 -54.47
N VAL F 173 75.28 20.94 -53.59
CA VAL F 173 74.87 19.58 -53.94
C VAL F 173 73.50 19.65 -54.60
N HIS F 174 73.39 19.07 -55.78
CA HIS F 174 72.16 19.07 -56.57
C HIS F 174 71.76 17.63 -56.85
N THR F 175 70.77 17.12 -56.12
CA THR F 175 70.22 15.79 -56.34
C THR F 175 68.94 15.93 -57.14
N PHE F 176 68.96 15.41 -58.37
CA PHE F 176 67.81 15.61 -59.25
C PHE F 176 66.78 14.49 -59.08
N PRO F 177 65.51 14.80 -59.28
CA PRO F 177 64.47 13.76 -59.15
C PRO F 177 64.69 12.63 -60.15
N ALA F 178 64.28 11.43 -59.74
CA ALA F 178 64.47 10.25 -60.57
C ALA F 178 63.62 10.33 -61.84
N VAL F 179 64.15 9.77 -62.92
CA VAL F 179 63.46 9.69 -64.20
C VAL F 179 63.27 8.21 -64.54
N LEU F 180 62.07 7.87 -64.99
CA LEU F 180 61.75 6.48 -65.30
C LEU F 180 62.27 6.15 -66.70
N GLN F 181 63.12 5.13 -66.79
CA GLN F 181 63.67 4.70 -68.07
C GLN F 181 62.68 3.83 -68.80
N SER F 182 62.99 3.56 -70.08
CA SER F 182 62.13 2.71 -70.89
C SER F 182 62.08 1.28 -70.37
N SER F 183 63.12 0.84 -69.64
CA SER F 183 63.15 -0.49 -69.07
C SER F 183 62.26 -0.63 -67.85
N GLY F 184 61.68 0.46 -67.35
CA GLY F 184 60.88 0.43 -66.16
C GLY F 184 61.63 0.72 -64.87
N LEU F 185 62.91 1.04 -64.95
CA LEU F 185 63.73 1.33 -63.78
C LEU F 185 63.98 2.83 -63.67
N TYR F 186 64.27 3.26 -62.45
CA TYR F 186 64.49 4.67 -62.15
C TYR F 186 65.97 5.01 -62.17
N SER F 187 66.26 6.28 -62.45
CA SER F 187 67.63 6.77 -62.51
C SER F 187 67.64 8.24 -62.12
N LEU F 188 68.71 8.66 -61.43
CA LEU F 188 68.85 10.04 -61.00
C LEU F 188 70.32 10.41 -61.00
N SER F 189 70.59 11.71 -61.01
CA SER F 189 71.93 12.26 -60.99
C SER F 189 72.09 13.21 -59.81
N SER F 190 73.23 13.10 -59.13
CA SER F 190 73.58 14.00 -58.03
C SER F 190 74.98 14.54 -58.28
N VAL F 191 75.10 15.86 -58.38
CA VAL F 191 76.37 16.52 -58.68
C VAL F 191 76.56 17.69 -57.74
N VAL F 192 77.81 18.15 -57.62
CA VAL F 192 78.17 19.27 -56.76
C VAL F 192 79.09 20.20 -57.56
N THR F 193 79.16 21.46 -57.13
CA THR F 193 80.11 22.42 -57.68
C THR F 193 81.14 22.75 -56.62
N VAL F 194 82.41 22.45 -56.90
CA VAL F 194 83.49 22.65 -55.94
C VAL F 194 84.63 23.42 -56.63
N PRO F 195 85.46 24.14 -55.89
CA PRO F 195 86.59 24.83 -56.53
C PRO F 195 87.54 23.85 -57.20
N SER F 196 88.13 24.30 -58.31
CA SER F 196 89.07 23.47 -59.04
C SER F 196 90.33 23.19 -58.22
N SER F 197 90.68 24.09 -57.30
CA SER F 197 91.85 23.89 -56.46
C SER F 197 91.67 22.75 -55.47
N SER F 198 90.42 22.35 -55.19
CA SER F 198 90.14 21.28 -54.24
C SER F 198 90.33 19.89 -54.84
N LEU F 199 90.56 19.79 -56.14
CA LEU F 199 90.77 18.51 -56.79
C LEU F 199 92.18 18.02 -56.50
N GLY F 200 92.30 16.89 -55.82
CA GLY F 200 93.59 16.33 -55.49
C GLY F 200 93.94 16.43 -54.03
N THR F 201 93.24 17.31 -53.31
CA THR F 201 93.47 17.52 -51.88
C THR F 201 92.29 17.12 -51.02
N GLN F 202 91.09 17.04 -51.58
CA GLN F 202 89.88 16.68 -50.84
C GLN F 202 89.23 15.47 -51.49
N THR F 203 88.81 14.52 -50.66
CA THR F 203 88.18 13.29 -51.13
C THR F 203 86.67 13.49 -51.18
N TYR F 204 86.06 13.10 -52.29
CA TYR F 204 84.61 13.18 -52.48
C TYR F 204 84.04 11.78 -52.52
N ILE F 205 83.08 11.51 -51.64
CA ILE F 205 82.42 10.21 -51.54
C ILE F 205 80.92 10.43 -51.63
N CYS F 206 80.27 9.70 -52.52
CA CYS F 206 78.81 9.72 -52.63
C CYS F 206 78.24 8.48 -51.96
N ASN F 207 77.34 8.69 -51.00
CA ASN F 207 76.72 7.60 -50.24
C ASN F 207 75.29 7.43 -50.75
N VAL F 208 75.01 6.25 -51.32
CA VAL F 208 73.72 5.96 -51.93
C VAL F 208 73.00 4.93 -51.07
N ASN F 209 71.74 5.23 -50.73
CA ASN F 209 70.94 4.38 -49.86
C ASN F 209 69.64 4.04 -50.57
N HIS F 210 69.45 2.76 -50.86
CA HIS F 210 68.18 2.29 -51.46
C HIS F 210 67.61 1.24 -50.50
N LYS F 211 66.75 1.67 -49.58
CA LYS F 211 66.19 0.83 -48.52
C LYS F 211 65.36 -0.34 -49.04
N PRO F 212 64.38 -0.16 -49.96
CA PRO F 212 63.60 -1.28 -50.53
C PRO F 212 64.43 -2.51 -50.91
N SER F 213 65.54 -2.30 -51.61
CA SER F 213 66.41 -3.39 -52.01
C SER F 213 67.51 -3.65 -50.98
N ASN F 214 67.57 -2.86 -49.90
CA ASN F 214 68.57 -3.02 -48.84
C ASN F 214 69.98 -2.99 -49.43
N THR F 215 70.28 -1.95 -50.20
CA THR F 215 71.54 -1.80 -50.89
C THR F 215 72.27 -0.56 -50.39
N LYS F 216 73.56 -0.72 -50.08
CA LYS F 216 74.40 0.38 -49.61
C LYS F 216 75.62 0.46 -50.52
N VAL F 217 75.74 1.57 -51.25
CA VAL F 217 76.81 1.76 -52.22
C VAL F 217 77.51 3.08 -51.95
N ASP F 218 78.83 3.04 -51.85
CA ASP F 218 79.65 4.23 -51.73
C ASP F 218 80.81 4.14 -52.73
N LYS F 219 80.88 5.09 -53.64
CA LYS F 219 81.82 5.05 -54.76
C LYS F 219 82.79 6.22 -54.66
N LYS F 220 84.07 5.96 -54.94
CA LYS F 220 85.06 7.01 -55.04
C LYS F 220 84.81 7.84 -56.30
N VAL F 221 85.10 9.14 -56.23
CA VAL F 221 84.96 10.01 -57.39
C VAL F 221 86.32 10.54 -57.81
N GLU G 1 45.42 -23.32 0.48
CA GLU G 1 46.16 -22.58 -0.55
C GLU G 1 45.71 -23.01 -1.94
N VAL G 2 45.31 -22.03 -2.75
CA VAL G 2 44.87 -22.30 -4.11
C VAL G 2 46.08 -22.57 -4.99
N GLN G 3 46.05 -23.71 -5.70
CA GLN G 3 47.14 -24.08 -6.58
C GLN G 3 46.58 -24.78 -7.81
N LEU G 4 47.23 -24.56 -8.95
CA LEU G 4 46.90 -25.23 -10.20
C LEU G 4 48.16 -25.89 -10.72
N VAL G 5 48.12 -27.21 -10.92
CA VAL G 5 49.28 -27.99 -11.32
C VAL G 5 49.02 -28.55 -12.71
N GLU G 6 49.89 -28.24 -13.65
CA GLU G 6 49.76 -28.72 -15.02
C GLU G 6 50.60 -29.98 -15.23
N SER G 7 50.13 -30.84 -16.11
CA SER G 7 50.82 -32.09 -16.43
C SER G 7 50.43 -32.54 -17.82
N GLY G 8 51.22 -33.48 -18.37
CA GLY G 8 50.96 -34.05 -19.67
C GLY G 8 51.82 -33.52 -20.80
N GLY G 9 52.62 -32.48 -20.55
CA GLY G 9 53.45 -31.92 -21.59
C GLY G 9 54.62 -32.80 -21.94
N GLY G 10 55.29 -32.44 -23.03
CA GLY G 10 56.45 -33.17 -23.50
C GLY G 10 56.65 -32.97 -24.99
N LEU G 11 57.40 -33.89 -25.58
CA LEU G 11 57.70 -33.87 -27.00
C LEU G 11 56.69 -34.68 -27.79
N VAL G 12 56.49 -34.30 -29.05
CA VAL G 12 55.50 -34.96 -29.90
C VAL G 12 55.88 -34.76 -31.36
N GLN G 13 55.40 -35.66 -32.22
CA GLN G 13 55.59 -35.62 -33.65
C GLN G 13 54.29 -35.15 -34.31
N PRO G 14 54.37 -34.42 -35.43
CA PRO G 14 53.15 -34.02 -36.13
C PRO G 14 52.32 -35.23 -36.54
N GLY G 15 51.00 -35.10 -36.43
CA GLY G 15 50.10 -36.20 -36.65
C GLY G 15 49.83 -37.05 -35.42
N ARG G 16 50.45 -36.74 -34.29
CA ARG G 16 50.27 -37.48 -33.05
C ARG G 16 49.54 -36.61 -32.04
N SER G 17 48.60 -37.20 -31.33
CA SER G 17 47.80 -36.49 -30.33
C SER G 17 48.39 -36.71 -28.93
N LEU G 18 47.80 -36.00 -27.96
CA LEU G 18 48.24 -36.05 -26.58
C LEU G 18 47.07 -35.60 -25.70
N ARG G 19 47.32 -35.49 -24.40
CA ARG G 19 46.30 -35.05 -23.45
C ARG G 19 46.97 -34.28 -22.32
N LEU G 20 46.60 -33.01 -22.15
CA LEU G 20 47.11 -32.20 -21.06
C LEU G 20 46.18 -32.27 -19.86
N SER G 21 46.73 -32.01 -18.68
CA SER G 21 45.97 -32.06 -17.44
C SER G 21 46.30 -30.85 -16.58
N CYS G 22 45.34 -30.44 -15.77
CA CYS G 22 45.49 -29.32 -14.83
C CYS G 22 44.82 -29.70 -13.52
N ALA G 23 45.62 -29.99 -12.50
CA ALA G 23 45.11 -30.35 -11.20
C ALA G 23 44.64 -29.11 -10.44
N ALA G 24 43.63 -29.30 -9.59
CA ALA G 24 43.07 -28.23 -8.78
C ALA G 24 43.08 -28.63 -7.31
N SER G 25 43.43 -27.68 -6.45
CA SER G 25 43.49 -27.90 -5.02
C SER G 25 43.36 -26.58 -4.28
N GLY G 26 42.78 -26.63 -3.09
CA GLY G 26 42.70 -25.47 -2.21
C GLY G 26 41.49 -24.58 -2.41
N PHE G 27 40.62 -24.88 -3.36
CA PHE G 27 39.45 -24.06 -3.62
C PHE G 27 38.30 -24.94 -4.07
N ARG G 28 37.08 -24.44 -3.92
CA ARG G 28 35.92 -25.17 -4.40
C ARG G 28 35.94 -25.27 -5.92
N PHE G 29 36.06 -26.50 -6.41
CA PHE G 29 36.29 -26.75 -7.83
C PHE G 29 35.04 -26.58 -8.68
N ASP G 30 33.85 -26.57 -8.07
CA ASP G 30 32.59 -26.53 -8.81
C ASP G 30 31.98 -25.14 -8.88
N ASP G 31 32.71 -24.10 -8.47
CA ASP G 31 32.19 -22.74 -8.44
C ASP G 31 33.23 -21.78 -9.02
N TYR G 32 33.95 -22.23 -10.04
CA TYR G 32 34.96 -21.39 -10.68
C TYR G 32 35.22 -21.83 -12.12
N ALA G 33 35.17 -20.87 -13.05
CA ALA G 33 35.49 -21.16 -14.44
C ALA G 33 37.01 -21.26 -14.63
N LEU G 34 37.41 -22.02 -15.64
CA LEU G 34 38.81 -22.28 -15.92
C LEU G 34 39.11 -22.02 -17.39
N HIS G 35 40.35 -21.62 -17.67
CA HIS G 35 40.78 -21.32 -19.03
C HIS G 35 42.19 -21.83 -19.24
N TRP G 36 42.52 -22.11 -20.50
CA TRP G 36 43.87 -22.47 -20.90
C TRP G 36 44.51 -21.33 -21.69
N VAL G 37 45.76 -21.02 -21.35
CA VAL G 37 46.53 -20.01 -22.06
C VAL G 37 47.92 -20.56 -22.33
N ARG G 38 48.44 -20.31 -23.53
CA ARG G 38 49.75 -20.77 -23.95
C ARG G 38 50.65 -19.57 -24.26
N GLN G 39 51.96 -19.80 -24.15
CA GLN G 39 52.94 -18.75 -24.36
C GLN G 39 54.05 -19.28 -25.26
N ALA G 40 54.15 -18.72 -26.46
CA ALA G 40 55.26 -19.04 -27.35
C ALA G 40 56.52 -18.33 -26.88
N PRO G 41 57.70 -18.86 -27.21
CA PRO G 41 58.95 -18.20 -26.79
C PRO G 41 59.07 -16.80 -27.36
N GLU G 42 59.07 -15.82 -26.45
CA GLU G 42 59.21 -14.40 -26.80
C GLU G 42 58.14 -13.97 -27.80
N LYS G 43 56.92 -14.46 -27.58
CA LYS G 43 55.78 -14.06 -28.42
C LYS G 43 54.59 -13.74 -27.51
N GLY G 44 54.84 -12.96 -26.45
CA GLY G 44 53.77 -12.52 -25.57
C GLY G 44 53.03 -13.68 -24.92
N LEU G 45 51.71 -13.63 -25.05
CA LEU G 45 50.83 -14.64 -24.47
C LEU G 45 49.63 -14.83 -25.40
N GLU G 46 48.96 -15.97 -25.25
CA GLU G 46 47.84 -16.30 -26.13
C GLU G 46 46.83 -17.15 -25.39
N TRP G 47 45.55 -16.83 -25.57
CA TRP G 47 44.47 -17.64 -25.02
C TRP G 47 44.25 -18.88 -25.87
N VAL G 48 43.85 -19.97 -25.23
CA VAL G 48 43.61 -21.24 -25.93
C VAL G 48 42.14 -21.60 -25.89
N SER G 49 41.60 -21.79 -24.68
CA SER G 49 40.23 -22.24 -24.52
C SER G 49 39.73 -21.85 -23.14
N GLY G 50 38.44 -22.13 -22.90
CA GLY G 50 37.83 -21.84 -21.61
C GLY G 50 36.56 -22.64 -21.46
N ILE G 51 36.14 -22.79 -20.20
CA ILE G 51 34.96 -23.58 -19.87
C ILE G 51 34.12 -22.84 -18.85
N SER G 52 32.91 -23.33 -18.59
CA SER G 52 31.99 -22.71 -17.64
C SER G 52 31.74 -23.69 -16.52
N TRP G 53 31.04 -23.23 -15.49
CA TRP G 53 30.81 -24.06 -14.29
C TRP G 53 29.92 -25.26 -14.63
N ASN G 54 28.96 -25.07 -15.52
CA ASN G 54 28.04 -26.12 -15.92
C ASN G 54 28.49 -26.79 -17.21
N SER G 55 29.68 -26.42 -17.71
CA SER G 55 30.17 -26.89 -19.00
C SER G 55 29.16 -26.61 -20.11
N ASN G 56 28.53 -25.44 -20.03
CA ASN G 56 27.52 -25.01 -20.98
C ASN G 56 28.07 -24.03 -22.02
N ASN G 57 29.00 -23.16 -21.62
CA ASN G 57 29.64 -22.22 -22.55
C ASN G 57 31.08 -22.64 -22.73
N ILE G 58 31.42 -23.11 -23.93
CA ILE G 58 32.77 -23.55 -24.27
C ILE G 58 33.16 -22.89 -25.58
N GLY G 59 34.32 -22.24 -25.60
CA GLY G 59 34.77 -21.56 -26.80
C GLY G 59 36.26 -21.70 -27.05
N TYR G 60 36.64 -21.76 -28.31
CA TYR G 60 38.04 -21.86 -28.72
C TYR G 60 38.37 -20.75 -29.69
N ALA G 61 39.67 -20.42 -29.78
CA ALA G 61 40.13 -19.44 -30.75
C ALA G 61 39.99 -20.00 -32.16
N GLU G 62 39.90 -19.09 -33.14
CA GLU G 62 39.67 -19.49 -34.52
C GLU G 62 40.80 -20.39 -35.04
N SER G 63 42.05 -20.05 -34.75
CA SER G 63 43.16 -20.89 -35.16
C SER G 63 43.27 -22.13 -34.29
N VAL G 64 42.51 -22.17 -33.20
CA VAL G 64 42.61 -23.25 -32.22
C VAL G 64 41.49 -24.28 -32.40
N LYS G 65 40.28 -23.84 -32.75
CA LYS G 65 39.14 -24.75 -32.82
C LYS G 65 39.32 -25.75 -33.95
N GLY G 66 38.62 -26.88 -33.83
CA GLY G 66 38.66 -27.92 -34.84
C GLY G 66 39.79 -28.90 -34.66
N ARG G 67 40.68 -28.61 -33.70
CA ARG G 67 41.80 -29.49 -33.41
C ARG G 67 41.97 -29.75 -31.91
N PHE G 68 41.46 -28.87 -31.06
CA PHE G 68 41.53 -29.05 -29.62
C PHE G 68 40.13 -29.25 -29.06
N THR G 69 40.07 -29.79 -27.84
CA THR G 69 38.81 -30.06 -27.18
C THR G 69 39.04 -30.01 -25.68
N ILE G 70 38.41 -29.06 -25.01
CA ILE G 70 38.53 -28.94 -23.57
C ILE G 70 37.42 -29.75 -22.90
N SER G 71 37.75 -30.38 -21.77
CA SER G 71 36.79 -31.17 -21.02
C SER G 71 37.07 -31.01 -19.53
N ARG G 72 36.03 -31.20 -18.72
CA ARG G 72 36.13 -31.05 -17.28
C ARG G 72 35.14 -31.99 -16.61
N ASP G 73 35.57 -32.57 -15.49
CA ASP G 73 34.71 -33.42 -14.69
C ASP G 73 34.97 -33.13 -13.22
N THR G 74 33.92 -33.11 -12.41
CA THR G 74 34.03 -32.64 -11.04
C THR G 74 34.52 -33.73 -10.10
N ALA G 75 34.56 -34.99 -10.56
CA ALA G 75 34.94 -36.08 -9.69
C ALA G 75 36.38 -35.95 -9.20
N LYS G 76 37.32 -35.78 -10.13
CA LYS G 76 38.73 -35.72 -9.80
C LYS G 76 39.28 -34.30 -9.78
N LYS G 77 38.42 -33.29 -9.94
CA LYS G 77 38.81 -31.88 -9.85
C LYS G 77 39.97 -31.56 -10.77
N SER G 78 39.80 -31.74 -12.07
CA SER G 78 40.87 -31.46 -13.02
C SER G 78 40.27 -31.00 -14.35
N LEU G 79 41.02 -30.19 -15.08
CA LEU G 79 40.62 -29.68 -16.38
C LEU G 79 41.46 -30.36 -17.46
N TYR G 80 40.80 -30.85 -18.51
CA TYR G 80 41.44 -31.63 -19.55
C TYR G 80 41.18 -30.99 -20.91
N LEU G 81 42.23 -30.58 -21.60
CA LEU G 81 42.12 -30.09 -22.96
C LEU G 81 42.86 -31.06 -23.86
N GLN G 82 42.18 -31.57 -24.88
CA GLN G 82 42.60 -32.73 -25.65
C GLN G 82 43.31 -32.28 -26.92
N MET G 83 44.41 -32.97 -27.26
CA MET G 83 45.19 -32.69 -28.45
C MET G 83 44.64 -33.51 -29.62
N ASN G 84 44.58 -32.89 -30.79
CA ASN G 84 44.28 -33.60 -32.03
C ASN G 84 44.95 -32.88 -33.20
N ASP G 85 45.65 -33.65 -34.03
CA ASP G 85 46.32 -33.13 -35.23
C ASP G 85 47.28 -32.00 -34.87
N LEU G 86 48.35 -32.35 -34.17
CA LEU G 86 49.31 -31.36 -33.73
C LEU G 86 50.15 -30.84 -34.89
N ARG G 87 50.47 -29.55 -34.84
CA ARG G 87 51.27 -28.91 -35.87
C ARG G 87 52.38 -28.06 -35.26
N ALA G 88 53.11 -27.32 -36.10
CA ALA G 88 54.26 -26.57 -35.62
C ALA G 88 53.84 -25.45 -34.66
N GLU G 89 52.68 -24.86 -34.90
CA GLU G 89 52.25 -23.71 -34.09
C GLU G 89 51.95 -24.12 -32.65
N ASP G 90 51.82 -25.42 -32.40
CA ASP G 90 51.42 -25.91 -31.08
C ASP G 90 52.58 -25.95 -30.09
N THR G 91 53.75 -25.45 -30.50
CA THR G 91 54.92 -25.41 -29.61
C THR G 91 54.88 -24.13 -28.79
N ALA G 92 54.51 -24.26 -27.51
CA ALA G 92 54.40 -23.12 -26.61
C ALA G 92 54.31 -23.63 -25.18
N LEU G 93 54.47 -22.70 -24.24
CA LEU G 93 54.34 -23.00 -22.82
C LEU G 93 52.89 -22.76 -22.39
N TYR G 94 52.22 -23.80 -21.94
CA TYR G 94 50.79 -23.78 -21.67
C TYR G 94 50.52 -23.60 -20.18
N TYR G 95 49.68 -22.63 -19.84
CA TYR G 95 49.22 -22.42 -18.47
C TYR G 95 47.73 -22.73 -18.37
N CYS G 96 47.33 -23.26 -17.22
CA CYS G 96 45.92 -23.41 -16.88
C CYS G 96 45.59 -22.40 -15.78
N VAL G 97 44.48 -21.69 -15.95
CA VAL G 97 44.16 -20.56 -15.09
C VAL G 97 42.73 -20.70 -14.59
N LYS G 98 42.43 -20.06 -13.46
CA LYS G 98 41.12 -20.08 -12.84
C LYS G 98 40.51 -18.68 -12.86
N ASP G 99 39.27 -18.58 -13.32
CA ASP G 99 38.54 -17.32 -13.30
C ASP G 99 37.95 -17.13 -11.90
N ARG G 100 37.24 -16.02 -11.69
CA ARG G 100 36.76 -15.66 -10.36
C ARG G 100 35.25 -15.51 -10.26
N HIS G 101 34.52 -15.62 -11.38
CA HIS G 101 33.07 -15.41 -11.31
C HIS G 101 32.31 -16.49 -12.09
N TYR G 102 32.75 -17.74 -11.98
CA TYR G 102 32.08 -18.96 -12.44
C TYR G 102 31.68 -18.95 -13.91
N ASP G 103 32.12 -17.99 -14.71
CA ASP G 103 31.84 -18.01 -16.14
C ASP G 103 32.89 -17.18 -16.85
N SER G 104 33.01 -17.43 -18.16
CA SER G 104 34.15 -16.97 -18.94
C SER G 104 34.31 -15.46 -19.00
N SER G 105 33.37 -14.77 -19.64
CA SER G 105 33.50 -13.33 -19.86
C SER G 105 32.14 -12.71 -20.15
N GLY G 106 32.00 -11.42 -19.84
CA GLY G 106 30.76 -10.71 -20.05
C GLY G 106 30.32 -9.93 -18.83
N TYR G 107 30.66 -10.43 -17.64
CA TYR G 107 30.30 -9.75 -16.42
C TYR G 107 31.18 -8.52 -16.20
N PHE G 108 30.72 -7.64 -15.31
CA PHE G 108 31.51 -6.47 -14.94
C PHE G 108 32.80 -6.88 -14.24
N VAL G 109 32.73 -7.92 -13.40
CA VAL G 109 33.89 -8.39 -12.65
C VAL G 109 34.36 -9.70 -13.26
N ASN G 110 35.55 -9.68 -13.87
CA ASN G 110 36.16 -10.87 -14.43
C ASN G 110 37.67 -10.72 -14.34
N GLY G 111 38.37 -11.84 -14.22
CA GLY G 111 39.81 -11.82 -14.11
C GLY G 111 40.45 -13.18 -13.90
N PHE G 112 41.61 -13.39 -14.53
CA PHE G 112 42.35 -14.63 -14.33
C PHE G 112 43.21 -14.53 -13.09
N ASP G 113 42.82 -15.25 -12.03
CA ASP G 113 43.37 -15.03 -10.70
C ASP G 113 44.63 -15.85 -10.52
N ILE G 114 44.56 -17.19 -10.60
CA ILE G 114 45.70 -18.01 -10.21
C ILE G 114 46.31 -18.66 -11.45
N TRP G 115 47.59 -18.42 -11.65
CA TRP G 115 48.33 -18.94 -12.81
C TRP G 115 49.27 -20.04 -12.33
N GLY G 116 49.23 -21.18 -13.01
CA GLY G 116 50.13 -22.27 -12.69
C GLY G 116 51.50 -22.10 -13.30
N GLN G 117 52.40 -23.02 -12.93
CA GLN G 117 53.77 -22.95 -13.42
C GLN G 117 53.87 -23.30 -14.91
N GLY G 118 53.03 -24.22 -15.39
CA GLY G 118 52.94 -24.50 -16.80
C GLY G 118 53.84 -25.65 -17.23
N THR G 119 53.44 -26.32 -18.30
CA THR G 119 54.19 -27.42 -18.88
C THR G 119 54.65 -27.07 -20.29
N LEU G 120 55.75 -27.68 -20.70
CA LEU G 120 56.38 -27.41 -21.99
C LEU G 120 55.88 -28.43 -23.00
N VAL G 121 55.25 -27.94 -24.08
CA VAL G 121 54.82 -28.78 -25.18
C VAL G 121 55.54 -28.31 -26.44
N THR G 122 56.26 -29.23 -27.08
CA THR G 122 57.03 -28.93 -28.29
C THR G 122 56.63 -29.92 -29.38
N VAL G 123 56.37 -29.41 -30.58
CA VAL G 123 55.99 -30.23 -31.72
C VAL G 123 57.11 -30.11 -32.75
N SER G 124 57.67 -31.24 -33.16
CA SER G 124 58.77 -31.24 -34.10
C SER G 124 58.97 -32.64 -34.67
N ALA G 125 59.98 -32.76 -35.52
CA ALA G 125 60.39 -34.02 -36.14
C ALA G 125 61.46 -34.74 -35.33
N ALA G 126 61.39 -34.62 -34.01
CA ALA G 126 62.46 -34.92 -33.06
C ALA G 126 63.31 -36.14 -33.41
N SER G 127 64.62 -35.94 -33.44
CA SER G 127 65.61 -37.00 -33.61
C SER G 127 66.87 -36.62 -32.85
N THR G 128 67.17 -37.39 -31.80
CA THR G 128 68.23 -37.02 -30.88
C THR G 128 69.60 -37.22 -31.51
N LYS G 129 70.36 -36.12 -31.61
CA LYS G 129 71.69 -36.14 -32.20
C LYS G 129 72.55 -35.12 -31.46
N GLY G 130 73.76 -35.53 -31.09
CA GLY G 130 74.60 -34.74 -30.21
C GLY G 130 75.19 -33.50 -30.84
N PRO G 131 75.57 -32.53 -30.01
CA PRO G 131 76.11 -31.27 -30.53
C PRO G 131 77.53 -31.40 -31.02
N SER G 132 77.88 -30.51 -31.95
CA SER G 132 79.25 -30.36 -32.43
C SER G 132 79.81 -29.03 -31.96
N VAL G 133 80.96 -29.07 -31.30
CA VAL G 133 81.57 -27.90 -30.69
C VAL G 133 82.82 -27.52 -31.47
N PHE G 134 82.88 -26.26 -31.90
CA PHE G 134 84.03 -25.74 -32.61
C PHE G 134 84.49 -24.44 -31.95
N PRO G 135 85.80 -24.24 -31.82
CA PRO G 135 86.30 -23.08 -31.06
C PRO G 135 86.27 -21.80 -31.89
N LEU G 136 85.94 -20.69 -31.22
CA LEU G 136 86.11 -19.36 -31.79
C LEU G 136 87.48 -18.86 -31.35
N ALA G 137 88.50 -19.22 -32.13
CA ALA G 137 89.89 -18.96 -31.76
C ALA G 137 90.15 -17.46 -31.66
N PRO G 138 90.79 -17.02 -30.58
CA PRO G 138 91.11 -15.58 -30.46
C PRO G 138 92.17 -15.18 -31.49
N SER G 139 91.99 -13.99 -32.05
CA SER G 139 92.87 -13.48 -33.09
C SER G 139 93.07 -11.99 -32.87
N SER G 140 93.84 -11.37 -33.78
CA SER G 140 94.06 -9.93 -33.70
C SER G 140 92.78 -9.14 -33.87
N LYS G 141 91.76 -9.73 -34.50
CA LYS G 141 90.47 -9.08 -34.66
C LYS G 141 89.57 -9.23 -33.43
N SER G 142 89.97 -10.03 -32.44
CA SER G 142 89.18 -10.27 -31.24
C SER G 142 89.84 -9.68 -30.00
N THR G 143 90.91 -8.91 -30.16
CA THR G 143 91.61 -8.29 -29.05
C THR G 143 91.54 -6.78 -29.19
N SER G 144 91.09 -6.10 -28.14
CA SER G 144 90.98 -4.64 -28.12
C SER G 144 91.33 -4.15 -26.73
N GLY G 145 92.36 -3.33 -26.63
CA GLY G 145 92.75 -2.76 -25.36
C GLY G 145 93.25 -3.78 -24.35
N GLY G 146 93.99 -4.78 -24.81
CA GLY G 146 94.58 -5.77 -23.93
C GLY G 146 93.64 -6.88 -23.49
N THR G 147 92.41 -6.91 -23.97
CA THR G 147 91.44 -7.92 -23.61
C THR G 147 91.17 -8.81 -24.82
N ALA G 148 91.32 -10.12 -24.64
CA ALA G 148 91.15 -11.09 -25.70
C ALA G 148 89.82 -11.82 -25.55
N ALA G 149 89.10 -11.95 -26.66
CA ALA G 149 87.80 -12.59 -26.67
C ALA G 149 87.88 -13.94 -27.40
N LEU G 150 87.47 -14.99 -26.73
CA LEU G 150 87.45 -16.33 -27.30
C LEU G 150 86.22 -17.07 -26.79
N GLY G 151 85.80 -18.08 -27.55
CA GLY G 151 84.62 -18.83 -27.17
C GLY G 151 84.47 -20.09 -27.99
N CYS G 152 83.34 -20.76 -27.78
CA CYS G 152 83.01 -22.00 -28.48
C CYS G 152 81.61 -21.85 -29.09
N LEU G 153 81.48 -22.27 -30.35
CA LEU G 153 80.19 -22.23 -31.04
C LEU G 153 79.59 -23.64 -31.06
N VAL G 154 78.53 -23.83 -30.28
CA VAL G 154 77.83 -25.11 -30.19
C VAL G 154 76.66 -25.06 -31.17
N LYS G 155 76.67 -25.94 -32.16
CA LYS G 155 75.71 -25.91 -33.26
C LYS G 155 75.20 -27.31 -33.56
N ASP G 156 73.95 -27.41 -34.03
CA ASP G 156 73.36 -28.72 -34.45
C ASP G 156 73.05 -29.67 -33.29
N TYR G 157 72.07 -29.37 -32.43
CA TYR G 157 71.63 -30.37 -31.40
C TYR G 157 70.10 -30.41 -31.38
N PHE G 158 69.48 -31.57 -31.63
CA PHE G 158 68.00 -31.58 -31.75
C PHE G 158 67.28 -31.26 -30.43
N PRO G 159 67.58 -31.90 -29.28
CA PRO G 159 66.98 -31.51 -28.00
C PRO G 159 67.65 -30.23 -27.48
N GLU G 160 66.93 -29.43 -26.69
CA GLU G 160 67.46 -28.10 -26.26
C GLU G 160 68.64 -28.07 -25.29
N PRO G 161 68.78 -28.91 -24.24
CA PRO G 161 69.83 -28.67 -23.21
C PRO G 161 71.32 -28.84 -23.48
N VAL G 162 72.07 -27.72 -23.53
CA VAL G 162 73.55 -27.77 -23.73
C VAL G 162 74.23 -26.89 -22.67
N THR G 163 74.36 -27.38 -21.42
CA THR G 163 75.01 -26.67 -20.35
C THR G 163 76.46 -26.35 -20.74
N VAL G 164 76.80 -25.06 -20.70
CA VAL G 164 78.11 -24.58 -21.12
C VAL G 164 78.82 -23.98 -19.91
N SER G 165 80.00 -24.51 -19.61
CA SER G 165 80.84 -24.00 -18.53
C SER G 165 82.28 -23.92 -19.02
N TRP G 166 83.05 -23.01 -18.40
CA TRP G 166 84.43 -22.78 -18.78
C TRP G 166 85.37 -23.28 -17.68
N ASN G 167 86.35 -24.07 -18.08
CA ASN G 167 87.37 -24.60 -17.16
C ASN G 167 86.71 -25.36 -16.00
N SER G 168 85.68 -26.14 -16.33
CA SER G 168 84.92 -26.91 -15.33
C SER G 168 84.37 -26.01 -14.23
N GLY G 169 83.89 -24.83 -14.59
CA GLY G 169 83.32 -23.90 -13.65
C GLY G 169 84.31 -22.97 -12.96
N ALA G 170 85.60 -23.13 -13.22
CA ALA G 170 86.59 -22.26 -12.60
C ALA G 170 86.60 -20.87 -13.24
N LEU G 171 86.22 -20.78 -14.52
CA LEU G 171 86.19 -19.51 -15.25
C LEU G 171 84.74 -19.06 -15.37
N THR G 172 84.38 -18.02 -14.61
CA THR G 172 83.03 -17.48 -14.62
C THR G 172 82.96 -16.00 -14.96
N SER G 173 84.02 -15.23 -14.72
CA SER G 173 84.00 -13.80 -14.98
C SER G 173 84.13 -13.54 -16.48
N GLY G 174 83.28 -12.67 -17.01
CA GLY G 174 83.30 -12.33 -18.41
C GLY G 174 82.69 -13.35 -19.34
N VAL G 175 81.98 -14.34 -18.81
CA VAL G 175 81.39 -15.39 -19.61
C VAL G 175 79.98 -14.98 -20.02
N HIS G 176 79.71 -15.00 -21.34
CA HIS G 176 78.40 -14.69 -21.88
C HIS G 176 77.95 -15.83 -22.77
N THR G 177 76.88 -16.51 -22.39
CA THR G 177 76.33 -17.62 -23.16
C THR G 177 75.04 -17.14 -23.82
N PHE G 178 75.04 -17.07 -25.15
CA PHE G 178 73.87 -16.59 -25.88
C PHE G 178 72.78 -17.66 -25.90
N PRO G 179 71.52 -17.24 -25.88
CA PRO G 179 70.42 -18.21 -25.97
C PRO G 179 70.43 -18.92 -27.31
N ALA G 180 69.93 -20.15 -27.31
CA ALA G 180 69.88 -20.96 -28.52
C ALA G 180 68.95 -20.32 -29.55
N VAL G 181 69.31 -20.45 -30.82
CA VAL G 181 68.52 -19.92 -31.93
C VAL G 181 68.11 -21.07 -32.83
N LEU G 182 66.98 -20.92 -33.51
CA LEU G 182 66.47 -21.96 -34.39
C LEU G 182 67.05 -21.78 -35.78
N GLN G 183 67.82 -22.77 -36.22
CA GLN G 183 68.37 -22.76 -37.57
C GLN G 183 67.33 -23.23 -38.58
N SER G 184 67.59 -22.95 -39.85
CA SER G 184 66.66 -23.33 -40.91
C SER G 184 66.52 -24.84 -41.05
N SER G 185 67.52 -25.60 -40.59
CA SER G 185 67.45 -27.06 -40.68
C SER G 185 66.72 -27.69 -39.50
N GLY G 186 66.23 -26.89 -38.56
CA GLY G 186 65.55 -27.41 -37.39
C GLY G 186 66.46 -27.77 -36.24
N LEU G 187 67.74 -27.41 -36.30
CA LEU G 187 68.70 -27.72 -35.25
C LEU G 187 69.02 -26.47 -34.44
N TYR G 188 69.24 -26.67 -33.15
CA TYR G 188 69.58 -25.57 -32.24
C TYR G 188 71.06 -25.23 -32.34
N SER G 189 71.38 -23.98 -32.01
CA SER G 189 72.75 -23.50 -32.01
C SER G 189 72.87 -22.29 -31.11
N LEU G 190 73.98 -22.20 -30.39
CA LEU G 190 74.26 -21.04 -29.55
C LEU G 190 75.77 -20.89 -29.41
N SER G 191 76.18 -19.71 -28.96
CA SER G 191 77.58 -19.38 -28.77
C SER G 191 77.81 -18.89 -27.34
N SER G 192 78.92 -19.32 -26.75
CA SER G 192 79.35 -18.86 -25.43
C SER G 192 80.77 -18.36 -25.54
N VAL G 193 81.00 -17.12 -25.09
CA VAL G 193 82.29 -16.47 -25.22
C VAL G 193 82.75 -15.97 -23.86
N VAL G 194 84.06 -15.78 -23.72
CA VAL G 194 84.66 -15.26 -22.50
C VAL G 194 85.73 -14.25 -22.88
N THR G 195 85.79 -13.15 -22.15
CA THR G 195 86.79 -12.12 -22.36
C THR G 195 87.89 -12.25 -21.31
N VAL G 196 89.13 -12.40 -21.77
CA VAL G 196 90.27 -12.60 -20.88
C VAL G 196 91.38 -11.61 -21.25
N PRO G 197 92.25 -11.24 -20.31
CA PRO G 197 93.37 -10.36 -20.66
C PRO G 197 94.29 -10.99 -21.70
N SER G 198 94.83 -10.13 -22.57
CA SER G 198 95.70 -10.62 -23.63
C SER G 198 97.03 -11.15 -23.08
N SER G 199 97.45 -10.65 -21.92
CA SER G 199 98.69 -11.12 -21.32
C SER G 199 98.60 -12.57 -20.85
N SER G 200 97.38 -13.07 -20.61
CA SER G 200 97.17 -14.45 -20.21
C SER G 200 97.03 -15.40 -21.39
N LEU G 201 97.10 -14.88 -22.62
CA LEU G 201 96.97 -15.71 -23.82
C LEU G 201 98.26 -16.49 -24.04
N GLY G 202 98.17 -17.82 -24.02
CA GLY G 202 99.30 -18.70 -24.22
C GLY G 202 99.82 -19.32 -22.94
N THR G 203 99.61 -18.65 -21.81
CA THR G 203 100.05 -19.16 -20.51
C THR G 203 98.94 -19.91 -19.76
N GLN G 204 97.68 -19.56 -20.01
CA GLN G 204 96.55 -20.21 -19.38
C GLN G 204 95.74 -20.96 -20.43
N THR G 205 95.33 -22.18 -20.09
CA THR G 205 94.54 -23.02 -20.99
C THR G 205 93.06 -22.76 -20.77
N TYR G 206 92.35 -22.48 -21.86
CA TYR G 206 90.91 -22.23 -21.82
C TYR G 206 90.19 -23.38 -22.52
N ILE G 207 89.31 -24.06 -21.78
CA ILE G 207 88.57 -25.20 -22.28
C ILE G 207 87.10 -24.97 -21.99
N CYS G 208 86.25 -25.13 -23.00
CA CYS G 208 84.81 -24.99 -22.84
C CYS G 208 84.17 -26.37 -22.65
N ASN G 209 83.31 -26.47 -21.64
CA ASN G 209 82.65 -27.73 -21.30
C ASN G 209 81.20 -27.67 -21.78
N VAL G 210 80.84 -28.56 -22.70
CA VAL G 210 79.50 -28.63 -23.26
C VAL G 210 78.92 -30.02 -22.94
N ASN G 211 77.74 -30.03 -22.34
CA ASN G 211 77.06 -31.27 -21.96
C ASN G 211 75.64 -31.23 -22.47
N HIS G 212 75.24 -32.28 -23.17
CA HIS G 212 73.88 -32.43 -23.71
C HIS G 212 73.31 -33.74 -23.16
N LYS G 213 72.50 -33.63 -22.12
CA LYS G 213 71.92 -34.78 -21.43
C LYS G 213 71.04 -35.65 -22.33
N PRO G 214 70.14 -35.09 -23.14
CA PRO G 214 69.29 -35.97 -23.97
C PRO G 214 70.07 -36.87 -24.91
N SER G 215 71.19 -36.42 -25.45
CA SER G 215 72.01 -37.24 -26.34
C SER G 215 73.19 -37.87 -25.62
N ASN G 216 73.34 -37.62 -24.32
CA ASN G 216 74.46 -38.17 -23.53
C ASN G 216 75.80 -37.81 -24.17
N THR G 217 75.91 -36.59 -24.67
CA THR G 217 77.11 -36.10 -25.34
C THR G 217 77.80 -35.06 -24.48
N LYS G 218 79.06 -35.30 -24.17
CA LYS G 218 79.88 -34.38 -23.39
C LYS G 218 81.15 -34.07 -24.18
N VAL G 219 81.31 -32.80 -24.56
CA VAL G 219 82.43 -32.37 -25.39
C VAL G 219 83.18 -31.27 -24.66
N ASP G 220 84.47 -31.47 -24.45
CA ASP G 220 85.36 -30.45 -23.90
C ASP G 220 86.34 -30.04 -25.00
N LYS G 221 86.25 -28.79 -25.44
CA LYS G 221 87.00 -28.29 -26.57
C LYS G 221 88.01 -27.25 -26.09
N ARG G 222 89.27 -27.46 -26.40
CA ARG G 222 90.32 -26.51 -26.05
C ARG G 222 90.40 -25.41 -27.10
N VAL G 223 90.42 -24.16 -26.63
CA VAL G 223 90.49 -23.00 -27.51
C VAL G 223 91.92 -22.47 -27.47
N GLU G 224 92.57 -22.43 -28.63
CA GLU G 224 93.92 -21.92 -28.75
C GLU G 224 93.98 -20.83 -29.82
N PRO G 225 94.90 -19.87 -29.68
CA PRO G 225 95.05 -18.84 -30.72
C PRO G 225 95.45 -19.46 -32.04
N LYS G 226 94.92 -18.90 -33.13
CA LYS G 226 95.26 -19.40 -34.46
C LYS G 226 96.73 -19.13 -34.76
N SER G 227 97.43 -20.12 -35.33
CA SER G 227 98.84 -19.98 -35.63
C SER G 227 99.06 -19.58 -37.07
N CYS G 228 99.35 -18.30 -37.30
CA CYS G 228 99.56 -17.79 -38.66
C CYS G 228 100.91 -18.25 -39.21
N ASP H 1 38.20 -10.01 -34.69
CA ASP H 1 37.89 -9.53 -33.35
C ASP H 1 38.41 -8.13 -33.11
N ILE H 2 38.28 -7.66 -31.87
CA ILE H 2 38.83 -6.36 -31.51
C ILE H 2 40.34 -6.50 -31.34
N GLN H 3 41.08 -5.67 -32.06
CA GLN H 3 42.54 -5.71 -32.02
C GLN H 3 43.05 -4.69 -31.03
N LEU H 4 43.90 -5.14 -30.11
CA LEU H 4 44.34 -4.33 -29.00
C LEU H 4 45.84 -4.13 -29.14
N THR H 5 46.33 -2.94 -28.79
CA THR H 5 47.71 -2.56 -29.02
C THR H 5 48.24 -1.74 -27.85
N GLN H 6 49.48 -2.04 -27.44
CA GLN H 6 50.20 -1.20 -26.48
C GLN H 6 51.11 -0.25 -27.25
N SER H 7 50.95 1.05 -27.03
CA SER H 7 51.81 2.02 -27.70
C SER H 7 53.28 1.90 -27.32
N PRO H 8 53.67 1.87 -26.03
CA PRO H 8 55.09 1.72 -25.71
C PRO H 8 55.52 0.26 -25.64
N SER H 9 56.40 -0.16 -26.56
CA SER H 9 56.92 -1.51 -26.50
C SER H 9 57.95 -1.65 -25.39
N PHE H 10 58.83 -0.67 -25.25
CA PHE H 10 59.83 -0.63 -24.19
C PHE H 10 59.88 0.76 -23.59
N LEU H 11 60.08 0.84 -22.28
CA LEU H 11 60.12 2.11 -21.57
C LEU H 11 61.14 2.01 -20.45
N SER H 12 62.28 2.68 -20.65
CA SER H 12 63.33 2.73 -19.61
C SER H 12 62.87 3.69 -18.52
N ALA H 13 63.10 3.34 -17.25
CA ALA H 13 62.64 4.15 -16.13
C ALA H 13 63.59 3.97 -14.96
N SER H 14 63.50 4.90 -14.01
CA SER H 14 64.33 4.88 -12.81
C SER H 14 63.44 4.89 -11.58
N VAL H 15 64.06 4.65 -10.43
CA VAL H 15 63.31 4.59 -9.18
C VAL H 15 62.77 5.97 -8.82
N GLY H 16 61.48 6.00 -8.45
CA GLY H 16 60.84 7.24 -8.05
C GLY H 16 60.13 8.00 -9.15
N ASP H 17 60.26 7.55 -10.40
CA ASP H 17 59.60 8.24 -11.50
C ASP H 17 58.16 7.76 -11.65
N ARG H 18 57.53 8.21 -12.74
CA ARG H 18 56.17 7.82 -13.08
C ARG H 18 56.15 7.10 -14.42
N VAL H 19 55.45 5.97 -14.45
CA VAL H 19 55.39 5.11 -15.63
C VAL H 19 53.94 4.99 -16.07
N THR H 20 53.68 5.25 -17.35
CA THR H 20 52.36 5.20 -17.93
C THR H 20 52.35 4.27 -19.14
N VAL H 21 51.34 3.43 -19.23
CA VAL H 21 51.18 2.49 -20.33
C VAL H 21 49.96 2.88 -21.14
N THR H 22 50.10 2.80 -22.46
CA THR H 22 49.03 3.20 -23.39
C THR H 22 48.53 1.94 -24.09
N CYS H 23 47.40 1.40 -23.61
CA CYS H 23 46.78 0.21 -24.17
C CYS H 23 45.53 0.58 -24.95
N ARG H 24 45.65 0.68 -26.28
CA ARG H 24 44.58 1.20 -27.12
C ARG H 24 44.01 0.11 -28.02
N ALA H 25 42.68 0.08 -28.12
CA ALA H 25 41.93 -0.88 -28.89
C ALA H 25 41.22 -0.20 -30.06
N SER H 26 40.39 -0.98 -30.77
CA SER H 26 39.67 -0.50 -31.93
C SER H 26 38.23 -0.12 -31.63
N GLN H 27 37.43 -1.06 -31.14
CA GLN H 27 36.01 -0.84 -30.90
C GLN H 27 35.84 -0.28 -29.49
N GLY H 28 34.62 -0.06 -28.99
CA GLY H 28 34.42 0.40 -27.63
C GLY H 28 34.10 -0.77 -26.70
N ILE H 29 35.02 -1.05 -25.78
CA ILE H 29 34.91 -2.22 -24.92
C ILE H 29 34.44 -1.81 -23.53
N SER H 30 33.77 -0.66 -23.43
CA SER H 30 33.20 -0.15 -22.18
C SER H 30 34.35 -0.02 -21.18
N SER H 31 34.31 -0.75 -20.05
CA SER H 31 35.41 -0.76 -19.09
C SER H 31 35.89 -2.18 -18.79
N TYR H 32 35.80 -3.07 -19.77
CA TYR H 32 36.10 -4.50 -19.57
C TYR H 32 37.59 -4.76 -19.86
N VAL H 33 38.44 -4.15 -19.05
CA VAL H 33 39.89 -4.30 -19.20
C VAL H 33 40.53 -4.63 -17.87
N ALA H 34 41.72 -5.21 -17.96
CA ALA H 34 42.51 -5.59 -16.79
C ALA H 34 43.98 -5.62 -17.19
N TRP H 35 44.85 -5.61 -16.19
CA TRP H 35 46.29 -5.57 -16.42
C TRP H 35 46.97 -6.72 -15.69
N TYR H 36 47.99 -7.29 -16.33
CA TYR H 36 48.76 -8.40 -15.77
C TYR H 36 50.24 -8.05 -15.75
N GLN H 37 50.92 -8.50 -14.70
CA GLN H 37 52.36 -8.33 -14.57
C GLN H 37 53.03 -9.69 -14.56
N GLN H 38 53.98 -9.90 -15.49
CA GLN H 38 54.69 -11.16 -15.61
C GLN H 38 56.08 -11.00 -15.02
N LYS H 39 56.33 -11.68 -13.90
CA LYS H 39 57.65 -11.68 -13.31
C LYS H 39 58.64 -12.42 -14.20
N ALA H 40 59.91 -12.05 -14.10
CA ALA H 40 60.95 -12.68 -14.91
C ALA H 40 61.00 -14.19 -14.65
N GLY H 41 60.68 -14.96 -15.69
CA GLY H 41 60.65 -16.40 -15.58
C GLY H 41 59.62 -16.91 -14.59
N LYS H 42 58.44 -16.30 -14.58
CA LYS H 42 57.38 -16.67 -13.65
C LYS H 42 56.04 -16.39 -14.30
N ALA H 43 54.99 -16.97 -13.73
CA ALA H 43 53.66 -16.80 -14.28
C ALA H 43 53.14 -15.39 -14.00
N PRO H 44 52.40 -14.79 -14.93
CA PRO H 44 51.87 -13.44 -14.69
C PRO H 44 50.85 -13.42 -13.56
N THR H 45 50.74 -12.25 -12.92
CA THR H 45 49.81 -12.03 -11.83
C THR H 45 48.97 -10.79 -12.10
N LEU H 46 47.79 -10.74 -11.47
CA LEU H 46 46.89 -9.61 -11.61
C LEU H 46 47.45 -8.38 -10.90
N LEU H 47 47.10 -7.21 -11.43
CA LEU H 47 47.37 -5.96 -10.73
C LEU H 47 46.07 -5.19 -10.50
N ILE H 48 45.25 -5.08 -11.54
CA ILE H 48 44.02 -4.29 -11.52
C ILE H 48 42.98 -5.01 -12.36
N TYR H 49 41.72 -4.96 -11.89
CA TYR H 49 40.60 -5.45 -12.66
C TYR H 49 39.58 -4.33 -12.81
N THR H 50 38.72 -4.47 -13.82
CA THR H 50 37.70 -3.48 -14.22
C THR H 50 38.25 -2.05 -14.24
N ALA H 51 39.56 -1.92 -14.47
CA ALA H 51 40.23 -0.66 -14.80
C ALA H 51 40.29 0.33 -13.64
N SER H 52 39.64 0.01 -12.53
CA SER H 52 39.59 0.94 -11.40
C SER H 52 39.83 0.29 -10.05
N THR H 53 39.53 -1.00 -9.89
CA THR H 53 39.51 -1.61 -8.57
C THR H 53 40.76 -2.46 -8.36
N LEU H 54 41.48 -2.18 -7.27
CA LEU H 54 42.58 -3.04 -6.84
C LEU H 54 42.03 -4.36 -6.32
N GLN H 55 42.73 -5.44 -6.64
CA GLN H 55 42.21 -6.78 -6.32
C GLN H 55 42.45 -7.17 -4.88
N SER H 56 43.71 -7.36 -4.50
CA SER H 56 44.09 -7.73 -3.15
C SER H 56 45.60 -7.76 -3.02
N GLY H 57 46.09 -7.29 -1.87
CA GLY H 57 47.52 -7.37 -1.58
C GLY H 57 48.41 -6.73 -2.62
N VAL H 58 47.94 -5.70 -3.30
CA VAL H 58 48.66 -5.04 -4.37
C VAL H 58 49.14 -3.70 -3.84
N PRO H 59 50.38 -3.30 -4.11
CA PRO H 59 50.88 -2.02 -3.59
C PRO H 59 50.04 -0.85 -4.06
N SER H 60 49.90 0.15 -3.18
CA SER H 60 49.07 1.31 -3.50
C SER H 60 49.67 2.16 -4.61
N ARG H 61 50.94 1.93 -4.95
CA ARG H 61 51.55 2.68 -6.04
C ARG H 61 50.88 2.38 -7.37
N PHE H 62 50.36 1.17 -7.55
CA PHE H 62 49.64 0.84 -8.77
C PHE H 62 48.27 1.50 -8.77
N SER H 63 47.92 2.13 -9.89
CA SER H 63 46.64 2.80 -10.03
C SER H 63 46.29 2.86 -11.52
N GLY H 64 45.03 3.16 -11.80
CA GLY H 64 44.60 3.21 -13.18
C GLY H 64 43.24 3.84 -13.31
N SER H 65 42.94 4.26 -14.53
CA SER H 65 41.66 4.89 -14.88
C SER H 65 41.49 4.78 -16.39
N GLY H 66 40.29 5.08 -16.87
CA GLY H 66 40.03 5.06 -18.29
C GLY H 66 38.56 4.99 -18.65
N SER H 67 38.19 5.52 -19.81
CA SER H 67 36.80 5.50 -20.27
C SER H 67 36.77 5.12 -21.74
N GLY H 68 35.77 4.31 -22.12
CA GLY H 68 35.59 3.93 -23.50
C GLY H 68 36.71 3.09 -24.07
N THR H 69 37.36 3.61 -25.11
CA THR H 69 38.44 2.92 -25.79
C THR H 69 39.80 3.23 -25.16
N GLU H 70 39.83 4.19 -24.23
CA GLU H 70 41.08 4.64 -23.63
C GLU H 70 41.13 4.24 -22.16
N PHE H 71 42.30 3.75 -21.75
CA PHE H 71 42.58 3.35 -20.39
C PHE H 71 44.05 3.62 -20.11
N THR H 72 44.38 3.87 -18.85
CA THR H 72 45.76 4.19 -18.50
C THR H 72 46.15 3.40 -17.24
N LEU H 73 47.23 2.64 -17.35
CA LEU H 73 47.87 2.07 -16.17
C LEU H 73 48.99 2.99 -15.72
N THR H 74 48.96 3.38 -14.45
CA THR H 74 49.89 4.37 -13.92
C THR H 74 50.58 3.82 -12.68
N ILE H 75 51.89 4.07 -12.58
CA ILE H 75 52.70 3.71 -11.43
C ILE H 75 53.23 5.01 -10.85
N SER H 76 52.80 5.35 -9.63
CA SER H 76 53.21 6.61 -9.02
C SER H 76 54.69 6.61 -8.68
N SER H 77 55.17 5.57 -8.01
CA SER H 77 56.57 5.44 -7.64
C SER H 77 57.04 4.03 -7.94
N LEU H 78 58.34 3.91 -8.25
CA LEU H 78 58.92 2.65 -8.67
C LEU H 78 59.69 2.00 -7.53
N GLN H 79 59.65 0.68 -7.50
CA GLN H 79 60.36 -0.15 -6.54
C GLN H 79 61.15 -1.22 -7.28
N PRO H 80 62.17 -1.80 -6.64
CA PRO H 80 63.01 -2.79 -7.36
C PRO H 80 62.24 -3.99 -7.89
N GLU H 81 61.10 -4.33 -7.29
CA GLU H 81 60.32 -5.47 -7.79
C GLU H 81 59.42 -5.08 -8.96
N ASP H 82 59.34 -3.80 -9.30
CA ASP H 82 58.41 -3.36 -10.34
C ASP H 82 58.88 -3.79 -11.73
N PHE H 83 60.19 -3.97 -11.91
CA PHE H 83 60.73 -4.28 -13.22
C PHE H 83 60.20 -5.61 -13.73
N ALA H 84 59.34 -5.56 -14.75
CA ALA H 84 58.71 -6.74 -15.32
C ALA H 84 57.96 -6.39 -16.60
N THR H 85 57.32 -7.37 -17.21
CA THR H 85 56.53 -7.16 -18.42
C THR H 85 55.06 -7.08 -18.08
N TYR H 86 54.37 -6.11 -18.69
CA TYR H 86 52.97 -5.83 -18.41
C TYR H 86 52.12 -6.18 -19.62
N TYR H 87 50.97 -6.81 -19.39
CA TYR H 87 50.02 -7.14 -20.44
C TYR H 87 48.63 -6.62 -20.07
N CYS H 88 47.95 -6.02 -21.04
CA CYS H 88 46.59 -5.57 -20.84
C CYS H 88 45.62 -6.50 -21.56
N GLN H 89 44.44 -6.65 -20.97
CA GLN H 89 43.49 -7.69 -21.34
C GLN H 89 42.10 -7.10 -21.50
N GLN H 90 41.47 -7.33 -22.65
CA GLN H 90 40.09 -6.93 -22.84
C GLN H 90 39.14 -8.06 -22.43
N LEU H 91 37.86 -7.73 -22.23
CA LEU H 91 36.90 -8.78 -21.75
C LEU H 91 35.48 -8.48 -22.22
N HIS H 92 35.32 -7.75 -23.32
CA HIS H 92 33.96 -7.44 -23.87
C HIS H 92 33.25 -8.71 -24.32
N SER H 93 33.96 -9.65 -24.94
CA SER H 93 33.29 -10.85 -25.51
C SER H 93 34.21 -12.07 -25.53
N TYR H 94 33.77 -13.16 -26.17
CA TYR H 94 34.52 -14.45 -26.12
C TYR H 94 35.81 -14.63 -26.93
N PRO H 95 36.12 -13.95 -28.06
CA PRO H 95 37.41 -14.18 -28.71
C PRO H 95 38.44 -13.40 -27.90
N VAL H 96 38.78 -13.89 -26.72
CA VAL H 96 39.70 -13.12 -25.82
C VAL H 96 41.11 -13.14 -26.40
N THR H 97 41.76 -11.97 -26.43
CA THR H 97 43.09 -11.86 -27.09
C THR H 97 44.01 -10.97 -26.26
N PHE H 98 45.20 -11.47 -25.97
CA PHE H 98 46.19 -10.73 -25.19
C PHE H 98 46.93 -9.73 -26.06
N GLY H 99 47.28 -8.59 -25.47
CA GLY H 99 48.09 -7.59 -26.15
C GLY H 99 49.53 -8.03 -26.31
N GLN H 100 50.31 -7.30 -27.12
CA GLN H 100 51.69 -7.69 -27.33
C GLN H 100 52.58 -7.41 -26.13
N GLY H 101 52.13 -6.58 -25.19
CA GLY H 101 52.85 -6.42 -23.94
C GLY H 101 53.78 -5.22 -23.96
N THR H 102 54.12 -4.76 -22.75
CA THR H 102 55.04 -3.65 -22.55
C THR H 102 56.13 -4.09 -21.58
N ARG H 103 57.39 -3.90 -21.97
CA ARG H 103 58.53 -4.29 -21.14
C ARG H 103 59.18 -3.05 -20.55
N LEU H 104 59.25 -2.99 -19.23
CA LEU H 104 59.85 -1.86 -18.55
C LEU H 104 61.34 -2.13 -18.31
N ASP H 105 62.14 -1.06 -18.41
CA ASP H 105 63.59 -1.21 -18.41
C ASP H 105 64.21 -0.23 -17.43
N ILE H 106 65.45 -0.51 -17.02
CA ILE H 106 66.14 0.35 -16.00
C ILE H 106 66.75 1.58 -16.70
N GLU H 107 67.25 2.54 -15.92
CA GLU H 107 67.86 3.77 -16.51
C GLU H 107 69.34 3.85 -16.10
N ARG H 108 70.25 4.02 -17.07
CA ARG H 108 71.71 4.10 -16.77
C ARG H 108 72.40 4.87 -17.90
N THR H 109 73.66 5.26 -17.70
CA THR H 109 74.42 6.00 -18.75
C THR H 109 74.62 5.11 -19.98
N VAL H 110 74.52 5.70 -21.18
CA VAL H 110 74.70 4.93 -22.45
C VAL H 110 76.17 4.51 -22.60
N ALA H 111 76.42 3.37 -23.25
CA ALA H 111 77.81 2.90 -23.46
C ALA H 111 78.04 2.56 -24.93
N ALA H 112 79.31 2.52 -25.38
CA ALA H 112 79.62 2.17 -26.75
C ALA H 112 79.86 0.66 -26.87
N PRO H 113 79.46 0.04 -27.97
CA PRO H 113 79.69 -1.40 -28.14
C PRO H 113 81.09 -1.70 -28.63
N SER H 114 81.61 -2.86 -28.22
CA SER H 114 82.87 -3.36 -28.75
C SER H 114 82.59 -4.37 -29.86
N VAL H 115 83.09 -4.11 -31.05
CA VAL H 115 82.79 -4.89 -32.24
C VAL H 115 83.96 -5.81 -32.54
N PHE H 116 83.68 -7.11 -32.64
CA PHE H 116 84.66 -8.12 -33.02
C PHE H 116 84.05 -9.02 -34.06
N ILE H 117 84.86 -9.45 -35.04
CA ILE H 117 84.41 -10.31 -36.12
C ILE H 117 85.26 -11.57 -36.11
N PHE H 118 84.61 -12.73 -36.23
CA PHE H 118 85.27 -14.02 -36.18
C PHE H 118 85.14 -14.71 -37.53
N PRO H 119 86.24 -14.98 -38.23
CA PRO H 119 86.16 -15.73 -39.49
C PRO H 119 85.76 -17.18 -39.22
N PRO H 120 85.16 -17.85 -40.20
CA PRO H 120 84.79 -19.26 -40.00
C PRO H 120 86.02 -20.11 -39.72
N SER H 121 85.86 -21.09 -38.84
CA SER H 121 86.95 -21.96 -38.47
C SER H 121 87.27 -22.95 -39.59
N ASP H 122 88.50 -23.44 -39.60
CA ASP H 122 88.90 -24.42 -40.60
C ASP H 122 88.12 -25.72 -40.44
N GLU H 123 87.84 -26.12 -39.20
CA GLU H 123 87.04 -27.31 -38.98
C GLU H 123 85.63 -27.14 -39.53
N GLN H 124 85.04 -25.97 -39.36
CA GLN H 124 83.75 -25.68 -39.98
C GLN H 124 83.85 -25.71 -41.50
N LEU H 125 84.91 -25.12 -42.06
CA LEU H 125 85.08 -25.11 -43.50
C LEU H 125 85.22 -26.51 -44.06
N LYS H 126 85.78 -27.43 -43.28
CA LYS H 126 85.89 -28.82 -43.71
C LYS H 126 84.52 -29.49 -43.83
N SER H 127 83.50 -28.95 -43.17
CA SER H 127 82.15 -29.51 -43.22
C SER H 127 81.31 -28.96 -44.37
N GLY H 128 81.86 -28.05 -45.18
CA GLY H 128 81.13 -27.48 -46.29
C GLY H 128 80.32 -26.25 -45.96
N THR H 129 80.29 -25.82 -44.71
CA THR H 129 79.55 -24.63 -44.30
C THR H 129 80.50 -23.63 -43.65
N ALA H 130 80.15 -22.35 -43.77
CA ALA H 130 80.95 -21.27 -43.21
C ALA H 130 80.05 -20.32 -42.44
N SER H 131 80.46 -19.95 -41.23
CA SER H 131 79.72 -19.04 -40.38
C SER H 131 80.63 -17.91 -39.94
N VAL H 132 80.20 -16.68 -40.19
CA VAL H 132 80.92 -15.49 -39.77
C VAL H 132 80.12 -14.81 -38.66
N VAL H 133 80.77 -14.57 -37.52
CA VAL H 133 80.11 -14.04 -36.33
C VAL H 133 80.67 -12.66 -36.03
N CYS H 134 79.78 -11.69 -35.90
CA CYS H 134 80.13 -10.33 -35.47
C CYS H 134 79.59 -10.14 -34.06
N LEU H 135 80.48 -9.75 -33.15
CA LEU H 135 80.17 -9.72 -31.72
C LEU H 135 79.99 -8.28 -31.26
N LEU H 136 78.89 -8.00 -30.57
CA LEU H 136 78.63 -6.72 -29.94
C LEU H 136 78.65 -6.94 -28.42
N ASN H 137 79.46 -6.17 -27.71
CA ASN H 137 79.68 -6.37 -26.29
C ASN H 137 79.54 -5.05 -25.53
N ASN H 138 78.82 -5.09 -24.40
CA ASN H 138 78.72 -3.90 -23.51
C ASN H 138 78.05 -2.70 -24.20
N PHE H 139 76.89 -2.89 -24.83
CA PHE H 139 76.16 -1.71 -25.37
C PHE H 139 74.91 -1.51 -24.51
N TYR H 140 74.88 -0.42 -23.72
CA TYR H 140 73.73 -0.25 -22.80
C TYR H 140 72.40 -0.05 -23.53
N PRO H 141 72.28 0.81 -24.58
CA PRO H 141 71.08 0.83 -25.42
C PRO H 141 70.84 -0.51 -26.10
N ARG H 142 69.86 -1.28 -25.62
CA ARG H 142 69.54 -2.61 -26.19
C ARG H 142 69.36 -2.49 -27.71
N GLU H 143 69.05 -1.28 -28.21
CA GLU H 143 68.80 -1.11 -29.62
C GLU H 143 70.12 -0.96 -30.36
N ALA H 144 70.40 -1.90 -31.27
CA ALA H 144 71.60 -1.86 -32.08
C ALA H 144 71.31 -2.46 -33.45
N LYS H 145 71.96 -1.92 -34.47
CA LYS H 145 71.76 -2.35 -35.86
C LYS H 145 73.07 -2.89 -36.41
N VAL H 146 73.02 -4.06 -37.03
CA VAL H 146 74.19 -4.70 -37.63
C VAL H 146 73.89 -4.99 -39.10
N GLN H 147 74.82 -4.65 -39.97
CA GLN H 147 74.68 -4.86 -41.41
C GLN H 147 75.90 -5.62 -41.94
N TRP H 148 75.65 -6.63 -42.75
CA TRP H 148 76.70 -7.46 -43.30
C TRP H 148 77.03 -7.05 -44.72
N LYS H 149 78.30 -6.72 -44.97
CA LYS H 149 78.78 -6.33 -46.29
C LYS H 149 79.79 -7.37 -46.77
N VAL H 150 79.56 -7.92 -47.95
CA VAL H 150 80.44 -8.90 -48.56
C VAL H 150 80.98 -8.29 -49.85
N ASP H 151 82.31 -8.13 -49.92
CA ASP H 151 82.98 -7.50 -51.06
C ASP H 151 82.36 -6.13 -51.35
N ASN H 152 82.11 -5.36 -50.30
CA ASN H 152 81.48 -4.05 -50.34
C ASN H 152 80.04 -4.10 -50.86
N ALA H 153 79.42 -5.28 -50.87
CA ALA H 153 78.03 -5.42 -51.24
C ALA H 153 77.23 -5.85 -50.01
N LEU H 154 76.16 -5.10 -49.71
CA LEU H 154 75.40 -5.37 -48.50
C LEU H 154 74.56 -6.63 -48.66
N GLN H 155 74.60 -7.50 -47.66
CA GLN H 155 73.91 -8.78 -47.69
C GLN H 155 72.65 -8.70 -46.82
N SER H 156 71.57 -9.33 -47.28
CA SER H 156 70.31 -9.37 -46.56
C SER H 156 69.73 -10.77 -46.61
N GLY H 157 69.10 -11.19 -45.53
CA GLY H 157 68.38 -12.44 -45.48
C GLY H 157 69.18 -13.66 -45.07
N ASN H 158 70.48 -13.51 -44.82
CA ASN H 158 71.33 -14.64 -44.47
C ASN H 158 71.99 -14.46 -43.11
N SER H 159 71.48 -13.57 -42.28
CA SER H 159 72.06 -13.26 -40.98
C SER H 159 71.03 -13.45 -39.87
N GLN H 160 71.48 -14.02 -38.76
CA GLN H 160 70.66 -14.22 -37.58
C GLN H 160 71.27 -13.48 -36.40
N GLU H 161 70.42 -12.87 -35.58
CA GLU H 161 70.86 -12.07 -34.45
C GLU H 161 70.36 -12.68 -33.14
N SER H 162 71.26 -12.73 -32.15
CA SER H 162 70.92 -13.24 -30.83
C SER H 162 71.49 -12.29 -29.79
N VAL H 163 70.65 -11.90 -28.83
CA VAL H 163 71.03 -10.95 -27.79
C VAL H 163 70.81 -11.60 -26.43
N THR H 164 71.78 -11.42 -25.53
CA THR H 164 71.67 -11.93 -24.18
C THR H 164 70.84 -10.98 -23.33
N GLU H 165 70.45 -11.48 -22.15
CA GLU H 165 69.73 -10.65 -21.19
C GLU H 165 70.68 -9.64 -20.56
N GLN H 166 70.10 -8.66 -19.87
CA GLN H 166 70.90 -7.63 -19.21
C GLN H 166 71.78 -8.26 -18.14
N ASP H 167 73.04 -7.83 -18.10
CA ASP H 167 74.00 -8.41 -17.17
C ASP H 167 73.65 -8.02 -15.74
N SER H 168 73.92 -8.93 -14.80
CA SER H 168 73.63 -8.65 -13.40
C SER H 168 74.74 -7.87 -12.72
N LYS H 169 75.92 -7.77 -13.34
CA LYS H 169 77.03 -7.04 -12.75
C LYS H 169 77.10 -5.60 -13.25
N ASP H 170 77.24 -5.42 -14.57
CA ASP H 170 77.37 -4.09 -15.15
C ASP H 170 76.19 -3.70 -16.04
N SER H 171 75.11 -4.47 -16.03
CA SER H 171 73.89 -4.16 -16.79
C SER H 171 74.18 -4.00 -18.28
N THR H 172 75.07 -4.83 -18.82
CA THR H 172 75.44 -4.76 -20.23
C THR H 172 74.64 -5.75 -21.06
N TYR H 173 74.51 -5.43 -22.34
CA TYR H 173 73.88 -6.30 -23.32
C TYR H 173 74.92 -6.78 -24.32
N SER H 174 74.75 -8.01 -24.78
CA SER H 174 75.64 -8.61 -25.76
C SER H 174 74.82 -9.13 -26.94
N LEU H 175 75.22 -8.74 -28.14
CA LEU H 175 74.53 -9.13 -29.36
C LEU H 175 75.50 -9.90 -30.26
N SER H 176 75.02 -11.03 -30.78
CA SER H 176 75.81 -11.85 -31.70
C SER H 176 75.06 -11.96 -33.02
N SER H 177 75.73 -11.54 -34.10
CA SER H 177 75.20 -11.65 -35.45
C SER H 177 76.02 -12.67 -36.22
N THR H 178 75.35 -13.71 -36.74
CA THR H 178 76.02 -14.80 -37.45
C THR H 178 75.57 -14.81 -38.89
N LEU H 179 76.53 -14.71 -39.82
CA LEU H 179 76.25 -14.83 -41.24
C LEU H 179 76.68 -16.22 -41.70
N THR H 180 75.72 -17.02 -42.17
CA THR H 180 75.96 -18.39 -42.56
C THR H 180 75.94 -18.51 -44.08
N LEU H 181 77.04 -19.01 -44.65
CA LEU H 181 77.17 -19.19 -46.08
C LEU H 181 77.82 -20.54 -46.37
N SER H 182 77.57 -21.05 -47.56
CA SER H 182 78.17 -22.31 -47.97
C SER H 182 79.67 -22.13 -48.22
N LYS H 183 80.40 -23.25 -48.22
CA LYS H 183 81.84 -23.19 -48.42
C LYS H 183 82.19 -22.63 -49.79
N ALA H 184 81.48 -23.05 -50.83
CA ALA H 184 81.74 -22.50 -52.17
C ALA H 184 81.43 -21.01 -52.21
N ASP H 185 80.30 -20.60 -51.64
CA ASP H 185 79.96 -19.18 -51.61
C ASP H 185 80.96 -18.40 -50.77
N TYR H 186 81.42 -18.98 -49.65
CA TYR H 186 82.40 -18.30 -48.82
C TYR H 186 83.72 -18.11 -49.55
N GLU H 187 84.15 -19.13 -50.30
CA GLU H 187 85.38 -19.03 -51.07
C GLU H 187 85.24 -18.16 -52.32
N LYS H 188 84.02 -17.94 -52.79
CA LYS H 188 83.81 -17.07 -53.95
C LYS H 188 84.04 -15.60 -53.62
N HIS H 189 84.10 -15.23 -52.34
CA HIS H 189 84.25 -13.85 -51.93
C HIS H 189 85.48 -13.70 -51.05
N LYS H 190 85.96 -12.45 -50.95
CA LYS H 190 87.21 -12.14 -50.28
C LYS H 190 87.02 -11.30 -49.02
N VAL H 191 86.24 -10.23 -49.10
CA VAL H 191 86.11 -9.26 -48.02
C VAL H 191 84.77 -9.45 -47.34
N TYR H 192 84.80 -9.65 -46.03
CA TYR H 192 83.60 -9.79 -45.21
C TYR H 192 83.63 -8.76 -44.10
N ALA H 193 82.59 -7.94 -44.01
CA ALA H 193 82.54 -6.85 -43.06
C ALA H 193 81.17 -6.79 -42.40
N CYS H 194 81.16 -6.50 -41.10
CA CYS H 194 79.93 -6.25 -40.36
C CYS H 194 79.94 -4.80 -39.89
N GLU H 195 78.88 -4.07 -40.23
CA GLU H 195 78.76 -2.65 -39.90
C GLU H 195 77.78 -2.51 -38.75
N VAL H 196 78.20 -1.82 -37.69
CA VAL H 196 77.41 -1.68 -36.47
C VAL H 196 77.08 -0.20 -36.29
N THR H 197 75.78 0.08 -36.16
CA THR H 197 75.28 1.41 -35.86
C THR H 197 74.66 1.39 -34.47
N HIS H 198 75.16 2.26 -33.59
CA HIS H 198 74.68 2.26 -32.20
C HIS H 198 74.69 3.70 -31.66
N GLN H 199 73.86 3.96 -30.64
CA GLN H 199 73.74 5.30 -30.09
C GLN H 199 75.06 5.79 -29.51
N GLY H 200 75.85 4.90 -28.89
CA GLY H 200 77.11 5.29 -28.30
C GLY H 200 78.23 5.54 -29.27
N LEU H 201 78.02 5.25 -30.55
CA LEU H 201 79.03 5.46 -31.59
C LEU H 201 78.65 6.68 -32.41
N SER H 202 79.58 7.63 -32.54
CA SER H 202 79.33 8.82 -33.34
C SER H 202 79.16 8.47 -34.81
N SER H 203 79.95 7.55 -35.32
CA SER H 203 79.88 7.08 -36.70
C SER H 203 79.83 5.57 -36.70
N PRO H 204 79.26 4.95 -37.73
CA PRO H 204 79.21 3.48 -37.77
C PRO H 204 80.60 2.87 -37.72
N VAL H 205 80.73 1.77 -36.99
CA VAL H 205 81.99 1.06 -36.83
C VAL H 205 81.91 -0.23 -37.62
N THR H 206 82.84 -0.41 -38.56
CA THR H 206 82.86 -1.57 -39.43
C THR H 206 84.13 -2.38 -39.15
N LYS H 207 83.96 -3.66 -38.90
CA LYS H 207 85.08 -4.60 -38.74
C LYS H 207 85.11 -5.53 -39.94
N SER H 208 86.26 -5.58 -40.61
CA SER H 208 86.38 -6.35 -41.85
C SER H 208 87.63 -7.21 -41.81
N PHE H 209 87.56 -8.35 -42.49
CA PHE H 209 88.70 -9.25 -42.63
C PHE H 209 88.71 -9.79 -44.06
N ASN H 210 89.90 -10.15 -44.53
CA ASN H 210 90.07 -10.72 -45.85
C ASN H 210 90.29 -12.22 -45.71
N ARG H 211 89.62 -13.00 -46.56
CA ARG H 211 89.71 -14.46 -46.52
C ARG H 211 91.15 -14.92 -46.78
N GLY H 212 91.88 -14.19 -47.62
CA GLY H 212 93.25 -14.53 -47.94
C GLY H 212 94.30 -14.01 -46.97
N GLU H 213 93.88 -13.30 -45.92
CA GLU H 213 94.78 -12.75 -44.93
C GLU H 213 94.56 -13.46 -43.60
N CYS H 214 95.64 -13.94 -43.01
CA CYS H 214 95.56 -14.64 -41.72
C CYS H 214 95.24 -13.68 -40.59
N THR I 19 38.33 34.74 49.72
CA THR I 19 39.32 34.79 50.79
C THR I 19 39.41 33.45 51.51
N THR I 20 40.14 33.43 52.63
CA THR I 20 40.31 32.22 53.43
C THR I 20 39.18 32.06 54.45
N ARG I 21 37.94 32.13 53.96
CA ARG I 21 36.78 31.99 54.83
C ARG I 21 36.63 30.55 55.30
N THR I 22 35.92 30.39 56.41
CA THR I 22 35.67 29.08 57.00
C THR I 22 34.31 28.55 56.54
N GLN I 23 34.14 27.24 56.68
CA GLN I 23 32.90 26.60 56.28
C GLN I 23 31.78 26.89 57.28
N LEU I 24 30.55 26.87 56.78
CA LEU I 24 29.36 27.13 57.60
C LEU I 24 28.42 25.95 57.45
N PRO I 25 28.01 25.30 58.53
CA PRO I 25 27.06 24.19 58.42
C PRO I 25 25.71 24.66 57.95
N PRO I 26 25.14 24.04 56.93
CA PRO I 26 23.83 24.48 56.42
C PRO I 26 22.73 24.23 57.44
N ALA I 27 21.73 25.10 57.41
CA ALA I 27 20.55 24.96 58.23
C ALA I 27 19.41 24.36 57.41
N TYR I 28 18.25 24.23 58.03
CA TYR I 28 17.07 23.67 57.37
C TYR I 28 15.82 24.38 57.84
N THR I 29 14.80 24.37 56.99
CA THR I 29 13.54 25.03 57.29
C THR I 29 12.41 24.23 56.65
N ASN I 30 11.21 24.39 57.19
CA ASN I 30 10.02 23.72 56.66
C ASN I 30 9.45 24.54 55.51
N SER I 31 9.24 23.88 54.36
CA SER I 31 8.80 24.59 53.17
C SER I 31 7.35 25.06 53.26
N PHE I 32 6.53 24.39 54.08
CA PHE I 32 5.11 24.73 54.25
C PHE I 32 4.41 24.60 52.90
N THR I 33 3.31 25.32 52.72
CA THR I 33 2.50 25.23 51.49
C THR I 33 2.85 26.36 50.51
N ARG I 34 4.07 26.28 49.99
CA ARG I 34 4.56 27.26 49.02
C ARG I 34 5.18 26.54 47.84
N GLY I 35 5.26 27.25 46.72
CA GLY I 35 5.91 26.71 45.53
C GLY I 35 4.95 26.12 44.51
N VAL I 36 3.92 26.87 44.15
CA VAL I 36 2.95 26.46 43.15
C VAL I 36 2.85 27.56 42.09
N TYR I 37 2.71 27.15 40.83
CA TYR I 37 2.66 28.06 39.70
C TYR I 37 1.54 27.64 38.76
N TYR I 38 1.18 28.56 37.87
CA TYR I 38 0.17 28.26 36.86
C TYR I 38 0.74 27.28 35.84
N PRO I 39 0.14 26.10 35.67
CA PRO I 39 0.77 25.11 34.77
C PRO I 39 0.64 25.48 33.30
N ASP I 40 -0.48 26.05 32.89
CA ASP I 40 -0.73 26.34 31.48
C ASP I 40 -1.28 27.75 31.33
N LYS I 41 -1.34 28.21 30.08
CA LYS I 41 -1.82 29.55 29.76
C LYS I 41 -3.34 29.65 29.80
N VAL I 42 -4.05 28.53 29.85
CA VAL I 42 -5.50 28.54 29.69
C VAL I 42 -6.16 29.09 30.94
N PHE I 43 -7.12 30.00 30.75
CA PHE I 43 -7.92 30.52 31.84
C PHE I 43 -9.05 29.55 32.18
N ARG I 44 -9.17 29.21 33.46
CA ARG I 44 -10.24 28.36 33.95
C ARG I 44 -10.84 28.97 35.20
N SER I 45 -12.17 28.90 35.32
CA SER I 45 -12.88 29.55 36.41
C SER I 45 -13.82 28.57 37.09
N SER I 46 -13.84 28.61 38.43
CA SER I 46 -14.77 27.84 39.25
C SER I 46 -14.70 26.34 38.96
N VAL I 47 -13.48 25.83 38.75
CA VAL I 47 -13.28 24.41 38.46
C VAL I 47 -12.17 23.90 39.36
N LEU I 48 -12.26 22.62 39.71
CA LEU I 48 -11.24 21.95 40.51
C LEU I 48 -10.44 21.05 39.58
N HIS I 49 -9.42 21.64 38.94
CA HIS I 49 -8.61 20.93 37.97
C HIS I 49 -7.41 20.27 38.64
N SER I 50 -7.13 19.03 38.24
CA SER I 50 -6.00 18.26 38.77
C SER I 50 -4.98 18.08 37.66
N THR I 51 -3.71 18.34 37.99
CA THR I 51 -2.63 18.29 37.02
C THR I 51 -1.48 17.46 37.54
N GLN I 52 -0.75 16.87 36.61
CA GLN I 52 0.47 16.11 36.92
C GLN I 52 1.65 16.87 36.32
N ASP I 53 2.48 17.44 37.17
CA ASP I 53 3.61 18.25 36.73
C ASP I 53 4.60 18.37 37.88
N LEU I 54 5.74 18.98 37.58
CA LEU I 54 6.75 19.21 38.61
C LEU I 54 6.23 20.21 39.63
N PHE I 55 6.35 19.87 40.91
CA PHE I 55 5.84 20.72 41.98
C PHE I 55 6.68 20.52 43.23
N LEU I 56 6.63 21.51 44.10
CA LEU I 56 7.36 21.44 45.37
C LEU I 56 6.51 20.72 46.41
N PRO I 57 6.99 19.61 46.99
CA PRO I 57 6.20 18.92 48.01
C PRO I 57 5.95 19.80 49.22
N PHE I 58 4.78 19.65 49.82
CA PHE I 58 4.44 20.40 51.02
C PHE I 58 5.22 19.88 52.22
N PHE I 59 5.64 20.81 53.09
CA PHE I 59 6.38 20.48 54.30
C PHE I 59 7.66 19.71 53.97
N SER I 60 8.55 20.38 53.25
CA SER I 60 9.81 19.79 52.82
C SER I 60 10.98 20.60 53.37
N ASN I 61 12.12 19.94 53.51
CA ASN I 61 13.32 20.61 53.98
C ASN I 61 13.90 21.50 52.90
N VAL I 62 14.27 22.72 53.27
CA VAL I 62 14.85 23.68 52.36
C VAL I 62 16.11 24.26 52.99
N THR I 63 17.14 24.44 52.17
CA THR I 63 18.40 24.99 52.65
C THR I 63 18.22 26.44 53.09
N TRP I 64 19.04 26.86 54.06
CA TRP I 64 18.90 28.18 54.66
C TRP I 64 20.21 28.96 54.56
N PHE I 65 20.79 29.02 53.36
CA PHE I 65 21.99 29.81 53.16
C PHE I 65 21.75 31.26 53.58
N HIS I 66 22.64 31.78 54.43
CA HIS I 66 22.51 33.12 54.97
C HIS I 66 23.79 33.89 54.68
N VAL I 67 23.68 35.00 53.97
CA VAL I 67 24.82 35.83 53.62
C VAL I 67 24.74 37.11 54.44
N ILE I 68 25.79 37.39 55.20
CA ILE I 68 25.86 38.54 56.08
C ILE I 68 27.32 38.94 56.23
N SER I 69 27.56 40.10 56.83
CA SER I 69 28.92 40.52 57.12
C SER I 69 29.53 39.58 58.16
N GLY I 70 30.38 38.68 57.72
CA GLY I 70 30.93 37.65 58.60
C GLY I 70 32.10 38.19 59.40
N THR I 71 32.15 37.81 60.68
CA THR I 71 33.24 38.17 61.58
C THR I 71 33.43 39.69 61.62
N ASN I 72 32.33 40.41 61.41
CA ASN I 72 32.32 41.88 61.43
C ASN I 72 33.37 42.46 60.49
N GLY I 73 33.39 41.97 59.24
CA GLY I 73 34.29 42.53 58.25
C GLY I 73 35.05 41.50 57.43
N THR I 74 34.69 40.23 57.54
CA THR I 74 35.32 39.15 56.79
C THR I 74 34.35 38.64 55.75
N LYS I 75 34.81 38.54 54.51
CA LYS I 75 33.97 38.03 53.43
C LYS I 75 33.62 36.57 53.65
N ARG I 76 32.35 36.23 53.44
CA ARG I 76 31.86 34.86 53.55
C ARG I 76 31.49 34.37 52.16
N PHE I 77 32.13 33.28 51.72
CA PHE I 77 31.86 32.69 50.41
C PHE I 77 30.89 31.52 50.58
N ASP I 78 29.65 31.87 50.88
CA ASP I 78 28.58 30.88 51.00
C ASP I 78 27.84 30.70 49.69
N ASN I 79 28.60 30.44 48.62
CA ASN I 79 28.05 30.26 47.28
C ASN I 79 28.61 28.97 46.67
N PRO I 80 28.20 27.81 47.19
CA PRO I 80 28.67 26.55 46.61
C PRO I 80 28.02 26.30 45.26
N VAL I 81 28.60 25.36 44.52
CA VAL I 81 28.08 24.99 43.20
C VAL I 81 27.01 23.92 43.43
N LEU I 82 25.80 24.39 43.72
CA LEU I 82 24.71 23.49 44.02
C LEU I 82 24.24 22.78 42.74
N PRO I 83 23.97 21.48 42.79
CA PRO I 83 23.49 20.78 41.61
C PRO I 83 22.10 21.26 41.21
N PHE I 84 21.89 21.43 39.90
CA PHE I 84 20.61 21.92 39.41
C PHE I 84 19.54 20.83 39.46
N ASN I 85 19.90 19.60 39.13
CA ASN I 85 18.99 18.46 39.11
C ASN I 85 17.81 18.72 38.18
N ASP I 86 16.62 18.95 38.75
CA ASP I 86 15.41 19.10 37.96
C ASP I 86 14.72 20.45 38.14
N GLY I 87 15.20 21.30 39.04
CA GLY I 87 14.59 22.60 39.26
C GLY I 87 14.90 23.11 40.64
N VAL I 88 14.70 24.41 40.82
CA VAL I 88 15.00 25.08 42.08
C VAL I 88 13.83 25.97 42.48
N TYR I 89 13.83 26.37 43.75
CA TYR I 89 12.81 27.25 44.29
C TYR I 89 13.47 28.45 44.97
N PHE I 90 14.37 29.11 44.26
CA PHE I 90 15.08 30.25 44.83
C PHE I 90 14.10 31.29 45.34
N ALA I 91 14.32 31.74 46.58
CA ALA I 91 13.47 32.74 47.20
C ALA I 91 14.34 33.59 48.12
N SER I 92 13.81 34.74 48.54
CA SER I 92 14.59 35.65 49.37
C SER I 92 13.64 36.52 50.18
N ILE I 93 14.19 37.09 51.25
CA ILE I 93 13.49 38.05 52.10
C ILE I 93 14.24 39.37 51.98
N GLU I 94 14.78 39.62 50.79
CA GLU I 94 15.69 40.74 50.58
C GLU I 94 15.02 42.08 50.86
N LYS I 95 15.79 43.00 51.44
CA LYS I 95 15.31 44.35 51.73
C LYS I 95 15.67 45.34 50.62
N SER I 96 16.95 45.47 50.34
CA SER I 96 17.45 46.34 49.28
C SER I 96 18.10 45.49 48.20
N ASN I 97 18.41 46.14 47.08
CA ASN I 97 18.91 45.41 45.92
C ASN I 97 20.33 44.91 46.19
N ILE I 98 20.44 43.69 46.71
CA ILE I 98 21.74 43.09 47.01
C ILE I 98 21.95 41.74 46.34
N ILE I 99 20.89 40.99 46.04
CA ILE I 99 21.02 39.65 45.46
C ILE I 99 20.74 39.76 43.97
N ARG I 100 21.71 39.31 43.17
CA ARG I 100 21.59 39.31 41.71
C ARG I 100 22.38 38.13 41.17
N GLY I 101 22.06 37.74 39.94
CA GLY I 101 22.84 36.74 39.24
C GLY I 101 22.43 35.32 39.54
N TRP I 102 22.14 34.54 38.50
CA TRP I 102 21.76 33.14 38.64
C TRP I 102 22.50 32.30 37.62
N ILE I 103 23.83 32.49 37.55
CA ILE I 103 24.63 31.84 36.52
C ILE I 103 24.52 30.32 36.63
N PHE I 104 24.64 29.65 35.50
CA PHE I 104 24.55 28.20 35.40
C PHE I 104 25.76 27.66 34.65
N GLY I 105 26.05 26.39 34.86
CA GLY I 105 27.15 25.75 34.15
C GLY I 105 27.22 24.26 34.34
N THR I 106 27.40 23.51 33.25
CA THR I 106 27.54 22.06 33.36
C THR I 106 28.85 21.69 34.04
N THR I 107 29.96 22.28 33.59
CA THR I 107 31.26 22.07 34.20
C THR I 107 31.89 23.34 34.74
N LEU I 108 31.30 24.51 34.46
CA LEU I 108 31.78 25.80 34.98
C LEU I 108 33.23 26.06 34.58
N ASP I 109 33.44 26.19 33.27
CA ASP I 109 34.73 26.58 32.71
C ASP I 109 34.48 27.31 31.39
N SER I 110 35.56 27.63 30.68
CA SER I 110 35.43 28.33 29.41
C SER I 110 34.98 27.41 28.27
N LYS I 111 35.09 26.10 28.46
CA LYS I 111 34.76 25.13 27.41
C LYS I 111 33.29 24.71 27.43
N THR I 112 32.48 25.26 28.34
CA THR I 112 31.09 24.86 28.50
C THR I 112 30.19 26.07 28.35
N GLN I 113 29.12 25.93 27.57
CA GLN I 113 28.15 27.00 27.41
C GLN I 113 27.48 27.30 28.76
N SER I 114 27.18 28.58 29.00
CA SER I 114 26.69 28.99 30.30
C SER I 114 25.73 30.16 30.15
N LEU I 115 24.93 30.37 31.20
CA LEU I 115 23.98 31.47 31.29
C LEU I 115 24.56 32.61 32.12
N LEU I 116 23.94 33.79 31.98
CA LEU I 116 24.37 34.96 32.72
C LEU I 116 23.17 35.91 32.84
N ILE I 117 22.58 35.99 34.03
CA ILE I 117 21.44 36.86 34.25
C ILE I 117 21.85 37.99 35.19
N VAL I 118 22.32 39.10 34.63
CA VAL I 118 22.69 40.28 35.40
C VAL I 118 21.46 41.16 35.60
N ASN I 119 21.56 42.13 36.50
CA ASN I 119 20.47 43.06 36.77
C ASN I 119 21.01 44.49 36.87
N ASN I 120 21.84 44.88 35.92
CA ASN I 120 22.41 46.23 35.96
C ASN I 120 21.36 47.27 35.60
N ALA I 121 21.20 48.26 36.48
CA ALA I 121 20.19 49.31 36.34
C ALA I 121 18.81 48.75 36.00
N THR I 122 18.41 48.87 34.74
CA THR I 122 17.08 48.47 34.32
C THR I 122 17.14 47.56 33.09
N ASN I 123 18.07 46.61 33.07
CA ASN I 123 18.19 45.69 31.95
C ASN I 123 18.67 44.33 32.46
N VAL I 124 17.97 43.27 32.06
CA VAL I 124 18.39 41.93 32.43
C VAL I 124 19.65 41.52 31.68
N VAL I 125 19.74 41.87 30.39
CA VAL I 125 20.89 41.53 29.56
C VAL I 125 21.18 40.04 29.66
N ILE I 126 20.28 39.22 29.13
CA ILE I 126 20.48 37.78 29.14
C ILE I 126 21.48 37.41 28.06
N LYS I 127 22.59 36.79 28.47
CA LYS I 127 23.66 36.42 27.56
C LYS I 127 23.94 34.93 27.68
N VAL I 128 24.16 34.29 26.55
CA VAL I 128 24.49 32.87 26.49
C VAL I 128 25.82 32.78 25.75
N CYS I 129 26.92 32.81 26.51
CA CYS I 129 28.25 32.84 25.92
C CYS I 129 29.19 31.96 26.74
N GLU I 130 30.25 31.50 26.09
CA GLU I 130 31.31 30.77 26.76
C GLU I 130 32.34 31.77 27.27
N PHE I 131 32.57 31.76 28.57
CA PHE I 131 33.46 32.73 29.21
C PHE I 131 33.96 32.15 30.52
N GLN I 132 35.17 32.58 30.90
CA GLN I 132 35.80 32.07 32.11
C GLN I 132 35.12 32.62 33.36
N PHE I 133 35.05 31.80 34.40
CA PHE I 133 34.39 32.15 35.64
C PHE I 133 35.42 32.51 36.71
N CYS I 134 35.17 33.61 37.40
CA CYS I 134 36.05 34.09 38.45
C CYS I 134 36.03 33.15 39.66
N ASN I 135 37.00 33.34 40.55
CA ASN I 135 37.01 32.57 41.80
C ASN I 135 35.74 32.83 42.60
N ASP I 136 35.49 34.09 42.96
CA ASP I 136 34.30 34.49 43.69
C ASP I 136 33.66 35.66 42.96
N PRO I 137 32.93 35.39 41.88
CA PRO I 137 32.29 36.47 41.12
C PRO I 137 31.33 37.27 41.99
N PHE I 138 31.30 38.57 41.74
CA PHE I 138 30.48 39.48 42.55
C PHE I 138 30.14 40.69 41.70
N LEU I 139 29.19 41.48 42.18
CA LEU I 139 28.76 42.71 41.52
C LEU I 139 28.86 43.87 42.51
N ASP I 140 28.93 45.08 41.99
CA ASP I 140 28.99 46.28 42.81
C ASP I 140 27.62 46.95 42.79
N HIS I 141 26.93 46.91 43.93
CA HIS I 141 25.61 47.55 44.00
C HIS I 141 25.73 49.06 43.84
N LYS I 142 26.77 49.66 44.42
CA LYS I 142 27.02 51.09 44.22
C LYS I 142 27.74 51.31 42.90
N ASN I 143 27.31 52.33 42.18
CA ASN I 143 27.92 52.57 40.85
C ASN I 143 29.34 53.08 41.03
N ASN I 144 30.34 52.35 40.53
CA ASN I 144 31.72 52.90 40.54
C ASN I 144 31.57 54.26 39.87
N LYS I 145 31.77 55.36 40.59
CA LYS I 145 31.53 56.71 40.01
C LYS I 145 32.45 56.92 38.82
N SER I 146 32.50 58.15 38.28
CA SER I 146 33.33 58.46 37.09
C SER I 146 32.66 57.90 35.84
N MET I 148 33.52 52.52 33.70
CA MET I 148 32.85 53.04 34.93
C MET I 148 32.86 51.93 36.00
N GLU I 149 31.73 51.25 36.19
CA GLU I 149 31.69 50.11 37.14
C GLU I 149 32.39 48.90 36.54
N SER I 150 33.51 48.46 37.13
CA SER I 150 34.16 47.21 36.66
C SER I 150 33.27 46.04 37.08
N GLU I 151 32.00 46.34 37.41
CA GLU I 151 31.11 45.22 37.70
C GLU I 151 31.36 44.02 36.81
N PHE I 152 32.11 44.17 35.72
CA PHE I 152 32.41 43.08 34.81
C PHE I 152 33.52 42.17 35.32
N ARG I 153 33.85 42.25 36.61
CA ARG I 153 34.91 41.43 37.18
C ARG I 153 34.56 39.94 37.20
N VAL I 154 33.30 39.60 36.97
CA VAL I 154 32.87 38.20 37.04
C VAL I 154 33.58 37.37 35.98
N TYR I 155 33.98 38.00 34.88
CA TYR I 155 34.67 37.28 33.80
C TYR I 155 35.58 38.24 33.04
N SER I 156 36.53 37.66 32.32
CA SER I 156 37.46 38.46 31.53
C SER I 156 36.85 38.83 30.18
N SER I 157 36.52 37.83 29.37
CA SER I 157 35.93 38.06 28.07
C SER I 157 35.16 36.83 27.63
N ALA I 158 34.26 37.01 26.66
CA ALA I 158 33.50 35.92 26.07
C ALA I 158 33.89 35.80 24.60
N ASN I 159 34.34 34.61 24.20
CA ASN I 159 34.84 34.40 22.84
C ASN I 159 33.76 33.90 21.89
N ASN I 160 32.81 33.12 22.36
CA ASN I 160 31.71 32.63 21.54
C ASN I 160 30.39 32.98 22.20
N CYS I 161 29.54 33.72 21.48
CA CYS I 161 28.24 34.14 21.98
C CYS I 161 27.15 33.61 21.05
N THR I 162 26.08 33.10 21.65
CA THR I 162 25.00 32.52 20.86
C THR I 162 23.70 33.29 21.01
N PHE I 163 23.28 33.54 22.24
CA PHE I 163 21.96 34.12 22.49
C PHE I 163 22.10 35.37 23.36
N GLU I 164 21.38 36.41 22.98
CA GLU I 164 21.32 37.66 23.72
C GLU I 164 19.88 38.13 23.85
N TYR I 165 19.58 38.81 24.96
CA TYR I 165 18.23 39.27 25.25
C TYR I 165 18.30 40.42 26.24
N VAL I 166 17.74 41.56 25.86
CA VAL I 166 17.69 42.74 26.73
C VAL I 166 16.25 43.20 26.84
N SER I 167 15.81 43.46 28.07
CA SER I 167 14.45 43.93 28.33
C SER I 167 14.43 44.61 29.69
N GLN I 168 13.23 44.83 30.22
CA GLN I 168 13.08 45.42 31.53
C GLN I 168 13.60 44.46 32.61
N PRO I 169 14.02 44.98 33.76
CA PRO I 169 14.55 44.10 34.81
C PRO I 169 13.50 43.10 35.28
N PHE I 170 13.98 41.93 35.74
CA PHE I 170 13.06 40.87 36.14
C PHE I 170 12.27 41.22 37.39
N LEU I 171 12.69 42.22 38.16
CA LEU I 171 12.00 42.61 39.38
C LEU I 171 11.41 44.01 39.23
N MET I 172 10.12 44.14 39.55
CA MET I 172 9.43 45.41 39.60
C MET I 172 9.20 45.91 41.02
N ASP I 173 9.83 45.28 42.01
CA ASP I 173 9.59 45.63 43.39
C ASP I 173 10.14 47.01 43.71
N LEU I 174 9.34 47.80 44.43
CA LEU I 174 9.77 49.12 44.86
C LEU I 174 10.88 49.00 45.91
N GLU I 175 11.71 50.03 45.97
CA GLU I 175 12.81 50.04 46.93
C GLU I 175 12.26 50.09 48.35
N GLY I 176 13.11 49.70 49.31
CA GLY I 176 12.70 49.66 50.70
C GLY I 176 12.22 50.99 51.24
N LYS I 177 12.67 52.09 50.65
CA LYS I 177 12.22 53.45 51.02
C LYS I 177 12.61 53.69 52.48
N GLN I 178 11.69 54.11 53.34
CA GLN I 178 12.03 54.32 54.75
C GLN I 178 12.44 53.01 55.42
N GLY I 179 11.74 51.92 55.12
CA GLY I 179 12.05 50.61 55.66
C GLY I 179 10.83 49.96 56.24
N ASN I 180 11.06 49.01 57.15
CA ASN I 180 10.04 48.29 57.89
C ASN I 180 9.30 47.27 57.01
N PHE I 181 9.62 47.24 55.72
CA PHE I 181 9.08 46.23 54.82
C PHE I 181 10.15 45.83 53.82
N LYS I 182 10.22 44.54 53.53
CA LYS I 182 11.20 43.98 52.62
C LYS I 182 10.49 43.16 51.54
N ASN I 183 11.24 42.82 50.50
CA ASN I 183 10.70 42.04 49.39
C ASN I 183 10.76 40.54 49.70
N LEU I 184 9.91 39.79 49.00
CA LEU I 184 9.83 38.34 49.12
C LEU I 184 9.86 37.70 47.74
N ARG I 185 10.84 38.12 46.93
CA ARG I 185 10.96 37.60 45.57
C ARG I 185 11.08 36.08 45.57
N GLU I 186 10.26 35.43 44.74
CA GLU I 186 10.26 33.99 44.61
C GLU I 186 10.44 33.63 43.15
N PHE I 187 11.26 32.61 42.88
CA PHE I 187 11.57 32.24 41.52
C PHE I 187 11.62 30.72 41.40
N VAL I 188 11.06 30.20 40.31
CA VAL I 188 11.11 28.78 39.99
C VAL I 188 11.75 28.62 38.62
N PHE I 189 12.87 27.90 38.57
CA PHE I 189 13.61 27.66 37.35
C PHE I 189 13.38 26.22 36.93
N LYS I 190 12.86 26.02 35.73
CA LYS I 190 12.61 24.69 35.19
C LYS I 190 13.11 24.64 33.76
N ASN I 191 13.84 23.56 33.43
CA ASN I 191 14.38 23.36 32.10
C ASN I 191 13.91 22.00 31.59
N ILE I 192 13.26 22.00 30.42
CA ILE I 192 12.73 20.77 29.85
C ILE I 192 12.62 20.96 28.34
N ASP I 193 12.84 19.87 27.60
CA ASP I 193 12.73 19.81 26.13
C ASP I 193 13.31 21.06 25.47
N GLY I 194 14.50 21.46 25.92
CA GLY I 194 15.16 22.62 25.37
C GLY I 194 14.43 23.93 25.60
N TYR I 195 13.79 24.07 26.74
CA TYR I 195 13.08 25.30 27.09
C TYR I 195 13.44 25.72 28.51
N PHE I 196 13.33 27.01 28.78
CA PHE I 196 13.65 27.58 30.08
C PHE I 196 12.54 28.55 30.46
N LYS I 197 11.86 28.27 31.57
CA LYS I 197 10.72 29.06 32.00
C LYS I 197 10.99 29.65 33.38
N ILE I 198 10.56 30.90 33.57
CA ILE I 198 10.78 31.63 34.82
C ILE I 198 9.43 32.09 35.34
N TYR I 199 9.17 31.86 36.62
CA TYR I 199 7.96 32.29 37.30
C TYR I 199 8.34 33.12 38.53
N SER I 200 7.51 34.11 38.84
CA SER I 200 7.82 34.99 39.96
C SER I 200 6.55 35.52 40.60
N LYS I 201 6.68 35.94 41.85
CA LYS I 201 5.62 36.57 42.62
C LYS I 201 6.25 37.26 43.82
N HIS I 202 5.80 38.48 44.11
CA HIS I 202 6.37 39.28 45.19
C HIS I 202 5.27 39.77 46.11
N THR I 203 5.64 39.95 47.39
CA THR I 203 4.71 40.41 48.41
C THR I 203 5.51 40.88 49.61
N PRO I 204 5.01 41.85 50.37
CA PRO I 204 5.70 42.27 51.58
C PRO I 204 5.50 41.29 52.72
N ILE I 205 6.25 41.50 53.80
CA ILE I 205 6.23 40.64 54.97
C ILE I 205 5.92 41.49 56.20
N ILE I 206 5.12 40.93 57.09
CA ILE I 206 4.67 41.66 58.28
C ILE I 206 5.65 41.49 59.44
N VAL I 207 5.86 40.26 59.91
CA VAL I 207 6.71 39.98 61.05
C VAL I 207 7.84 39.05 60.60
N ARG I 208 9.04 39.30 61.15
CA ARG I 208 10.24 38.60 60.70
C ARG I 208 11.07 38.09 61.86
N GLU I 209 10.48 37.95 63.05
CA GLU I 209 11.23 37.50 64.22
C GLU I 209 11.87 36.13 64.04
N PRO I 210 11.15 35.09 63.59
CA PRO I 210 11.80 33.78 63.43
C PRO I 210 12.54 33.59 62.11
N GLU I 211 12.39 34.52 61.17
CA GLU I 211 13.08 34.46 59.88
C GLU I 211 12.75 33.15 59.14
N ASP I 212 11.45 32.92 58.94
CA ASP I 212 10.98 31.74 58.25
C ASP I 212 9.90 32.15 57.25
N LEU I 213 9.67 31.27 56.27
CA LEU I 213 8.67 31.56 55.25
C LEU I 213 7.28 31.56 55.87
N PRO I 214 6.50 32.63 55.71
CA PRO I 214 5.18 32.68 56.32
C PRO I 214 4.23 31.66 55.69
N GLN I 215 3.30 31.17 56.49
CA GLN I 215 2.30 30.22 56.02
C GLN I 215 1.24 30.99 55.23
N GLY I 216 1.49 31.15 53.94
CA GLY I 216 0.54 31.80 53.06
C GLY I 216 0.64 31.23 51.66
N PHE I 217 -0.45 31.33 50.91
CA PHE I 217 -0.49 30.76 49.58
C PHE I 217 -0.16 31.82 48.53
N SER I 218 0.67 31.45 47.56
CA SER I 218 1.07 32.37 46.50
C SER I 218 1.05 31.65 45.16
N ALA I 219 0.59 32.36 44.13
CA ALA I 219 0.56 31.85 42.76
C ALA I 219 1.66 32.53 41.95
N LEU I 220 2.44 31.73 41.22
CA LEU I 220 3.61 32.20 40.50
C LEU I 220 3.30 32.27 39.01
N GLU I 221 3.19 33.49 38.49
CA GLU I 221 2.87 33.68 37.08
C GLU I 221 4.12 33.59 36.21
N PRO I 222 3.98 33.13 34.97
CA PRO I 222 5.12 33.14 34.05
C PRO I 222 5.53 34.55 33.70
N LEU I 223 6.83 34.73 33.42
CA LEU I 223 7.36 36.04 33.06
C LEU I 223 8.12 36.04 31.75
N VAL I 224 8.87 34.98 31.44
CA VAL I 224 9.58 34.88 30.17
C VAL I 224 9.74 33.42 29.80
N ASP I 225 9.91 33.15 28.51
CA ASP I 225 10.23 31.83 28.00
C ASP I 225 11.56 31.90 27.25
N LEU I 226 12.46 30.98 27.60
CA LEU I 226 13.79 30.97 27.00
C LEU I 226 14.03 29.64 26.30
N PRO I 227 14.36 29.65 25.01
CA PRO I 227 14.39 28.42 24.21
C PRO I 227 15.75 27.76 24.05
N ILE I 228 16.78 28.20 24.76
CA ILE I 228 18.09 27.56 24.60
C ILE I 228 18.06 26.15 25.19
N GLY I 229 18.62 25.21 24.44
CA GLY I 229 18.68 23.83 24.87
C GLY I 229 19.97 23.50 25.59
N ILE I 230 20.41 24.41 26.46
CA ILE I 230 21.67 24.23 27.17
C ILE I 230 21.53 23.11 28.19
N ASN I 231 22.61 22.36 28.39
CA ASN I 231 22.67 21.33 29.43
C ASN I 231 23.14 21.98 30.72
N ILE I 232 22.33 21.88 31.77
CA ILE I 232 22.62 22.49 33.06
C ILE I 232 22.65 21.40 34.12
N THR I 233 23.73 21.36 34.90
CA THR I 233 23.87 20.40 35.99
C THR I 233 24.22 21.04 37.33
N ARG I 234 24.69 22.28 37.37
CA ARG I 234 25.04 22.94 38.61
C ARG I 234 24.51 24.36 38.62
N PHE I 235 24.26 24.87 39.81
CA PHE I 235 23.62 26.16 40.04
C PHE I 235 24.52 27.02 40.91
N GLN I 236 24.67 28.29 40.54
CA GLN I 236 25.48 29.23 41.29
C GLN I 236 24.78 30.58 41.33
N THR I 237 24.97 31.29 42.44
CA THR I 237 24.36 32.61 42.64
C THR I 237 25.45 33.64 42.91
N LEU I 238 25.12 34.90 42.68
CA LEU I 238 26.06 36.00 42.82
C LEU I 238 25.56 37.00 43.87
N LEU I 239 26.45 37.90 44.28
CA LEU I 239 26.12 38.95 45.24
C LEU I 239 26.51 40.31 44.67
N ALA I 240 25.78 41.34 45.10
CA ALA I 240 26.01 42.71 44.65
C ALA I 240 26.51 43.53 45.85
N LEU I 241 27.83 43.53 46.05
CA LEU I 241 28.46 44.32 47.11
C LEU I 241 29.56 45.17 46.49
N HIS I 242 29.57 46.46 46.81
CA HIS I 242 30.48 47.38 46.14
C HIS I 242 31.89 47.28 46.72
N ARG I 243 32.05 47.68 47.97
CA ARG I 243 33.32 47.69 48.70
C ARG I 243 33.00 47.81 50.19
N SER I 244 34.02 48.02 51.00
CA SER I 244 33.81 48.32 52.42
C SER I 244 33.18 49.70 52.58
N TYR I 245 32.19 49.78 53.46
CA TYR I 245 31.48 51.04 53.68
C TYR I 245 31.46 51.41 55.16
N SER I 253 36.69 47.07 56.13
CA SER I 253 37.83 46.70 55.32
C SER I 253 37.46 45.59 54.34
N GLY I 254 38.19 45.52 53.22
CA GLY I 254 37.89 44.51 52.23
C GLY I 254 36.57 44.82 51.52
N TRP I 255 35.79 43.77 51.30
CA TRP I 255 34.48 43.88 50.68
C TRP I 255 33.42 43.44 51.69
N THR I 256 32.47 44.33 51.97
CA THR I 256 31.42 44.07 52.93
C THR I 256 30.08 44.54 52.39
N ALA I 257 29.00 43.97 52.92
CA ALA I 257 27.65 44.31 52.52
C ALA I 257 26.74 44.18 53.73
N GLY I 258 25.43 44.18 53.48
CA GLY I 258 24.43 44.08 54.52
C GLY I 258 24.03 42.66 54.83
N ALA I 259 22.83 42.51 55.39
CA ALA I 259 22.29 41.22 55.77
C ALA I 259 21.29 40.75 54.72
N ALA I 260 21.34 39.46 54.41
CA ALA I 260 20.44 38.87 53.43
C ALA I 260 20.33 37.38 53.70
N ALA I 261 19.30 36.77 53.10
CA ALA I 261 19.08 35.34 53.24
C ALA I 261 18.31 34.84 52.03
N TYR I 262 18.67 33.65 51.55
CA TYR I 262 18.00 33.04 50.42
C TYR I 262 17.88 31.53 50.66
N TYR I 263 16.88 30.94 50.01
CA TYR I 263 16.56 29.53 50.19
C TYR I 263 16.59 28.82 48.84
N VAL I 264 16.94 27.53 48.88
CA VAL I 264 16.99 26.69 47.68
C VAL I 264 16.22 25.42 47.96
N GLY I 265 15.28 25.09 47.08
CA GLY I 265 14.50 23.87 47.21
C GLY I 265 14.46 23.06 45.94
N TYR I 266 14.83 21.78 46.03
CA TYR I 266 14.83 20.92 44.86
C TYR I 266 13.41 20.54 44.48
N LEU I 267 13.24 20.17 43.21
CA LEU I 267 11.92 19.96 42.62
C LEU I 267 11.80 18.52 42.13
N GLN I 268 10.68 17.89 42.45
CA GLN I 268 10.44 16.50 42.09
C GLN I 268 9.01 16.35 41.58
N PRO I 269 8.75 15.36 40.72
CA PRO I 269 7.40 15.19 40.16
C PRO I 269 6.38 14.87 41.24
N ARG I 270 5.17 15.34 41.03
CA ARG I 270 4.09 15.13 41.99
C ARG I 270 2.77 15.40 41.28
N THR I 271 1.68 14.91 41.88
CA THR I 271 0.33 15.14 41.38
C THR I 271 -0.38 16.10 42.31
N PHE I 272 -0.92 17.18 41.76
CA PHE I 272 -1.54 18.24 42.54
C PHE I 272 -2.99 18.43 42.11
N LEU I 273 -3.80 18.93 43.02
CA LEU I 273 -5.18 19.29 42.75
C LEU I 273 -5.35 20.78 43.03
N LEU I 274 -5.68 21.54 42.00
CA LEU I 274 -5.76 22.99 42.07
C LEU I 274 -7.22 23.42 42.17
N LYS I 275 -7.43 24.59 42.79
CA LYS I 275 -8.76 25.13 43.00
C LYS I 275 -8.79 26.58 42.50
N TYR I 276 -9.46 26.81 41.38
CA TYR I 276 -9.61 28.15 40.85
C TYR I 276 -10.83 28.83 41.46
N ASN I 277 -10.83 30.16 41.43
CA ASN I 277 -11.92 30.95 41.96
C ASN I 277 -12.78 31.49 40.82
N GLU I 278 -13.76 32.32 41.16
CA GLU I 278 -14.62 32.91 40.14
C GLU I 278 -13.83 33.80 39.19
N ASN I 279 -12.92 34.62 39.75
CA ASN I 279 -12.09 35.47 38.91
C ASN I 279 -11.17 34.66 38.02
N GLY I 280 -10.58 33.58 38.55
CA GLY I 280 -9.66 32.77 37.79
C GLY I 280 -8.28 32.70 38.40
N THR I 281 -8.19 32.83 39.72
CA THR I 281 -6.94 32.75 40.45
C THR I 281 -6.99 31.59 41.43
N ILE I 282 -5.84 30.95 41.64
CA ILE I 282 -5.75 29.76 42.49
C ILE I 282 -5.88 30.14 43.95
N THR I 283 -7.00 29.80 44.58
CA THR I 283 -7.19 30.12 45.99
C THR I 283 -6.34 29.22 46.88
N ASP I 284 -6.34 27.92 46.61
CA ASP I 284 -5.59 26.97 47.41
C ASP I 284 -5.50 25.66 46.66
N ALA I 285 -4.59 24.80 47.10
CA ALA I 285 -4.34 23.52 46.45
C ALA I 285 -4.06 22.47 47.51
N VAL I 286 -4.09 21.21 47.10
CA VAL I 286 -3.88 20.09 48.01
C VAL I 286 -3.01 19.06 47.32
N ASP I 287 -2.02 18.55 48.04
CA ASP I 287 -1.20 17.47 47.51
C ASP I 287 -2.00 16.17 47.50
N CYS I 288 -1.60 15.26 46.62
CA CYS I 288 -2.28 13.99 46.47
C CYS I 288 -1.45 12.81 46.98
N ALA I 289 -0.35 13.08 47.69
CA ALA I 289 0.46 11.98 48.23
C ALA I 289 0.93 12.21 49.66
N LEU I 290 0.67 13.38 50.25
CA LEU I 290 1.24 13.70 51.56
C LEU I 290 0.80 12.73 52.64
N ASP I 291 -0.48 12.71 52.95
CA ASP I 291 -1.04 11.84 53.98
C ASP I 291 -2.34 11.27 53.44
N PRO I 292 -2.84 10.17 54.03
CA PRO I 292 -4.05 9.52 53.48
C PRO I 292 -5.23 10.46 53.32
N LEU I 293 -5.40 11.42 54.24
CA LEU I 293 -6.47 12.39 54.08
C LEU I 293 -6.31 13.20 52.79
N SER I 294 -5.07 13.50 52.41
CA SER I 294 -4.84 14.31 51.22
C SER I 294 -5.34 13.59 49.98
N GLU I 295 -4.95 12.32 49.78
CA GLU I 295 -5.37 11.67 48.55
C GLU I 295 -6.81 11.18 48.65
N THR I 296 -7.34 11.04 49.87
CA THR I 296 -8.78 10.83 50.01
C THR I 296 -9.54 12.04 49.47
N LYS I 297 -9.09 13.24 49.83
CA LYS I 297 -9.67 14.44 49.26
C LYS I 297 -9.45 14.50 47.76
N CYS I 298 -8.29 14.05 47.29
CA CYS I 298 -8.02 14.04 45.86
C CYS I 298 -8.97 13.13 45.10
N THR I 299 -9.14 11.90 45.58
CA THR I 299 -9.98 10.94 44.89
C THR I 299 -11.46 11.26 45.03
N LEU I 300 -11.86 11.97 46.09
CA LEU I 300 -13.22 12.48 46.20
C LEU I 300 -13.43 13.78 45.45
N LYS I 301 -12.35 14.38 44.93
CA LYS I 301 -12.41 15.63 44.18
C LYS I 301 -13.12 16.73 44.98
N SER I 302 -12.83 16.78 46.27
CA SER I 302 -13.40 17.79 47.15
C SER I 302 -12.47 18.03 48.32
N PHE I 303 -12.57 19.21 48.91
CA PHE I 303 -11.79 19.56 50.08
C PHE I 303 -12.49 19.23 51.38
N THR I 304 -13.74 18.78 51.33
CA THR I 304 -14.51 18.40 52.50
C THR I 304 -14.85 16.92 52.42
N VAL I 305 -14.60 16.19 53.50
CA VAL I 305 -14.86 14.76 53.58
C VAL I 305 -15.77 14.51 54.78
N GLU I 306 -16.88 13.81 54.53
CA GLU I 306 -17.81 13.45 55.59
C GLU I 306 -17.36 12.17 56.29
N LYS I 307 -17.97 11.90 57.44
CA LYS I 307 -17.61 10.73 58.22
C LYS I 307 -17.95 9.46 57.45
N GLY I 308 -17.02 8.52 57.46
CA GLY I 308 -17.23 7.25 56.77
C GLY I 308 -15.91 6.57 56.51
N ILE I 309 -16.00 5.50 55.72
CA ILE I 309 -14.83 4.72 55.31
C ILE I 309 -14.77 4.72 53.79
N TYR I 310 -13.60 5.05 53.24
CA TYR I 310 -13.44 5.20 51.80
C TYR I 310 -12.28 4.34 51.31
N GLN I 311 -12.39 3.92 50.05
CA GLN I 311 -11.34 3.16 49.38
C GLN I 311 -10.60 4.10 48.43
N THR I 312 -9.28 4.17 48.58
CA THR I 312 -8.48 5.17 47.88
C THR I 312 -7.60 4.57 46.79
N SER I 313 -6.74 3.61 47.13
CA SER I 313 -5.78 3.09 46.15
C SER I 313 -5.34 1.70 46.58
N ASN I 314 -4.25 1.23 45.97
CA ASN I 314 -3.71 -0.10 46.21
C ASN I 314 -2.20 -0.01 46.40
N PHE I 315 -1.63 -1.08 46.93
CA PHE I 315 -0.21 -1.14 47.22
C PHE I 315 0.39 -2.44 46.69
N ARG I 316 1.68 -2.39 46.36
CA ARG I 316 2.41 -3.61 46.03
C ARG I 316 3.89 -3.37 46.29
N VAL I 317 4.73 -4.35 45.96
CA VAL I 317 6.17 -4.25 46.18
C VAL I 317 6.86 -4.23 44.83
N GLN I 318 7.65 -3.19 44.58
CA GLN I 318 8.35 -3.04 43.32
C GLN I 318 9.58 -3.97 43.26
N PRO I 319 10.00 -4.34 42.06
CA PRO I 319 11.19 -5.20 41.93
C PRO I 319 12.44 -4.48 42.41
N THR I 320 13.41 -5.27 42.87
CA THR I 320 14.66 -4.75 43.38
C THR I 320 15.87 -5.08 42.53
N GLU I 321 15.81 -6.12 41.69
CA GLU I 321 16.92 -6.52 40.85
C GLU I 321 16.42 -6.92 39.47
N SER I 322 17.36 -6.99 38.53
CA SER I 322 17.07 -7.40 37.16
C SER I 322 17.86 -8.68 36.86
N ILE I 323 17.19 -9.68 36.33
CA ILE I 323 17.78 -10.97 36.02
C ILE I 323 17.63 -11.24 34.53
N VAL I 324 18.73 -11.58 33.87
CA VAL I 324 18.75 -11.90 32.45
C VAL I 324 19.48 -13.23 32.30
N ARG I 325 18.76 -14.26 31.90
CA ARG I 325 19.33 -15.59 31.74
C ARG I 325 19.14 -16.07 30.31
N PHE I 326 20.24 -16.24 29.58
CA PHE I 326 20.28 -16.75 28.23
C PHE I 326 21.25 -17.91 28.15
N PRO I 327 21.05 -18.84 27.23
CA PRO I 327 22.02 -19.91 27.04
C PRO I 327 23.35 -19.34 26.54
N ASN I 328 24.44 -20.03 26.91
CA ASN I 328 25.78 -19.57 26.59
C ASN I 328 26.32 -20.37 25.40
N ILE I 329 26.32 -19.74 24.23
CA ILE I 329 26.98 -20.28 23.04
C ILE I 329 27.72 -19.12 22.38
N THR I 330 28.75 -19.43 21.60
CA THR I 330 29.60 -18.35 21.08
C THR I 330 29.81 -18.45 19.57
N ASN I 331 29.68 -19.61 18.95
CA ASN I 331 29.94 -19.75 17.52
C ASN I 331 28.99 -18.92 16.66
N LEU I 332 29.56 -18.03 15.86
CA LEU I 332 28.76 -17.12 15.06
C LEU I 332 28.05 -17.88 13.93
N CYS I 333 26.89 -17.38 13.55
CA CYS I 333 26.14 -17.96 12.44
C CYS I 333 26.84 -17.68 11.12
N PRO I 334 26.78 -18.63 10.18
CA PRO I 334 27.42 -18.45 8.86
C PRO I 334 26.57 -17.57 7.93
N PHE I 335 26.45 -16.31 8.31
CA PHE I 335 25.66 -15.36 7.53
C PHE I 335 26.34 -14.94 6.24
N ASP I 336 27.68 -14.89 6.23
CA ASP I 336 28.39 -14.46 5.04
C ASP I 336 28.24 -15.46 3.90
N GLU I 337 28.14 -16.75 4.22
CA GLU I 337 28.01 -17.77 3.19
C GLU I 337 26.71 -17.60 2.40
N VAL I 338 25.61 -17.30 3.09
CA VAL I 338 24.31 -17.12 2.45
C VAL I 338 24.35 -15.90 1.56
N PHE I 339 24.95 -14.81 2.04
CA PHE I 339 24.92 -13.55 1.29
C PHE I 339 26.04 -13.47 0.27
N ASN I 340 27.28 -13.72 0.71
CA ASN I 340 28.43 -13.64 -0.19
C ASN I 340 28.65 -15.00 -0.83
N ALA I 341 27.79 -15.32 -1.79
CA ALA I 341 27.92 -16.52 -2.58
C ALA I 341 28.11 -16.13 -4.03
N THR I 342 29.03 -16.82 -4.71
CA THR I 342 29.36 -16.48 -6.08
C THR I 342 28.16 -16.64 -7.00
N ARG I 343 27.40 -17.73 -6.82
CA ARG I 343 26.27 -18.04 -7.67
C ARG I 343 25.03 -18.24 -6.82
N PHE I 344 23.91 -17.67 -7.27
CA PHE I 344 22.62 -17.83 -6.62
C PHE I 344 21.76 -18.79 -7.44
N ALA I 345 20.97 -19.61 -6.75
CA ALA I 345 20.11 -20.57 -7.42
C ALA I 345 18.97 -19.87 -8.15
N SER I 346 18.40 -20.57 -9.12
CA SER I 346 17.30 -20.02 -9.90
C SER I 346 16.06 -19.88 -9.03
N VAL I 347 15.13 -19.03 -9.48
CA VAL I 347 13.93 -18.76 -8.70
C VAL I 347 13.04 -19.98 -8.61
N TYR I 348 12.98 -20.80 -9.67
CA TYR I 348 12.11 -21.98 -9.63
C TYR I 348 12.71 -23.08 -8.78
N ALA I 349 14.04 -23.25 -8.83
CA ALA I 349 14.75 -24.18 -7.97
C ALA I 349 15.43 -23.36 -6.87
N TRP I 350 14.65 -22.98 -5.86
CA TRP I 350 15.15 -22.16 -4.78
C TRP I 350 15.68 -23.01 -3.63
N ASN I 351 16.72 -22.50 -2.97
CA ASN I 351 17.55 -23.28 -2.05
C ASN I 351 17.29 -22.86 -0.61
N ARG I 352 17.43 -23.81 0.31
CA ARG I 352 17.22 -23.58 1.74
C ARG I 352 18.46 -23.97 2.50
N LYS I 353 18.88 -23.12 3.43
CA LYS I 353 19.99 -23.40 4.32
C LYS I 353 19.54 -23.20 5.76
N ARG I 354 19.82 -24.18 6.62
CA ARG I 354 19.35 -24.18 8.00
C ARG I 354 20.40 -23.50 8.88
N ILE I 355 20.01 -22.38 9.51
CA ILE I 355 20.86 -21.70 10.47
C ILE I 355 20.38 -22.06 11.87
N SER I 356 21.23 -22.73 12.64
CA SER I 356 20.87 -23.18 13.97
C SER I 356 22.11 -23.28 14.84
N ASN I 357 21.88 -23.20 16.15
CA ASN I 357 22.93 -23.38 17.16
C ASN I 357 24.08 -22.38 16.90
N CYS I 358 23.76 -21.11 17.06
CA CYS I 358 24.72 -20.04 16.80
C CYS I 358 24.20 -18.75 17.40
N VAL I 359 25.00 -17.69 17.29
CA VAL I 359 24.65 -16.37 17.80
C VAL I 359 24.54 -15.42 16.62
N ALA I 360 23.36 -14.82 16.45
CA ALA I 360 23.11 -13.95 15.31
C ALA I 360 23.68 -12.56 15.55
N ASP I 361 23.92 -11.84 14.45
CA ASP I 361 24.42 -10.47 14.48
C ASP I 361 23.85 -9.75 13.25
N TYR I 362 22.77 -8.99 13.46
CA TYR I 362 22.09 -8.36 12.35
C TYR I 362 22.63 -6.97 12.04
N SER I 363 23.58 -6.46 12.83
CA SER I 363 24.17 -5.16 12.54
C SER I 363 25.01 -5.21 11.26
N VAL I 364 25.63 -6.35 10.98
CA VAL I 364 26.45 -6.49 9.78
C VAL I 364 25.58 -6.35 8.54
N LEU I 365 24.42 -7.00 8.54
CA LEU I 365 23.48 -6.86 7.44
C LEU I 365 22.95 -5.44 7.35
N TYR I 366 22.73 -4.79 8.49
CA TYR I 366 22.31 -3.39 8.49
C TYR I 366 23.32 -2.51 7.77
N ASN I 367 24.60 -2.70 8.08
CA ASN I 367 25.62 -1.74 7.63
C ASN I 367 26.07 -2.05 6.20
N LEU I 368 26.58 -3.26 5.98
CA LEU I 368 27.42 -3.47 4.81
C LEU I 368 26.61 -3.59 3.51
N ALA I 369 25.32 -3.88 3.61
CA ALA I 369 24.50 -3.91 2.41
C ALA I 369 24.15 -2.49 1.98
N PRO I 370 24.50 -2.07 0.75
CA PRO I 370 24.29 -0.68 0.35
C PRO I 370 22.83 -0.24 0.38
N PHE I 371 21.98 -0.90 -0.42
CA PHE I 371 20.56 -0.63 -0.47
C PHE I 371 19.82 -1.95 -0.43
N PHE I 372 19.12 -2.22 0.67
CA PHE I 372 18.67 -3.57 0.92
C PHE I 372 17.22 -3.64 1.44
N THR I 373 16.42 -2.62 1.13
CA THR I 373 14.97 -2.66 1.38
C THR I 373 14.66 -3.04 2.82
N PHE I 374 14.57 -4.34 3.08
CA PHE I 374 14.52 -4.90 4.44
C PHE I 374 13.16 -4.71 5.10
N LYS I 375 12.11 -4.49 4.30
CA LYS I 375 10.77 -4.43 4.85
C LYS I 375 10.39 -5.80 5.41
N CYS I 376 9.96 -5.81 6.67
CA CYS I 376 9.81 -7.05 7.43
C CYS I 376 8.38 -7.21 7.92
N TYR I 377 7.99 -8.45 8.19
CA TYR I 377 6.63 -8.79 8.56
C TYR I 377 6.60 -9.47 9.92
N GLY I 378 5.73 -8.97 10.80
CA GLY I 378 5.46 -9.63 12.07
C GLY I 378 6.42 -9.32 13.19
N VAL I 379 7.49 -8.56 12.93
CA VAL I 379 8.46 -8.24 13.96
C VAL I 379 9.14 -6.93 13.57
N SER I 380 9.47 -6.13 14.58
CA SER I 380 10.16 -4.87 14.35
C SER I 380 11.63 -5.15 14.03
N PRO I 381 12.15 -4.65 12.91
CA PRO I 381 13.55 -4.94 12.56
C PRO I 381 14.56 -4.48 13.60
N THR I 382 14.29 -3.35 14.26
CA THR I 382 15.29 -2.79 15.19
C THR I 382 15.41 -3.62 16.46
N LYS I 383 14.42 -4.49 16.73
CA LYS I 383 14.45 -5.33 17.92
C LYS I 383 14.70 -6.80 17.58
N LEU I 384 15.48 -7.08 16.54
CA LEU I 384 15.81 -8.46 16.18
C LEU I 384 16.98 -9.02 16.96
N ASN I 385 17.62 -8.22 17.81
CA ASN I 385 18.80 -8.66 18.54
C ASN I 385 18.44 -9.37 19.84
N ASP I 386 17.38 -8.93 20.51
CA ASP I 386 17.06 -9.44 21.83
C ASP I 386 16.35 -10.78 21.77
N LEU I 387 15.55 -11.00 20.73
CA LEU I 387 14.63 -12.13 20.72
C LEU I 387 15.37 -13.46 20.54
N CYS I 388 14.67 -14.54 20.87
CA CYS I 388 15.15 -15.90 20.70
C CYS I 388 14.26 -16.62 19.70
N PHE I 389 14.87 -17.46 18.86
CA PHE I 389 14.16 -18.05 17.73
C PHE I 389 14.25 -19.57 17.77
N THR I 390 13.13 -20.22 17.46
CA THR I 390 13.11 -21.69 17.42
C THR I 390 13.94 -22.22 16.26
N ASN I 391 13.72 -21.68 15.07
CA ASN I 391 14.45 -22.11 13.88
C ASN I 391 14.52 -20.97 12.88
N VAL I 392 15.67 -20.78 12.27
CA VAL I 392 15.88 -19.74 11.27
C VAL I 392 16.30 -20.42 9.97
N TYR I 393 15.53 -20.16 8.91
CA TYR I 393 15.79 -20.73 7.60
C TYR I 393 16.08 -19.61 6.60
N ALA I 394 16.92 -19.91 5.62
CA ALA I 394 17.37 -18.93 4.64
C ALA I 394 16.99 -19.38 3.25
N ASP I 395 16.43 -18.46 2.46
CA ASP I 395 16.08 -18.70 1.07
C ASP I 395 16.92 -17.76 0.19
N SER I 396 17.14 -18.17 -1.05
CA SER I 396 17.95 -17.39 -1.97
C SER I 396 17.56 -17.67 -3.41
N PHE I 397 17.40 -16.61 -4.18
CA PHE I 397 17.08 -16.71 -5.60
C PHE I 397 17.31 -15.34 -6.23
N VAL I 398 17.05 -15.27 -7.54
CA VAL I 398 17.27 -14.05 -8.33
C VAL I 398 16.03 -13.77 -9.14
N ILE I 399 15.55 -12.53 -9.09
CA ILE I 399 14.36 -12.12 -9.85
C ILE I 399 14.62 -10.75 -10.49
N ARG I 400 13.62 -10.25 -11.21
CA ARG I 400 13.70 -8.94 -11.84
C ARG I 400 13.37 -7.85 -10.82
N GLY I 401 13.79 -6.62 -11.13
CA GLY I 401 13.56 -5.52 -10.20
C GLY I 401 12.09 -5.15 -10.06
N ASP I 402 11.36 -5.14 -11.19
CA ASP I 402 9.96 -4.72 -11.16
C ASP I 402 9.08 -5.69 -10.39
N GLU I 403 9.37 -7.00 -10.46
CA GLU I 403 8.47 -8.01 -9.97
C GLU I 403 8.84 -8.47 -8.55
N VAL I 404 9.71 -7.73 -7.87
CA VAL I 404 10.08 -8.06 -6.50
C VAL I 404 8.89 -7.84 -5.56
N ARG I 405 7.91 -7.04 -5.99
CA ARG I 405 6.73 -6.82 -5.16
C ARG I 405 6.00 -8.12 -4.86
N GLN I 406 6.08 -9.08 -5.78
CA GLN I 406 5.30 -10.31 -5.63
C GLN I 406 5.87 -11.20 -4.53
N ILE I 407 7.06 -10.91 -4.03
CA ILE I 407 7.61 -11.66 -2.90
C ILE I 407 7.13 -10.97 -1.63
N ALA I 408 5.89 -11.28 -1.23
CA ALA I 408 5.24 -10.68 -0.08
C ALA I 408 3.90 -11.36 0.11
N PRO I 409 3.37 -11.39 1.33
CA PRO I 409 2.11 -12.10 1.56
C PRO I 409 0.94 -11.46 0.83
N GLY I 410 0.16 -12.30 0.17
CA GLY I 410 -1.12 -11.91 -0.38
C GLY I 410 -1.15 -11.45 -1.82
N GLN I 411 0.00 -11.16 -2.44
CA GLN I 411 0.01 -10.73 -3.83
C GLN I 411 0.03 -11.92 -4.79
N THR I 412 -0.34 -11.65 -6.03
CA THR I 412 -0.42 -12.66 -7.07
C THR I 412 0.39 -12.21 -8.27
N GLY I 413 0.78 -13.17 -9.08
CA GLY I 413 1.62 -12.91 -10.24
C GLY I 413 2.24 -14.20 -10.73
N ASN I 414 3.19 -14.06 -11.66
CA ASN I 414 3.84 -15.24 -12.22
C ASN I 414 4.57 -16.03 -11.15
N ILE I 415 5.55 -15.42 -10.49
CA ILE I 415 6.32 -16.13 -9.48
C ILE I 415 5.45 -16.42 -8.25
N ALA I 416 4.61 -15.47 -7.85
CA ALA I 416 3.79 -15.66 -6.66
C ALA I 416 2.88 -16.88 -6.79
N ASP I 417 2.51 -17.24 -8.02
CA ASP I 417 1.59 -18.35 -8.21
C ASP I 417 2.33 -19.63 -8.58
N TYR I 418 3.43 -19.52 -9.33
CA TYR I 418 4.04 -20.67 -9.96
C TYR I 418 5.46 -20.99 -9.50
N ASN I 419 6.14 -20.09 -8.82
CA ASN I 419 7.53 -20.33 -8.44
C ASN I 419 7.73 -20.33 -6.93
N TYR I 420 7.29 -19.27 -6.24
CA TYR I 420 7.54 -19.11 -4.82
C TYR I 420 6.34 -18.43 -4.19
N LYS I 421 5.69 -19.10 -3.25
CA LYS I 421 4.47 -18.60 -2.62
C LYS I 421 4.67 -18.54 -1.12
N LEU I 422 4.52 -17.35 -0.55
CA LEU I 422 4.57 -17.16 0.90
C LEU I 422 3.24 -17.53 1.53
N PRO I 423 3.25 -18.04 2.76
CA PRO I 423 2.00 -18.40 3.43
C PRO I 423 1.28 -17.16 3.95
N ASP I 424 0.01 -17.35 4.30
CA ASP I 424 -0.80 -16.25 4.81
C ASP I 424 -0.25 -15.72 6.13
N ASP I 425 0.17 -16.62 7.02
CA ASP I 425 0.77 -16.24 8.30
C ASP I 425 2.29 -16.35 8.22
N PHE I 426 2.95 -15.21 8.08
CA PHE I 426 4.40 -15.18 7.90
C PHE I 426 5.03 -14.32 8.98
N THR I 427 6.17 -14.78 9.50
CA THR I 427 6.94 -14.07 10.51
C THR I 427 8.41 -14.09 10.06
N GLY I 428 8.79 -13.08 9.28
CA GLY I 428 10.15 -12.99 8.79
C GLY I 428 10.42 -11.72 8.01
N CYS I 429 11.67 -11.50 7.63
CA CYS I 429 12.07 -10.32 6.89
C CYS I 429 12.61 -10.73 5.53
N VAL I 430 12.40 -9.86 4.54
CA VAL I 430 12.87 -10.10 3.18
C VAL I 430 13.93 -9.04 2.85
N ILE I 431 15.01 -9.49 2.20
CA ILE I 431 16.13 -8.62 1.85
C ILE I 431 16.34 -8.70 0.35
N ALA I 432 16.44 -7.55 -0.30
CA ALA I 432 16.68 -7.52 -1.74
C ALA I 432 17.61 -6.36 -2.07
N TRP I 433 18.56 -6.63 -2.97
CA TRP I 433 19.50 -5.60 -3.40
C TRP I 433 19.85 -5.83 -4.86
N ASN I 434 20.30 -4.77 -5.51
CA ASN I 434 20.68 -4.85 -6.92
C ASN I 434 21.96 -5.65 -7.09
N SER I 435 22.00 -6.44 -8.16
CA SER I 435 23.14 -7.28 -8.47
C SER I 435 23.49 -7.13 -9.95
N ASN I 436 23.44 -5.90 -10.45
CA ASN I 436 23.74 -5.66 -11.85
C ASN I 436 25.22 -5.79 -12.16
N LYS I 437 26.08 -5.67 -11.16
CA LYS I 437 27.52 -5.77 -11.36
C LYS I 437 28.01 -7.20 -11.43
N LEU I 438 27.17 -8.17 -11.09
CA LEU I 438 27.61 -9.57 -11.01
C LEU I 438 26.89 -10.47 -11.99
N ASP I 439 25.58 -10.33 -12.16
CA ASP I 439 24.79 -11.25 -12.95
C ASP I 439 24.47 -10.74 -14.36
N SER I 440 25.20 -9.75 -14.86
CA SER I 440 24.90 -9.13 -16.13
C SER I 440 25.95 -9.50 -17.16
N LYS I 441 25.52 -10.18 -18.23
CA LYS I 441 26.33 -10.42 -19.42
C LYS I 441 25.99 -9.41 -20.49
N VAL I 442 27.03 -8.94 -21.19
CA VAL I 442 26.81 -8.16 -22.41
C VAL I 442 26.25 -9.06 -23.50
N SER I 443 26.83 -10.25 -23.67
CA SER I 443 26.30 -11.20 -24.64
C SER I 443 24.95 -11.75 -24.22
N GLY I 444 24.78 -12.05 -22.93
CA GLY I 444 23.53 -12.59 -22.43
C GLY I 444 23.73 -13.67 -21.39
N ASN I 445 22.96 -13.61 -20.30
CA ASN I 445 23.06 -14.56 -19.21
C ASN I 445 21.91 -15.55 -19.32
N TYR I 446 22.23 -16.85 -19.32
CA TYR I 446 21.25 -17.90 -19.50
C TYR I 446 21.34 -18.92 -18.37
N ASN I 447 21.79 -18.47 -17.20
CA ASN I 447 21.91 -19.34 -16.04
C ASN I 447 20.78 -19.16 -15.03
N TYR I 448 19.86 -18.24 -15.28
CA TYR I 448 18.76 -17.96 -14.37
C TYR I 448 17.45 -18.19 -15.12
N LEU I 449 16.70 -19.20 -14.70
CA LEU I 449 15.45 -19.57 -15.36
C LEU I 449 14.27 -19.19 -14.48
N TYR I 450 13.07 -19.27 -15.06
CA TYR I 450 11.84 -19.07 -14.32
C TYR I 450 10.71 -19.79 -15.05
N ARG I 451 9.63 -20.05 -14.32
CA ARG I 451 8.50 -20.80 -14.82
C ARG I 451 7.37 -19.86 -15.20
N LEU I 452 6.67 -20.19 -16.28
CA LEU I 452 5.62 -19.32 -16.82
C LEU I 452 4.25 -19.98 -16.78
N PHE I 453 4.11 -21.22 -17.26
CA PHE I 453 2.83 -21.90 -17.30
C PHE I 453 2.86 -23.11 -16.37
N ARG I 454 1.80 -23.27 -15.59
CA ARG I 454 1.64 -24.44 -14.74
C ARG I 454 0.14 -24.74 -14.58
N LYS I 455 -0.17 -26.00 -14.31
CA LYS I 455 -1.57 -26.43 -14.26
C LYS I 455 -2.32 -25.77 -13.11
N SER I 456 -1.70 -25.68 -11.94
CA SER I 456 -2.39 -25.20 -10.76
C SER I 456 -1.45 -24.34 -9.93
N ASN I 457 -2.04 -23.59 -9.00
CA ASN I 457 -1.26 -22.73 -8.11
C ASN I 457 -0.42 -23.57 -7.15
N LEU I 458 0.63 -22.97 -6.62
CA LEU I 458 1.51 -23.67 -5.70
C LEU I 458 1.05 -23.52 -4.26
N LYS I 459 1.38 -24.53 -3.45
CA LYS I 459 1.16 -24.46 -2.02
C LYS I 459 2.29 -23.69 -1.36
N PRO I 460 2.06 -23.10 -0.19
CA PRO I 460 3.09 -22.25 0.42
C PRO I 460 4.36 -23.02 0.76
N PHE I 461 5.50 -22.37 0.52
CA PHE I 461 6.81 -22.91 0.87
C PHE I 461 7.03 -24.29 0.25
N GLU I 462 6.71 -24.42 -1.03
CA GLU I 462 6.89 -25.67 -1.75
C GLU I 462 7.64 -25.40 -3.04
N ARG I 463 8.47 -26.36 -3.44
CA ARG I 463 9.40 -26.19 -4.56
C ARG I 463 9.09 -27.21 -5.65
N ASP I 464 9.04 -26.75 -6.89
CA ASP I 464 8.95 -27.68 -8.00
C ASP I 464 10.19 -27.58 -8.87
N ILE I 465 10.56 -28.67 -9.56
CA ILE I 465 11.64 -28.61 -10.54
C ILE I 465 11.21 -29.28 -11.84
N SER I 466 9.93 -29.61 -11.97
CA SER I 466 9.47 -30.42 -13.08
C SER I 466 9.59 -29.67 -14.40
N THR I 467 10.03 -30.40 -15.44
CA THR I 467 10.17 -29.87 -16.80
C THR I 467 9.35 -30.76 -17.74
N GLU I 468 8.06 -30.47 -17.85
CA GLU I 468 7.15 -31.22 -18.70
C GLU I 468 6.33 -30.28 -19.55
N ILE I 469 6.02 -30.73 -20.77
CA ILE I 469 5.31 -29.87 -21.71
C ILE I 469 3.89 -29.63 -21.20
N TYR I 470 3.48 -28.37 -21.19
CA TYR I 470 2.16 -27.96 -20.71
C TYR I 470 1.18 -27.96 -21.87
N GLN I 471 0.03 -28.59 -21.66
CA GLN I 471 -0.98 -28.74 -22.71
C GLN I 471 -2.10 -27.74 -22.45
N ALA I 472 -2.16 -26.70 -23.28
CA ALA I 472 -3.26 -25.76 -23.26
C ALA I 472 -4.42 -26.19 -24.15
N GLY I 473 -4.19 -27.17 -25.04
CA GLY I 473 -5.23 -27.68 -25.91
C GLY I 473 -5.60 -29.11 -25.58
N ASN I 474 -6.74 -29.55 -26.13
CA ASN I 474 -7.22 -30.90 -25.87
C ASN I 474 -6.31 -31.95 -26.47
N LYS I 475 -5.76 -31.68 -27.65
CA LYS I 475 -4.91 -32.66 -28.32
C LYS I 475 -3.62 -32.86 -27.53
N PRO I 476 -3.20 -34.10 -27.32
CA PRO I 476 -1.93 -34.35 -26.61
C PRO I 476 -0.74 -33.87 -27.43
N CYS I 477 0.34 -33.55 -26.72
CA CYS I 477 1.54 -33.00 -27.33
C CYS I 477 2.67 -34.01 -27.44
N ASN I 478 2.73 -34.99 -26.55
CA ASN I 478 3.76 -36.02 -26.57
C ASN I 478 5.16 -35.42 -26.50
N GLY I 479 5.33 -34.34 -25.74
CA GLY I 479 6.63 -33.74 -25.53
C GLY I 479 7.10 -32.85 -26.65
N VAL I 480 6.60 -33.07 -27.87
CA VAL I 480 7.01 -32.27 -29.02
C VAL I 480 5.78 -31.77 -29.78
N ALA I 481 5.57 -30.46 -29.72
CA ALA I 481 4.47 -29.83 -30.45
C ALA I 481 4.70 -28.33 -30.46
N GLY I 482 3.99 -27.64 -31.36
CA GLY I 482 4.11 -26.21 -31.49
C GLY I 482 2.84 -25.45 -31.23
N PHE I 483 1.69 -26.09 -31.48
CA PHE I 483 0.39 -25.46 -31.32
C PHE I 483 -0.27 -25.96 -30.05
N ASN I 484 -0.71 -25.02 -29.20
CA ASN I 484 -1.36 -25.30 -27.92
C ASN I 484 -0.48 -26.08 -26.96
N CYS I 485 0.82 -26.15 -27.23
CA CYS I 485 1.78 -26.84 -26.37
C CYS I 485 3.01 -25.96 -26.22
N TYR I 486 3.43 -25.74 -24.98
CA TYR I 486 4.52 -24.84 -24.70
C TYR I 486 5.48 -25.45 -23.70
N PHE I 487 6.76 -25.12 -23.83
CA PHE I 487 7.75 -25.52 -22.84
C PHE I 487 7.57 -24.71 -21.56
N PRO I 488 7.51 -25.37 -20.41
CA PRO I 488 7.15 -24.66 -19.17
C PRO I 488 8.10 -23.54 -18.79
N LEU I 489 9.39 -23.69 -19.05
CA LEU I 489 10.39 -22.76 -18.54
C LEU I 489 10.90 -21.86 -19.66
N ARG I 490 10.98 -20.56 -19.37
CA ARG I 490 11.63 -19.59 -20.24
C ARG I 490 12.71 -18.87 -19.47
N SER I 491 13.88 -18.75 -20.06
CA SER I 491 15.05 -18.24 -19.37
C SER I 491 15.06 -16.72 -19.34
N TYR I 492 15.70 -16.16 -18.31
CA TYR I 492 15.99 -14.74 -18.26
C TYR I 492 17.15 -14.42 -19.19
N SER I 493 17.35 -13.13 -19.47
CA SER I 493 18.52 -12.69 -20.22
C SER I 493 18.90 -11.29 -19.77
N PHE I 494 19.81 -11.18 -18.80
CA PHE I 494 20.17 -9.89 -18.24
C PHE I 494 21.29 -9.25 -19.04
N ARG I 495 21.14 -7.96 -19.31
CA ARG I 495 22.11 -7.18 -20.07
C ARG I 495 22.43 -5.90 -19.32
N PRO I 496 23.64 -5.37 -19.47
CA PRO I 496 23.95 -4.06 -18.87
C PRO I 496 23.12 -2.93 -19.45
N THR I 497 22.66 -3.05 -20.70
CA THR I 497 21.89 -2.00 -21.36
C THR I 497 20.41 -2.07 -21.01
N TYR I 498 19.98 -3.08 -20.26
CA TYR I 498 18.58 -3.18 -19.88
C TYR I 498 18.21 -2.07 -18.91
N GLY I 499 16.91 -1.78 -18.85
CA GLY I 499 16.43 -0.79 -17.91
C GLY I 499 16.54 -1.25 -16.48
N VAL I 500 16.47 -0.28 -15.56
CA VAL I 500 16.56 -0.58 -14.14
C VAL I 500 15.45 -1.53 -13.72
N GLY I 501 14.32 -1.51 -14.42
CA GLY I 501 13.22 -2.38 -14.07
C GLY I 501 13.53 -3.85 -14.29
N HIS I 502 14.29 -4.15 -15.35
CA HIS I 502 14.59 -5.54 -15.70
C HIS I 502 15.99 -5.97 -15.29
N GLN I 503 16.68 -5.19 -14.46
CA GLN I 503 17.97 -5.59 -13.95
C GLN I 503 17.81 -6.67 -12.89
N PRO I 504 18.72 -7.63 -12.82
CA PRO I 504 18.59 -8.71 -11.86
C PRO I 504 18.75 -8.24 -10.42
N TYR I 505 18.04 -8.90 -9.53
CA TYR I 505 18.06 -8.58 -8.10
C TYR I 505 18.23 -9.87 -7.32
N ARG I 506 19.08 -9.83 -6.29
CA ARG I 506 19.27 -10.96 -5.39
C ARG I 506 18.36 -10.78 -4.19
N VAL I 507 17.57 -11.82 -3.88
CA VAL I 507 16.58 -11.77 -2.82
C VAL I 507 16.88 -12.90 -1.83
N VAL I 508 16.95 -12.55 -0.54
CA VAL I 508 17.12 -13.52 0.54
C VAL I 508 15.97 -13.35 1.50
N VAL I 509 15.25 -14.43 1.78
CA VAL I 509 14.07 -14.40 2.63
C VAL I 509 14.34 -15.22 3.88
N LEU I 510 14.21 -14.58 5.04
CA LEU I 510 14.42 -15.23 6.32
C LEU I 510 13.06 -15.56 6.94
N SER I 511 13.00 -16.72 7.59
CA SER I 511 11.74 -17.21 8.17
C SER I 511 12.02 -17.65 9.61
N PHE I 512 11.69 -16.79 10.57
CA PHE I 512 11.86 -17.13 11.97
C PHE I 512 10.72 -18.04 12.43
N GLU I 513 10.85 -18.53 13.65
CA GLU I 513 9.80 -19.31 14.30
C GLU I 513 9.73 -18.82 15.75
N LEU I 514 8.90 -17.80 15.98
CA LEU I 514 8.84 -17.16 17.29
C LEU I 514 7.88 -17.86 18.25
N LEU I 515 7.58 -19.14 18.01
CA LEU I 515 6.85 -19.93 18.99
C LEU I 515 7.75 -20.34 20.16
N HIS I 516 9.07 -20.14 20.02
CA HIS I 516 10.05 -20.24 21.10
C HIS I 516 9.86 -21.47 21.97
N ALA I 517 9.74 -22.64 21.34
CA ALA I 517 9.66 -23.87 22.13
C ALA I 517 11.03 -24.30 22.65
N PRO I 518 12.05 -24.63 21.80
CA PRO I 518 13.36 -24.94 22.40
C PRO I 518 14.22 -23.70 22.63
N ALA I 519 14.07 -22.70 21.76
CA ALA I 519 14.97 -21.55 21.64
C ALA I 519 16.42 -22.01 21.45
N THR I 520 17.01 -21.69 20.30
CA THR I 520 18.37 -22.14 20.03
C THR I 520 19.23 -21.06 19.38
N VAL I 521 18.60 -20.06 18.77
CA VAL I 521 19.33 -19.08 17.97
C VAL I 521 19.22 -17.73 18.67
N CYS I 522 19.27 -17.75 20.00
CA CYS I 522 19.19 -16.52 20.78
C CYS I 522 20.28 -15.54 20.37
N GLY I 523 19.92 -14.26 20.31
CA GLY I 523 20.83 -13.23 19.82
C GLY I 523 21.86 -12.84 20.85
N PRO I 524 22.61 -11.78 20.52
CA PRO I 524 23.71 -11.36 21.39
C PRO I 524 23.20 -10.68 22.65
N LYS I 525 23.74 -11.09 23.81
CA LYS I 525 23.37 -10.43 25.10
C LYS I 525 24.27 -10.96 26.21
N LYS I 526 23.86 -10.83 27.47
CA LYS I 526 24.76 -11.23 28.58
C LYS I 526 23.95 -11.63 29.80
N SER I 527 24.36 -12.70 30.48
CA SER I 527 23.47 -13.36 31.46
C SER I 527 23.94 -13.12 32.89
N THR I 528 23.03 -12.66 33.75
CA THR I 528 23.36 -12.35 35.16
C THR I 528 23.05 -13.61 35.96
N ASN I 529 23.07 -13.52 37.29
CA ASN I 529 22.88 -14.74 38.10
C ASN I 529 21.39 -15.01 38.24
N LEU I 530 20.97 -15.89 39.15
CA LEU I 530 19.54 -16.17 39.41
C LEU I 530 19.31 -15.97 40.91
N VAL I 531 18.28 -15.21 41.32
CA VAL I 531 18.02 -15.05 42.75
C VAL I 531 16.59 -15.50 43.01
N LYS I 532 16.38 -16.25 44.10
CA LYS I 532 15.07 -16.78 44.40
C LYS I 532 14.43 -16.04 45.57
N ASN I 533 13.11 -16.19 45.68
CA ASN I 533 12.32 -15.67 46.79
C ASN I 533 12.47 -14.15 46.92
N LYS I 534 12.51 -13.48 45.77
CA LYS I 534 12.61 -12.03 45.71
C LYS I 534 11.91 -11.49 44.47
N CYS I 535 10.98 -10.54 44.64
CA CYS I 535 10.31 -9.94 43.50
C CYS I 535 11.31 -9.17 42.67
N VAL I 536 11.64 -9.68 41.48
CA VAL I 536 12.68 -9.12 40.62
C VAL I 536 12.15 -9.06 39.18
N ASN I 537 12.94 -8.45 38.31
CA ASN I 537 12.63 -8.40 36.88
C ASN I 537 13.42 -9.50 36.19
N PHE I 538 12.72 -10.53 35.72
CA PHE I 538 13.35 -11.65 35.05
C PHE I 538 13.18 -11.54 33.55
N ASN I 539 14.15 -12.06 32.81
CA ASN I 539 14.14 -12.00 31.35
C ASN I 539 14.45 -13.37 30.74
N PHE I 540 13.77 -14.40 31.19
CA PHE I 540 14.05 -15.75 30.73
C PHE I 540 13.72 -15.90 29.25
N ASN I 541 14.74 -16.16 28.44
CA ASN I 541 14.61 -16.39 27.00
C ASN I 541 13.82 -15.28 26.29
N GLY I 542 14.10 -14.02 26.63
CA GLY I 542 13.45 -12.92 25.96
C GLY I 542 12.03 -12.63 26.41
N LEU I 543 11.59 -13.19 27.53
CA LEU I 543 10.27 -12.93 28.07
C LEU I 543 10.36 -11.96 29.23
N LYS I 544 9.74 -10.79 29.05
CA LYS I 544 9.66 -9.83 30.14
C LYS I 544 8.73 -10.35 31.23
N GLY I 545 8.90 -9.85 32.44
CA GLY I 545 8.04 -10.25 33.53
C GLY I 545 8.54 -9.68 34.84
N THR I 546 7.73 -9.89 35.87
CA THR I 546 8.07 -9.48 37.23
C THR I 546 7.35 -10.40 38.20
N GLY I 547 8.10 -11.07 39.07
CA GLY I 547 7.48 -11.98 40.01
C GLY I 547 8.53 -12.59 40.92
N VAL I 548 8.06 -13.51 41.76
CA VAL I 548 8.90 -14.21 42.73
C VAL I 548 9.17 -15.61 42.22
N LEU I 549 10.44 -15.99 42.19
CA LEU I 549 10.87 -17.28 41.65
C LEU I 549 11.17 -18.24 42.80
N THR I 550 10.56 -19.41 42.77
CA THR I 550 10.78 -20.47 43.75
C THR I 550 10.97 -21.79 43.03
N GLU I 551 11.29 -22.83 43.80
CA GLU I 551 11.42 -24.17 43.23
C GLU I 551 10.05 -24.74 42.92
N SER I 552 10.03 -25.70 41.99
CA SER I 552 8.78 -26.31 41.54
C SER I 552 9.00 -27.81 41.37
N ASN I 553 7.88 -28.54 41.30
CA ASN I 553 7.90 -29.99 41.17
C ASN I 553 7.22 -30.47 39.89
N LYS I 554 7.02 -29.59 38.91
CA LYS I 554 6.36 -29.97 37.67
C LYS I 554 7.39 -30.59 36.73
N LYS I 555 7.33 -31.91 36.57
CA LYS I 555 8.29 -32.65 35.75
C LYS I 555 7.98 -32.39 34.27
N PHE I 556 8.75 -31.48 33.69
CA PHE I 556 8.57 -31.17 32.27
C PHE I 556 9.02 -32.34 31.39
N LEU I 557 8.40 -32.41 30.22
CA LEU I 557 8.84 -33.35 29.20
C LEU I 557 10.13 -32.87 28.56
N PRO I 558 10.88 -33.77 27.90
CA PRO I 558 12.14 -33.34 27.29
C PRO I 558 12.01 -32.18 26.32
N PHE I 559 10.93 -32.12 25.56
CA PHE I 559 10.75 -31.06 24.58
C PHE I 559 9.97 -29.87 25.11
N GLN I 560 9.26 -30.03 26.21
CA GLN I 560 8.49 -28.92 26.76
C GLN I 560 9.39 -27.94 27.48
N GLN I 561 9.11 -26.65 27.32
CA GLN I 561 9.88 -25.59 27.97
C GLN I 561 9.06 -24.75 28.93
N PHE I 562 7.92 -24.22 28.48
CA PHE I 562 7.14 -23.30 29.29
C PHE I 562 6.06 -24.07 30.04
N GLY I 563 5.14 -23.33 30.67
CA GLY I 563 4.02 -23.94 31.36
C GLY I 563 2.92 -22.93 31.54
N ARG I 564 1.68 -23.42 31.55
CA ARG I 564 0.52 -22.54 31.66
C ARG I 564 -0.47 -23.14 32.63
N ASP I 565 -1.50 -22.34 32.96
CA ASP I 565 -2.53 -22.78 33.88
C ASP I 565 -3.91 -22.54 33.28
N ILE I 566 -4.96 -22.68 34.10
CA ILE I 566 -6.31 -22.36 33.66
C ILE I 566 -6.45 -20.88 33.35
N ALA I 567 -5.58 -20.05 33.92
CA ALA I 567 -5.64 -18.60 33.77
C ALA I 567 -4.87 -18.10 32.56
N ASP I 568 -4.71 -18.93 31.54
CA ASP I 568 -4.04 -18.62 30.27
C ASP I 568 -2.81 -17.73 30.44
N THR I 569 -2.00 -18.01 31.45
CA THR I 569 -0.79 -17.24 31.70
C THR I 569 0.34 -18.19 32.07
N THR I 570 1.57 -17.71 31.86
CA THR I 570 2.74 -18.52 32.18
C THR I 570 2.84 -18.72 33.69
N ASP I 571 3.20 -19.94 34.08
CA ASP I 571 3.33 -20.27 35.49
C ASP I 571 4.62 -21.01 35.84
N ALA I 572 5.24 -21.69 34.88
CA ALA I 572 6.48 -22.40 35.14
C ALA I 572 7.41 -22.22 33.95
N VAL I 573 8.71 -22.25 34.22
CA VAL I 573 9.72 -22.03 33.20
C VAL I 573 10.97 -22.81 33.58
N ARG I 574 11.70 -23.25 32.56
CA ARG I 574 12.94 -24.00 32.74
C ARG I 574 14.13 -23.10 32.44
N ASP I 575 15.13 -23.16 33.32
CA ASP I 575 16.27 -22.25 33.21
C ASP I 575 17.04 -22.54 31.92
N PRO I 576 17.43 -21.51 31.16
CA PRO I 576 18.13 -21.74 29.89
C PRO I 576 19.47 -22.44 30.05
N GLN I 577 20.21 -22.20 31.14
CA GLN I 577 21.54 -22.77 31.30
C GLN I 577 21.51 -24.10 32.05
N THR I 578 21.03 -24.09 33.29
CA THR I 578 20.92 -25.31 34.05
C THR I 578 19.52 -25.92 33.87
N LEU I 579 19.46 -27.24 33.99
CA LEU I 579 18.20 -27.96 33.78
C LEU I 579 17.41 -27.99 35.09
N GLU I 580 16.91 -26.81 35.44
CA GLU I 580 16.10 -26.62 36.64
C GLU I 580 14.74 -26.06 36.24
N ILE I 581 13.73 -26.41 37.02
CA ILE I 581 12.36 -25.97 36.79
C ILE I 581 11.99 -24.96 37.87
N LEU I 582 11.48 -23.81 37.44
CA LEU I 582 11.09 -22.74 38.35
C LEU I 582 9.67 -22.30 38.04
N ASP I 583 8.97 -21.82 39.07
CA ASP I 583 7.61 -21.34 38.94
C ASP I 583 7.57 -19.83 39.13
N ILE I 584 6.63 -19.17 38.45
CA ILE I 584 6.52 -17.72 38.49
C ILE I 584 5.25 -17.35 39.24
N THR I 585 5.38 -16.47 40.22
CA THR I 585 4.24 -15.95 40.97
C THR I 585 4.48 -14.48 41.27
N PRO I 586 3.46 -13.63 41.16
CA PRO I 586 3.66 -12.20 41.43
C PRO I 586 3.84 -11.94 42.91
N CYS I 587 4.59 -10.89 43.22
CA CYS I 587 4.81 -10.51 44.61
C CYS I 587 3.57 -9.82 45.17
N SER I 588 3.58 -9.63 46.48
CA SER I 588 2.37 -9.30 47.23
C SER I 588 1.79 -7.95 46.82
N PHE I 589 0.47 -7.85 46.94
CA PHE I 589 -0.25 -6.61 46.72
C PHE I 589 -1.52 -6.66 47.57
N GLY I 590 -2.34 -5.61 47.45
CA GLY I 590 -3.57 -5.56 48.24
C GLY I 590 -4.31 -4.25 48.04
N GLY I 591 -5.18 -3.94 48.99
CA GLY I 591 -5.99 -2.74 48.92
C GLY I 591 -5.92 -1.96 50.22
N VAL I 592 -6.19 -0.67 50.12
CA VAL I 592 -6.08 0.26 51.24
C VAL I 592 -7.40 1.00 51.39
N SER I 593 -7.87 1.10 52.63
CA SER I 593 -9.06 1.86 52.97
C SER I 593 -8.72 2.87 54.07
N VAL I 594 -9.35 4.03 54.03
CA VAL I 594 -9.08 5.11 54.97
C VAL I 594 -10.35 5.41 55.74
N ILE I 595 -10.24 5.47 57.06
CA ILE I 595 -11.36 5.74 57.96
C ILE I 595 -11.13 7.12 58.57
N THR I 596 -12.11 8.01 58.39
CA THR I 596 -12.01 9.36 58.93
C THR I 596 -13.32 9.78 59.57
N PRO I 597 -13.26 10.55 60.65
CA PRO I 597 -14.50 11.05 61.28
C PRO I 597 -15.08 12.26 60.58
N GLY I 598 -14.42 12.80 59.57
CA GLY I 598 -14.90 13.99 58.90
C GLY I 598 -14.03 15.20 59.16
N THR I 599 -13.75 15.98 58.11
CA THR I 599 -12.88 17.13 58.25
C THR I 599 -13.47 18.21 59.16
N ASN I 600 -14.80 18.26 59.30
CA ASN I 600 -15.43 19.26 60.14
C ASN I 600 -15.19 19.02 61.62
N THR I 601 -14.67 17.86 62.01
CA THR I 601 -14.43 17.54 63.41
C THR I 601 -12.95 17.41 63.73
N SER I 602 -12.23 16.56 63.00
CA SER I 602 -10.81 16.37 63.25
C SER I 602 -10.15 15.84 61.99
N ASN I 603 -8.82 15.96 61.94
CA ASN I 603 -8.04 15.50 60.80
C ASN I 603 -7.36 14.15 61.06
N GLN I 604 -7.60 13.53 62.21
CA GLN I 604 -7.04 12.22 62.47
C GLN I 604 -7.71 11.18 61.58
N VAL I 605 -6.94 10.17 61.15
CA VAL I 605 -7.45 9.11 60.29
C VAL I 605 -6.90 7.78 60.75
N ALA I 606 -7.55 6.72 60.31
CA ALA I 606 -7.11 5.35 60.55
C ALA I 606 -7.05 4.61 59.22
N VAL I 607 -5.99 3.81 59.05
CA VAL I 607 -5.72 3.13 57.79
C VAL I 607 -5.93 1.64 57.98
N LEU I 608 -6.69 1.03 57.07
CA LEU I 608 -6.98 -0.40 57.10
C LEU I 608 -6.38 -1.06 55.86
N TYR I 609 -5.63 -2.14 56.07
CA TYR I 609 -5.12 -2.96 54.99
C TYR I 609 -5.98 -4.20 54.86
N GLN I 610 -6.42 -4.51 53.64
CA GLN I 610 -7.41 -5.54 53.40
C GLN I 610 -6.73 -6.86 53.06
N GLY I 611 -7.12 -7.91 53.77
CA GLY I 611 -6.73 -9.27 53.42
C GLY I 611 -5.28 -9.61 53.62
N VAL I 612 -4.61 -8.96 54.55
CA VAL I 612 -3.20 -9.23 54.84
C VAL I 612 -2.99 -9.30 56.34
N ASN I 613 -2.08 -10.20 56.75
CA ASN I 613 -1.68 -10.26 58.14
C ASN I 613 -0.85 -9.03 58.50
N CYS I 614 -0.87 -8.66 59.78
CA CYS I 614 -0.09 -7.51 60.23
C CYS I 614 1.41 -7.78 60.11
N THR I 615 1.84 -9.00 60.41
CA THR I 615 3.25 -9.34 60.40
C THR I 615 3.70 -10.16 59.19
N GLU I 616 2.81 -10.99 58.63
CA GLU I 616 3.19 -11.77 57.46
C GLU I 616 3.53 -10.88 56.27
N VAL I 617 2.76 -9.82 56.08
CA VAL I 617 3.01 -8.87 55.01
C VAL I 617 3.18 -7.51 55.64
N PRO I 618 4.36 -7.21 56.20
CA PRO I 618 4.59 -5.91 56.82
C PRO I 618 4.92 -4.85 55.79
N VAL I 619 3.88 -4.21 55.23
CA VAL I 619 4.05 -3.16 54.22
C VAL I 619 4.93 -2.04 54.77
N ALA I 620 5.23 -2.09 56.07
CA ALA I 620 6.21 -1.21 56.68
C ALA I 620 7.62 -1.66 56.30
N ILE I 621 8.07 -1.28 55.10
CA ILE I 621 9.43 -1.58 54.66
C ILE I 621 10.15 -0.22 54.61
N HIS I 622 11.43 -0.24 54.24
CA HIS I 622 12.30 0.94 54.37
C HIS I 622 11.61 2.23 53.92
N ALA I 623 10.93 2.20 52.77
CA ALA I 623 10.29 3.41 52.25
C ALA I 623 9.47 3.16 50.99
N ASP I 624 10.13 2.79 49.90
CA ASP I 624 9.56 2.94 48.56
C ASP I 624 8.66 1.76 48.21
N GLN I 625 7.35 1.97 48.37
CA GLN I 625 6.33 1.08 47.83
C GLN I 625 5.31 1.94 47.10
N LEU I 626 4.21 1.33 46.69
CA LEU I 626 3.08 2.14 46.20
C LEU I 626 2.52 2.93 47.38
N THR I 627 1.96 4.11 47.09
CA THR I 627 1.64 5.09 48.12
C THR I 627 2.89 5.31 48.96
N PRO I 628 4.00 5.75 48.36
CA PRO I 628 5.28 5.72 49.10
C PRO I 628 5.35 6.69 50.25
N THR I 629 4.72 7.86 50.13
CA THR I 629 4.97 8.94 51.07
C THR I 629 4.47 8.59 52.47
N TRP I 630 3.40 7.81 52.58
CA TRP I 630 2.94 7.40 53.90
C TRP I 630 3.95 6.46 54.54
N ARG I 631 4.16 6.65 55.84
CA ARG I 631 4.90 5.70 56.65
C ARG I 631 3.99 4.93 57.59
N VAL I 632 3.04 5.62 58.24
CA VAL I 632 2.10 5.08 59.22
C VAL I 632 2.65 3.86 59.94
N TYR I 633 3.82 4.00 60.55
CA TYR I 633 4.37 2.91 61.35
C TYR I 633 3.59 2.76 62.63
N SER I 634 3.61 3.79 63.48
CA SER I 634 2.68 3.96 64.58
C SER I 634 2.58 2.71 65.46
N THR I 635 3.74 2.26 65.95
CA THR I 635 3.73 1.14 66.89
C THR I 635 3.11 1.56 68.22
N GLY I 636 3.17 2.85 68.55
CA GLY I 636 2.54 3.37 69.74
C GLY I 636 1.04 3.17 69.72
N SER I 637 0.40 3.55 68.61
CA SER I 637 -1.02 3.23 68.41
C SER I 637 -1.14 1.76 68.03
N ASN I 638 -1.65 0.95 68.96
CA ASN I 638 -1.63 -0.49 68.80
C ASN I 638 -2.31 -0.92 67.51
N VAL I 639 -1.67 -1.83 66.79
CA VAL I 639 -2.23 -2.40 65.57
C VAL I 639 -3.15 -3.54 65.95
N PHE I 640 -4.39 -3.47 65.48
CA PHE I 640 -5.42 -4.45 65.82
C PHE I 640 -5.66 -5.36 64.62
N GLN I 641 -5.55 -6.66 64.83
CA GLN I 641 -5.74 -7.65 63.77
C GLN I 641 -7.21 -8.01 63.69
N THR I 642 -7.86 -7.64 62.60
CA THR I 642 -9.27 -7.91 62.39
C THR I 642 -9.44 -9.03 61.38
N ARG I 643 -10.68 -9.52 61.28
CA ARG I 643 -10.98 -10.56 60.30
C ARG I 643 -10.78 -10.05 58.88
N ALA I 644 -11.18 -8.80 58.61
CA ALA I 644 -10.98 -8.23 57.28
C ALA I 644 -9.50 -8.07 56.98
N GLY I 645 -8.71 -7.64 57.95
CA GLY I 645 -7.28 -7.46 57.75
C GLY I 645 -6.59 -6.81 58.92
N CYS I 646 -5.60 -5.96 58.64
CA CYS I 646 -4.82 -5.27 59.66
C CYS I 646 -5.28 -3.83 59.75
N LEU I 647 -5.62 -3.39 60.96
CA LEU I 647 -6.09 -2.04 61.22
C LEU I 647 -5.01 -1.30 61.99
N ILE I 648 -4.44 -0.27 61.37
CA ILE I 648 -3.33 0.49 61.95
C ILE I 648 -3.82 1.90 62.22
N GLY I 649 -3.78 2.31 63.49
CA GLY I 649 -4.13 3.68 63.83
C GLY I 649 -5.29 3.80 64.80
N ALA I 650 -5.83 2.66 65.24
CA ALA I 650 -6.98 2.65 66.12
C ALA I 650 -6.69 1.84 67.37
N GLU I 651 -7.38 2.18 68.45
CA GLU I 651 -7.22 1.53 69.75
C GLU I 651 -8.40 0.61 70.00
N TYR I 652 -8.11 -0.61 70.47
CA TYR I 652 -9.14 -1.62 70.70
C TYR I 652 -9.45 -1.67 72.19
N VAL I 653 -10.72 -1.50 72.53
CA VAL I 653 -11.16 -1.48 73.93
C VAL I 653 -12.20 -2.57 74.16
N ASN I 654 -12.32 -3.00 75.41
CA ASN I 654 -13.33 -3.99 75.81
C ASN I 654 -14.64 -3.30 76.12
N ASN I 655 -15.29 -2.81 75.06
CA ASN I 655 -16.56 -2.10 75.20
C ASN I 655 -17.50 -2.56 74.10
N SER I 656 -18.70 -1.99 74.08
CA SER I 656 -19.69 -2.27 73.05
C SER I 656 -20.62 -1.08 72.93
N TYR I 657 -20.89 -0.67 71.70
CA TYR I 657 -21.74 0.48 71.44
C TYR I 657 -22.56 0.17 70.18
N GLU I 658 -23.21 1.18 69.63
CA GLU I 658 -23.79 1.07 68.32
C GLU I 658 -22.70 1.21 67.27
N CYS I 659 -23.02 0.84 66.03
CA CYS I 659 -22.04 0.88 64.93
C CYS I 659 -22.12 2.24 64.25
N ASP I 660 -21.03 3.00 64.35
CA ASP I 660 -20.95 4.30 63.69
C ASP I 660 -20.29 4.19 62.31
N ILE I 661 -19.12 3.57 62.25
CA ILE I 661 -18.42 3.36 60.98
C ILE I 661 -18.19 1.87 60.81
N PRO I 662 -18.88 1.20 59.90
CA PRO I 662 -18.72 -0.25 59.76
C PRO I 662 -17.39 -0.63 59.12
N ILE I 663 -16.64 -1.52 59.77
CA ILE I 663 -15.36 -1.95 59.22
C ILE I 663 -15.50 -3.32 58.57
N GLY I 664 -16.09 -4.27 59.28
CA GLY I 664 -16.29 -5.61 58.77
C GLY I 664 -16.20 -6.66 59.87
N ALA I 665 -16.99 -7.72 59.72
CA ALA I 665 -17.00 -8.85 60.65
C ALA I 665 -17.31 -8.40 62.08
N GLY I 666 -18.23 -7.45 62.22
CA GLY I 666 -18.71 -7.05 63.52
C GLY I 666 -17.83 -6.07 64.27
N ILE I 667 -16.88 -5.42 63.60
CA ILE I 667 -16.01 -4.42 64.22
C ILE I 667 -16.42 -3.05 63.69
N CYS I 668 -16.63 -2.11 64.60
CA CYS I 668 -17.02 -0.76 64.24
C CYS I 668 -16.13 0.23 64.99
N ALA I 669 -15.91 1.38 64.38
CA ALA I 669 -15.02 2.41 64.93
C ALA I 669 -15.74 3.74 64.99
N SER I 670 -15.35 4.56 65.96
CA SER I 670 -15.97 5.87 66.14
C SER I 670 -14.98 6.79 66.84
N TYR I 671 -15.26 8.09 66.74
CA TYR I 671 -14.44 9.14 67.35
C TYR I 671 -15.04 9.49 68.69
N GLN I 672 -14.50 8.90 69.75
CA GLN I 672 -15.05 9.04 71.10
C GLN I 672 -13.92 9.33 72.08
N THR I 673 -14.27 10.02 73.15
CA THR I 673 -13.33 10.34 74.22
C THR I 673 -12.75 9.07 74.85
N SER I 686 -7.34 12.82 75.00
CA SER I 686 -8.74 13.16 75.20
C SER I 686 -9.63 12.47 74.16
N GLN I 687 -9.59 13.00 72.93
CA GLN I 687 -10.38 12.48 71.82
C GLN I 687 -9.48 11.69 70.89
N SER I 688 -9.91 10.48 70.53
CA SER I 688 -9.10 9.61 69.68
C SER I 688 -10.03 8.66 68.94
N ILE I 689 -9.43 7.87 68.05
CA ILE I 689 -10.18 6.89 67.26
C ILE I 689 -10.06 5.52 67.93
N ILE I 690 -11.19 4.88 68.15
CA ILE I 690 -11.23 3.62 68.88
C ILE I 690 -11.96 2.58 68.03
N ALA I 691 -11.67 1.31 68.29
CA ALA I 691 -12.33 0.19 67.64
C ALA I 691 -12.88 -0.75 68.69
N TYR I 692 -14.04 -1.34 68.40
CA TYR I 692 -14.71 -2.18 69.39
C TYR I 692 -15.55 -3.22 68.65
N THR I 693 -16.43 -3.91 69.38
CA THR I 693 -17.37 -4.85 68.80
C THR I 693 -18.78 -4.31 69.02
N MET I 694 -19.56 -4.26 67.95
CA MET I 694 -20.90 -3.67 68.03
C MET I 694 -21.80 -4.46 68.97
N SER I 695 -22.72 -3.76 69.60
CA SER I 695 -23.65 -4.36 70.56
C SER I 695 -25.01 -4.53 69.92
N LEU I 696 -25.57 -5.74 70.05
CA LEU I 696 -26.85 -6.03 69.44
C LEU I 696 -28.00 -5.29 70.13
N GLY I 697 -27.92 -5.11 71.43
CA GLY I 697 -28.96 -4.40 72.15
C GLY I 697 -28.88 -4.69 73.64
N ALA I 698 -29.80 -4.09 74.38
CA ALA I 698 -29.86 -4.24 75.82
C ALA I 698 -30.46 -5.58 76.20
N GLU I 699 -29.87 -6.23 77.19
CA GLU I 699 -30.37 -7.52 77.65
C GLU I 699 -31.71 -7.35 78.36
N ASN I 700 -32.54 -8.38 78.28
CA ASN I 700 -33.85 -8.35 78.92
C ASN I 700 -34.28 -9.77 79.25
N SER I 701 -35.24 -9.88 80.17
CA SER I 701 -35.79 -11.17 80.55
C SER I 701 -37.27 -10.99 80.87
N VAL I 702 -38.08 -11.97 80.49
CA VAL I 702 -39.52 -11.94 80.68
C VAL I 702 -39.88 -12.95 81.77
N ALA I 703 -40.69 -12.51 82.74
CA ALA I 703 -41.06 -13.34 83.87
C ALA I 703 -42.22 -14.26 83.49
N TYR I 704 -41.87 -15.33 82.78
CA TYR I 704 -42.85 -16.35 82.42
C TYR I 704 -43.19 -17.22 83.63
N SER I 705 -44.46 -17.62 83.71
CA SER I 705 -44.92 -18.47 84.80
C SER I 705 -46.20 -19.17 84.36
N ASN I 706 -46.57 -20.20 85.10
CA ASN I 706 -47.78 -20.96 84.76
C ASN I 706 -49.03 -20.10 84.87
N ASN I 707 -49.07 -19.18 85.82
CA ASN I 707 -50.22 -18.30 86.04
C ASN I 707 -49.79 -16.87 86.31
N SER I 708 -49.60 -16.10 85.24
CA SER I 708 -49.19 -14.71 85.34
C SER I 708 -49.49 -14.00 84.03
N ILE I 709 -49.90 -12.73 84.13
CA ILE I 709 -50.26 -11.95 82.95
C ILE I 709 -50.13 -10.48 83.29
N ALA I 710 -49.96 -9.65 82.25
CA ALA I 710 -49.82 -8.22 82.40
C ALA I 710 -50.84 -7.53 81.52
N ILE I 711 -51.53 -6.53 82.07
CA ILE I 711 -52.57 -5.79 81.37
C ILE I 711 -52.24 -4.31 81.43
N PRO I 712 -52.18 -3.61 80.31
CA PRO I 712 -51.94 -2.17 80.34
C PRO I 712 -53.14 -1.39 80.88
N THR I 713 -52.85 -0.21 81.41
CA THR I 713 -53.87 0.69 81.93
C THR I 713 -53.88 2.05 81.26
N ASN I 714 -52.80 2.42 80.57
CA ASN I 714 -52.55 3.73 80.00
C ASN I 714 -52.30 3.54 78.51
N PHE I 715 -52.49 4.58 77.71
CA PHE I 715 -52.22 4.48 76.29
C PHE I 715 -51.48 5.71 75.81
N THR I 716 -50.74 5.54 74.72
CA THR I 716 -49.97 6.62 74.11
C THR I 716 -50.30 6.68 72.62
N ILE I 717 -50.60 7.87 72.14
CA ILE I 717 -50.86 8.11 70.72
C ILE I 717 -49.56 8.58 70.09
N SER I 718 -49.11 7.87 69.06
CA SER I 718 -47.83 8.12 68.42
C SER I 718 -48.04 8.41 66.94
N VAL I 719 -47.27 9.37 66.44
CA VAL I 719 -47.29 9.74 65.03
C VAL I 719 -45.88 9.61 64.46
N THR I 720 -45.75 8.82 63.39
CA THR I 720 -44.47 8.60 62.74
C THR I 720 -44.61 8.85 61.24
N THR I 721 -43.52 9.29 60.64
CA THR I 721 -43.49 9.63 59.22
C THR I 721 -42.86 8.51 58.41
N GLU I 722 -43.04 8.59 57.10
CA GLU I 722 -42.47 7.60 56.19
C GLU I 722 -42.41 8.21 54.80
N ILE I 723 -41.23 8.17 54.18
CA ILE I 723 -40.99 8.82 52.89
C ILE I 723 -40.70 7.74 51.86
N LEU I 724 -41.35 7.85 50.70
CA LEU I 724 -41.18 6.89 49.62
C LEU I 724 -40.98 7.63 48.31
N PRO I 725 -39.94 7.30 47.55
CA PRO I 725 -39.78 7.90 46.21
C PRO I 725 -40.87 7.42 45.27
N VAL I 726 -41.17 8.26 44.28
CA VAL I 726 -42.24 8.00 43.32
C VAL I 726 -41.73 8.03 41.89
N SER I 727 -41.10 9.14 41.49
CA SER I 727 -40.64 9.30 40.11
C SER I 727 -39.27 9.98 40.13
N MET I 728 -38.62 10.00 38.96
CA MET I 728 -37.32 10.64 38.81
C MET I 728 -37.39 11.59 37.63
N THR I 729 -36.27 12.22 37.32
CA THR I 729 -36.21 13.23 36.27
C THR I 729 -36.32 12.60 34.90
N LYS I 730 -37.07 13.26 34.02
CA LYS I 730 -37.20 12.82 32.63
C LYS I 730 -36.16 13.54 31.78
N THR I 731 -35.38 12.78 31.03
CA THR I 731 -34.29 13.34 30.23
C THR I 731 -34.35 12.82 28.81
N SER I 732 -33.83 13.62 27.89
CA SER I 732 -33.72 13.25 26.48
C SER I 732 -32.34 13.65 25.99
N VAL I 733 -31.83 12.90 25.01
CA VAL I 733 -30.47 13.07 24.52
C VAL I 733 -30.53 13.24 23.00
N ASP I 734 -29.57 13.98 22.46
CA ASP I 734 -29.43 14.17 21.02
C ASP I 734 -28.13 13.52 20.56
N CYS I 735 -28.23 12.57 19.63
CA CYS I 735 -27.04 11.86 19.17
C CYS I 735 -26.12 12.75 18.37
N THR I 736 -26.66 13.47 17.39
CA THR I 736 -25.81 14.15 16.41
C THR I 736 -24.92 15.18 17.07
N MET I 737 -25.47 15.99 17.97
CA MET I 737 -24.67 17.06 18.57
C MET I 737 -23.69 16.52 19.61
N TYR I 738 -24.09 15.49 20.36
CA TYR I 738 -23.20 14.96 21.38
C TYR I 738 -22.03 14.19 20.77
N ILE I 739 -22.31 13.35 19.78
CA ILE I 739 -21.26 12.53 19.18
C ILE I 739 -20.35 13.38 18.30
N CYS I 740 -20.92 14.09 17.34
CA CYS I 740 -20.17 14.86 16.35
C CYS I 740 -20.65 16.30 16.41
N GLY I 741 -19.99 17.12 17.23
CA GLY I 741 -20.35 18.51 17.34
C GLY I 741 -19.89 19.35 16.17
N ASP I 742 -20.84 19.80 15.34
CA ASP I 742 -20.57 20.70 14.22
C ASP I 742 -19.56 20.11 13.24
N SER I 743 -19.93 18.97 12.65
CA SER I 743 -19.09 18.33 11.64
C SER I 743 -20.00 17.50 10.74
N THR I 744 -20.23 18.00 9.52
CA THR I 744 -21.04 17.27 8.56
C THR I 744 -20.39 15.96 8.16
N GLU I 745 -19.05 15.95 8.03
CA GLU I 745 -18.35 14.72 7.69
C GLU I 745 -18.53 13.67 8.76
N CYS I 746 -18.48 14.07 10.03
CA CYS I 746 -18.67 13.12 11.12
C CYS I 746 -20.09 12.54 11.10
N SER I 747 -21.08 13.38 10.80
CA SER I 747 -22.45 12.88 10.67
C SER I 747 -22.57 11.91 9.51
N ASN I 748 -21.90 12.20 8.39
CA ASN I 748 -21.91 11.28 7.26
C ASN I 748 -21.27 9.95 7.63
N LEU I 749 -20.19 9.99 8.41
CA LEU I 749 -19.58 8.76 8.90
C LEU I 749 -20.52 7.99 9.82
N LEU I 750 -21.24 8.71 10.68
CA LEU I 750 -22.22 8.07 11.54
C LEU I 750 -23.33 7.40 10.74
N LEU I 751 -23.71 7.99 9.60
CA LEU I 751 -24.76 7.42 8.77
C LEU I 751 -24.44 6.00 8.32
N GLN I 752 -23.16 5.63 8.26
CA GLN I 752 -22.78 4.28 7.85
C GLN I 752 -23.04 3.24 8.92
N TYR I 753 -23.35 3.66 10.15
CA TYR I 753 -23.62 2.72 11.24
C TYR I 753 -25.05 2.22 11.26
N GLY I 754 -25.94 2.79 10.46
CA GLY I 754 -27.34 2.38 10.47
C GLY I 754 -28.12 3.14 11.52
N SER I 755 -28.72 2.40 12.45
CA SER I 755 -29.58 2.98 13.48
C SER I 755 -29.16 2.45 14.86
N PHE I 756 -28.19 3.12 15.47
CA PHE I 756 -27.88 2.92 16.88
C PHE I 756 -28.48 4.00 17.77
N CYS I 757 -29.35 4.84 17.23
CA CYS I 757 -29.94 5.92 18.00
C CYS I 757 -31.46 5.87 18.10
N THR I 758 -32.14 5.08 17.26
CA THR I 758 -33.56 4.88 17.45
C THR I 758 -33.83 4.15 18.77
N GLN I 759 -32.99 3.19 19.12
CA GLN I 759 -33.18 2.42 20.34
C GLN I 759 -33.06 3.32 21.57
N LEU I 760 -32.06 4.21 21.59
CA LEU I 760 -31.87 5.08 22.74
C LEU I 760 -33.05 6.02 22.92
N LYS I 761 -33.50 6.65 21.84
CA LYS I 761 -34.63 7.56 21.93
C LYS I 761 -35.89 6.81 22.34
N ARG I 762 -36.09 5.61 21.82
CA ARG I 762 -37.25 4.82 22.19
C ARG I 762 -37.23 4.46 23.67
N ALA I 763 -36.07 4.04 24.18
CA ALA I 763 -35.97 3.69 25.59
C ALA I 763 -36.24 4.90 26.48
N LEU I 764 -35.67 6.06 26.12
CA LEU I 764 -35.87 7.25 26.96
C LEU I 764 -37.32 7.72 26.91
N THR I 765 -37.96 7.64 25.74
CA THR I 765 -39.38 7.99 25.65
C THR I 765 -40.23 7.06 26.51
N GLY I 766 -39.93 5.76 26.46
CA GLY I 766 -40.64 4.82 27.30
C GLY I 766 -40.45 5.13 28.78
N ILE I 767 -39.24 5.51 29.18
CA ILE I 767 -38.98 5.84 30.57
C ILE I 767 -39.77 7.07 30.98
N ALA I 768 -39.82 8.10 30.13
CA ALA I 768 -40.58 9.31 30.46
C ALA I 768 -42.06 8.99 30.64
N VAL I 769 -42.64 8.24 29.70
CA VAL I 769 -44.05 7.89 29.81
C VAL I 769 -44.29 7.04 31.05
N GLU I 770 -43.33 6.17 31.37
CA GLU I 770 -43.45 5.34 32.57
C GLU I 770 -43.47 6.20 33.83
N GLN I 771 -42.63 7.24 33.88
CA GLN I 771 -42.63 8.14 35.03
C GLN I 771 -43.98 8.84 35.19
N ASP I 772 -44.52 9.35 34.08
CA ASP I 772 -45.83 10.00 34.16
C ASP I 772 -46.89 9.03 34.63
N LYS I 773 -46.86 7.79 34.13
CA LYS I 773 -47.82 6.78 34.55
C LYS I 773 -47.68 6.46 36.03
N ASN I 774 -46.44 6.39 36.54
CA ASN I 774 -46.22 6.14 37.95
C ASN I 774 -46.86 7.22 38.81
N THR I 775 -46.62 8.49 38.45
CA THR I 775 -47.21 9.58 39.22
C THR I 775 -48.73 9.52 39.18
N GLN I 776 -49.29 9.25 38.00
CA GLN I 776 -50.75 9.17 37.87
C GLN I 776 -51.31 8.06 38.74
N GLU I 777 -50.68 6.89 38.75
CA GLU I 777 -51.16 5.79 39.57
C GLU I 777 -51.08 6.11 41.05
N VAL I 778 -49.98 6.75 41.49
CA VAL I 778 -49.80 6.99 42.92
C VAL I 778 -50.81 8.01 43.42
N PHE I 779 -50.98 9.12 42.70
CA PHE I 779 -51.77 10.21 43.26
C PHE I 779 -53.22 10.26 42.78
N ALA I 780 -53.47 10.10 41.48
CA ALA I 780 -54.82 10.23 40.95
C ALA I 780 -55.60 8.97 41.30
N GLN I 781 -56.39 9.05 42.37
CA GLN I 781 -57.15 7.90 42.86
C GLN I 781 -58.60 8.22 43.20
N VAL I 782 -58.97 9.49 43.35
CA VAL I 782 -60.33 9.89 43.69
C VAL I 782 -60.92 10.64 42.51
N LYS I 783 -62.22 10.45 42.29
CA LYS I 783 -62.92 11.06 41.17
C LYS I 783 -63.56 12.39 41.50
N GLN I 784 -63.50 12.84 42.75
CA GLN I 784 -64.11 14.10 43.17
C GLN I 784 -63.10 14.94 43.93
N ILE I 785 -63.32 16.25 43.92
CA ILE I 785 -62.46 17.18 44.66
C ILE I 785 -63.25 17.77 45.82
N TYR I 786 -63.12 17.16 46.99
CA TYR I 786 -63.88 17.58 48.16
C TYR I 786 -63.27 18.83 48.77
N LYS I 787 -64.08 19.52 49.59
CA LYS I 787 -63.62 20.67 50.37
C LYS I 787 -64.04 20.50 51.81
N THR I 788 -63.21 20.94 52.68
CA THR I 788 -63.63 20.98 54.07
C THR I 788 -64.54 22.18 54.33
N PRO I 789 -65.47 22.06 55.28
CA PRO I 789 -66.29 23.22 55.66
C PRO I 789 -65.45 24.31 56.28
N PRO I 790 -65.90 25.57 56.21
CA PRO I 790 -65.10 26.67 56.79
C PRO I 790 -64.82 26.50 58.27
N ILE I 791 -65.76 25.93 59.02
CA ILE I 791 -65.54 25.69 60.44
C ILE I 791 -64.55 24.55 60.62
N LYS I 792 -63.51 24.78 61.41
CA LYS I 792 -62.41 23.84 61.56
C LYS I 792 -62.39 23.22 62.96
N TYR I 793 -63.55 22.88 63.50
CA TYR I 793 -63.67 22.21 64.78
C TYR I 793 -64.01 20.74 64.54
N PHE I 794 -63.09 19.85 64.90
CA PHE I 794 -63.28 18.41 64.75
C PHE I 794 -63.02 17.75 66.10
N GLY I 795 -64.03 17.74 66.96
CA GLY I 795 -63.95 17.05 68.23
C GLY I 795 -62.77 17.45 69.09
N GLY I 796 -62.24 18.65 68.92
CA GLY I 796 -61.06 19.09 69.64
C GLY I 796 -59.75 18.79 68.95
N PHE I 797 -59.77 18.02 67.88
CA PHE I 797 -58.56 17.72 67.13
C PHE I 797 -58.18 18.90 66.24
N ASN I 798 -56.89 19.20 66.18
CA ASN I 798 -56.38 20.37 65.49
C ASN I 798 -55.63 19.93 64.24
N PHE I 799 -56.15 20.32 63.07
CA PHE I 799 -55.57 19.95 61.78
C PHE I 799 -55.03 21.15 61.04
N SER I 800 -54.70 22.23 61.76
CA SER I 800 -54.29 23.46 61.09
C SER I 800 -52.91 23.34 60.44
N GLN I 801 -52.09 22.37 60.85
CA GLN I 801 -50.75 22.24 60.33
C GLN I 801 -50.67 21.35 59.09
N ILE I 802 -51.77 20.75 58.67
CA ILE I 802 -51.77 19.94 57.46
C ILE I 802 -52.84 20.36 56.45
N LEU I 803 -53.88 21.07 56.86
CA LEU I 803 -54.85 21.56 55.90
C LEU I 803 -54.29 22.76 55.13
N PRO I 804 -54.61 22.88 53.85
CA PRO I 804 -54.09 23.99 53.06
C PRO I 804 -54.65 25.33 53.52
N ASP I 805 -53.84 26.36 53.34
CA ASP I 805 -54.21 27.72 53.71
C ASP I 805 -54.47 28.56 52.46
N PRO I 806 -55.69 29.06 52.26
CA PRO I 806 -55.95 29.86 51.05
C PRO I 806 -55.16 31.15 50.98
N SER I 807 -54.65 31.64 52.11
CA SER I 807 -53.94 32.91 52.11
C SER I 807 -52.69 32.86 51.25
N LYS I 808 -51.93 31.77 51.34
CA LYS I 808 -50.72 31.63 50.55
C LYS I 808 -51.09 31.49 49.07
N PRO I 809 -50.32 32.11 48.16
CA PRO I 809 -50.62 31.94 46.73
C PRO I 809 -50.63 30.49 46.28
N SER I 810 -49.73 29.67 46.82
CA SER I 810 -49.72 28.24 46.52
C SER I 810 -50.40 27.49 47.64
N LYS I 811 -51.42 26.70 47.30
CA LYS I 811 -52.22 26.00 48.30
C LYS I 811 -51.43 24.81 48.83
N ARG I 812 -50.53 25.10 49.76
CA ARG I 812 -49.69 24.08 50.37
C ARG I 812 -49.67 24.28 51.89
N SER I 813 -49.66 23.17 52.61
CA SER I 813 -49.67 23.23 54.06
C SER I 813 -48.29 23.62 54.59
N PHE I 814 -48.21 23.83 55.90
CA PHE I 814 -46.95 24.22 56.53
C PHE I 814 -45.91 23.11 56.40
N ILE I 815 -46.33 21.85 56.62
CA ILE I 815 -45.39 20.74 56.57
C ILE I 815 -44.89 20.53 55.14
N GLU I 816 -45.76 20.72 54.16
CA GLU I 816 -45.33 20.63 52.76
C GLU I 816 -44.30 21.70 52.44
N ASP I 817 -44.50 22.91 52.97
CA ASP I 817 -43.52 23.97 52.77
C ASP I 817 -42.19 23.62 53.40
N LEU I 818 -42.21 23.05 54.61
CA LEU I 818 -40.97 22.63 55.24
C LEU I 818 -40.26 21.56 54.41
N LEU I 819 -41.01 20.60 53.89
CA LEU I 819 -40.41 19.56 53.07
C LEU I 819 -39.78 20.13 51.81
N PHE I 820 -40.49 21.04 51.13
CA PHE I 820 -39.94 21.64 49.93
C PHE I 820 -38.68 22.44 50.23
N ASN I 821 -38.69 23.21 51.33
CA ASN I 821 -37.51 24.01 51.67
C ASN I 821 -36.34 23.12 52.06
N LYS I 822 -36.61 21.97 52.69
CA LYS I 822 -35.51 21.07 53.04
C LYS I 822 -34.94 20.40 51.80
N VAL I 823 -35.78 20.00 50.86
CA VAL I 823 -35.28 19.30 49.68
C VAL I 823 -34.64 20.26 48.68
N THR I 824 -35.02 21.54 48.72
CA THR I 824 -34.48 22.48 47.73
C THR I 824 -33.01 22.79 47.92
N LEU I 825 -32.30 22.18 48.88
CA LEU I 825 -30.86 22.37 48.98
C LEU I 825 -30.15 21.92 47.71
N ALA I 826 -30.75 20.98 46.97
CA ALA I 826 -30.23 20.54 45.68
C ALA I 826 -31.41 20.35 44.75
N ASP I 827 -31.53 21.23 43.74
CA ASP I 827 -32.59 21.15 42.74
C ASP I 827 -31.96 21.29 41.35
N ALA I 828 -31.73 20.16 40.70
CA ALA I 828 -31.20 20.14 39.34
C ALA I 828 -32.29 20.21 38.28
N GLY I 829 -33.56 20.16 38.68
CA GLY I 829 -34.66 20.22 37.74
C GLY I 829 -35.03 21.63 37.35
N PHE I 830 -34.14 22.32 36.63
CA PHE I 830 -34.38 23.69 36.20
C PHE I 830 -35.07 23.67 34.83
N ILE I 831 -36.37 23.35 34.86
CA ILE I 831 -37.17 23.39 33.65
C ILE I 831 -37.37 24.83 33.19
N LYS I 832 -37.42 25.78 34.13
CA LYS I 832 -37.72 27.16 33.79
C LYS I 832 -36.67 27.75 32.85
N GLN I 833 -35.48 27.15 32.80
CA GLN I 833 -34.43 27.64 31.93
C GLN I 833 -34.80 27.45 30.46
N TYR I 834 -34.32 28.35 29.61
CA TYR I 834 -34.61 28.31 28.19
C TYR I 834 -33.37 28.69 27.39
N GLY I 835 -33.56 29.02 26.11
CA GLY I 835 -32.49 29.50 25.27
C GLY I 835 -31.97 30.87 25.62
N ASP I 836 -32.62 31.56 26.57
CA ASP I 836 -32.16 32.85 27.06
C ASP I 836 -30.89 32.76 27.89
N CYS I 837 -30.44 31.56 28.23
CA CYS I 837 -29.21 31.39 29.00
C CYS I 837 -27.99 31.67 28.13
N LEU I 838 -27.75 32.94 27.81
CA LEU I 838 -26.61 33.35 27.01
C LEU I 838 -25.81 34.43 27.71
N GLY I 839 -25.90 34.48 29.04
CA GLY I 839 -25.18 35.47 29.82
C GLY I 839 -23.71 35.10 29.95
N ALA I 843 -18.64 31.12 34.54
CA ALA I 843 -19.63 30.50 35.39
C ALA I 843 -20.60 29.63 34.58
N ARG I 844 -21.63 30.28 34.04
CA ARG I 844 -22.65 29.67 33.18
C ARG I 844 -23.42 28.56 33.89
N ASP I 845 -23.42 28.54 35.23
CA ASP I 845 -24.16 27.57 36.02
C ASP I 845 -23.76 26.14 35.69
N LEU I 846 -24.52 25.17 36.21
CA LEU I 846 -24.27 23.76 35.94
C LEU I 846 -25.28 23.16 34.98
N ILE I 847 -26.56 23.51 35.10
CA ILE I 847 -27.58 22.97 34.21
C ILE I 847 -27.57 23.63 32.83
N CYS I 848 -27.02 24.84 32.72
CA CYS I 848 -26.96 25.53 31.43
C CYS I 848 -25.87 24.97 30.53
N ALA I 849 -24.73 24.59 31.09
CA ALA I 849 -23.69 23.96 30.30
C ALA I 849 -24.14 22.62 29.72
N GLN I 850 -24.86 21.84 30.51
CA GLN I 850 -25.37 20.55 30.04
C GLN I 850 -26.53 20.71 29.06
N LYS I 851 -27.11 21.90 28.95
CA LYS I 851 -28.11 22.12 27.92
C LYS I 851 -27.49 21.95 26.54
N PHE I 852 -26.26 22.42 26.37
CA PHE I 852 -25.55 22.14 25.14
C PHE I 852 -25.15 20.67 25.10
N LYS I 853 -24.66 20.23 23.93
CA LYS I 853 -24.31 18.84 23.66
C LYS I 853 -25.53 17.93 23.70
N GLY I 854 -26.74 18.47 23.56
CA GLY I 854 -27.94 17.66 23.44
C GLY I 854 -28.30 16.86 24.68
N LEU I 855 -28.38 17.52 25.83
CA LEU I 855 -28.81 16.87 27.08
C LEU I 855 -29.82 17.78 27.75
N THR I 856 -31.11 17.48 27.55
CA THR I 856 -32.18 18.33 28.03
C THR I 856 -33.05 17.57 29.03
N VAL I 857 -33.88 18.33 29.74
CA VAL I 857 -34.80 17.80 30.74
C VAL I 857 -36.21 18.19 30.34
N LEU I 858 -37.12 17.20 30.33
CA LEU I 858 -38.50 17.50 29.96
C LEU I 858 -39.36 17.72 31.20
N PRO I 859 -40.31 18.64 31.13
CA PRO I 859 -41.13 18.93 32.32
C PRO I 859 -42.11 17.80 32.59
N PRO I 860 -42.46 17.56 33.85
CA PRO I 860 -43.48 16.56 34.16
C PRO I 860 -44.86 17.01 33.69
N LEU I 861 -45.72 16.03 33.43
CA LEU I 861 -47.07 16.33 32.98
C LEU I 861 -47.88 17.04 34.06
N LEU I 862 -47.78 16.58 35.31
CA LEU I 862 -48.54 17.15 36.41
C LEU I 862 -47.69 18.13 37.19
N THR I 863 -48.14 19.37 37.29
CA THR I 863 -47.41 20.38 38.02
C THR I 863 -47.56 20.18 39.52
N ASP I 864 -46.76 20.93 40.29
CA ASP I 864 -46.81 20.83 41.74
C ASP I 864 -48.08 21.42 42.34
N GLU I 865 -48.86 22.16 41.56
CA GLU I 865 -50.09 22.76 42.07
C GLU I 865 -51.31 21.87 41.89
N MET I 866 -51.16 20.73 41.22
CA MET I 866 -52.25 19.75 41.08
C MET I 866 -52.09 18.58 42.05
N ILE I 867 -50.85 18.17 42.32
CA ILE I 867 -50.60 17.17 43.34
C ILE I 867 -51.08 17.68 44.69
N ALA I 868 -50.88 18.97 44.95
CA ALA I 868 -51.37 19.56 46.19
C ALA I 868 -52.90 19.47 46.27
N GLN I 869 -53.58 19.72 45.15
CA GLN I 869 -55.04 19.59 45.15
C GLN I 869 -55.47 18.16 45.40
N TYR I 870 -54.79 17.19 44.79
CA TYR I 870 -55.11 15.78 45.06
C TYR I 870 -54.95 15.45 46.52
N THR I 871 -53.84 15.87 47.13
CA THR I 871 -53.61 15.57 48.54
C THR I 871 -54.64 16.25 49.43
N SER I 872 -55.00 17.49 49.11
CA SER I 872 -56.01 18.19 49.89
C SER I 872 -57.36 17.48 49.78
N ALA I 873 -57.72 17.04 48.57
CA ALA I 873 -58.98 16.31 48.40
C ALA I 873 -58.98 15.02 49.21
N LEU I 874 -57.88 14.26 49.16
CA LEU I 874 -57.82 13.02 49.92
C LEU I 874 -57.92 13.29 51.42
N LEU I 875 -57.22 14.32 51.90
CA LEU I 875 -57.25 14.63 53.32
C LEU I 875 -58.65 15.06 53.76
N ALA I 876 -59.32 15.88 52.96
CA ALA I 876 -60.67 16.30 53.31
C ALA I 876 -61.62 15.11 53.31
N GLY I 877 -61.49 14.21 52.33
CA GLY I 877 -62.33 13.04 52.31
C GLY I 877 -62.12 12.14 53.51
N THR I 878 -60.87 11.96 53.91
CA THR I 878 -60.59 11.15 55.10
C THR I 878 -61.15 11.80 56.36
N ILE I 879 -60.96 13.10 56.51
CA ILE I 879 -61.42 13.78 57.72
C ILE I 879 -62.94 13.76 57.82
N THR I 880 -63.64 14.03 56.71
CA THR I 880 -65.08 14.19 56.77
C THR I 880 -65.81 12.86 56.78
N SER I 881 -65.61 12.05 55.74
CA SER I 881 -66.42 10.86 55.53
C SER I 881 -65.88 9.61 56.22
N GLY I 882 -64.59 9.56 56.50
CA GLY I 882 -63.99 8.37 57.08
C GLY I 882 -63.39 7.49 56.02
N TRP I 883 -63.78 6.21 56.01
CA TRP I 883 -63.34 5.27 55.00
C TRP I 883 -64.41 4.96 53.97
N THR I 884 -65.58 5.58 54.08
CA THR I 884 -66.68 5.27 53.16
C THR I 884 -66.45 5.83 51.77
N PHE I 885 -65.78 6.99 51.66
CA PHE I 885 -65.58 7.60 50.35
C PHE I 885 -64.65 6.80 49.46
N GLY I 886 -63.89 5.86 50.02
CA GLY I 886 -63.02 5.02 49.22
C GLY I 886 -63.70 3.83 48.57
N ALA I 887 -64.99 3.62 48.83
CA ALA I 887 -65.69 2.49 48.25
C ALA I 887 -67.09 2.85 47.76
N GLY I 888 -67.33 4.11 47.42
CA GLY I 888 -68.63 4.54 46.94
C GLY I 888 -68.85 6.03 47.09
N ALA I 889 -70.05 6.41 47.53
CA ALA I 889 -70.37 7.82 47.74
C ALA I 889 -69.99 8.22 49.16
N ALA I 890 -69.41 9.42 49.29
CA ALA I 890 -68.96 9.91 50.59
C ALA I 890 -70.17 10.12 51.50
N LEU I 891 -70.05 9.63 52.74
CA LEU I 891 -71.11 9.76 53.74
C LEU I 891 -70.53 10.46 54.96
N GLN I 892 -71.12 11.60 55.31
CA GLN I 892 -70.60 12.38 56.42
C GLN I 892 -70.85 11.66 57.75
N ILE I 893 -70.00 11.98 58.74
CA ILE I 893 -70.10 11.40 60.06
C ILE I 893 -69.24 12.24 61.01
N PRO I 894 -69.68 12.49 62.24
CA PRO I 894 -68.84 13.26 63.18
C PRO I 894 -67.52 12.55 63.44
N PHE I 895 -66.48 13.36 63.68
CA PHE I 895 -65.14 12.81 63.80
C PHE I 895 -64.98 11.96 65.06
N ALA I 896 -65.61 12.36 66.16
CA ALA I 896 -65.47 11.62 67.40
C ALA I 896 -65.99 10.20 67.25
N MET I 897 -67.15 10.04 66.62
CA MET I 897 -67.69 8.69 66.41
C MET I 897 -66.79 7.87 65.51
N GLN I 898 -66.20 8.49 64.49
CA GLN I 898 -65.28 7.77 63.62
C GLN I 898 -64.06 7.28 64.39
N MET I 899 -63.51 8.14 65.27
CA MET I 899 -62.36 7.72 66.06
C MET I 899 -62.73 6.58 67.01
N ALA I 900 -63.90 6.67 67.64
CA ALA I 900 -64.34 5.59 68.53
C ALA I 900 -64.55 4.30 67.75
N TYR I 901 -65.05 4.41 66.53
CA TYR I 901 -65.30 3.24 65.70
C TYR I 901 -63.99 2.59 65.29
N ARG I 902 -62.98 3.42 65.00
CA ARG I 902 -61.65 2.88 64.71
C ARG I 902 -61.06 2.20 65.94
N PHE I 903 -61.28 2.76 67.13
CA PHE I 903 -60.87 2.04 68.35
C PHE I 903 -61.58 0.70 68.47
N ASN I 904 -62.88 0.66 68.21
CA ASN I 904 -63.62 -0.59 68.25
C ASN I 904 -63.07 -1.59 67.25
N GLY I 905 -62.50 -1.10 66.15
CA GLY I 905 -61.92 -1.98 65.15
C GLY I 905 -60.67 -2.72 65.58
N ILE I 906 -60.03 -2.32 66.68
CA ILE I 906 -58.79 -2.93 67.12
C ILE I 906 -58.93 -3.64 68.47
N GLY I 907 -60.16 -3.83 68.94
CA GLY I 907 -60.38 -4.58 70.16
C GLY I 907 -60.53 -3.78 71.43
N VAL I 908 -60.67 -2.46 71.33
CA VAL I 908 -60.88 -1.60 72.49
C VAL I 908 -62.27 -0.99 72.37
N THR I 909 -63.06 -1.10 73.42
CA THR I 909 -64.43 -0.58 73.39
C THR I 909 -64.44 0.94 73.29
N GLN I 910 -65.50 1.46 72.68
CA GLN I 910 -65.56 2.88 72.34
C GLN I 910 -65.76 3.77 73.56
N ASN I 911 -66.26 3.23 74.67
CA ASN I 911 -66.42 4.04 75.87
C ASN I 911 -65.10 4.58 76.37
N VAL I 912 -64.00 3.89 76.04
CA VAL I 912 -62.67 4.40 76.40
C VAL I 912 -62.43 5.76 75.74
N LEU I 913 -62.70 5.86 74.44
CA LEU I 913 -62.59 7.17 73.79
C LEU I 913 -63.61 8.15 74.34
N TYR I 914 -64.87 7.71 74.50
CA TYR I 914 -65.88 8.65 74.94
C TYR I 914 -65.59 9.18 76.34
N GLU I 915 -64.72 8.51 77.10
CA GLU I 915 -64.31 9.00 78.41
C GLU I 915 -62.96 9.70 78.41
N ASN I 916 -62.08 9.43 77.43
CA ASN I 916 -60.75 10.02 77.41
C ASN I 916 -60.52 10.87 76.17
N GLN I 917 -61.60 11.44 75.61
CA GLN I 917 -61.48 12.26 74.41
C GLN I 917 -60.54 13.43 74.60
N LYS I 918 -60.65 14.14 75.73
CA LYS I 918 -59.79 15.31 75.93
C LYS I 918 -58.33 14.93 76.00
N LEU I 919 -58.00 13.87 76.75
CA LEU I 919 -56.62 13.43 76.85
C LEU I 919 -56.08 12.99 75.50
N ILE I 920 -56.88 12.24 74.74
CA ILE I 920 -56.42 11.77 73.44
C ILE I 920 -56.21 12.94 72.48
N ALA I 921 -57.10 13.93 72.53
CA ALA I 921 -56.93 15.11 71.68
C ALA I 921 -55.65 15.87 72.04
N ASN I 922 -55.38 16.01 73.33
CA ASN I 922 -54.15 16.69 73.75
C ASN I 922 -52.92 15.93 73.29
N GLN I 923 -52.94 14.60 73.43
CA GLN I 923 -51.80 13.80 72.99
C GLN I 923 -51.59 13.91 71.49
N PHE I 924 -52.68 13.87 70.71
CA PHE I 924 -52.57 14.00 69.26
C PHE I 924 -52.02 15.36 68.86
N ASN I 925 -52.50 16.42 69.52
CA ASN I 925 -52.00 17.77 69.21
C ASN I 925 -50.51 17.88 69.52
N SER I 926 -50.07 17.35 70.65
CA SER I 926 -48.65 17.40 70.98
C SER I 926 -47.83 16.60 69.97
N ALA I 927 -48.32 15.42 69.58
CA ALA I 927 -47.59 14.61 68.61
C ALA I 927 -47.47 15.31 67.27
N ILE I 928 -48.54 15.96 66.82
CA ILE I 928 -48.48 16.72 65.58
C ILE I 928 -47.49 17.86 65.69
N GLY I 929 -47.51 18.58 66.82
CA GLY I 929 -46.59 19.68 67.01
C GLY I 929 -45.14 19.24 66.99
N LYS I 930 -44.86 18.05 67.51
CA LYS I 930 -43.48 17.56 67.56
C LYS I 930 -42.88 17.34 66.18
N ILE I 931 -43.71 17.04 65.17
CA ILE I 931 -43.18 16.75 63.84
C ILE I 931 -42.53 17.98 63.23
N GLN I 932 -43.12 19.16 63.44
CA GLN I 932 -42.53 20.38 62.91
C GLN I 932 -41.16 20.63 63.50
N ASP I 933 -41.01 20.44 64.82
CA ASP I 933 -39.69 20.58 65.44
C ASP I 933 -38.71 19.55 64.92
N SER I 934 -39.17 18.32 64.72
CA SER I 934 -38.29 17.27 64.21
C SER I 934 -37.80 17.61 62.80
N LEU I 935 -38.69 18.09 61.95
CA LEU I 935 -38.32 18.38 60.57
C LEU I 935 -37.48 19.64 60.44
N SER I 936 -37.83 20.69 61.19
CA SER I 936 -37.12 21.95 61.07
C SER I 936 -35.68 21.87 61.56
N SER I 937 -35.34 20.87 62.35
CA SER I 937 -33.98 20.71 62.83
C SER I 937 -33.06 20.28 61.69
N THR I 938 -31.75 20.38 61.94
CA THR I 938 -30.76 20.00 60.94
C THR I 938 -30.73 18.50 60.68
N ALA I 939 -31.39 17.69 61.51
CA ALA I 939 -31.45 16.25 61.31
C ALA I 939 -32.39 15.95 60.15
N SER I 940 -31.85 16.04 58.94
CA SER I 940 -32.62 15.82 57.72
C SER I 940 -32.73 14.32 57.46
N ALA I 941 -33.95 13.80 57.52
CA ALA I 941 -34.20 12.38 57.26
C ALA I 941 -34.61 12.11 55.82
N LEU I 942 -34.66 13.13 54.97
CA LEU I 942 -35.06 12.95 53.58
C LEU I 942 -33.89 12.54 52.71
N GLY I 943 -33.19 11.47 53.11
CA GLY I 943 -32.10 10.96 52.32
C GLY I 943 -32.53 10.20 51.10
N LYS I 944 -33.69 9.53 51.17
CA LYS I 944 -34.17 8.74 50.04
C LYS I 944 -34.47 9.62 48.84
N LEU I 945 -35.08 10.78 49.06
CA LEU I 945 -35.38 11.68 47.95
C LEU I 945 -34.12 12.40 47.47
N GLN I 946 -33.17 12.66 48.35
CA GLN I 946 -31.93 13.31 47.95
C GLN I 946 -31.05 12.39 47.11
N ASP I 947 -31.07 11.09 47.39
CA ASP I 947 -30.22 10.15 46.69
C ASP I 947 -30.56 10.09 45.20
N VAL I 948 -31.85 10.19 44.87
CA VAL I 948 -32.25 10.14 43.46
C VAL I 948 -31.63 11.30 42.70
N VAL I 949 -31.78 12.52 43.24
CA VAL I 949 -31.23 13.70 42.57
C VAL I 949 -29.72 13.61 42.49
N ASN I 950 -29.06 13.17 43.57
CA ASN I 950 -27.62 13.07 43.55
C ASN I 950 -27.14 12.09 42.49
N HIS I 951 -27.78 10.92 42.40
CA HIS I 951 -27.38 9.94 41.41
C HIS I 951 -27.59 10.45 39.99
N ASN I 952 -28.75 11.08 39.72
CA ASN I 952 -29.00 11.58 38.38
C ASN I 952 -28.00 12.67 37.99
N ALA I 953 -27.73 13.61 38.91
CA ALA I 953 -26.77 14.66 38.63
C ALA I 953 -25.38 14.10 38.39
N GLN I 954 -24.95 13.13 39.22
CA GLN I 954 -23.63 12.57 39.04
C GLN I 954 -23.51 11.80 37.74
N ALA I 955 -24.54 11.05 37.36
CA ALA I 955 -24.50 10.32 36.10
C ALA I 955 -24.41 11.27 34.92
N LEU I 956 -25.22 12.33 34.93
CA LEU I 956 -25.18 13.28 33.83
C LEU I 956 -23.84 14.01 33.77
N ASN I 957 -23.28 14.35 34.93
CA ASN I 957 -21.98 15.00 34.96
C ASN I 957 -20.88 14.09 34.42
N THR I 958 -20.93 12.81 34.79
CA THR I 958 -19.95 11.86 34.24
C THR I 958 -20.10 11.74 32.72
N LEU I 959 -21.34 11.71 32.24
CA LEU I 959 -21.56 11.61 30.79
C LEU I 959 -21.00 12.84 30.08
N VAL I 960 -21.19 14.03 30.65
CA VAL I 960 -20.71 15.23 29.97
C VAL I 960 -19.19 15.37 30.11
N LYS I 961 -18.62 14.81 31.18
CA LYS I 961 -17.17 14.82 31.34
C LYS I 961 -16.47 13.79 30.46
N GLN I 962 -17.17 12.72 30.08
CA GLN I 962 -16.57 11.68 29.25
C GLN I 962 -16.07 12.20 27.92
N LEU I 963 -16.55 13.36 27.45
CA LEU I 963 -16.16 13.90 26.16
C LEU I 963 -14.67 14.21 26.04
N SER I 964 -13.96 14.36 27.16
CA SER I 964 -12.54 14.66 27.13
C SER I 964 -11.68 13.44 26.85
N SER I 965 -12.28 12.25 26.81
CA SER I 965 -11.51 11.03 26.60
C SER I 965 -10.87 11.02 25.22
N LYS I 966 -9.58 10.67 25.17
CA LYS I 966 -8.88 10.58 23.90
C LYS I 966 -9.22 9.30 23.15
N PHE I 967 -9.48 8.21 23.87
CA PHE I 967 -9.80 6.92 23.27
C PHE I 967 -8.72 6.44 22.32
N GLY I 968 -7.46 6.77 22.62
CA GLY I 968 -6.34 6.38 21.79
C GLY I 968 -6.06 7.27 20.61
N ALA I 969 -6.86 8.30 20.39
CA ALA I 969 -6.62 9.23 19.30
C ALA I 969 -5.56 10.25 19.68
N ILE I 970 -5.02 10.93 18.67
CA ILE I 970 -3.98 11.92 18.92
C ILE I 970 -4.55 13.14 19.64
N SER I 971 -5.80 13.49 19.35
CA SER I 971 -6.44 14.65 19.96
C SER I 971 -7.93 14.38 20.14
N SER I 972 -8.55 15.19 20.98
CA SER I 972 -9.96 15.04 21.32
C SER I 972 -10.85 16.06 20.62
N VAL I 973 -10.35 16.76 19.61
CA VAL I 973 -11.12 17.75 18.86
C VAL I 973 -11.22 17.28 17.42
N LEU I 974 -12.46 17.18 16.93
CA LEU I 974 -12.68 16.72 15.56
C LEU I 974 -12.11 17.70 14.53
N ASN I 975 -12.28 19.00 14.79
CA ASN I 975 -11.85 20.01 13.82
C ASN I 975 -10.34 19.97 13.61
N ASP I 976 -9.58 19.78 14.69
CA ASP I 976 -8.13 19.70 14.55
C ASP I 976 -7.72 18.49 13.72
N ILE I 977 -8.36 17.34 13.95
CA ILE I 977 -8.05 16.16 13.16
C ILE I 977 -8.37 16.38 11.69
N PHE I 978 -9.51 17.01 11.41
CA PHE I 978 -9.88 17.28 10.02
C PHE I 978 -8.91 18.25 9.37
N SER I 979 -8.46 19.27 10.11
CA SER I 979 -7.62 20.31 9.51
C SER I 979 -6.19 19.83 9.32
N ARG I 980 -5.69 18.97 10.19
CA ARG I 980 -4.28 18.59 10.18
C ARG I 980 -4.00 17.33 9.38
N LEU I 981 -4.99 16.48 9.13
CA LEU I 981 -4.76 15.20 8.49
C LEU I 981 -5.72 15.02 7.32
N ASP I 982 -5.26 14.29 6.31
CA ASP I 982 -6.08 13.95 5.17
C ASP I 982 -7.12 12.88 5.54
N PRO I 983 -8.18 12.75 4.74
CA PRO I 983 -9.25 11.79 5.07
C PRO I 983 -8.77 10.36 5.24
N PRO I 984 -7.82 9.85 4.42
CA PRO I 984 -7.55 8.40 4.45
C PRO I 984 -7.30 7.80 5.84
N GLU I 985 -6.59 8.50 6.73
CA GLU I 985 -6.46 8.02 8.09
C GLU I 985 -7.38 8.76 9.06
N ALA I 986 -7.85 9.96 8.70
CA ALA I 986 -8.81 10.65 9.54
C ALA I 986 -10.07 9.83 9.73
N GLU I 987 -10.41 8.97 8.75
CA GLU I 987 -11.59 8.13 8.90
C GLU I 987 -11.49 7.24 10.14
N VAL I 988 -10.39 6.49 10.25
CA VAL I 988 -10.25 5.62 11.42
C VAL I 988 -9.99 6.45 12.68
N GLN I 989 -9.29 7.58 12.54
CA GLN I 989 -9.02 8.42 13.71
C GLN I 989 -10.31 8.90 14.35
N ILE I 990 -11.28 9.32 13.54
CA ILE I 990 -12.56 9.73 14.10
C ILE I 990 -13.42 8.52 14.43
N ASP I 991 -13.20 7.38 13.75
CA ASP I 991 -13.99 6.19 14.04
C ASP I 991 -13.75 5.68 15.46
N ARG I 992 -12.50 5.78 15.93
CA ARG I 992 -12.22 5.37 17.30
C ARG I 992 -13.01 6.21 18.31
N LEU I 993 -13.05 7.53 18.10
CA LEU I 993 -13.83 8.39 18.98
C LEU I 993 -15.32 8.07 18.88
N ILE I 994 -15.80 7.77 17.67
CA ILE I 994 -17.20 7.40 17.50
C ILE I 994 -17.53 6.17 18.33
N THR I 995 -16.67 5.16 18.27
CA THR I 995 -16.91 3.94 19.04
C THR I 995 -16.91 4.23 20.53
N GLY I 996 -15.94 5.02 21.00
CA GLY I 996 -15.89 5.32 22.43
C GLY I 996 -17.14 6.04 22.92
N ARG I 997 -17.57 7.06 22.18
CA ARG I 997 -18.73 7.83 22.61
C ARG I 997 -20.00 7.01 22.52
N LEU I 998 -20.12 6.15 21.50
CA LEU I 998 -21.28 5.27 21.41
C LEU I 998 -21.33 4.32 22.60
N GLN I 999 -20.18 3.77 22.99
CA GLN I 999 -20.16 2.88 24.15
C GLN I 999 -20.57 3.62 25.41
N SER I 1000 -20.10 4.86 25.58
CA SER I 1000 -20.49 5.64 26.75
C SER I 1000 -22.00 5.89 26.77
N LEU I 1001 -22.57 6.24 25.62
CA LEU I 1001 -24.01 6.47 25.56
C LEU I 1001 -24.78 5.20 25.91
N GLN I 1002 -24.33 4.05 25.39
CA GLN I 1002 -25.00 2.80 25.69
C GLN I 1002 -24.95 2.49 27.19
N THR I 1003 -23.79 2.72 27.81
CA THR I 1003 -23.68 2.50 29.25
C THR I 1003 -24.64 3.38 30.02
N TYR I 1004 -24.72 4.66 29.65
CA TYR I 1004 -25.64 5.57 30.35
C TYR I 1004 -27.09 5.10 30.21
N VAL I 1005 -27.48 4.71 29.00
CA VAL I 1005 -28.86 4.26 28.78
C VAL I 1005 -29.14 3.01 29.61
N THR I 1006 -28.20 2.08 29.67
CA THR I 1006 -28.40 0.88 30.47
C THR I 1006 -28.57 1.21 31.95
N GLN I 1007 -27.76 2.14 32.46
CA GLN I 1007 -27.90 2.53 33.86
C GLN I 1007 -29.26 3.14 34.13
N GLN I 1008 -29.74 4.01 33.24
CA GLN I 1008 -31.05 4.61 33.43
C GLN I 1008 -32.15 3.55 33.41
N LEU I 1009 -32.05 2.59 32.47
CA LEU I 1009 -33.03 1.52 32.42
C LEU I 1009 -33.05 0.71 33.71
N ILE I 1010 -31.88 0.44 34.26
CA ILE I 1010 -31.82 -0.32 35.52
C ILE I 1010 -32.46 0.45 36.65
N ARG I 1011 -32.18 1.76 36.74
CA ARG I 1011 -32.74 2.55 37.84
C ARG I 1011 -34.25 2.71 37.74
N ALA I 1012 -34.79 2.71 36.51
CA ALA I 1012 -36.22 2.88 36.33
C ALA I 1012 -37.00 1.76 37.02
N ALA I 1013 -36.46 0.55 37.03
CA ALA I 1013 -37.16 -0.58 37.65
C ALA I 1013 -37.29 -0.39 39.16
N GLU I 1014 -36.22 0.06 39.82
CA GLU I 1014 -36.29 0.32 41.26
C GLU I 1014 -37.27 1.44 41.56
N ILE I 1015 -37.26 2.50 40.73
CA ILE I 1015 -38.22 3.58 40.93
C ILE I 1015 -39.65 3.05 40.77
N ARG I 1016 -39.87 2.17 39.79
CA ARG I 1016 -41.21 1.60 39.62
C ARG I 1016 -41.62 0.78 40.83
N ALA I 1017 -40.71 -0.01 41.38
CA ALA I 1017 -41.05 -0.80 42.56
C ALA I 1017 -41.43 0.09 43.72
N SER I 1018 -40.66 1.17 43.94
CA SER I 1018 -40.99 2.09 45.02
C SER I 1018 -42.35 2.74 44.79
N ALA I 1019 -42.65 3.12 43.55
CA ALA I 1019 -43.93 3.76 43.24
C ALA I 1019 -45.09 2.80 43.48
N ASN I 1020 -44.95 1.54 43.07
CA ASN I 1020 -46.01 0.57 43.31
C ASN I 1020 -46.23 0.35 44.80
N LEU I 1021 -45.15 0.25 45.57
CA LEU I 1021 -45.31 0.11 47.01
C LEU I 1021 -46.01 1.31 47.62
N ALA I 1022 -45.65 2.51 47.17
CA ALA I 1022 -46.31 3.71 47.68
C ALA I 1022 -47.79 3.73 47.34
N ALA I 1023 -48.15 3.34 46.12
CA ALA I 1023 -49.56 3.30 45.75
C ALA I 1023 -50.34 2.31 46.61
N THR I 1024 -49.76 1.12 46.82
CA THR I 1024 -50.43 0.13 47.66
C THR I 1024 -50.60 0.63 49.09
N LYS I 1025 -49.56 1.27 49.63
CA LYS I 1025 -49.66 1.78 50.99
C LYS I 1025 -50.71 2.88 51.09
N MET I 1026 -50.77 3.76 50.09
CA MET I 1026 -51.81 4.78 50.08
C MET I 1026 -53.20 4.13 50.11
N SER I 1027 -53.44 3.18 49.20
CA SER I 1027 -54.75 2.58 49.09
C SER I 1027 -55.14 1.81 50.34
N GLU I 1028 -54.17 1.21 51.04
CA GLU I 1028 -54.49 0.36 52.17
C GLU I 1028 -54.41 1.06 53.53
N CYS I 1029 -53.75 2.22 53.63
CA CYS I 1029 -53.68 2.95 54.89
C CYS I 1029 -54.52 4.22 54.90
N VAL I 1030 -54.54 4.99 53.80
CA VAL I 1030 -55.26 6.26 53.84
C VAL I 1030 -56.75 6.04 53.69
N LEU I 1031 -57.16 5.14 52.80
CA LEU I 1031 -58.57 4.92 52.52
C LEU I 1031 -59.23 3.92 53.45
N GLY I 1032 -58.50 3.34 54.38
CA GLY I 1032 -59.10 2.38 55.28
C GLY I 1032 -58.19 2.05 56.44
N GLN I 1033 -58.59 1.05 57.22
CA GLN I 1033 -57.84 0.59 58.37
C GLN I 1033 -57.23 -0.78 58.06
N SER I 1034 -55.95 -0.93 58.33
CA SER I 1034 -55.21 -2.14 57.97
C SER I 1034 -54.92 -2.96 59.23
N LYS I 1035 -55.22 -4.25 59.15
CA LYS I 1035 -54.92 -5.17 60.24
C LYS I 1035 -53.54 -5.81 60.13
N ARG I 1036 -52.83 -5.57 59.04
CA ARG I 1036 -51.49 -6.12 58.88
C ARG I 1036 -50.54 -5.50 59.90
N VAL I 1037 -49.69 -6.33 60.48
CA VAL I 1037 -48.77 -5.88 61.51
C VAL I 1037 -47.60 -5.14 60.87
N ASP I 1038 -47.29 -3.96 61.40
CA ASP I 1038 -46.11 -3.19 60.99
C ASP I 1038 -46.13 -2.84 59.51
N PHE I 1039 -47.31 -2.63 58.95
CA PHE I 1039 -47.45 -2.15 57.58
C PHE I 1039 -47.73 -0.66 57.51
N CYS I 1040 -48.82 -0.21 58.14
CA CYS I 1040 -49.18 1.20 58.20
C CYS I 1040 -48.73 1.69 59.57
N GLY I 1041 -47.45 2.05 59.68
CA GLY I 1041 -46.89 2.49 60.95
C GLY I 1041 -46.55 1.32 61.85
N LYS I 1042 -46.13 1.66 63.06
CA LYS I 1042 -45.71 0.68 64.06
C LYS I 1042 -46.67 0.70 65.23
N GLY I 1043 -47.22 -0.47 65.57
CA GLY I 1043 -48.21 -0.60 66.63
C GLY I 1043 -49.55 -1.03 66.08
N TYR I 1044 -50.61 -0.45 66.65
CA TYR I 1044 -51.97 -0.68 66.17
C TYR I 1044 -52.38 0.53 65.34
N HIS I 1045 -52.61 0.30 64.04
CA HIS I 1045 -52.88 1.40 63.13
C HIS I 1045 -54.26 1.99 63.36
N LEU I 1046 -54.37 3.32 63.22
CA LEU I 1046 -55.66 4.01 63.29
C LEU I 1046 -56.00 4.68 61.98
N MET I 1047 -55.14 5.55 61.46
CA MET I 1047 -55.39 6.23 60.19
C MET I 1047 -54.09 6.85 59.71
N SER I 1048 -54.11 7.34 58.47
CA SER I 1048 -52.93 7.94 57.86
C SER I 1048 -53.31 9.23 57.15
N PHE I 1049 -52.31 10.09 56.96
CA PHE I 1049 -52.50 11.36 56.27
C PHE I 1049 -51.38 11.51 55.23
N PRO I 1050 -51.70 11.80 53.98
CA PRO I 1050 -50.67 11.97 52.96
C PRO I 1050 -50.23 13.42 52.80
N GLN I 1051 -48.95 13.58 52.43
CA GLN I 1051 -48.40 14.88 52.13
C GLN I 1051 -47.49 14.75 50.90
N SER I 1052 -47.34 15.84 50.17
CA SER I 1052 -46.59 15.84 48.92
C SER I 1052 -45.16 16.28 49.15
N ALA I 1053 -44.23 15.64 48.45
CA ALA I 1053 -42.81 15.92 48.52
C ALA I 1053 -42.24 15.89 47.11
N PRO I 1054 -41.08 16.53 46.89
CA PRO I 1054 -40.49 16.53 45.54
C PRO I 1054 -40.12 15.12 45.10
N HIS I 1055 -40.75 14.67 44.01
CA HIS I 1055 -40.49 13.34 43.45
C HIS I 1055 -40.81 12.23 44.46
N GLY I 1056 -41.87 12.42 45.24
CA GLY I 1056 -42.23 11.41 46.21
C GLY I 1056 -43.43 11.83 47.03
N VAL I 1057 -43.75 11.00 48.01
CA VAL I 1057 -44.90 11.23 48.88
C VAL I 1057 -44.47 10.97 50.31
N VAL I 1058 -45.16 11.61 51.26
CA VAL I 1058 -44.85 11.49 52.68
C VAL I 1058 -46.14 11.10 53.41
N PHE I 1059 -46.05 10.09 54.27
CA PHE I 1059 -47.18 9.62 55.05
C PHE I 1059 -47.00 9.99 56.51
N LEU I 1060 -48.11 10.25 57.20
CA LEU I 1060 -48.14 10.41 58.64
C LEU I 1060 -49.07 9.35 59.21
N HIS I 1061 -48.51 8.42 59.98
CA HIS I 1061 -49.28 7.31 60.54
C HIS I 1061 -49.65 7.61 61.99
N VAL I 1062 -50.90 7.34 62.34
CA VAL I 1062 -51.39 7.46 63.71
C VAL I 1062 -51.57 6.06 64.27
N THR I 1063 -50.95 5.79 65.42
CA THR I 1063 -50.92 4.46 65.98
C THR I 1063 -51.25 4.49 67.46
N TYR I 1064 -51.61 3.31 67.99
CA TYR I 1064 -52.00 3.13 69.39
C TYR I 1064 -50.96 2.25 70.05
N VAL I 1065 -50.38 2.72 71.15
CA VAL I 1065 -49.33 1.99 71.86
C VAL I 1065 -49.74 1.88 73.33
N PRO I 1066 -49.84 0.66 73.87
CA PRO I 1066 -50.14 0.52 75.30
C PRO I 1066 -48.95 0.89 76.17
N ALA I 1067 -49.23 1.13 77.45
CA ALA I 1067 -48.18 1.50 78.40
C ALA I 1067 -48.65 1.19 79.82
N GLN I 1068 -47.68 1.10 80.72
CA GLN I 1068 -47.90 0.94 82.16
C GLN I 1068 -48.70 -0.32 82.47
N GLU I 1069 -48.10 -1.47 82.18
CA GLU I 1069 -48.70 -2.75 82.50
C GLU I 1069 -48.59 -3.03 83.99
N LYS I 1070 -49.26 -4.12 84.42
CA LYS I 1070 -49.29 -4.48 85.83
C LYS I 1070 -49.48 -5.99 85.95
N ASN I 1071 -48.83 -6.57 86.96
CA ASN I 1071 -48.93 -8.01 87.18
C ASN I 1071 -50.31 -8.41 87.66
N PHE I 1072 -50.73 -9.61 87.27
CA PHE I 1072 -52.01 -10.16 87.70
C PHE I 1072 -51.92 -11.68 87.72
N THR I 1073 -52.81 -12.29 88.47
CA THR I 1073 -52.95 -13.75 88.53
C THR I 1073 -54.15 -14.16 87.69
N THR I 1074 -53.99 -15.23 86.92
CA THR I 1074 -54.97 -15.59 85.91
C THR I 1074 -55.26 -17.09 85.95
N ALA I 1075 -56.42 -17.45 85.40
CA ALA I 1075 -56.87 -18.82 85.31
C ALA I 1075 -57.57 -19.04 83.98
N PRO I 1076 -57.57 -20.28 83.46
CA PRO I 1076 -58.23 -20.52 82.17
C PRO I 1076 -59.74 -20.58 82.25
N ALA I 1077 -60.28 -21.14 83.32
CA ALA I 1077 -61.72 -21.33 83.45
C ALA I 1077 -62.10 -21.35 84.92
N ILE I 1078 -63.40 -21.22 85.17
CA ILE I 1078 -63.94 -21.17 86.52
C ILE I 1078 -65.03 -22.21 86.66
N CYS I 1079 -64.97 -23.00 87.73
CA CYS I 1079 -65.97 -24.02 88.02
C CYS I 1079 -66.90 -23.52 89.13
N HIS I 1080 -68.20 -23.57 88.87
CA HIS I 1080 -69.19 -23.08 89.82
C HIS I 1080 -70.09 -24.20 90.36
N ASP I 1081 -70.73 -24.96 89.47
CA ASP I 1081 -71.66 -26.01 89.86
C ASP I 1081 -71.38 -27.28 89.07
N GLY I 1082 -70.12 -27.68 89.02
CA GLY I 1082 -69.74 -28.82 88.22
C GLY I 1082 -69.68 -28.54 86.74
N LYS I 1083 -69.72 -27.27 86.35
CA LYS I 1083 -69.67 -26.87 84.95
C LYS I 1083 -68.56 -25.84 84.76
N ALA I 1084 -67.90 -25.91 83.62
CA ALA I 1084 -66.78 -25.02 83.31
C ALA I 1084 -67.29 -23.81 82.55
N HIS I 1085 -66.87 -22.63 83.00
CA HIS I 1085 -67.28 -21.36 82.39
C HIS I 1085 -66.07 -20.70 81.75
N PHE I 1086 -66.22 -20.28 80.49
CA PHE I 1086 -65.16 -19.65 79.75
C PHE I 1086 -65.51 -18.20 79.43
N PRO I 1087 -64.52 -17.31 79.38
CA PRO I 1087 -64.82 -15.91 79.05
C PRO I 1087 -65.28 -15.75 77.61
N ARG I 1088 -66.08 -14.71 77.38
CA ARG I 1088 -66.60 -14.47 76.03
C ARG I 1088 -65.62 -13.67 75.17
N GLU I 1089 -65.31 -12.44 75.58
CA GLU I 1089 -64.28 -11.65 74.91
C GLU I 1089 -63.35 -11.02 75.95
N GLY I 1090 -62.88 -11.82 76.89
CA GLY I 1090 -62.02 -11.29 77.93
C GLY I 1090 -61.14 -12.35 78.54
N VAL I 1091 -60.50 -11.97 79.65
CA VAL I 1091 -59.63 -12.85 80.41
C VAL I 1091 -60.09 -12.82 81.86
N PHE I 1092 -59.67 -13.84 82.60
CA PHE I 1092 -59.95 -13.93 84.03
C PHE I 1092 -58.72 -13.46 84.80
N VAL I 1093 -58.89 -12.43 85.63
CA VAL I 1093 -57.81 -11.86 86.41
C VAL I 1093 -58.22 -11.78 87.87
N SER I 1094 -57.22 -11.75 88.74
CA SER I 1094 -57.43 -11.68 90.18
C SER I 1094 -56.47 -10.67 90.78
N ASN I 1095 -56.99 -9.75 91.59
CA ASN I 1095 -56.16 -8.76 92.25
C ASN I 1095 -55.57 -9.27 93.56
N GLY I 1096 -55.89 -10.50 93.95
CA GLY I 1096 -55.34 -11.08 95.15
C GLY I 1096 -56.38 -11.80 95.99
N THR I 1097 -57.60 -11.27 96.00
CA THR I 1097 -58.70 -11.87 96.73
C THR I 1097 -59.87 -12.26 95.84
N HIS I 1098 -60.30 -11.35 94.96
CA HIS I 1098 -61.47 -11.58 94.12
C HIS I 1098 -61.04 -11.89 92.69
N TRP I 1099 -62.03 -12.23 91.87
CA TRP I 1099 -61.81 -12.56 90.47
C TRP I 1099 -62.68 -11.68 89.59
N PHE I 1100 -62.10 -11.19 88.49
CA PHE I 1100 -62.80 -10.31 87.57
C PHE I 1100 -62.57 -10.79 86.14
N VAL I 1101 -63.40 -10.28 85.24
CA VAL I 1101 -63.23 -10.49 83.81
C VAL I 1101 -63.05 -9.13 83.15
N THR I 1102 -62.02 -9.01 82.32
CA THR I 1102 -61.66 -7.73 81.73
C THR I 1102 -61.25 -7.92 80.29
N GLN I 1103 -61.35 -6.86 79.51
CA GLN I 1103 -60.90 -6.92 78.13
C GLN I 1103 -59.39 -7.04 78.07
N ARG I 1104 -58.91 -7.57 76.95
CA ARG I 1104 -57.52 -7.98 76.83
C ARG I 1104 -56.54 -6.82 76.68
N ASN I 1105 -56.99 -5.66 76.20
CA ASN I 1105 -56.08 -4.57 75.89
C ASN I 1105 -56.25 -3.37 76.81
N PHE I 1106 -57.08 -3.45 77.84
CA PHE I 1106 -57.28 -2.35 78.76
C PHE I 1106 -57.82 -2.90 80.07
N TYR I 1107 -57.26 -2.45 81.19
CA TYR I 1107 -57.69 -2.93 82.50
C TYR I 1107 -59.04 -2.29 82.84
N GLU I 1108 -60.08 -3.10 82.89
CA GLU I 1108 -61.42 -2.63 83.25
C GLU I 1108 -62.17 -3.78 83.91
N PRO I 1109 -61.94 -4.00 85.19
CA PRO I 1109 -62.53 -5.17 85.87
C PRO I 1109 -64.04 -5.07 85.95
N GLN I 1110 -64.68 -6.24 85.92
CA GLN I 1110 -66.13 -6.33 86.01
C GLN I 1110 -66.50 -7.62 86.73
N ILE I 1111 -67.71 -7.64 87.28
CA ILE I 1111 -68.17 -8.81 88.01
C ILE I 1111 -68.50 -9.92 87.03
N ILE I 1112 -68.11 -11.15 87.37
CA ILE I 1112 -68.41 -12.30 86.52
C ILE I 1112 -69.90 -12.59 86.58
N THR I 1113 -70.53 -12.64 85.41
CA THR I 1113 -71.98 -12.80 85.32
C THR I 1113 -72.28 -13.76 84.18
N THR I 1114 -73.44 -14.42 84.25
CA THR I 1114 -73.76 -15.48 83.31
C THR I 1114 -73.78 -15.01 81.86
N ASP I 1115 -74.08 -13.74 81.60
CA ASP I 1115 -74.06 -13.26 80.23
C ASP I 1115 -72.65 -12.95 79.74
N ASN I 1116 -71.66 -12.89 80.64
CA ASN I 1116 -70.28 -12.67 80.25
C ASN I 1116 -69.55 -13.96 79.91
N THR I 1117 -70.12 -15.11 80.25
CA THR I 1117 -69.48 -16.40 80.04
C THR I 1117 -70.45 -17.36 79.38
N PHE I 1118 -69.91 -18.44 78.82
CA PHE I 1118 -70.71 -19.52 78.26
C PHE I 1118 -70.26 -20.84 78.85
N VAL I 1119 -71.21 -21.77 78.97
CA VAL I 1119 -70.99 -23.04 79.64
C VAL I 1119 -70.72 -24.12 78.61
N SER I 1120 -69.67 -24.92 78.84
CA SER I 1120 -69.33 -25.99 77.91
C SER I 1120 -68.56 -27.06 78.69
N GLY I 1121 -69.24 -28.16 79.01
CA GLY I 1121 -68.59 -29.29 79.64
C GLY I 1121 -68.64 -29.26 81.15
N ASN I 1122 -67.77 -30.08 81.74
CA ASN I 1122 -67.66 -30.22 83.19
C ASN I 1122 -66.26 -29.79 83.64
N CYS I 1123 -65.97 -30.00 84.93
CA CYS I 1123 -64.78 -29.46 85.58
C CYS I 1123 -63.69 -30.49 85.79
N ASP I 1124 -63.52 -31.43 84.86
CA ASP I 1124 -62.47 -32.43 85.02
C ASP I 1124 -61.75 -32.72 83.71
N VAL I 1125 -61.72 -31.76 82.80
CA VAL I 1125 -61.03 -31.94 81.52
C VAL I 1125 -60.10 -30.77 81.27
N VAL I 1126 -60.28 -29.69 82.04
CA VAL I 1126 -59.49 -28.47 81.90
C VAL I 1126 -58.42 -28.46 82.98
N ILE I 1127 -57.19 -28.15 82.59
CA ILE I 1127 -56.06 -28.12 83.51
C ILE I 1127 -55.94 -26.70 84.04
N GLY I 1128 -56.07 -26.55 85.35
CA GLY I 1128 -55.91 -25.26 85.99
C GLY I 1128 -57.20 -24.53 86.35
N ILE I 1129 -58.34 -25.20 86.34
CA ILE I 1129 -59.60 -24.54 86.65
C ILE I 1129 -59.60 -24.11 88.11
N VAL I 1130 -60.32 -23.03 88.41
CA VAL I 1130 -60.33 -22.42 89.73
C VAL I 1130 -61.77 -22.34 90.23
N ASN I 1131 -62.00 -22.81 91.45
CA ASN I 1131 -63.31 -22.72 92.05
C ASN I 1131 -63.68 -21.26 92.33
N ASN I 1132 -64.90 -20.90 91.95
CA ASN I 1132 -65.43 -19.57 92.24
C ASN I 1132 -66.94 -19.59 92.05
N THR I 1133 -67.59 -18.44 92.14
CA THR I 1133 -69.04 -18.35 91.97
C THR I 1133 -69.35 -17.37 90.85
N VAL I 1134 -70.43 -17.65 90.13
CA VAL I 1134 -70.87 -16.83 89.00
C VAL I 1134 -72.21 -16.21 89.37
N TYR I 1135 -72.27 -14.87 89.33
CA TYR I 1135 -73.47 -14.16 89.70
C TYR I 1135 -74.57 -14.36 88.66
N ASP I 1136 -75.81 -14.48 89.14
CA ASP I 1136 -76.98 -14.61 88.27
C ASP I 1136 -77.76 -13.30 88.31
N PRO I 1137 -77.88 -12.57 87.20
CA PRO I 1137 -78.51 -11.25 87.23
C PRO I 1137 -80.04 -11.27 87.15
N LEU I 1138 -80.68 -12.41 87.39
CA LEU I 1138 -82.13 -12.48 87.20
C LEU I 1138 -82.83 -13.11 88.40
N GLN I 1139 -82.15 -14.04 89.09
CA GLN I 1139 -82.82 -14.80 90.14
C GLN I 1139 -83.09 -13.96 91.39
N PRO I 1140 -82.08 -13.37 92.06
CA PRO I 1140 -82.33 -12.77 93.37
C PRO I 1140 -83.18 -11.52 93.34
N GLU I 1141 -82.84 -10.55 92.47
CA GLU I 1141 -83.57 -9.29 92.47
C GLU I 1141 -84.89 -9.36 91.71
N LEU I 1142 -84.94 -10.07 90.59
CA LEU I 1142 -86.18 -10.28 89.86
C LEU I 1142 -86.82 -11.62 90.24
N ASP I 1143 -87.08 -11.76 91.55
CA ASP I 1143 -87.70 -12.96 92.09
C ASP I 1143 -89.21 -12.82 92.22
N SER I 1144 -89.79 -11.70 91.80
CA SER I 1144 -91.23 -11.50 91.90
C SER I 1144 -91.97 -12.36 90.89
N THR J 19 -36.75 31.88 -38.48
CA THR J 19 -37.15 33.28 -38.59
C THR J 19 -36.83 34.04 -37.31
N THR J 20 -36.79 35.37 -37.41
CA THR J 20 -36.50 36.22 -36.26
C THR J 20 -37.78 36.55 -35.49
N ARG J 21 -38.29 35.53 -34.80
CA ARG J 21 -39.49 35.70 -34.00
C ARG J 21 -39.15 36.31 -32.64
N THR J 22 -40.19 36.76 -31.94
CA THR J 22 -40.04 37.36 -30.62
C THR J 22 -39.94 36.26 -29.56
N GLN J 23 -39.70 36.68 -28.32
CA GLN J 23 -39.57 35.76 -27.20
C GLN J 23 -40.95 35.43 -26.62
N LEU J 24 -40.99 34.38 -25.81
CA LEU J 24 -42.22 33.91 -25.17
C LEU J 24 -41.95 33.75 -23.68
N PRO J 25 -42.82 34.27 -22.82
CA PRO J 25 -42.62 34.11 -21.38
C PRO J 25 -43.10 32.75 -20.91
N PRO J 26 -42.19 31.91 -20.41
CA PRO J 26 -42.59 30.56 -19.97
C PRO J 26 -43.26 30.60 -18.61
N ALA J 27 -44.45 30.02 -18.51
CA ALA J 27 -45.17 29.90 -17.26
C ALA J 27 -44.82 28.56 -16.61
N TYR J 28 -45.53 28.23 -15.54
CA TYR J 28 -45.22 27.05 -14.75
C TYR J 28 -46.49 26.27 -14.43
N THR J 29 -46.32 24.99 -14.13
CA THR J 29 -47.42 24.11 -13.75
C THR J 29 -46.95 23.19 -12.64
N ASN J 30 -47.91 22.65 -11.89
CA ASN J 30 -47.61 21.79 -10.76
C ASN J 30 -47.26 20.39 -11.24
N SER J 31 -46.16 19.85 -10.73
CA SER J 31 -45.71 18.52 -11.16
C SER J 31 -46.55 17.41 -10.55
N PHE J 32 -47.16 17.65 -9.40
CA PHE J 32 -48.02 16.67 -8.72
C PHE J 32 -47.17 15.46 -8.34
N THR J 33 -47.78 14.29 -8.23
CA THR J 33 -47.09 13.07 -7.79
C THR J 33 -46.70 12.23 -9.00
N ARG J 34 -45.68 12.71 -9.71
CA ARG J 34 -45.17 12.03 -10.89
C ARG J 34 -43.65 11.97 -10.83
N GLY J 35 -43.08 11.00 -11.53
CA GLY J 35 -41.64 10.89 -11.64
C GLY J 35 -41.01 9.97 -10.63
N VAL J 36 -41.55 8.76 -10.47
CA VAL J 36 -41.01 7.76 -9.57
C VAL J 36 -40.57 6.56 -10.39
N TYR J 37 -39.31 6.19 -10.28
CA TYR J 37 -38.73 5.10 -11.04
C TYR J 37 -38.15 4.06 -10.10
N TYR J 38 -37.83 2.89 -10.65
CA TYR J 38 -37.21 1.84 -9.86
C TYR J 38 -35.75 2.20 -9.61
N PRO J 39 -35.35 2.44 -8.36
CA PRO J 39 -33.97 2.85 -8.10
C PRO J 39 -33.00 1.67 -8.08
N ASP J 40 -33.48 0.51 -7.64
CA ASP J 40 -32.65 -0.64 -7.39
C ASP J 40 -33.09 -1.80 -8.27
N LYS J 41 -32.12 -2.63 -8.65
CA LYS J 41 -32.36 -3.81 -9.50
C LYS J 41 -32.53 -5.07 -8.66
N VAL J 42 -33.51 -5.09 -7.75
CA VAL J 42 -33.73 -6.22 -6.87
C VAL J 42 -35.22 -6.56 -6.88
N PHE J 43 -35.55 -7.66 -6.22
CA PHE J 43 -36.93 -8.11 -6.09
C PHE J 43 -37.36 -8.08 -4.63
N ARG J 44 -38.48 -7.41 -4.37
CA ARG J 44 -39.08 -7.37 -3.05
C ARG J 44 -40.59 -7.45 -3.19
N SER J 45 -41.24 -8.05 -2.21
CA SER J 45 -42.69 -8.22 -2.23
C SER J 45 -43.30 -7.80 -0.91
N SER J 46 -44.30 -6.92 -0.99
CA SER J 46 -45.13 -6.53 0.15
C SER J 46 -44.33 -5.86 1.26
N VAL J 47 -43.14 -5.36 0.94
CA VAL J 47 -42.32 -4.68 1.94
C VAL J 47 -42.48 -3.17 1.80
N LEU J 48 -42.09 -2.46 2.85
CA LEU J 48 -42.11 -1.00 2.87
C LEU J 48 -40.65 -0.53 2.97
N HIS J 49 -40.01 -0.38 1.81
CA HIS J 49 -38.60 -0.02 1.76
C HIS J 49 -38.42 1.48 1.57
N SER J 50 -37.36 2.01 2.17
CA SER J 50 -37.02 3.42 2.07
C SER J 50 -35.65 3.56 1.41
N THR J 51 -35.57 4.42 0.40
CA THR J 51 -34.34 4.63 -0.35
C THR J 51 -34.08 6.13 -0.49
N GLN J 52 -32.81 6.49 -0.46
CA GLN J 52 -32.37 7.88 -0.55
C GLN J 52 -31.56 8.06 -1.84
N ASP J 53 -32.23 8.53 -2.88
CA ASP J 53 -31.61 8.74 -4.18
C ASP J 53 -32.11 10.06 -4.78
N LEU J 54 -31.81 10.26 -6.05
CA LEU J 54 -32.27 11.45 -6.77
C LEU J 54 -33.70 11.25 -7.25
N PHE J 55 -34.56 12.21 -6.95
CA PHE J 55 -35.98 12.10 -7.29
C PHE J 55 -36.54 13.47 -7.58
N LEU J 56 -37.71 13.49 -8.22
CA LEU J 56 -38.43 14.73 -8.45
C LEU J 56 -39.34 15.00 -7.26
N PRO J 57 -39.13 16.09 -6.52
CA PRO J 57 -39.99 16.36 -5.35
C PRO J 57 -41.44 16.55 -5.77
N PHE J 58 -42.34 16.06 -4.92
CA PHE J 58 -43.76 16.19 -5.19
C PHE J 58 -44.20 17.65 -5.12
N PHE J 59 -45.16 18.00 -5.99
CA PHE J 59 -45.78 19.32 -6.01
C PHE J 59 -44.73 20.41 -6.21
N SER J 60 -44.06 20.35 -7.35
CA SER J 60 -43.02 21.29 -7.72
C SER J 60 -43.44 22.06 -8.96
N ASN J 61 -42.59 23.01 -9.36
CA ASN J 61 -42.84 23.85 -10.52
C ASN J 61 -42.01 23.34 -11.69
N VAL J 62 -42.69 23.03 -12.80
CA VAL J 62 -42.05 22.52 -14.00
C VAL J 62 -42.51 23.34 -15.19
N THR J 63 -41.56 23.66 -16.08
CA THR J 63 -41.89 24.41 -17.28
C THR J 63 -42.73 23.56 -18.23
N TRP J 64 -43.63 24.21 -18.96
CA TRP J 64 -44.57 23.54 -19.85
C TRP J 64 -44.52 24.16 -21.24
N PHE J 65 -43.30 24.27 -21.78
CA PHE J 65 -43.08 24.80 -23.13
C PHE J 65 -44.09 24.22 -24.11
N HIS J 66 -44.87 25.10 -24.72
CA HIS J 66 -45.99 24.71 -25.58
C HIS J 66 -45.56 24.76 -27.03
N VAL J 67 -45.85 23.67 -27.76
CA VAL J 67 -45.53 23.57 -29.17
C VAL J 67 -46.79 23.90 -29.95
N ILE J 68 -46.86 25.13 -30.46
CA ILE J 68 -47.99 25.59 -31.27
C ILE J 68 -47.45 26.33 -32.48
N SER J 69 -48.26 26.37 -33.54
CA SER J 69 -47.95 27.13 -34.74
C SER J 69 -48.21 28.59 -34.43
N GLY J 70 -47.19 29.27 -33.91
CA GLY J 70 -47.34 30.65 -33.50
C GLY J 70 -47.64 31.57 -34.67
N THR J 71 -48.39 32.63 -34.39
CA THR J 71 -48.75 33.66 -35.37
C THR J 71 -49.49 33.04 -36.56
N ASN J 72 -50.22 31.96 -36.31
CA ASN J 72 -51.07 31.30 -37.31
C ASN J 72 -50.25 30.88 -38.53
N GLY J 73 -49.30 29.98 -38.29
CA GLY J 73 -48.50 29.42 -39.36
C GLY J 73 -47.05 29.84 -39.41
N THR J 74 -46.55 30.53 -38.40
CA THR J 74 -45.16 30.96 -38.36
C THR J 74 -44.37 30.05 -37.43
N LYS J 75 -43.18 29.66 -37.86
CA LYS J 75 -42.38 28.71 -37.11
C LYS J 75 -41.99 29.25 -35.74
N ARG J 76 -41.93 28.36 -34.75
CA ARG J 76 -41.50 28.68 -33.39
C ARG J 76 -40.37 27.73 -33.02
N PHE J 77 -39.14 28.27 -32.93
CA PHE J 77 -37.99 27.46 -32.55
C PHE J 77 -37.79 27.51 -31.02
N ASP J 78 -38.86 27.19 -30.31
CA ASP J 78 -38.84 27.18 -28.85
C ASP J 78 -38.07 25.98 -28.32
N ASN J 79 -36.77 25.98 -28.59
CA ASN J 79 -35.85 24.92 -28.15
C ASN J 79 -34.61 25.55 -27.55
N PRO J 80 -34.73 26.18 -26.38
CA PRO J 80 -33.56 26.77 -25.73
C PRO J 80 -32.63 25.70 -25.19
N VAL J 81 -31.39 26.11 -24.93
CA VAL J 81 -30.37 25.19 -24.40
C VAL J 81 -30.52 25.20 -22.88
N LEU J 82 -31.42 24.37 -22.39
CA LEU J 82 -31.68 24.30 -20.96
C LEU J 82 -30.51 23.60 -20.26
N PRO J 83 -30.07 24.10 -19.10
CA PRO J 83 -28.98 23.41 -18.38
C PRO J 83 -29.42 22.02 -17.92
N PHE J 84 -28.46 21.09 -17.98
CA PHE J 84 -28.75 19.71 -17.60
C PHE J 84 -28.79 19.53 -16.08
N ASN J 85 -27.88 20.20 -15.37
CA ASN J 85 -27.75 20.06 -13.92
C ASN J 85 -27.58 18.60 -13.52
N ASP J 86 -28.64 18.00 -12.97
CA ASP J 86 -28.57 16.63 -12.48
C ASP J 86 -29.52 15.67 -13.16
N GLY J 87 -30.63 16.14 -13.72
CA GLY J 87 -31.59 15.24 -14.33
C GLY J 87 -32.65 15.99 -15.09
N VAL J 88 -33.48 15.24 -15.80
CA VAL J 88 -34.55 15.77 -16.61
C VAL J 88 -35.78 14.89 -16.43
N TYR J 89 -36.96 15.51 -16.40
CA TYR J 89 -38.21 14.77 -16.38
C TYR J 89 -39.00 15.04 -17.66
N PHE J 90 -38.31 14.92 -18.80
CA PHE J 90 -38.97 15.13 -20.08
C PHE J 90 -40.21 14.25 -20.21
N ALA J 91 -41.34 14.88 -20.55
CA ALA J 91 -42.59 14.18 -20.82
C ALA J 91 -43.34 14.99 -21.87
N SER J 92 -44.44 14.42 -22.35
CA SER J 92 -45.22 15.11 -23.39
C SER J 92 -46.64 14.56 -23.38
N ILE J 93 -47.53 15.33 -23.99
CA ILE J 93 -48.95 14.99 -24.08
C ILE J 93 -49.30 14.88 -25.57
N GLU J 94 -48.32 14.44 -26.37
CA GLU J 94 -48.44 14.46 -27.82
C GLU J 94 -49.67 13.68 -28.30
N LYS J 95 -50.39 14.30 -29.24
CA LYS J 95 -51.42 13.58 -29.99
C LYS J 95 -50.80 12.65 -31.02
N SER J 96 -49.74 13.10 -31.68
CA SER J 96 -49.02 12.30 -32.66
C SER J 96 -47.51 12.48 -32.47
N ASN J 97 -46.72 12.04 -33.44
CA ASN J 97 -45.27 12.10 -33.35
C ASN J 97 -44.78 13.45 -33.86
N ILE J 98 -44.29 14.29 -32.94
CA ILE J 98 -43.74 15.60 -33.28
C ILE J 98 -42.31 15.76 -32.76
N ILE J 99 -42.08 15.42 -31.50
CA ILE J 99 -40.79 15.65 -30.85
C ILE J 99 -40.01 14.35 -30.84
N ARG J 100 -38.87 14.34 -31.54
CA ARG J 100 -37.97 13.19 -31.58
C ARG J 100 -36.54 13.70 -31.66
N GLY J 101 -35.76 13.49 -30.60
CA GLY J 101 -34.40 13.95 -30.57
C GLY J 101 -34.01 14.59 -29.25
N TRP J 102 -32.90 14.15 -28.66
CA TRP J 102 -32.47 14.58 -27.34
C TRP J 102 -30.98 14.88 -27.33
N ILE J 103 -30.52 15.71 -28.28
CA ILE J 103 -29.09 16.01 -28.37
C ILE J 103 -28.60 16.62 -27.07
N PHE J 104 -27.57 16.00 -26.50
CA PHE J 104 -26.93 16.45 -25.27
C PHE J 104 -25.50 16.86 -25.58
N GLY J 105 -24.98 17.84 -24.86
CA GLY J 105 -23.61 18.27 -25.06
C GLY J 105 -23.20 19.33 -24.07
N THR J 106 -21.89 19.45 -23.89
CA THR J 106 -21.35 20.50 -23.03
C THR J 106 -21.43 21.86 -23.69
N THR J 107 -21.05 21.95 -24.97
CA THR J 107 -21.05 23.20 -25.71
C THR J 107 -21.86 23.14 -27.00
N LEU J 108 -22.24 21.96 -27.46
CA LEU J 108 -23.05 21.79 -28.67
C LEU J 108 -22.39 22.43 -29.89
N ASP J 109 -21.18 21.94 -30.20
CA ASP J 109 -20.44 22.42 -31.35
C ASP J 109 -19.58 21.27 -31.87
N SER J 110 -18.61 21.62 -32.73
CA SER J 110 -17.74 20.62 -33.33
C SER J 110 -16.57 20.22 -32.44
N LYS J 111 -16.41 20.85 -31.27
CA LYS J 111 -15.32 20.56 -30.37
C LYS J 111 -15.74 19.78 -29.13
N THR J 112 -16.97 19.28 -29.09
CA THR J 112 -17.49 18.58 -27.92
C THR J 112 -18.22 17.32 -28.34
N GLN J 113 -17.92 16.21 -27.67
CA GLN J 113 -18.65 14.97 -27.91
C GLN J 113 -20.11 15.14 -27.50
N SER J 114 -21.00 14.62 -28.34
CA SER J 114 -22.43 14.77 -28.15
C SER J 114 -23.15 13.45 -28.38
N LEU J 115 -24.32 13.31 -27.76
CA LEU J 115 -25.15 12.12 -27.91
C LEU J 115 -26.40 12.51 -28.70
N LEU J 116 -26.80 11.65 -29.63
CA LEU J 116 -28.01 11.86 -30.42
C LEU J 116 -28.94 10.68 -30.22
N ILE J 117 -30.19 10.97 -29.86
CA ILE J 117 -31.19 9.93 -29.65
C ILE J 117 -32.18 10.03 -30.80
N VAL J 118 -31.72 10.51 -31.95
CA VAL J 118 -32.59 10.68 -33.11
C VAL J 118 -33.05 9.32 -33.60
N ASN J 119 -34.35 9.09 -33.53
CA ASN J 119 -34.95 7.81 -33.90
C ASN J 119 -35.52 7.91 -35.30
N ASN J 120 -35.05 7.05 -36.20
CA ASN J 120 -35.56 6.97 -37.56
C ASN J 120 -35.93 5.52 -37.87
N ALA J 121 -37.14 5.31 -38.38
CA ALA J 121 -37.67 3.99 -38.76
C ALA J 121 -37.58 3.08 -37.53
N THR J 122 -36.96 1.91 -37.61
CA THR J 122 -36.96 0.95 -36.53
C THR J 122 -35.69 0.96 -35.70
N ASN J 123 -34.80 1.94 -35.90
CA ASN J 123 -33.53 2.01 -35.19
C ASN J 123 -33.45 3.31 -34.41
N VAL J 124 -33.13 3.20 -33.11
CA VAL J 124 -32.90 4.39 -32.30
C VAL J 124 -31.59 5.05 -32.71
N VAL J 125 -30.62 4.26 -33.17
CA VAL J 125 -29.33 4.70 -33.71
C VAL J 125 -28.73 5.82 -32.87
N ILE J 126 -28.24 5.48 -31.68
CA ILE J 126 -27.55 6.47 -30.84
C ILE J 126 -26.12 6.61 -31.34
N LYS J 127 -25.91 7.58 -32.22
CA LYS J 127 -24.60 7.81 -32.85
C LYS J 127 -23.87 8.89 -32.06
N VAL J 128 -23.21 8.46 -30.97
CA VAL J 128 -22.46 9.38 -30.13
C VAL J 128 -21.14 9.74 -30.81
N CYS J 129 -21.13 10.87 -31.51
CA CYS J 129 -19.97 11.33 -32.26
C CYS J 129 -19.94 12.85 -32.24
N GLU J 130 -18.77 13.40 -32.51
CA GLU J 130 -18.58 14.84 -32.54
C GLU J 130 -19.17 15.39 -33.83
N PHE J 131 -20.27 16.14 -33.71
CA PHE J 131 -20.99 16.67 -34.85
C PHE J 131 -20.95 18.19 -34.88
N GLN J 132 -21.22 18.74 -36.06
CA GLN J 132 -21.43 20.17 -36.23
C GLN J 132 -22.93 20.46 -36.28
N PHE J 133 -23.41 21.26 -35.35
CA PHE J 133 -24.83 21.52 -35.20
C PHE J 133 -25.18 22.91 -35.74
N CYS J 134 -26.21 22.96 -36.57
CA CYS J 134 -26.75 24.25 -37.00
C CYS J 134 -27.53 24.89 -35.86
N ASN J 135 -27.81 26.19 -36.02
CA ASN J 135 -28.48 26.94 -34.96
C ASN J 135 -29.90 26.43 -34.73
N ASP J 136 -30.59 26.05 -35.81
CA ASP J 136 -31.99 25.63 -35.75
C ASP J 136 -32.15 24.27 -36.41
N PRO J 137 -31.84 23.18 -35.72
CA PRO J 137 -32.03 21.85 -36.28
C PRO J 137 -33.46 21.34 -36.11
N PHE J 138 -33.88 20.52 -37.07
CA PHE J 138 -35.24 19.99 -37.06
C PHE J 138 -35.27 18.72 -37.91
N LEU J 139 -36.44 18.09 -37.96
CA LEU J 139 -36.66 16.89 -38.74
C LEU J 139 -37.96 17.02 -39.52
N ASP J 140 -38.09 16.23 -40.58
CA ASP J 140 -39.32 16.30 -41.43
C ASP J 140 -40.24 15.11 -41.09
N HIS J 141 -41.26 15.35 -40.26
CA HIS J 141 -42.22 14.27 -39.91
C HIS J 141 -42.80 13.68 -41.19
N LYS J 142 -43.17 14.54 -42.15
CA LYS J 142 -43.67 14.04 -43.46
C LYS J 142 -42.46 13.74 -44.35
N ASN J 143 -42.28 12.48 -44.73
CA ASN J 143 -41.11 12.08 -45.56
C ASN J 143 -41.11 12.92 -46.84
N ASN J 144 -39.98 13.54 -47.17
CA ASN J 144 -39.88 14.39 -48.39
C ASN J 144 -39.60 13.48 -49.60
N LYS J 145 -39.11 14.07 -50.70
CA LYS J 145 -38.83 13.28 -51.93
C LYS J 145 -37.96 12.08 -51.56
N SER J 146 -38.20 10.92 -52.19
CA SER J 146 -37.41 9.70 -51.90
C SER J 146 -37.11 9.62 -50.40
N MET J 148 -34.08 12.55 -52.12
CA MET J 148 -34.12 11.77 -50.86
C MET J 148 -34.32 12.72 -49.67
N GLU J 149 -35.19 12.37 -48.73
CA GLU J 149 -35.40 13.22 -47.52
C GLU J 149 -34.35 12.88 -46.46
N SER J 150 -33.06 13.07 -46.78
CA SER J 150 -31.98 12.84 -45.79
C SER J 150 -32.51 13.26 -44.42
N GLU J 151 -33.05 14.46 -44.33
CA GLU J 151 -33.66 14.95 -43.06
C GLU J 151 -32.57 15.13 -41.99
N PHE J 152 -31.43 14.42 -42.12
CA PHE J 152 -30.34 14.64 -41.14
C PHE J 152 -29.81 16.07 -41.33
N ARG J 153 -30.72 17.01 -41.51
CA ARG J 153 -30.34 18.44 -41.65
C ARG J 153 -29.95 18.97 -40.28
N VAL J 154 -29.97 18.11 -39.25
CA VAL J 154 -29.56 18.56 -37.93
C VAL J 154 -28.04 18.70 -37.86
N TYR J 155 -27.30 17.81 -38.52
CA TYR J 155 -25.85 17.84 -38.50
C TYR J 155 -25.32 17.80 -39.92
N SER J 156 -24.12 18.35 -40.11
CA SER J 156 -23.47 18.35 -41.41
C SER J 156 -22.03 17.84 -41.40
N SER J 157 -21.34 17.85 -40.26
CA SER J 157 -19.98 17.37 -40.16
C SER J 157 -19.89 16.27 -39.11
N ALA J 158 -19.09 15.25 -39.39
CA ALA J 158 -18.86 14.15 -38.46
C ALA J 158 -17.36 14.00 -38.24
N ASN J 159 -16.97 13.68 -37.01
CA ASN J 159 -15.56 13.61 -36.64
C ASN J 159 -15.41 12.67 -35.45
N ASN J 160 -14.87 11.48 -35.69
CA ASN J 160 -14.62 10.46 -34.67
C ASN J 160 -15.91 9.88 -34.10
N CYS J 161 -15.87 8.62 -33.69
CA CYS J 161 -17.03 7.94 -33.14
C CYS J 161 -16.56 6.93 -32.11
N THR J 162 -17.47 6.55 -31.21
CA THR J 162 -17.10 5.65 -30.11
C THR J 162 -18.09 4.50 -29.91
N PHE J 163 -19.35 4.70 -30.29
CA PHE J 163 -20.39 3.77 -29.86
C PHE J 163 -21.64 3.94 -30.72
N GLU J 164 -22.16 2.83 -31.25
CA GLU J 164 -23.19 2.87 -32.29
C GLU J 164 -24.30 1.87 -32.00
N TYR J 165 -24.84 1.90 -30.78
CA TYR J 165 -25.95 1.02 -30.44
C TYR J 165 -27.18 1.37 -31.26
N VAL J 166 -27.94 0.33 -31.64
CA VAL J 166 -29.19 0.48 -32.37
C VAL J 166 -30.19 -0.51 -31.78
N SER J 167 -31.46 -0.11 -31.71
CA SER J 167 -32.50 -0.96 -31.17
C SER J 167 -33.85 -0.52 -31.71
N GLN J 168 -34.90 -1.21 -31.28
CA GLN J 168 -36.25 -0.87 -31.68
C GLN J 168 -36.61 0.52 -31.18
N PRO J 169 -37.49 1.25 -31.87
CA PRO J 169 -37.80 2.63 -31.47
C PRO J 169 -38.37 2.74 -30.07
N PHE J 170 -38.01 3.81 -29.36
CA PHE J 170 -38.46 4.01 -28.00
C PHE J 170 -39.98 4.22 -27.93
N LEU J 171 -40.52 4.96 -28.90
CA LEU J 171 -41.95 5.32 -28.89
C LEU J 171 -42.72 4.26 -29.66
N MET J 172 -43.21 3.25 -28.93
CA MET J 172 -43.97 2.15 -29.51
C MET J 172 -45.46 2.43 -29.59
N ASP J 173 -45.93 3.53 -29.01
CA ASP J 173 -47.35 3.84 -29.02
C ASP J 173 -47.84 4.10 -30.44
N LEU J 174 -49.04 3.63 -30.75
CA LEU J 174 -49.60 3.70 -32.09
C LEU J 174 -50.88 4.53 -32.08
N GLU J 175 -50.99 5.45 -33.02
CA GLU J 175 -52.18 6.27 -33.22
C GLU J 175 -53.04 5.77 -34.37
N GLY J 176 -52.70 4.63 -34.96
CA GLY J 176 -53.39 4.16 -36.15
C GLY J 176 -54.81 3.69 -35.88
N LYS J 177 -55.12 3.32 -34.63
CA LYS J 177 -56.45 2.85 -34.29
C LYS J 177 -57.50 3.93 -34.52
N GLN J 178 -57.40 5.02 -33.76
CA GLN J 178 -58.33 6.15 -33.88
C GLN J 178 -57.77 7.27 -33.02
N GLY J 179 -58.49 8.39 -33.00
CA GLY J 179 -58.14 9.53 -32.20
C GLY J 179 -58.84 9.51 -30.86
N ASN J 180 -59.05 10.71 -30.31
CA ASN J 180 -59.77 11.00 -29.08
C ASN J 180 -58.92 10.64 -27.85
N PHE J 181 -57.86 9.86 -28.01
CA PHE J 181 -56.95 9.54 -26.92
C PHE J 181 -55.53 9.92 -27.32
N LYS J 182 -54.75 10.37 -26.33
CA LYS J 182 -53.44 10.94 -26.57
C LYS J 182 -52.39 10.22 -25.74
N ASN J 183 -51.13 10.38 -26.14
CA ASN J 183 -50.02 9.69 -25.50
C ASN J 183 -49.40 10.57 -24.41
N LEU J 184 -48.75 9.91 -23.45
CA LEU J 184 -48.11 10.56 -22.31
C LEU J 184 -46.72 9.96 -22.07
N ARG J 185 -45.90 9.95 -23.12
CA ARG J 185 -44.54 9.43 -22.99
C ARG J 185 -43.77 10.20 -21.93
N GLU J 186 -43.04 9.47 -21.09
CA GLU J 186 -42.24 10.05 -20.02
C GLU J 186 -40.80 9.59 -20.15
N PHE J 187 -39.87 10.44 -19.71
CA PHE J 187 -38.45 10.11 -19.80
C PHE J 187 -37.70 10.77 -18.66
N VAL J 188 -36.72 10.05 -18.11
CA VAL J 188 -35.83 10.56 -17.06
C VAL J 188 -34.40 10.28 -17.48
N PHE J 189 -33.58 11.34 -17.55
CA PHE J 189 -32.19 11.25 -17.98
C PHE J 189 -31.30 11.53 -16.78
N LYS J 190 -30.51 10.54 -16.39
CA LYS J 190 -29.61 10.67 -15.25
C LYS J 190 -28.22 10.20 -15.66
N ASN J 191 -27.21 11.02 -15.36
CA ASN J 191 -25.82 10.74 -15.71
C ASN J 191 -24.96 10.80 -14.46
N ILE J 192 -24.31 9.70 -14.14
CA ILE J 192 -23.42 9.64 -12.98
C ILE J 192 -22.54 8.40 -13.12
N ASP J 193 -21.31 8.51 -12.62
CA ASP J 193 -20.35 7.40 -12.60
C ASP J 193 -20.15 6.83 -14.00
N GLY J 194 -20.01 7.73 -14.96
CA GLY J 194 -19.80 7.32 -16.34
C GLY J 194 -20.93 6.50 -16.93
N TYR J 195 -22.16 6.71 -16.50
CA TYR J 195 -23.30 5.94 -16.96
C TYR J 195 -24.43 6.87 -17.33
N PHE J 196 -25.39 6.35 -18.10
CA PHE J 196 -26.48 7.15 -18.64
C PHE J 196 -27.71 6.26 -18.72
N LYS J 197 -28.76 6.61 -17.98
CA LYS J 197 -29.92 5.76 -17.82
C LYS J 197 -31.14 6.37 -18.50
N ILE J 198 -32.05 5.50 -18.96
CA ILE J 198 -33.26 5.89 -19.67
C ILE J 198 -34.44 5.13 -19.07
N TYR J 199 -35.57 5.82 -18.93
CA TYR J 199 -36.80 5.24 -18.38
C TYR J 199 -37.99 5.78 -19.17
N SER J 200 -39.04 4.97 -19.31
CA SER J 200 -40.21 5.42 -20.06
C SER J 200 -41.43 4.57 -19.76
N LYS J 201 -42.60 5.20 -19.89
CA LYS J 201 -43.91 4.56 -19.84
C LYS J 201 -44.87 5.35 -20.72
N HIS J 202 -46.06 4.80 -20.89
CA HIS J 202 -47.13 5.50 -21.62
C HIS J 202 -48.49 5.18 -20.99
N THR J 203 -49.34 6.20 -20.90
CA THR J 203 -50.72 6.05 -20.48
C THR J 203 -51.61 6.95 -21.32
N PRO J 204 -52.86 6.57 -21.54
CA PRO J 204 -53.80 7.46 -22.23
C PRO J 204 -54.58 8.32 -21.26
N ILE J 205 -55.12 9.42 -21.78
CA ILE J 205 -55.87 10.37 -20.97
C ILE J 205 -57.24 10.70 -21.55
N ILE J 206 -57.49 10.42 -22.83
CA ILE J 206 -58.72 10.73 -23.54
C ILE J 206 -58.92 12.23 -23.62
N VAL J 207 -59.26 12.85 -22.50
CA VAL J 207 -59.52 14.30 -22.50
C VAL J 207 -58.20 15.03 -22.51
N ARG J 208 -58.07 16.02 -23.40
CA ARG J 208 -56.81 16.74 -23.50
C ARG J 208 -56.59 17.61 -22.27
N GLU J 209 -57.46 18.60 -22.06
CA GLU J 209 -57.38 19.55 -20.96
C GLU J 209 -55.95 20.06 -20.82
N PRO J 210 -55.45 20.86 -21.75
CA PRO J 210 -54.05 21.28 -21.70
C PRO J 210 -53.78 22.25 -20.57
N GLU J 211 -53.97 21.80 -19.33
CA GLU J 211 -53.74 22.63 -18.15
C GLU J 211 -52.65 22.08 -17.25
N ASP J 212 -52.71 20.79 -16.91
CA ASP J 212 -51.76 20.20 -15.98
C ASP J 212 -51.66 18.71 -16.23
N LEU J 213 -50.63 18.11 -15.64
CA LEU J 213 -50.41 16.68 -15.76
C LEU J 213 -51.50 15.91 -15.02
N PRO J 214 -51.81 14.69 -15.45
CA PRO J 214 -52.90 13.93 -14.81
C PRO J 214 -52.60 13.59 -13.36
N GLN J 215 -53.65 13.54 -12.55
CA GLN J 215 -53.57 13.15 -11.15
C GLN J 215 -53.52 11.63 -11.08
N GLY J 216 -52.33 11.07 -11.16
CA GLY J 216 -52.19 9.63 -11.12
C GLY J 216 -50.77 9.16 -10.86
N PHE J 217 -50.63 8.05 -10.11
CA PHE J 217 -49.33 7.48 -9.85
C PHE J 217 -48.95 6.49 -10.95
N SER J 218 -47.68 6.50 -11.33
CA SER J 218 -47.17 5.56 -12.32
C SER J 218 -45.71 5.26 -12.00
N ALA J 219 -45.36 3.98 -12.13
CA ALA J 219 -44.00 3.51 -11.88
C ALA J 219 -43.22 3.53 -13.18
N LEU J 220 -42.02 4.09 -13.14
CA LEU J 220 -41.22 4.32 -14.33
C LEU J 220 -40.17 3.21 -14.46
N GLU J 221 -40.45 2.24 -15.33
CA GLU J 221 -39.62 1.08 -15.55
C GLU J 221 -38.43 1.42 -16.45
N PRO J 222 -37.23 0.92 -16.12
CA PRO J 222 -36.06 1.19 -16.97
C PRO J 222 -36.17 0.49 -18.32
N LEU J 223 -35.46 1.02 -19.30
CA LEU J 223 -35.47 0.42 -20.63
C LEU J 223 -34.08 0.11 -21.16
N VAL J 224 -33.08 0.96 -20.90
CA VAL J 224 -31.75 0.75 -21.43
C VAL J 224 -30.75 1.49 -20.56
N ASP J 225 -29.50 1.03 -20.57
CA ASP J 225 -28.41 1.66 -19.83
C ASP J 225 -27.26 1.92 -20.79
N LEU J 226 -26.51 2.99 -20.54
CA LEU J 226 -25.49 3.47 -21.45
C LEU J 226 -24.16 3.70 -20.73
N PRO J 227 -23.06 3.19 -21.27
CA PRO J 227 -21.79 3.14 -20.52
C PRO J 227 -20.79 4.23 -20.85
N ILE J 228 -21.08 5.15 -21.75
CA ILE J 228 -20.14 6.23 -22.07
C ILE J 228 -20.22 7.31 -20.99
N GLY J 229 -19.07 7.81 -20.57
CA GLY J 229 -18.98 8.76 -19.47
C GLY J 229 -18.52 10.14 -19.86
N ILE J 230 -19.04 10.66 -20.98
CA ILE J 230 -18.66 11.98 -21.48
C ILE J 230 -19.36 13.06 -20.65
N ASN J 231 -18.84 14.28 -20.71
CA ASN J 231 -19.39 15.43 -20.00
C ASN J 231 -20.72 15.82 -20.60
N ILE J 232 -21.71 16.11 -19.75
CA ILE J 232 -23.01 16.62 -20.17
C ILE J 232 -23.40 17.76 -19.25
N THR J 233 -23.70 18.93 -19.82
CA THR J 233 -24.08 20.08 -19.02
C THR J 233 -25.29 20.83 -19.58
N ARG J 234 -25.65 20.59 -20.85
CA ARG J 234 -26.74 21.31 -21.48
C ARG J 234 -27.63 20.35 -22.26
N PHE J 235 -28.87 20.79 -22.47
CA PHE J 235 -29.94 19.97 -23.02
C PHE J 235 -30.59 20.71 -24.18
N GLN J 236 -30.89 19.99 -25.26
CA GLN J 236 -31.59 20.55 -26.41
C GLN J 236 -32.46 19.46 -27.01
N THR J 237 -33.58 19.88 -27.61
CA THR J 237 -34.58 18.94 -28.13
C THR J 237 -34.89 19.27 -29.58
N LEU J 238 -35.59 18.35 -30.24
CA LEU J 238 -35.93 18.48 -31.65
C LEU J 238 -37.44 18.45 -31.84
N LEU J 239 -37.85 18.80 -33.06
CA LEU J 239 -39.24 18.75 -33.48
C LEU J 239 -39.30 18.26 -34.90
N ALA J 240 -40.45 17.69 -35.28
CA ALA J 240 -40.65 17.16 -36.62
C ALA J 240 -41.50 18.17 -37.41
N LEU J 241 -40.83 18.95 -38.25
CA LEU J 241 -41.50 19.94 -39.10
C LEU J 241 -40.98 19.76 -40.51
N HIS J 242 -41.86 19.40 -41.45
CA HIS J 242 -41.46 19.10 -42.82
C HIS J 242 -41.67 20.28 -43.75
N ARG J 243 -42.83 20.92 -43.71
CA ARG J 243 -43.19 22.03 -44.60
C ARG J 243 -44.59 22.50 -44.19
N SER J 244 -45.00 23.62 -44.79
CA SER J 244 -46.37 24.08 -44.61
C SER J 244 -47.33 23.16 -45.34
N TYR J 245 -48.36 22.72 -44.63
CA TYR J 245 -49.31 21.75 -45.18
C TYR J 245 -50.61 21.76 -44.40
N SER J 253 -45.63 28.55 -46.42
CA SER J 253 -44.52 29.32 -45.89
C SER J 253 -44.03 28.77 -44.57
N GLY J 254 -42.72 28.56 -44.46
CA GLY J 254 -42.16 28.02 -43.24
C GLY J 254 -42.48 26.55 -43.07
N TRP J 255 -42.36 26.08 -41.83
CA TRP J 255 -42.63 24.69 -41.48
C TRP J 255 -43.67 24.68 -40.36
N THR J 256 -44.78 23.98 -40.58
CA THR J 256 -45.85 23.89 -39.61
C THR J 256 -46.31 22.43 -39.47
N ALA J 257 -46.77 22.08 -38.28
CA ALA J 257 -47.24 20.74 -37.99
C ALA J 257 -48.36 20.82 -36.96
N GLY J 258 -48.67 19.70 -36.34
CA GLY J 258 -49.73 19.64 -35.36
C GLY J 258 -49.33 20.30 -34.05
N ALA J 259 -50.23 20.18 -33.07
CA ALA J 259 -50.06 20.78 -31.76
C ALA J 259 -49.57 19.74 -30.77
N ALA J 260 -48.65 20.17 -29.90
CA ALA J 260 -48.09 19.31 -28.88
C ALA J 260 -47.59 20.18 -27.73
N ALA J 261 -47.13 19.52 -26.67
CA ALA J 261 -46.61 20.22 -25.50
C ALA J 261 -45.74 19.26 -24.70
N TYR J 262 -44.66 19.77 -24.13
CA TYR J 262 -43.73 18.97 -23.36
C TYR J 262 -43.34 19.69 -22.08
N TYR J 263 -42.96 18.93 -21.07
CA TYR J 263 -42.61 19.44 -19.76
C TYR J 263 -41.19 19.00 -19.39
N VAL J 264 -40.54 19.79 -18.56
CA VAL J 264 -39.18 19.51 -18.11
C VAL J 264 -39.09 19.75 -16.61
N GLY J 265 -38.38 18.86 -15.92
CA GLY J 265 -38.20 18.99 -14.49
C GLY J 265 -36.76 18.72 -14.11
N TYR J 266 -36.43 19.05 -12.86
CA TYR J 266 -35.07 18.91 -12.36
C TYR J 266 -35.06 18.04 -11.11
N LEU J 267 -33.92 17.41 -10.85
CA LEU J 267 -33.79 16.44 -9.77
C LEU J 267 -32.75 16.91 -8.76
N GLN J 268 -33.09 16.79 -7.49
CA GLN J 268 -32.18 17.06 -6.38
C GLN J 268 -32.34 15.96 -5.34
N PRO J 269 -31.33 15.72 -4.52
CA PRO J 269 -31.39 14.58 -3.58
C PRO J 269 -32.55 14.68 -2.61
N ARG J 270 -33.18 13.54 -2.34
CA ARG J 270 -34.28 13.44 -1.40
C ARG J 270 -34.30 12.03 -0.83
N THR J 271 -35.14 11.85 0.19
CA THR J 271 -35.35 10.54 0.80
C THR J 271 -36.80 10.11 0.54
N PHE J 272 -36.97 8.94 -0.07
CA PHE J 272 -38.28 8.46 -0.46
C PHE J 272 -38.56 7.11 0.18
N LEU J 273 -39.84 6.79 0.30
CA LEU J 273 -40.30 5.51 0.82
C LEU J 273 -41.19 4.86 -0.22
N LEU J 274 -40.94 3.59 -0.52
CA LEU J 274 -41.60 2.88 -1.60
C LEU J 274 -42.33 1.65 -1.06
N LYS J 275 -43.47 1.34 -1.68
CA LYS J 275 -44.31 0.21 -1.26
C LYS J 275 -44.46 -0.75 -2.42
N TYR J 276 -43.92 -1.95 -2.29
CA TYR J 276 -44.03 -2.96 -3.32
C TYR J 276 -45.29 -3.80 -3.13
N ASN J 277 -45.79 -4.33 -4.23
CA ASN J 277 -47.00 -5.14 -4.23
C ASN J 277 -46.63 -6.63 -4.33
N GLU J 278 -47.63 -7.49 -4.51
CA GLU J 278 -47.43 -8.93 -4.54
C GLU J 278 -46.51 -9.33 -5.69
N ASN J 279 -46.82 -8.89 -6.92
CA ASN J 279 -45.94 -9.15 -8.05
C ASN J 279 -44.59 -8.47 -7.90
N GLY J 280 -44.56 -7.25 -7.35
CA GLY J 280 -43.30 -6.56 -7.18
C GLY J 280 -43.22 -5.24 -7.92
N THR J 281 -44.37 -4.62 -8.16
CA THR J 281 -44.45 -3.33 -8.85
C THR J 281 -44.78 -2.24 -7.85
N ILE J 282 -44.08 -1.12 -7.96
CA ILE J 282 -44.31 0.01 -7.05
C ILE J 282 -45.71 0.56 -7.27
N THR J 283 -46.48 0.69 -6.19
CA THR J 283 -47.84 1.20 -6.26
C THR J 283 -48.05 2.53 -5.56
N ASP J 284 -47.22 2.86 -4.57
CA ASP J 284 -47.37 4.13 -3.87
C ASP J 284 -46.03 4.52 -3.26
N ALA J 285 -45.87 5.82 -3.02
CA ALA J 285 -44.64 6.34 -2.45
C ALA J 285 -44.95 7.65 -1.74
N VAL J 286 -44.20 7.93 -0.68
CA VAL J 286 -44.41 9.12 0.14
C VAL J 286 -43.07 9.84 0.29
N ASP J 287 -43.10 11.16 0.12
CA ASP J 287 -41.92 11.96 0.38
C ASP J 287 -41.67 12.04 1.89
N CYS J 288 -40.45 12.40 2.26
CA CYS J 288 -40.05 12.45 3.65
C CYS J 288 -39.68 13.85 4.13
N ALA J 289 -39.87 14.88 3.29
CA ALA J 289 -39.48 16.23 3.68
C ALA J 289 -40.48 17.27 3.18
N LEU J 290 -41.75 16.93 3.10
CA LEU J 290 -42.76 17.85 2.57
C LEU J 290 -43.55 18.53 3.69
N ASP J 291 -44.24 17.75 4.51
CA ASP J 291 -45.10 18.26 5.57
C ASP J 291 -44.93 17.36 6.78
N PRO J 292 -45.33 17.83 7.98
CA PRO J 292 -45.09 17.03 9.19
C PRO J 292 -45.67 15.63 9.11
N LEU J 293 -46.83 15.47 8.48
CA LEU J 293 -47.41 14.14 8.33
C LEU J 293 -46.47 13.22 7.58
N SER J 294 -45.83 13.74 6.52
CA SER J 294 -44.89 12.94 5.77
C SER J 294 -43.67 12.58 6.62
N GLU J 295 -43.20 13.51 7.46
CA GLU J 295 -42.09 13.21 8.34
C GLU J 295 -42.45 12.10 9.32
N THR J 296 -43.65 12.15 9.90
CA THR J 296 -44.08 11.09 10.82
C THR J 296 -44.20 9.76 10.10
N LYS J 297 -44.76 9.77 8.89
CA LYS J 297 -44.86 8.54 8.11
C LYS J 297 -43.49 7.96 7.81
N CYS J 298 -42.54 8.81 7.44
CA CYS J 298 -41.19 8.34 7.14
C CYS J 298 -40.51 7.77 8.38
N THR J 299 -40.65 8.45 9.52
CA THR J 299 -39.96 7.98 10.72
C THR J 299 -40.66 6.80 11.39
N LEU J 300 -41.92 6.53 11.04
CA LEU J 300 -42.64 5.40 11.62
C LEU J 300 -42.73 4.22 10.65
N LYS J 301 -42.46 4.44 9.36
CA LYS J 301 -42.43 3.37 8.35
C LYS J 301 -43.79 2.71 8.19
N SER J 302 -44.81 3.55 7.99
CA SER J 302 -46.15 3.06 7.67
C SER J 302 -46.92 4.19 7.00
N PHE J 303 -47.96 3.81 6.28
CA PHE J 303 -48.81 4.78 5.58
C PHE J 303 -49.95 5.31 6.44
N THR J 304 -50.13 4.76 7.65
CA THR J 304 -51.17 5.22 8.57
C THR J 304 -50.52 5.56 9.90
N VAL J 305 -51.09 6.55 10.58
CA VAL J 305 -50.55 7.04 11.85
C VAL J 305 -51.69 7.16 12.84
N GLU J 306 -51.53 6.53 14.00
CA GLU J 306 -52.51 6.63 15.06
C GLU J 306 -52.31 7.91 15.86
N LYS J 307 -53.36 8.32 16.57
CA LYS J 307 -53.32 9.57 17.32
C LYS J 307 -52.28 9.50 18.43
N GLY J 308 -51.65 10.64 18.69
CA GLY J 308 -50.62 10.73 19.70
C GLY J 308 -49.63 11.81 19.34
N ILE J 309 -48.52 11.82 20.07
CA ILE J 309 -47.43 12.77 19.85
C ILE J 309 -46.16 11.99 19.54
N TYR J 310 -45.48 12.39 18.48
CA TYR J 310 -44.29 11.68 18.02
C TYR J 310 -43.13 12.65 17.88
N GLN J 311 -41.92 12.13 18.06
CA GLN J 311 -40.70 12.90 17.87
C GLN J 311 -40.05 12.47 16.57
N THR J 312 -39.75 13.44 15.71
CA THR J 312 -39.28 13.16 14.36
C THR J 312 -37.82 13.53 14.15
N SER J 313 -37.44 14.77 14.42
CA SER J 313 -36.09 15.22 14.15
C SER J 313 -35.80 16.45 15.00
N ASN J 314 -34.71 17.14 14.70
CA ASN J 314 -34.30 18.34 15.42
C ASN J 314 -34.12 19.49 14.44
N PHE J 315 -34.14 20.71 14.96
CA PHE J 315 -33.98 21.91 14.16
C PHE J 315 -32.73 22.64 14.63
N ARG J 316 -31.88 23.03 13.68
CA ARG J 316 -30.64 23.72 13.97
C ARG J 316 -30.50 24.93 13.07
N VAL J 317 -30.09 26.05 13.68
CA VAL J 317 -29.95 27.32 12.96
C VAL J 317 -28.67 27.27 12.16
N GLN J 318 -28.78 27.39 10.85
CA GLN J 318 -27.61 27.31 9.99
C GLN J 318 -26.81 28.61 10.03
N PRO J 319 -25.50 28.53 9.87
CA PRO J 319 -24.68 29.75 9.81
C PRO J 319 -24.99 30.56 8.56
N THR J 320 -24.77 31.87 8.66
CA THR J 320 -25.07 32.78 7.57
C THR J 320 -23.85 33.30 6.83
N GLU J 321 -22.68 33.35 7.47
CA GLU J 321 -21.49 33.88 6.84
C GLU J 321 -20.27 33.32 7.57
N SER J 322 -19.10 33.84 7.21
CA SER J 322 -17.83 33.42 7.80
C SER J 322 -16.95 34.64 8.04
N ILE J 323 -16.21 34.63 9.13
CA ILE J 323 -15.26 35.68 9.47
C ILE J 323 -13.90 35.05 9.68
N VAL J 324 -12.87 35.68 9.13
CA VAL J 324 -11.49 35.19 9.22
C VAL J 324 -10.66 36.26 9.92
N ARG J 325 -10.01 35.87 11.03
CA ARG J 325 -9.21 36.79 11.82
C ARG J 325 -7.82 36.19 12.03
N PHE J 326 -6.79 36.94 11.67
CA PHE J 326 -5.41 36.54 11.88
C PHE J 326 -4.55 37.76 12.22
N PRO J 327 -3.40 37.56 12.87
CA PRO J 327 -2.51 38.70 13.11
C PRO J 327 -2.05 39.34 11.81
N ASN J 328 -1.90 40.66 11.84
CA ASN J 328 -1.64 41.45 10.64
C ASN J 328 -0.14 41.71 10.53
N ILE J 329 0.60 40.72 10.07
CA ILE J 329 2.03 40.87 9.79
C ILE J 329 2.31 40.46 8.36
N THR J 330 2.83 41.39 7.55
CA THR J 330 3.12 41.13 6.15
C THR J 330 4.61 40.92 5.88
N ASN J 331 5.44 40.92 6.92
CA ASN J 331 6.87 40.73 6.75
C ASN J 331 7.18 39.27 6.44
N LEU J 332 7.81 39.03 5.28
CA LEU J 332 8.14 37.67 4.89
C LEU J 332 9.20 37.08 5.82
N CYS J 333 9.02 35.81 6.16
CA CYS J 333 9.97 35.11 7.00
C CYS J 333 11.28 34.85 6.24
N PRO J 334 12.40 34.76 6.95
CA PRO J 334 13.69 34.46 6.30
C PRO J 334 13.80 33.00 5.88
N PHE J 335 13.02 32.63 4.86
CA PHE J 335 13.03 31.28 4.31
C PHE J 335 13.99 31.15 3.13
N ASP J 336 14.90 32.11 2.96
CA ASP J 336 15.90 32.05 1.90
C ASP J 336 17.32 31.90 2.41
N GLU J 337 17.64 32.48 3.57
CA GLU J 337 18.99 32.36 4.11
C GLU J 337 19.25 30.98 4.70
N VAL J 338 18.21 30.19 4.90
CA VAL J 338 18.37 28.88 5.53
C VAL J 338 18.67 27.80 4.50
N PHE J 339 18.08 27.88 3.31
CA PHE J 339 18.28 26.85 2.29
C PHE J 339 19.31 27.25 1.24
N ASN J 340 19.43 28.55 0.97
CA ASN J 340 20.36 29.04 -0.05
C ASN J 340 21.71 29.47 0.52
N ALA J 341 21.98 29.17 1.79
CA ALA J 341 23.25 29.53 2.39
C ALA J 341 24.40 28.83 1.67
N THR J 342 25.50 29.56 1.49
CA THR J 342 26.64 29.02 0.76
C THR J 342 27.26 27.83 1.49
N ARG J 343 27.44 27.94 2.81
CA ARG J 343 28.06 26.89 3.60
C ARG J 343 27.14 26.51 4.75
N PHE J 344 27.06 25.21 5.03
CA PHE J 344 26.28 24.68 6.14
C PHE J 344 27.20 24.02 7.14
N ALA J 345 26.86 24.16 8.43
CA ALA J 345 27.66 23.57 9.49
C ALA J 345 27.59 22.05 9.44
N SER J 346 28.58 21.42 10.06
CA SER J 346 28.68 19.98 10.05
C SER J 346 27.56 19.35 10.88
N VAL J 347 27.47 18.03 10.82
CA VAL J 347 26.34 17.32 11.43
C VAL J 347 26.41 17.38 12.96
N TYR J 348 27.59 17.21 13.54
CA TYR J 348 27.68 17.20 15.00
C TYR J 348 27.38 18.57 15.58
N ALA J 349 27.90 19.62 14.95
CA ALA J 349 27.66 21.00 15.39
C ALA J 349 26.61 21.60 14.46
N TRP J 350 25.34 21.29 14.74
CA TRP J 350 24.24 21.82 13.97
C TRP J 350 23.86 23.22 14.46
N ASN J 351 23.16 23.95 13.59
CA ASN J 351 22.83 25.35 13.82
C ASN J 351 21.33 25.53 13.98
N ARG J 352 20.95 26.43 14.88
CA ARG J 352 19.55 26.74 15.15
C ARG J 352 19.30 28.21 14.87
N LYS J 353 18.18 28.51 14.21
CA LYS J 353 17.80 29.87 13.86
C LYS J 353 16.34 30.10 14.22
N ARG J 354 16.05 31.30 14.74
CA ARG J 354 14.71 31.66 15.18
C ARG J 354 13.94 32.30 14.03
N ILE J 355 12.76 31.77 13.75
CA ILE J 355 11.84 32.39 12.80
C ILE J 355 10.58 32.77 13.56
N SER J 356 10.31 34.08 13.64
CA SER J 356 9.17 34.57 14.40
C SER J 356 8.77 35.95 13.91
N ASN J 357 7.54 36.34 14.26
CA ASN J 357 6.99 37.66 13.92
C ASN J 357 7.09 37.92 12.42
N CYS J 358 6.48 37.04 11.63
CA CYS J 358 6.54 37.12 10.18
C CYS J 358 5.38 36.31 9.60
N VAL J 359 5.22 36.39 8.29
CA VAL J 359 4.20 35.64 7.56
C VAL J 359 4.92 34.60 6.70
N ALA J 360 4.49 33.34 6.82
CA ALA J 360 5.18 32.25 6.17
C ALA J 360 4.80 32.16 4.69
N ASP J 361 5.62 31.42 3.93
CA ASP J 361 5.32 31.10 2.55
C ASP J 361 6.00 29.77 2.23
N TYR J 362 5.24 28.68 2.39
CA TYR J 362 5.78 27.35 2.16
C TYR J 362 5.72 26.92 0.70
N SER J 363 5.10 27.72 -0.18
CA SER J 363 5.10 27.39 -1.60
C SER J 363 6.51 27.37 -2.16
N VAL J 364 7.36 28.30 -1.71
CA VAL J 364 8.73 28.37 -2.21
C VAL J 364 9.49 27.09 -1.88
N LEU J 365 9.23 26.50 -0.72
CA LEU J 365 9.97 25.33 -0.29
C LEU J 365 9.79 24.16 -1.26
N TYR J 366 8.54 23.87 -1.64
CA TYR J 366 8.30 22.74 -2.53
C TYR J 366 8.22 23.16 -3.99
N ASN J 367 8.41 24.44 -4.30
CA ASN J 367 8.49 24.86 -5.69
C ASN J 367 9.93 25.07 -6.13
N LEU J 368 10.68 25.90 -5.38
CA LEU J 368 12.05 26.22 -5.74
C LEU J 368 13.00 25.72 -4.65
N ALA J 369 13.42 24.47 -4.81
CA ALA J 369 14.40 23.82 -3.95
C ALA J 369 15.32 22.94 -4.80
N PRO J 370 16.54 22.68 -4.33
CA PRO J 370 17.41 21.77 -5.09
C PRO J 370 16.81 20.39 -5.28
N PHE J 371 16.49 19.70 -4.19
CA PHE J 371 15.69 18.48 -4.21
C PHE J 371 14.99 18.36 -2.88
N PHE J 372 13.87 17.64 -2.88
CA PHE J 372 12.97 17.70 -1.74
C PHE J 372 13.23 16.59 -0.73
N THR J 373 13.05 15.34 -1.14
CA THR J 373 13.07 14.19 -0.23
C THR J 373 12.29 14.54 1.04
N PHE J 374 11.03 14.95 0.84
CA PHE J 374 10.27 15.60 1.89
C PHE J 374 9.47 14.58 2.69
N LYS J 375 10.15 13.79 3.51
CA LYS J 375 9.49 12.79 4.34
C LYS J 375 9.08 13.39 5.67
N CYS J 376 8.05 14.24 5.67
CA CYS J 376 7.60 14.88 6.89
C CYS J 376 6.88 13.87 7.79
N TYR J 377 7.02 14.05 9.10
CA TYR J 377 6.36 13.20 10.08
C TYR J 377 5.51 14.05 11.02
N GLY J 378 4.30 13.55 11.31
CA GLY J 378 3.44 14.17 12.30
C GLY J 378 2.42 15.16 11.77
N VAL J 379 2.47 15.51 10.49
CA VAL J 379 1.51 16.46 9.93
C VAL J 379 1.46 16.30 8.42
N SER J 380 0.29 16.58 7.82
CA SER J 380 0.07 16.44 6.39
C SER J 380 0.80 17.54 5.63
N PRO J 381 1.61 17.18 4.63
CA PRO J 381 2.41 18.20 3.93
C PRO J 381 1.58 19.23 3.19
N THR J 382 0.42 18.85 2.65
CA THR J 382 -0.30 19.75 1.77
C THR J 382 -0.95 20.91 2.54
N LYS J 383 -1.27 20.72 3.82
CA LYS J 383 -1.97 21.73 4.59
C LYS J 383 -1.09 22.39 5.65
N LEU J 384 0.21 22.54 5.37
CA LEU J 384 1.09 23.34 6.23
C LEU J 384 0.95 24.83 6.01
N ASN J 385 -0.09 25.28 5.30
CA ASN J 385 -0.24 26.69 4.97
C ASN J 385 -1.29 27.36 5.86
N ASP J 386 -2.43 26.70 6.07
CA ASP J 386 -3.54 27.34 6.77
C ASP J 386 -3.29 27.42 8.27
N LEU J 387 -2.78 26.35 8.88
CA LEU J 387 -2.72 26.27 10.33
C LEU J 387 -1.65 27.22 10.88
N CYS J 388 -1.79 27.54 12.16
CA CYS J 388 -0.97 28.54 12.83
C CYS J 388 -0.03 27.89 13.83
N PHE J 389 1.16 28.48 13.95
CA PHE J 389 2.22 28.01 14.85
C PHE J 389 2.65 29.16 15.74
N THR J 390 3.22 28.82 16.89
CA THR J 390 3.81 29.85 17.76
C THR J 390 5.33 29.88 17.60
N ASN J 391 5.96 28.72 17.54
CA ASN J 391 7.41 28.66 17.45
C ASN J 391 7.81 27.66 16.36
N VAL J 392 8.61 28.12 15.42
CA VAL J 392 9.13 27.29 14.33
C VAL J 392 10.64 27.39 14.32
N TYR J 393 11.30 26.24 14.20
CA TYR J 393 12.74 26.15 14.26
C TYR J 393 13.26 25.32 13.08
N ALA J 394 14.45 25.68 12.61
CA ALA J 394 15.07 25.01 11.48
C ALA J 394 16.46 24.53 11.86
N ASP J 395 16.74 23.27 11.56
CA ASP J 395 18.05 22.67 11.79
C ASP J 395 18.67 22.28 10.45
N SER J 396 19.95 22.56 10.29
CA SER J 396 20.64 22.30 9.03
C SER J 396 21.98 21.63 9.29
N PHE J 397 22.31 20.65 8.45
CA PHE J 397 23.56 19.93 8.54
C PHE J 397 23.75 19.16 7.24
N VAL J 398 24.91 18.51 7.12
CA VAL J 398 25.29 17.78 5.91
C VAL J 398 25.72 16.37 6.31
N ILE J 399 25.20 15.37 5.62
CA ILE J 399 25.60 13.98 5.85
C ILE J 399 25.75 13.27 4.52
N ARG J 400 26.13 11.99 4.56
CA ARG J 400 26.28 11.18 3.36
C ARG J 400 24.92 10.60 2.95
N GLY J 401 24.90 9.91 1.82
CA GLY J 401 23.65 9.39 1.31
C GLY J 401 23.14 8.17 2.08
N ASP J 402 24.07 7.36 2.60
CA ASP J 402 23.67 6.11 3.23
C ASP J 402 22.92 6.32 4.54
N GLU J 403 23.36 7.29 5.34
CA GLU J 403 22.78 7.50 6.67
C GLU J 403 21.67 8.55 6.68
N VAL J 404 21.05 8.84 5.53
CA VAL J 404 19.90 9.73 5.53
C VAL J 404 18.75 9.12 6.32
N ARG J 405 18.71 7.80 6.43
CA ARG J 405 17.69 7.14 7.24
C ARG J 405 17.91 7.41 8.73
N GLN J 406 19.18 7.53 9.14
CA GLN J 406 19.48 7.67 10.57
C GLN J 406 18.88 8.93 11.17
N ILE J 407 18.60 9.94 10.34
CA ILE J 407 17.94 11.15 10.84
C ILE J 407 16.44 10.92 10.76
N ALA J 408 15.89 10.24 11.77
CA ALA J 408 14.47 9.93 11.83
C ALA J 408 14.19 9.33 13.21
N PRO J 409 12.99 9.55 13.75
CA PRO J 409 12.66 8.97 15.05
C PRO J 409 12.64 7.44 15.00
N GLY J 410 13.20 6.82 16.03
CA GLY J 410 13.13 5.39 16.19
C GLY J 410 14.24 4.59 15.55
N GLN J 411 15.11 5.20 14.75
CA GLN J 411 16.19 4.47 14.12
C GLN J 411 17.52 4.78 14.80
N THR J 412 18.45 3.84 14.68
CA THR J 412 19.74 3.93 15.36
C THR J 412 20.86 3.89 14.34
N GLY J 413 22.03 4.30 14.77
CA GLY J 413 23.20 4.37 13.93
C GLY J 413 24.18 5.38 14.49
N ASN J 414 25.40 5.35 13.94
CA ASN J 414 26.46 6.21 14.46
C ASN J 414 26.04 7.68 14.41
N ILE J 415 25.53 8.12 13.26
CA ILE J 415 25.06 9.50 13.15
C ILE J 415 23.88 9.75 14.07
N ALA J 416 22.90 8.85 14.05
CA ALA J 416 21.72 9.01 14.89
C ALA J 416 22.08 8.99 16.37
N ASP J 417 22.96 8.08 16.78
CA ASP J 417 23.29 7.93 18.19
C ASP J 417 24.16 9.09 18.68
N TYR J 418 25.09 9.57 17.84
CA TYR J 418 26.13 10.46 18.31
C TYR J 418 26.07 11.88 17.76
N ASN J 419 25.80 12.06 16.48
CA ASN J 419 25.84 13.39 15.88
C ASN J 419 24.53 14.15 16.07
N TYR J 420 23.42 13.59 15.58
CA TYR J 420 22.13 14.26 15.66
C TYR J 420 21.08 13.23 16.03
N LYS J 421 20.30 13.52 17.07
CA LYS J 421 19.27 12.62 17.56
C LYS J 421 17.95 13.36 17.65
N LEU J 422 16.91 12.79 17.06
CA LEU J 422 15.57 13.33 17.12
C LEU J 422 14.81 12.77 18.31
N PRO J 423 13.88 13.53 18.87
CA PRO J 423 13.10 13.03 20.01
C PRO J 423 12.03 12.03 19.57
N ASP J 424 11.55 11.27 20.56
CA ASP J 424 10.48 10.32 20.29
C ASP J 424 9.21 11.01 19.84
N ASP J 425 8.83 12.09 20.52
CA ASP J 425 7.69 12.92 20.13
C ASP J 425 8.21 14.06 19.27
N PHE J 426 7.97 13.97 17.96
CA PHE J 426 8.48 14.95 17.02
C PHE J 426 7.36 15.46 16.14
N THR J 427 7.35 16.79 15.94
CA THR J 427 6.36 17.46 15.11
C THR J 427 7.14 18.39 14.16
N GLY J 428 7.45 17.88 12.97
CA GLY J 428 8.17 18.66 12.00
C GLY J 428 8.44 17.92 10.70
N CYS J 429 9.14 18.56 9.77
CA CYS J 429 9.43 17.97 8.47
C CYS J 429 10.92 18.03 8.22
N VAL J 430 11.43 17.05 7.48
CA VAL J 430 12.85 16.96 7.14
C VAL J 430 12.99 17.11 5.63
N ILE J 431 13.94 17.94 5.21
CA ILE J 431 14.21 18.19 3.80
C ILE J 431 15.66 17.83 3.53
N ALA J 432 15.89 17.02 2.50
CA ALA J 432 17.24 16.61 2.13
C ALA J 432 17.38 16.64 0.62
N TRP J 433 18.59 16.90 0.15
CA TRP J 433 18.86 16.96 -1.28
C TRP J 433 20.31 16.59 -1.53
N ASN J 434 20.58 16.15 -2.75
CA ASN J 434 21.95 15.86 -3.17
C ASN J 434 22.76 17.15 -3.32
N SER J 435 24.01 17.10 -2.87
CA SER J 435 24.89 18.25 -2.95
C SER J 435 26.23 17.80 -3.53
N ASN J 436 26.18 16.89 -4.49
CA ASN J 436 27.40 16.43 -5.14
C ASN J 436 27.97 17.49 -6.08
N LYS J 437 27.12 18.28 -6.74
CA LYS J 437 27.61 19.33 -7.62
C LYS J 437 28.18 20.52 -6.85
N LEU J 438 27.97 20.57 -5.54
CA LEU J 438 28.18 21.79 -4.78
C LEU J 438 29.26 21.64 -3.71
N ASP J 439 29.29 20.51 -3.01
CA ASP J 439 30.20 20.33 -1.88
C ASP J 439 31.30 19.29 -2.14
N SER J 440 31.46 18.82 -3.37
CA SER J 440 32.41 17.75 -3.68
C SER J 440 33.66 18.33 -4.31
N LYS J 441 34.82 17.91 -3.81
CA LYS J 441 36.11 18.30 -4.35
C LYS J 441 36.74 17.12 -5.07
N VAL J 442 37.51 17.42 -6.12
CA VAL J 442 38.29 16.37 -6.79
C VAL J 442 39.32 15.79 -5.84
N SER J 443 40.03 16.66 -5.11
CA SER J 443 40.98 16.17 -4.10
C SER J 443 40.25 15.59 -2.90
N GLY J 444 39.15 16.23 -2.48
CA GLY J 444 38.41 15.77 -1.33
C GLY J 444 38.07 16.89 -0.37
N ASN J 445 36.86 16.85 0.20
CA ASN J 445 36.39 17.87 1.11
C ASN J 445 36.66 17.45 2.56
N TYR J 446 37.33 18.31 3.30
CA TYR J 446 37.70 18.05 4.69
C TYR J 446 37.12 19.12 5.61
N ASN J 447 36.03 19.77 5.17
CA ASN J 447 35.35 20.76 5.99
C ASN J 447 34.06 20.22 6.60
N TYR J 448 33.74 18.95 6.38
CA TYR J 448 32.53 18.33 6.91
C TYR J 448 32.95 17.17 7.81
N LEU J 449 32.79 17.35 9.11
CA LEU J 449 33.26 16.43 10.12
C LEU J 449 32.07 15.74 10.80
N TYR J 450 32.32 14.55 11.34
CA TYR J 450 31.28 13.80 12.02
C TYR J 450 31.92 12.93 13.10
N ARG J 451 31.11 12.57 14.10
CA ARG J 451 31.59 11.90 15.29
C ARG J 451 31.31 10.40 15.21
N LEU J 452 32.22 9.61 15.77
CA LEU J 452 32.14 8.15 15.72
C LEU J 452 32.03 7.53 17.10
N PHE J 453 32.89 7.92 18.04
CA PHE J 453 32.96 7.29 19.36
C PHE J 453 32.67 8.32 20.44
N ARG J 454 31.85 7.92 21.43
CA ARG J 454 31.54 8.75 22.57
C ARG J 454 31.16 7.85 23.74
N LYS J 455 31.28 8.38 24.96
CA LYS J 455 30.96 7.61 26.15
C LYS J 455 29.49 7.22 26.19
N SER J 456 28.59 8.15 25.88
CA SER J 456 27.17 7.92 26.03
C SER J 456 26.40 8.66 24.95
N ASN J 457 25.13 8.27 24.79
CA ASN J 457 24.27 8.88 23.79
C ASN J 457 23.81 10.27 24.23
N LEU J 458 23.49 11.12 23.25
CA LEU J 458 22.99 12.44 23.54
C LEU J 458 21.49 12.42 23.84
N LYS J 459 21.05 13.38 24.63
CA LYS J 459 19.63 13.61 24.85
C LYS J 459 19.04 14.25 23.59
N PRO J 460 17.72 14.13 23.41
CA PRO J 460 17.11 14.71 22.20
C PRO J 460 17.35 16.21 22.11
N PHE J 461 17.66 16.66 20.89
CA PHE J 461 17.90 18.08 20.61
C PHE J 461 18.99 18.67 21.50
N GLU J 462 20.08 17.92 21.66
CA GLU J 462 21.24 18.37 22.41
C GLU J 462 22.44 18.41 21.49
N ARG J 463 23.12 19.55 21.45
CA ARG J 463 24.26 19.77 20.56
C ARG J 463 25.55 19.67 21.36
N ASP J 464 26.43 18.77 20.94
CA ASP J 464 27.74 18.69 21.58
C ASP J 464 28.81 19.26 20.67
N ILE J 465 29.88 19.81 21.25
CA ILE J 465 31.01 20.30 20.47
C ILE J 465 32.32 19.80 21.07
N SER J 466 32.21 18.87 22.03
CA SER J 466 33.37 18.42 22.78
C SER J 466 34.33 17.62 21.89
N THR J 467 35.62 17.94 22.02
CA THR J 467 36.69 17.24 21.30
C THR J 467 37.69 16.73 22.33
N GLU J 468 37.42 15.55 22.87
CA GLU J 468 38.29 14.90 23.84
C GLU J 468 38.51 13.45 23.44
N ILE J 469 39.71 12.95 23.73
CA ILE J 469 40.06 11.59 23.35
C ILE J 469 39.18 10.58 24.09
N TYR J 470 38.59 9.66 23.34
CA TYR J 470 37.79 8.58 23.90
C TYR J 470 38.72 7.47 24.36
N GLN J 471 38.50 6.98 25.58
CA GLN J 471 39.34 5.94 26.18
C GLN J 471 38.59 4.61 26.08
N ALA J 472 39.00 3.79 25.12
CA ALA J 472 38.45 2.44 24.97
C ALA J 472 39.14 1.42 25.87
N GLY J 473 40.28 1.77 26.45
CA GLY J 473 40.99 0.89 27.36
C GLY J 473 40.97 1.40 28.79
N ASN J 474 41.33 0.50 29.71
CA ASN J 474 41.39 0.88 31.12
C ASN J 474 42.50 1.88 31.39
N LYS J 475 43.63 1.73 30.70
CA LYS J 475 44.75 2.63 30.91
C LYS J 475 44.41 4.03 30.41
N PRO J 476 44.85 5.08 31.10
CA PRO J 476 44.60 6.44 30.63
C PRO J 476 45.39 6.74 29.35
N CYS J 477 44.87 7.70 28.59
CA CYS J 477 45.46 8.08 27.31
C CYS J 477 46.18 9.41 27.36
N ASN J 478 45.73 10.34 28.21
CA ASN J 478 46.34 11.65 28.36
C ASN J 478 46.40 12.41 27.04
N GLY J 479 45.36 12.26 26.22
CA GLY J 479 45.26 12.99 24.97
C GLY J 479 46.08 12.45 23.82
N VAL J 480 47.14 11.72 24.12
CA VAL J 480 48.01 11.18 23.08
C VAL J 480 48.28 9.70 23.34
N ALA J 481 47.65 8.85 22.52
CA ALA J 481 47.88 7.41 22.60
C ALA J 481 47.45 6.78 21.29
N GLY J 482 47.94 5.56 21.06
CA GLY J 482 47.65 4.86 19.81
C GLY J 482 46.89 3.57 19.99
N PHE J 483 47.04 2.94 21.15
CA PHE J 483 46.39 1.66 21.45
C PHE J 483 45.22 1.91 22.39
N ASN J 484 44.04 1.44 21.98
CA ASN J 484 42.79 1.56 22.73
C ASN J 484 42.38 2.99 23.02
N CYS J 485 43.02 3.96 22.38
CA CYS J 485 42.64 5.36 22.50
C CYS J 485 42.53 5.95 21.10
N TYR J 486 41.34 6.42 20.74
CA TYR J 486 41.06 6.86 19.39
C TYR J 486 40.56 8.29 19.41
N PHE J 487 40.88 9.03 18.35
CA PHE J 487 40.35 10.38 18.23
C PHE J 487 38.85 10.32 17.93
N PRO J 488 38.03 11.04 18.69
CA PRO J 488 36.57 10.90 18.53
C PRO J 488 36.06 11.30 17.16
N LEU J 489 36.73 12.23 16.50
CA LEU J 489 36.20 12.87 15.29
C LEU J 489 37.02 12.44 14.07
N ARG J 490 36.33 11.85 13.10
CA ARG J 490 36.92 11.52 11.81
C ARG J 490 36.10 12.19 10.72
N SER J 491 36.79 12.86 9.79
CA SER J 491 36.13 13.69 8.79
C SER J 491 35.82 12.90 7.52
N TYR J 492 34.78 13.34 6.81
CA TYR J 492 34.47 12.80 5.50
C TYR J 492 35.48 13.32 4.48
N SER J 493 35.46 12.73 3.30
CA SER J 493 36.25 13.21 2.17
C SER J 493 35.51 12.95 0.87
N PHE J 494 34.75 13.95 0.41
CA PHE J 494 33.87 13.74 -0.74
C PHE J 494 34.65 13.92 -2.04
N ARG J 495 34.49 12.98 -2.94
CA ARG J 495 35.10 13.00 -4.26
C ARG J 495 34.04 12.67 -5.31
N PRO J 496 34.19 13.19 -6.53
CA PRO J 496 33.17 12.92 -7.56
C PRO J 496 33.04 11.46 -7.94
N THR J 497 34.05 10.63 -7.67
CA THR J 497 34.05 9.24 -8.07
C THR J 497 33.43 8.32 -7.02
N TYR J 498 32.91 8.87 -5.93
CA TYR J 498 32.23 8.04 -4.94
C TYR J 498 30.91 7.52 -5.48
N GLY J 499 30.42 6.45 -4.84
CA GLY J 499 29.11 5.94 -5.16
C GLY J 499 28.01 6.86 -4.65
N VAL J 500 26.80 6.64 -5.16
CA VAL J 500 25.67 7.50 -4.80
C VAL J 500 25.38 7.41 -3.31
N GLY J 501 25.67 6.27 -2.69
CA GLY J 501 25.47 6.14 -1.25
C GLY J 501 26.47 6.97 -0.45
N HIS J 502 27.65 7.20 -1.01
CA HIS J 502 28.70 7.94 -0.34
C HIS J 502 28.73 9.42 -0.74
N GLN J 503 27.80 9.85 -1.59
CA GLN J 503 27.76 11.24 -2.02
C GLN J 503 27.28 12.14 -0.87
N PRO J 504 27.71 13.39 -0.86
CA PRO J 504 27.24 14.33 0.18
C PRO J 504 25.82 14.81 -0.09
N TYR J 505 25.05 14.90 0.99
CA TYR J 505 23.67 15.38 0.94
C TYR J 505 23.49 16.44 2.02
N ARG J 506 22.80 17.52 1.67
CA ARG J 506 22.46 18.54 2.65
C ARG J 506 21.07 18.27 3.21
N VAL J 507 20.95 18.25 4.53
CA VAL J 507 19.71 17.91 5.22
C VAL J 507 19.29 19.11 6.06
N VAL J 508 18.03 19.53 5.89
CA VAL J 508 17.45 20.61 6.67
C VAL J 508 16.27 20.03 7.44
N VAL J 509 16.25 20.25 8.75
CA VAL J 509 15.24 19.71 9.64
C VAL J 509 14.46 20.86 10.26
N LEU J 510 13.14 20.82 10.11
CA LEU J 510 12.27 21.82 10.71
C LEU J 510 11.70 21.30 12.04
N SER J 511 11.49 22.22 12.97
CA SER J 511 11.00 21.88 14.30
C SER J 511 9.74 22.71 14.57
N PHE J 512 8.58 22.08 14.42
CA PHE J 512 7.30 22.75 14.64
C PHE J 512 6.76 22.40 16.03
N GLU J 513 5.92 23.28 16.57
CA GLU J 513 5.16 22.99 17.78
C GLU J 513 3.77 23.56 17.56
N LEU J 514 2.75 22.83 18.00
CA LEU J 514 1.38 23.13 17.66
C LEU J 514 0.50 23.45 18.88
N LEU J 515 1.09 23.85 20.00
CA LEU J 515 0.28 24.25 21.14
C LEU J 515 -0.40 25.58 20.90
N HIS J 516 0.20 26.46 20.08
CA HIS J 516 -0.40 27.70 19.58
C HIS J 516 -1.07 28.52 20.69
N ALA J 517 -0.31 28.83 21.75
CA ALA J 517 -0.88 29.67 22.79
C ALA J 517 -1.01 31.12 22.34
N PRO J 518 0.08 31.88 22.06
CA PRO J 518 -0.12 33.24 21.54
C PRO J 518 -0.13 33.35 20.02
N ALA J 519 0.51 32.39 19.34
CA ALA J 519 0.71 32.38 17.89
C ALA J 519 1.41 33.64 17.37
N THR J 520 2.44 33.47 16.54
CA THR J 520 3.12 34.64 15.99
C THR J 520 3.46 34.49 14.51
N VAL J 521 3.50 33.25 14.02
CA VAL J 521 4.03 32.97 12.69
C VAL J 521 2.93 32.41 11.80
N CYS J 522 1.71 32.89 12.02
CA CYS J 522 0.57 32.47 11.20
C CYS J 522 0.84 32.72 9.72
N GLY J 523 0.35 31.80 8.88
CA GLY J 523 0.62 31.87 7.46
C GLY J 523 -0.23 32.90 6.75
N PRO J 524 -0.08 32.96 5.44
CA PRO J 524 -0.79 33.99 4.66
C PRO J 524 -2.27 33.68 4.56
N LYS J 525 -3.09 34.63 5.01
CA LYS J 525 -4.54 34.49 4.95
C LYS J 525 -5.20 35.86 5.11
N LYS J 526 -6.09 36.20 4.19
CA LYS J 526 -6.78 37.48 4.27
C LYS J 526 -7.73 37.49 5.46
N SER J 527 -7.82 38.65 6.12
CA SER J 527 -8.61 38.81 7.33
C SER J 527 -9.82 39.69 7.02
N THR J 528 -11.00 39.21 7.40
CA THR J 528 -12.25 39.94 7.20
C THR J 528 -12.69 40.59 8.50
N ASN J 529 -13.63 41.53 8.38
CA ASN J 529 -14.16 42.21 9.55
C ASN J 529 -14.99 41.25 10.39
N LEU J 530 -14.82 41.33 11.70
CA LEU J 530 -15.56 40.46 12.60
C LEU J 530 -17.03 40.84 12.66
N VAL J 531 -17.87 39.83 12.85
CA VAL J 531 -19.31 40.02 13.01
C VAL J 531 -19.70 39.57 14.39
N LYS J 532 -20.45 40.41 15.10
CA LYS J 532 -20.84 40.15 16.48
C LYS J 532 -22.35 39.97 16.57
N ASN J 533 -22.76 39.12 17.51
CA ASN J 533 -24.17 38.85 17.78
C ASN J 533 -24.86 38.24 16.56
N LYS J 534 -24.29 37.15 16.04
CA LYS J 534 -24.85 36.50 14.86
C LYS J 534 -24.34 35.07 14.75
N CYS J 535 -25.22 34.16 14.34
CA CYS J 535 -24.88 32.75 14.18
C CYS J 535 -23.90 32.59 13.03
N VAL J 536 -22.59 32.68 13.31
CA VAL J 536 -21.59 32.80 12.27
C VAL J 536 -20.45 31.82 12.55
N ASN J 537 -19.67 31.52 11.50
CA ASN J 537 -18.48 30.68 11.60
C ASN J 537 -17.26 31.56 11.86
N PHE J 538 -16.47 31.20 12.86
CA PHE J 538 -15.24 31.91 13.20
C PHE J 538 -14.01 31.05 12.91
N ASN J 539 -12.88 31.72 12.68
CA ASN J 539 -11.59 31.08 12.45
C ASN J 539 -10.47 31.78 13.21
N PHE J 540 -10.69 32.00 14.51
CA PHE J 540 -9.69 32.68 15.34
C PHE J 540 -8.45 31.82 15.51
N ASN J 541 -7.36 32.20 14.83
CA ASN J 541 -6.07 31.53 14.97
C ASN J 541 -6.17 30.03 14.70
N GLY J 542 -7.02 29.63 13.74
CA GLY J 542 -7.20 28.24 13.41
C GLY J 542 -8.31 27.54 14.18
N LEU J 543 -8.94 28.21 15.14
CA LEU J 543 -10.02 27.61 15.92
C LEU J 543 -11.32 27.68 15.12
N LYS J 544 -11.44 26.77 14.15
CA LYS J 544 -12.63 26.69 13.34
C LYS J 544 -13.82 26.22 14.18
N GLY J 545 -14.93 26.94 14.08
CA GLY J 545 -16.12 26.58 14.84
C GLY J 545 -17.26 27.51 14.51
N THR J 546 -18.42 27.17 15.05
CA THR J 546 -19.65 27.95 14.86
C THR J 546 -20.23 28.33 16.21
N GLY J 547 -20.66 29.59 16.32
CA GLY J 547 -21.24 30.07 17.56
C GLY J 547 -21.65 31.51 17.41
N VAL J 548 -22.17 32.05 18.52
CA VAL J 548 -22.62 33.43 18.58
C VAL J 548 -21.62 34.20 19.44
N LEU J 549 -20.87 35.11 18.81
CA LEU J 549 -19.87 35.89 19.53
C LEU J 549 -20.52 37.11 20.16
N THR J 550 -20.28 37.29 21.46
CA THR J 550 -20.85 38.41 22.20
C THR J 550 -19.77 38.99 23.11
N GLU J 551 -20.05 40.18 23.63
CA GLU J 551 -19.11 40.83 24.54
C GLU J 551 -18.96 40.01 25.82
N SER J 552 -17.76 40.04 26.38
CA SER J 552 -17.43 39.26 27.56
C SER J 552 -16.84 40.15 28.65
N ASN J 553 -17.04 39.73 29.89
CA ASN J 553 -16.49 40.42 31.05
C ASN J 553 -15.49 39.55 31.81
N LYS J 554 -14.86 38.61 31.13
CA LYS J 554 -13.88 37.73 31.78
C LYS J 554 -12.65 38.53 32.20
N LYS J 555 -12.14 38.24 33.40
CA LYS J 555 -10.97 38.94 33.93
C LYS J 555 -9.70 38.20 33.49
N PHE J 556 -9.44 38.27 32.19
CA PHE J 556 -8.25 37.62 31.64
C PHE J 556 -6.99 38.30 32.13
N LEU J 557 -6.02 37.48 32.55
CA LEU J 557 -4.70 37.98 32.86
C LEU J 557 -3.88 38.13 31.59
N PRO J 558 -2.83 38.95 31.60
CA PRO J 558 -2.08 39.21 30.36
C PRO J 558 -1.54 37.96 29.70
N PHE J 559 -1.06 36.98 30.47
CA PHE J 559 -0.52 35.77 29.86
C PHE J 559 -1.62 34.82 29.39
N GLN J 560 -2.81 34.89 29.99
CA GLN J 560 -3.89 34.00 29.59
C GLN J 560 -4.40 34.34 28.20
N GLN J 561 -4.61 33.32 27.38
CA GLN J 561 -5.07 33.47 26.01
C GLN J 561 -6.41 32.83 25.76
N PHE J 562 -6.56 31.55 26.09
CA PHE J 562 -7.74 30.77 25.73
C PHE J 562 -8.55 30.44 26.98
N GLY J 563 -9.83 30.77 26.95
CA GLY J 563 -10.72 30.39 28.04
C GLY J 563 -11.34 29.02 27.82
N ARG J 564 -11.88 28.47 28.90
CA ARG J 564 -12.57 27.18 28.86
C ARG J 564 -13.73 27.21 29.86
N ASP J 565 -14.38 26.06 30.00
CA ASP J 565 -15.57 25.92 30.83
C ASP J 565 -15.38 24.71 31.73
N ILE J 566 -16.48 24.30 32.38
CA ILE J 566 -16.41 23.17 33.30
C ILE J 566 -16.00 21.90 32.57
N ALA J 567 -16.51 21.69 31.35
CA ALA J 567 -16.23 20.49 30.58
C ALA J 567 -15.60 20.87 29.24
N ASP J 568 -14.27 21.04 29.25
CA ASP J 568 -13.40 21.08 28.07
C ASP J 568 -14.05 21.70 26.83
N THR J 569 -14.70 22.85 27.02
CA THR J 569 -15.28 23.60 25.93
C THR J 569 -14.77 25.03 25.98
N THR J 570 -14.21 25.51 24.88
CA THR J 570 -13.65 26.85 24.81
C THR J 570 -14.79 27.85 24.65
N ASP J 571 -15.17 28.49 25.75
CA ASP J 571 -16.22 29.50 25.73
C ASP J 571 -15.70 30.92 25.59
N ALA J 572 -14.39 31.09 25.43
CA ALA J 572 -13.81 32.42 25.28
C ALA J 572 -12.57 32.33 24.41
N VAL J 573 -12.22 33.45 23.79
CA VAL J 573 -11.07 33.52 22.90
C VAL J 573 -10.54 34.95 22.91
N ARG J 574 -9.24 35.09 22.66
CA ARG J 574 -8.59 36.39 22.60
C ARG J 574 -8.31 36.74 21.14
N ASP J 575 -8.63 37.97 20.76
CA ASP J 575 -8.51 38.38 19.37
C ASP J 575 -7.04 38.48 18.96
N PRO J 576 -6.63 37.78 17.91
CA PRO J 576 -5.27 37.98 17.38
C PRO J 576 -5.01 39.41 16.95
N GLN J 577 -6.04 40.11 16.48
CA GLN J 577 -5.97 41.53 16.18
C GLN J 577 -6.06 42.32 17.47
N THR J 578 -6.41 43.61 17.35
CA THR J 578 -6.57 44.51 18.49
C THR J 578 -7.21 43.80 19.67
N LEU J 579 -6.58 43.90 20.84
CA LEU J 579 -6.92 43.04 21.96
C LEU J 579 -8.38 43.21 22.36
N GLU J 580 -9.07 42.09 22.52
CA GLU J 580 -10.48 42.09 22.89
C GLU J 580 -10.85 40.72 23.40
N ILE J 581 -11.40 40.65 24.60
CA ILE J 581 -11.91 39.40 25.15
C ILE J 581 -13.31 39.15 24.60
N LEU J 582 -13.56 37.91 24.19
CA LEU J 582 -14.78 37.57 23.48
C LEU J 582 -15.31 36.22 23.96
N ASP J 583 -16.63 36.06 23.94
CA ASP J 583 -17.27 34.81 24.30
C ASP J 583 -17.64 34.00 23.06
N ILE J 584 -17.84 32.70 23.27
CA ILE J 584 -18.36 31.80 22.25
C ILE J 584 -19.49 31.00 22.90
N THR J 585 -20.63 30.93 22.21
CA THR J 585 -21.80 30.28 22.75
C THR J 585 -22.47 29.59 21.58
N PRO J 586 -22.68 28.27 21.64
CA PRO J 586 -23.21 27.54 20.49
C PRO J 586 -24.59 28.03 20.06
N CYS J 587 -24.85 27.93 18.76
CA CYS J 587 -25.99 28.52 18.09
C CYS J 587 -27.27 27.75 18.45
N SER J 588 -28.43 28.40 18.30
CA SER J 588 -29.65 27.89 18.90
C SER J 588 -30.07 26.57 18.25
N PHE J 589 -30.75 25.74 19.04
CA PHE J 589 -31.18 24.42 18.59
C PHE J 589 -32.23 23.87 19.54
N GLY J 590 -32.82 22.75 19.15
CA GLY J 590 -33.82 22.09 19.98
C GLY J 590 -34.40 20.88 19.26
N GLY J 591 -35.39 20.26 19.90
CA GLY J 591 -36.07 19.11 19.34
C GLY J 591 -37.44 19.43 18.79
N VAL J 592 -37.99 18.54 17.95
CA VAL J 592 -39.26 18.78 17.27
C VAL J 592 -40.19 17.60 17.55
N SER J 593 -41.46 17.92 17.87
CA SER J 593 -42.49 16.92 18.07
C SER J 593 -43.70 17.26 17.23
N VAL J 594 -44.36 16.23 16.69
CA VAL J 594 -45.51 16.40 15.80
C VAL J 594 -46.73 15.82 16.50
N ILE J 595 -47.82 16.58 16.51
CA ILE J 595 -49.06 16.19 17.17
C ILE J 595 -50.10 15.94 16.10
N THR J 596 -50.71 14.76 16.12
CA THR J 596 -51.72 14.40 15.14
C THR J 596 -52.94 13.79 15.80
N PRO J 597 -54.13 14.01 15.25
CA PRO J 597 -55.34 13.37 15.78
C PRO J 597 -55.66 12.02 15.15
N GLY J 598 -54.83 11.54 14.22
CA GLY J 598 -55.08 10.27 13.57
C GLY J 598 -55.24 10.38 12.07
N THR J 599 -54.51 9.54 11.32
CA THR J 599 -54.64 9.54 9.87
C THR J 599 -56.04 9.15 9.44
N ASN J 600 -56.72 8.35 10.26
CA ASN J 600 -58.07 7.90 9.95
C ASN J 600 -59.05 9.07 9.84
N THR J 601 -58.93 10.05 10.72
CA THR J 601 -59.92 11.12 10.79
C THR J 601 -59.55 12.31 9.92
N SER J 602 -58.41 12.93 10.19
CA SER J 602 -58.01 14.16 9.51
C SER J 602 -56.53 14.12 9.17
N ASN J 603 -56.10 15.16 8.44
CA ASN J 603 -54.72 15.32 8.05
C ASN J 603 -54.05 16.54 8.69
N GLN J 604 -54.82 17.41 9.33
CA GLN J 604 -54.25 18.58 9.97
C GLN J 604 -53.42 18.17 11.18
N VAL J 605 -52.27 18.81 11.34
CA VAL J 605 -51.33 18.48 12.40
C VAL J 605 -50.87 19.77 13.07
N ALA J 606 -50.31 19.61 14.28
CA ALA J 606 -49.73 20.72 15.02
C ALA J 606 -48.31 20.34 15.42
N VAL J 607 -47.42 21.34 15.39
CA VAL J 607 -45.99 21.13 15.61
C VAL J 607 -45.60 21.84 16.89
N LEU J 608 -44.89 21.13 17.77
CA LEU J 608 -44.39 21.67 19.02
C LEU J 608 -42.88 21.70 18.99
N TYR J 609 -42.31 22.88 19.22
CA TYR J 609 -40.86 23.05 19.30
C TYR J 609 -40.44 22.94 20.75
N GLN J 610 -39.56 22.00 21.06
CA GLN J 610 -39.23 21.68 22.44
C GLN J 610 -38.21 22.65 23.00
N GLY J 611 -38.55 23.28 24.12
CA GLY J 611 -37.59 24.06 24.89
C GLY J 611 -36.98 25.24 24.17
N VAL J 612 -37.80 26.02 23.46
CA VAL J 612 -37.33 27.24 22.81
C VAL J 612 -38.38 28.33 22.98
N ASN J 613 -37.93 29.53 23.29
CA ASN J 613 -38.83 30.68 23.39
C ASN J 613 -39.35 31.04 22.00
N CYS J 614 -40.64 31.39 21.94
CA CYS J 614 -41.30 31.59 20.65
C CYS J 614 -40.77 32.82 19.90
N THR J 615 -40.32 33.84 20.62
CA THR J 615 -40.01 35.12 19.98
C THR J 615 -38.81 35.00 19.04
N GLU J 616 -37.69 34.44 19.53
CA GLU J 616 -36.47 34.50 18.74
C GLU J 616 -36.45 33.44 17.64
N VAL J 617 -37.23 32.37 17.77
CA VAL J 617 -37.27 31.35 16.74
C VAL J 617 -38.71 31.09 16.32
N PRO J 618 -39.33 31.99 15.54
CA PRO J 618 -40.62 31.65 14.93
C PRO J 618 -40.44 30.93 13.61
N VAL J 619 -41.55 30.61 12.93
CA VAL J 619 -41.47 29.92 11.64
C VAL J 619 -41.31 30.89 10.48
N ALA J 620 -41.43 32.18 10.73
CA ALA J 620 -41.33 33.20 9.69
C ALA J 620 -39.90 33.61 9.39
N ILE J 621 -38.91 32.99 10.04
CA ILE J 621 -37.52 33.37 9.83
C ILE J 621 -37.07 32.80 8.49
N HIS J 622 -36.48 33.65 7.65
CA HIS J 622 -36.03 33.21 6.33
C HIS J 622 -34.79 32.33 6.42
N ALA J 623 -34.18 32.26 7.60
CA ALA J 623 -32.94 31.48 7.75
C ALA J 623 -33.21 29.99 7.54
N ASP J 624 -34.46 29.55 7.73
CA ASP J 624 -34.83 28.15 7.48
C ASP J 624 -33.99 27.19 8.31
N GLN J 625 -34.21 27.17 9.62
CA GLN J 625 -33.34 26.46 10.54
C GLN J 625 -33.49 24.96 10.32
N LEU J 626 -32.81 24.45 9.30
CA LEU J 626 -32.95 23.08 8.81
C LEU J 626 -34.39 22.84 8.36
N THR J 627 -34.68 21.68 7.78
CA THR J 627 -35.98 21.37 7.23
C THR J 627 -36.52 22.53 6.38
N PRO J 628 -35.82 22.87 5.29
CA PRO J 628 -36.09 24.15 4.61
C PRO J 628 -37.52 24.33 4.12
N THR J 629 -37.98 23.42 3.27
CA THR J 629 -39.31 23.55 2.68
C THR J 629 -40.39 23.26 3.71
N TRP J 630 -39.99 22.62 4.82
CA TRP J 630 -40.91 22.19 5.86
C TRP J 630 -41.26 23.40 6.72
N ARG J 631 -42.29 24.13 6.30
CA ARG J 631 -42.70 25.37 6.96
C ARG J 631 -44.20 25.32 7.25
N VAL J 632 -44.55 25.40 8.54
CA VAL J 632 -45.93 25.67 8.93
C VAL J 632 -46.25 27.15 8.69
N TYR J 633 -47.49 27.42 8.32
CA TYR J 633 -47.89 28.79 8.00
C TYR J 633 -47.64 29.71 9.19
N SER J 634 -47.28 30.96 8.88
CA SER J 634 -46.75 31.87 9.89
C SER J 634 -47.69 32.06 11.06
N THR J 635 -48.99 32.19 10.79
CA THR J 635 -49.99 32.45 11.82
C THR J 635 -51.16 31.47 11.63
N GLY J 636 -50.82 30.19 11.44
CA GLY J 636 -51.82 29.15 11.33
C GLY J 636 -52.70 29.09 12.56
N SER J 637 -52.13 29.44 13.70
CA SER J 637 -52.86 29.64 14.94
C SER J 637 -52.05 30.63 15.77
N ASN J 638 -52.71 31.25 16.74
CA ASN J 638 -52.00 32.15 17.65
C ASN J 638 -50.94 31.36 18.39
N VAL J 639 -49.66 31.63 18.09
CA VAL J 639 -48.57 30.85 18.65
C VAL J 639 -48.62 30.91 20.17
N PHE J 640 -48.61 29.74 20.80
CA PHE J 640 -48.76 29.61 22.24
C PHE J 640 -47.43 29.26 22.87
N GLN J 641 -47.03 30.03 23.87
CA GLN J 641 -45.82 29.77 24.63
C GLN J 641 -46.17 28.96 25.86
N THR J 642 -45.62 27.74 25.94
CA THR J 642 -45.85 26.86 27.07
C THR J 642 -44.54 26.61 27.80
N ARG J 643 -44.65 26.02 28.99
CA ARG J 643 -43.45 25.68 29.75
C ARG J 643 -42.62 24.63 29.03
N ALA J 644 -43.25 23.81 28.19
CA ALA J 644 -42.54 22.75 27.47
C ALA J 644 -41.94 23.23 26.16
N GLY J 645 -42.29 24.42 25.69
CA GLY J 645 -41.72 24.95 24.46
C GLY J 645 -42.72 25.80 23.73
N CYS J 646 -42.53 25.89 22.42
CA CYS J 646 -43.38 26.70 21.55
C CYS J 646 -44.30 25.79 20.76
N LEU J 647 -45.59 26.09 20.79
CA LEU J 647 -46.61 25.30 20.11
C LEU J 647 -47.21 26.11 18.96
N ILE J 648 -47.22 25.52 17.77
CA ILE J 648 -47.73 26.17 16.57
C ILE J 648 -48.75 25.25 15.93
N GLY J 649 -49.92 25.80 15.60
CA GLY J 649 -50.96 25.06 14.91
C GLY J 649 -52.22 24.82 15.71
N ALA J 650 -52.27 25.24 16.98
CA ALA J 650 -53.45 25.05 17.81
C ALA J 650 -53.73 26.33 18.58
N GLU J 651 -55.00 26.53 18.92
CA GLU J 651 -55.45 27.72 19.63
C GLU J 651 -55.82 27.35 21.06
N TYR J 652 -55.44 28.20 22.02
CA TYR J 652 -55.67 27.95 23.43
C TYR J 652 -57.05 28.42 23.81
N VAL J 653 -58.02 27.49 23.82
CA VAL J 653 -59.36 27.79 24.29
C VAL J 653 -59.32 27.79 25.81
N ASN J 654 -60.32 28.40 26.44
CA ASN J 654 -60.43 28.44 27.91
C ASN J 654 -61.61 27.56 28.32
N ASN J 655 -61.33 26.26 28.46
CA ASN J 655 -62.34 25.27 28.85
C ASN J 655 -61.60 24.07 29.40
N SER J 656 -61.87 23.73 30.66
CA SER J 656 -61.19 22.61 31.30
C SER J 656 -61.89 21.29 30.97
N TYR J 657 -61.34 20.54 30.02
CA TYR J 657 -61.87 19.24 29.66
C TYR J 657 -60.99 18.14 30.23
N GLU J 658 -61.42 16.89 30.05
CA GLU J 658 -60.62 15.75 30.48
C GLU J 658 -59.42 15.60 29.55
N CYS J 659 -58.31 15.12 30.11
CA CYS J 659 -57.04 15.17 29.40
C CYS J 659 -57.00 14.22 28.21
N ASP J 660 -56.11 14.54 27.28
CA ASP J 660 -55.95 13.83 26.02
C ASP J 660 -54.45 13.78 25.74
N ILE J 661 -54.08 13.60 24.48
CA ILE J 661 -52.68 13.58 24.04
C ILE J 661 -51.90 14.65 24.79
N PRO J 662 -50.94 14.27 25.63
CA PRO J 662 -50.43 15.18 26.65
C PRO J 662 -49.21 15.99 26.24
N ILE J 663 -49.19 17.23 26.73
CA ILE J 663 -48.05 18.12 26.64
C ILE J 663 -47.60 18.43 28.06
N GLY J 664 -46.38 18.95 28.19
CA GLY J 664 -45.83 19.22 29.50
C GLY J 664 -46.60 20.31 30.22
N ALA J 665 -46.41 20.33 31.54
CA ALA J 665 -46.94 21.38 32.43
C ALA J 665 -48.47 21.42 32.43
N GLY J 666 -49.11 20.27 32.23
CA GLY J 666 -50.56 20.20 32.41
C GLY J 666 -51.40 20.71 31.27
N ILE J 667 -50.91 20.63 30.03
CA ILE J 667 -51.68 20.99 28.85
C ILE J 667 -51.90 19.72 28.03
N CYS J 668 -53.16 19.45 27.69
CA CYS J 668 -53.53 18.30 26.87
C CYS J 668 -54.22 18.80 25.62
N ALA J 669 -53.72 18.36 24.46
CA ALA J 669 -54.29 18.77 23.18
C ALA J 669 -55.40 17.81 22.76
N SER J 670 -56.40 18.36 22.09
CA SER J 670 -57.57 17.58 21.70
C SER J 670 -58.10 18.05 20.35
N TYR J 671 -58.90 17.20 19.74
CA TYR J 671 -59.58 17.50 18.48
C TYR J 671 -61.05 17.73 18.77
N GLN J 672 -61.50 18.98 18.63
CA GLN J 672 -62.86 19.36 18.99
C GLN J 672 -63.44 20.24 17.89
N THR J 673 -64.58 20.84 18.18
CA THR J 673 -65.25 21.72 17.22
C THR J 673 -64.92 23.18 17.49
N SER J 686 -64.66 24.15 10.98
CA SER J 686 -65.56 23.65 12.01
C SER J 686 -64.80 22.87 13.07
N GLN J 687 -64.01 21.89 12.65
CA GLN J 687 -63.22 21.07 13.55
C GLN J 687 -61.77 21.52 13.50
N SER J 688 -61.15 21.68 14.67
CA SER J 688 -59.79 22.16 14.75
C SER J 688 -59.12 21.56 15.98
N ILE J 689 -57.79 21.61 15.98
CA ILE J 689 -56.99 21.12 17.10
C ILE J 689 -56.85 22.23 18.13
N ILE J 690 -57.17 21.93 19.39
CA ILE J 690 -57.16 22.91 20.46
C ILE J 690 -56.29 22.42 21.60
N ALA J 691 -55.77 23.37 22.38
CA ALA J 691 -55.01 23.09 23.58
C ALA J 691 -55.64 23.81 24.76
N TYR J 692 -55.61 23.16 25.92
CA TYR J 692 -56.28 23.69 27.09
C TYR J 692 -55.57 23.17 28.34
N THR J 693 -56.16 23.43 29.50
CA THR J 693 -55.66 22.96 30.78
C THR J 693 -56.54 21.82 31.26
N MET J 694 -55.92 20.69 31.62
CA MET J 694 -56.68 19.53 32.02
C MET J 694 -57.41 19.77 33.34
N SER J 695 -58.56 19.11 33.47
CA SER J 695 -59.40 19.22 34.66
C SER J 695 -59.25 17.97 35.51
N LEU J 696 -58.96 18.17 36.80
CA LEU J 696 -58.76 17.04 37.70
C LEU J 696 -60.04 16.25 37.90
N GLY J 697 -61.18 16.92 38.00
CA GLY J 697 -62.44 16.22 38.16
C GLY J 697 -63.55 17.15 38.59
N ALA J 698 -64.72 16.55 38.76
CA ALA J 698 -65.90 17.33 39.14
C ALA J 698 -65.82 17.78 40.59
N GLU J 699 -66.13 19.06 40.81
CA GLU J 699 -66.00 19.65 42.14
C GLU J 699 -67.10 19.14 43.08
N ASN J 700 -66.77 18.93 44.35
CA ASN J 700 -67.71 18.38 45.32
C ASN J 700 -67.49 19.02 46.68
N SER J 701 -68.49 18.91 47.54
CA SER J 701 -68.42 19.45 48.89
C SER J 701 -69.36 18.66 49.80
N VAL J 702 -68.79 17.94 50.76
CA VAL J 702 -69.57 17.14 51.70
C VAL J 702 -70.10 18.04 52.81
N ALA J 703 -71.40 17.94 53.08
CA ALA J 703 -72.05 18.76 54.10
C ALA J 703 -71.79 18.16 55.49
N TYR J 704 -70.54 18.33 55.94
CA TYR J 704 -70.15 17.83 57.25
C TYR J 704 -70.80 18.64 58.36
N SER J 705 -71.26 17.95 59.40
CA SER J 705 -71.81 18.60 60.57
C SER J 705 -71.95 17.56 61.68
N ASN J 706 -71.58 17.96 62.89
CA ASN J 706 -71.77 17.13 64.06
C ASN J 706 -73.26 16.87 64.31
N ASN J 707 -73.52 15.80 65.06
CA ASN J 707 -74.87 15.23 65.26
C ASN J 707 -75.63 15.10 63.94
N SER J 708 -74.95 14.59 62.92
CA SER J 708 -75.56 14.31 61.64
C SER J 708 -74.85 13.14 60.98
N ILE J 709 -75.62 12.21 60.42
CA ILE J 709 -75.08 11.01 59.79
C ILE J 709 -75.90 10.68 58.54
N ALA J 710 -75.30 9.86 57.66
CA ALA J 710 -75.96 9.40 56.45
C ALA J 710 -75.89 7.88 56.39
N ILE J 711 -77.01 7.25 56.10
CA ILE J 711 -77.09 5.78 56.08
C ILE J 711 -77.66 5.32 54.74
N PRO J 712 -76.99 4.41 54.04
CA PRO J 712 -77.56 3.88 52.80
C PRO J 712 -78.77 3.01 53.06
N THR J 713 -79.65 2.93 52.07
CA THR J 713 -80.85 2.12 52.15
C THR J 713 -80.98 1.11 51.02
N ASN J 714 -80.02 1.05 50.11
CA ASN J 714 -80.07 0.13 48.97
C ASN J 714 -78.65 -0.16 48.53
N PHE J 715 -78.48 -1.23 47.76
CA PHE J 715 -77.17 -1.67 47.35
C PHE J 715 -77.17 -1.97 45.86
N THR J 716 -75.97 -2.16 45.31
CA THR J 716 -75.79 -2.54 43.92
C THR J 716 -74.61 -3.49 43.82
N ILE J 717 -74.74 -4.51 42.99
CA ILE J 717 -73.69 -5.50 42.77
C ILE J 717 -72.94 -5.12 41.49
N SER J 718 -71.63 -5.02 41.58
CA SER J 718 -70.80 -4.60 40.47
C SER J 718 -69.81 -5.69 40.11
N VAL J 719 -69.62 -5.92 38.82
CA VAL J 719 -68.64 -6.86 38.29
C VAL J 719 -67.64 -6.09 37.45
N THR J 720 -66.36 -6.21 37.81
CA THR J 720 -65.29 -5.49 37.14
C THR J 720 -64.20 -6.46 36.72
N THR J 721 -63.46 -6.07 35.69
CA THR J 721 -62.41 -6.90 35.11
C THR J 721 -61.03 -6.36 35.50
N GLU J 722 -60.03 -7.22 35.33
CA GLU J 722 -58.65 -6.86 35.63
C GLU J 722 -57.74 -7.81 34.89
N ILE J 723 -56.81 -7.27 34.11
CA ILE J 723 -55.95 -8.04 33.22
C ILE J 723 -54.51 -7.92 33.70
N LEU J 724 -53.80 -9.04 33.75
CA LEU J 724 -52.43 -9.07 34.21
C LEU J 724 -51.60 -9.96 33.29
N PRO J 725 -50.44 -9.50 32.81
CA PRO J 725 -49.55 -10.37 32.05
C PRO J 725 -48.96 -11.44 32.95
N VAL J 726 -48.58 -12.56 32.33
CA VAL J 726 -48.02 -13.68 33.07
C VAL J 726 -46.68 -14.09 32.49
N SER J 727 -46.64 -14.35 31.18
CA SER J 727 -45.44 -14.87 30.54
C SER J 727 -45.22 -14.18 29.20
N MET J 728 -44.01 -14.29 28.69
CA MET J 728 -43.63 -13.74 27.39
C MET J 728 -43.22 -14.88 26.47
N THR J 729 -42.70 -14.52 25.30
CA THR J 729 -42.30 -15.51 24.31
C THR J 729 -40.95 -16.12 24.66
N LYS J 730 -40.86 -17.44 24.57
CA LYS J 730 -39.60 -18.15 24.79
C LYS J 730 -38.81 -18.17 23.49
N THR J 731 -37.57 -17.71 23.55
CA THR J 731 -36.73 -17.62 22.37
C THR J 731 -35.34 -18.16 22.67
N SER J 732 -34.66 -18.59 21.61
CA SER J 732 -33.30 -19.11 21.70
C SER J 732 -32.48 -18.56 20.54
N VAL J 733 -31.16 -18.55 20.71
CA VAL J 733 -30.26 -18.03 19.71
C VAL J 733 -29.16 -19.03 19.45
N ASP J 734 -28.65 -19.03 18.22
CA ASP J 734 -27.48 -19.80 17.83
C ASP J 734 -26.37 -18.80 17.53
N CYS J 735 -25.26 -18.91 18.26
CA CYS J 735 -24.20 -17.91 18.18
C CYS J 735 -23.51 -17.95 16.82
N THR J 736 -22.91 -19.08 16.48
CA THR J 736 -22.06 -19.16 15.29
C THR J 736 -22.88 -18.96 14.02
N MET J 737 -24.10 -19.49 13.99
CA MET J 737 -24.94 -19.33 12.80
C MET J 737 -25.31 -17.87 12.58
N TYR J 738 -25.65 -17.15 13.65
CA TYR J 738 -26.01 -15.74 13.52
C TYR J 738 -24.80 -14.87 13.18
N ILE J 739 -23.65 -15.16 13.79
CA ILE J 739 -22.49 -14.30 13.60
C ILE J 739 -21.80 -14.59 12.28
N CYS J 740 -21.41 -15.85 12.07
CA CYS J 740 -20.69 -16.27 10.88
C CYS J 740 -21.61 -17.19 10.09
N GLY J 741 -22.37 -16.62 9.16
CA GLY J 741 -23.31 -17.42 8.40
C GLY J 741 -22.66 -18.24 7.32
N ASP J 742 -22.53 -19.55 7.56
CA ASP J 742 -21.98 -20.49 6.58
C ASP J 742 -20.61 -20.04 6.07
N SER J 743 -19.65 -19.95 6.98
CA SER J 743 -18.30 -19.54 6.63
C SER J 743 -17.34 -20.18 7.61
N THR J 744 -16.59 -21.19 7.14
CA THR J 744 -15.66 -21.89 8.02
C THR J 744 -14.54 -20.98 8.52
N GLU J 745 -14.03 -20.11 7.65
CA GLU J 745 -12.95 -19.20 8.06
C GLU J 745 -13.43 -18.23 9.13
N CYS J 746 -14.67 -17.76 9.01
CA CYS J 746 -15.21 -16.88 10.04
C CYS J 746 -15.32 -17.60 11.38
N SER J 747 -15.74 -18.86 11.37
CA SER J 747 -15.79 -19.63 12.61
C SER J 747 -14.39 -19.84 13.19
N ASN J 748 -13.41 -20.10 12.33
CA ASN J 748 -12.04 -20.28 12.81
C ASN J 748 -11.52 -18.99 13.44
N LEU J 749 -11.81 -17.85 12.83
CA LEU J 749 -11.42 -16.57 13.41
C LEU J 749 -12.21 -16.24 14.68
N LEU J 750 -13.45 -16.71 14.80
CA LEU J 750 -14.26 -16.47 15.97
C LEU J 750 -13.84 -17.32 17.16
N LEU J 751 -13.27 -18.50 16.90
CA LEU J 751 -12.93 -19.40 18.00
C LEU J 751 -12.00 -18.76 19.02
N GLN J 752 -11.14 -17.84 18.59
CA GLN J 752 -10.18 -17.22 19.50
C GLN J 752 -10.78 -16.07 20.31
N TYR J 753 -12.10 -15.93 20.36
CA TYR J 753 -12.76 -15.06 21.33
C TYR J 753 -13.16 -15.80 22.60
N GLY J 754 -12.76 -17.07 22.75
CA GLY J 754 -13.17 -17.80 23.93
C GLY J 754 -14.66 -18.06 23.94
N SER J 755 -15.29 -17.74 25.07
CA SER J 755 -16.69 -18.05 25.30
C SER J 755 -17.48 -16.76 25.52
N PHE J 756 -17.95 -16.17 24.43
CA PHE J 756 -19.03 -15.19 24.46
C PHE J 756 -20.38 -15.80 24.14
N CYS J 757 -20.40 -17.01 23.58
CA CYS J 757 -21.64 -17.64 23.16
C CYS J 757 -22.25 -18.51 24.24
N THR J 758 -21.43 -19.11 25.09
CA THR J 758 -21.97 -19.94 26.17
C THR J 758 -22.78 -19.11 27.15
N GLN J 759 -22.29 -17.92 27.51
CA GLN J 759 -22.98 -17.11 28.51
C GLN J 759 -24.30 -16.58 27.96
N LEU J 760 -24.34 -16.18 26.69
CA LEU J 760 -25.59 -15.69 26.11
C LEU J 760 -26.62 -16.81 26.01
N LYS J 761 -26.19 -18.00 25.60
CA LYS J 761 -27.08 -19.15 25.57
C LYS J 761 -27.61 -19.45 26.97
N ARG J 762 -26.72 -19.42 27.97
CA ARG J 762 -27.14 -19.68 29.34
C ARG J 762 -28.14 -18.64 29.82
N ALA J 763 -27.90 -17.37 29.50
CA ALA J 763 -28.81 -16.30 29.92
C ALA J 763 -30.18 -16.46 29.28
N LEU J 764 -30.23 -16.85 28.01
CA LEU J 764 -31.52 -17.02 27.36
C LEU J 764 -32.24 -18.26 27.87
N THR J 765 -31.50 -19.34 28.13
CA THR J 765 -32.14 -20.53 28.70
C THR J 765 -32.67 -20.26 30.10
N GLY J 766 -32.03 -19.36 30.85
CA GLY J 766 -32.57 -18.98 32.14
C GLY J 766 -33.98 -18.42 32.03
N ILE J 767 -34.19 -17.50 31.09
CA ILE J 767 -35.51 -16.91 30.89
C ILE J 767 -36.48 -17.96 30.37
N ALA J 768 -36.01 -18.83 29.47
CA ALA J 768 -36.88 -19.87 28.92
C ALA J 768 -37.39 -20.79 30.02
N VAL J 769 -36.52 -21.16 30.96
CA VAL J 769 -36.95 -21.98 32.08
C VAL J 769 -37.86 -21.19 33.02
N GLU J 770 -37.54 -19.91 33.23
CA GLU J 770 -38.30 -19.10 34.17
C GLU J 770 -39.75 -18.89 33.73
N GLN J 771 -39.99 -18.83 32.42
CA GLN J 771 -41.35 -18.61 31.94
C GLN J 771 -42.30 -19.72 32.38
N ASP J 772 -41.85 -20.98 32.27
CA ASP J 772 -42.70 -22.09 32.65
C ASP J 772 -43.00 -22.08 34.15
N LYS J 773 -42.00 -21.73 34.97
CA LYS J 773 -42.23 -21.61 36.40
C LYS J 773 -43.22 -20.48 36.69
N ASN J 774 -43.13 -19.38 35.94
CA ASN J 774 -44.10 -18.30 36.11
C ASN J 774 -45.52 -18.77 35.83
N THR J 775 -45.70 -19.54 34.76
CA THR J 775 -47.04 -20.06 34.47
C THR J 775 -47.51 -21.03 35.54
N GLN J 776 -46.64 -21.94 35.98
CA GLN J 776 -47.03 -22.96 36.93
C GLN J 776 -47.36 -22.36 38.30
N GLU J 777 -46.60 -21.34 38.73
CA GLU J 777 -46.85 -20.74 40.03
C GLU J 777 -48.23 -20.10 40.09
N VAL J 778 -48.71 -19.59 38.96
CA VAL J 778 -49.99 -18.90 38.95
C VAL J 778 -51.14 -19.89 38.79
N PHE J 779 -51.02 -20.82 37.84
CA PHE J 779 -52.19 -21.63 37.52
C PHE J 779 -52.25 -22.95 38.29
N ALA J 780 -51.11 -23.61 38.50
CA ALA J 780 -51.09 -24.92 39.16
C ALA J 780 -51.12 -24.70 40.66
N GLN J 781 -52.30 -24.38 41.17
CA GLN J 781 -52.50 -24.12 42.59
C GLN J 781 -53.36 -25.16 43.29
N VAL J 782 -53.84 -26.17 42.58
CA VAL J 782 -54.71 -27.18 43.18
C VAL J 782 -54.16 -28.57 42.89
N LYS J 783 -54.52 -29.51 43.74
CA LYS J 783 -54.03 -30.88 43.64
C LYS J 783 -54.93 -31.78 42.82
N GLN J 784 -56.23 -31.49 42.79
CA GLN J 784 -57.20 -32.34 42.11
C GLN J 784 -58.02 -31.50 41.14
N ILE J 785 -58.59 -32.17 40.15
CA ILE J 785 -59.39 -31.52 39.11
C ILE J 785 -60.85 -31.79 39.46
N TYR J 786 -61.52 -30.79 40.03
CA TYR J 786 -62.93 -30.92 40.34
C TYR J 786 -63.77 -30.73 39.08
N LYS J 787 -65.00 -31.25 39.14
CA LYS J 787 -65.95 -31.12 38.05
C LYS J 787 -67.29 -30.65 38.59
N THR J 788 -68.00 -29.89 37.79
CA THR J 788 -69.30 -29.39 38.18
C THR J 788 -70.38 -30.44 37.99
N PRO J 789 -71.42 -30.44 38.83
CA PRO J 789 -72.53 -31.36 38.62
C PRO J 789 -73.27 -31.03 37.34
N PRO J 790 -73.93 -32.00 36.72
CA PRO J 790 -74.68 -31.71 35.49
C PRO J 790 -75.77 -30.66 35.66
N ILE J 791 -76.41 -30.60 36.82
CA ILE J 791 -77.42 -29.58 37.07
C ILE J 791 -76.74 -28.24 37.28
N LYS J 792 -77.25 -27.21 36.62
CA LYS J 792 -76.65 -25.88 36.65
C LYS J 792 -77.58 -24.86 37.30
N TYR J 793 -78.21 -25.24 38.41
CA TYR J 793 -79.10 -24.37 39.17
C TYR J 793 -78.41 -24.05 40.50
N PHE J 794 -78.00 -22.80 40.67
CA PHE J 794 -77.33 -22.35 41.89
C PHE J 794 -78.07 -21.12 42.41
N GLY J 795 -79.15 -21.36 43.16
CA GLY J 795 -79.86 -20.30 43.85
C GLY J 795 -80.39 -19.21 42.94
N GLY J 796 -80.58 -19.52 41.66
CA GLY J 796 -81.04 -18.55 40.68
C GLY J 796 -79.93 -17.83 39.94
N PHE J 797 -78.67 -18.00 40.36
CA PHE J 797 -77.57 -17.37 39.66
C PHE J 797 -77.26 -18.12 38.37
N ASN J 798 -76.77 -17.39 37.38
CA ASN J 798 -76.47 -17.94 36.05
C ASN J 798 -74.97 -17.94 35.84
N PHE J 799 -74.42 -19.12 35.51
CA PHE J 799 -72.99 -19.26 35.27
C PHE J 799 -72.73 -19.86 33.88
N SER J 800 -73.70 -19.73 32.97
CA SER J 800 -73.55 -20.35 31.66
C SER J 800 -72.51 -19.65 30.80
N GLN J 801 -72.14 -18.41 31.12
CA GLN J 801 -71.20 -17.65 30.31
C GLN J 801 -69.76 -17.82 30.75
N ILE J 802 -69.49 -18.55 31.82
CA ILE J 802 -68.12 -18.81 32.26
C ILE J 802 -67.81 -20.29 32.40
N LEU J 803 -68.79 -21.15 32.56
CA LEU J 803 -68.52 -22.57 32.61
C LEU J 803 -68.24 -23.12 31.22
N PRO J 804 -67.28 -24.03 31.08
CA PRO J 804 -66.94 -24.56 29.77
C PRO J 804 -68.07 -25.39 29.19
N ASP J 805 -68.12 -25.43 27.86
CA ASP J 805 -69.13 -26.17 27.13
C ASP J 805 -68.47 -27.28 26.31
N PRO J 806 -68.97 -28.51 26.37
CA PRO J 806 -68.37 -29.61 25.61
C PRO J 806 -68.73 -29.63 24.14
N SER J 807 -69.39 -28.59 23.62
CA SER J 807 -69.82 -28.54 22.23
C SER J 807 -68.77 -27.92 21.31
N LYS J 808 -67.50 -27.94 21.72
CA LYS J 808 -66.43 -27.36 20.91
C LYS J 808 -65.20 -28.24 21.03
N PRO J 809 -64.33 -28.24 20.01
CA PRO J 809 -63.06 -28.99 20.14
C PRO J 809 -62.20 -28.50 21.28
N SER J 810 -62.24 -27.21 21.59
CA SER J 810 -61.50 -26.63 22.70
C SER J 810 -62.46 -26.36 23.84
N LYS J 811 -62.12 -26.85 25.03
CA LYS J 811 -62.98 -26.69 26.21
C LYS J 811 -62.74 -25.30 26.82
N ARG J 812 -63.25 -24.29 26.13
CA ARG J 812 -63.15 -22.91 26.57
C ARG J 812 -64.54 -22.29 26.62
N SER J 813 -64.74 -21.42 27.61
CA SER J 813 -66.02 -20.76 27.78
C SER J 813 -66.19 -19.64 26.76
N PHE J 814 -67.33 -18.94 26.84
CA PHE J 814 -67.62 -17.90 25.87
C PHE J 814 -66.65 -16.73 25.99
N ILE J 815 -66.41 -16.26 27.22
CA ILE J 815 -65.57 -15.09 27.42
C ILE J 815 -64.12 -15.43 27.07
N GLU J 816 -63.68 -16.64 27.39
CA GLU J 816 -62.34 -17.06 26.99
C GLU J 816 -62.20 -17.06 25.47
N ASP J 817 -63.24 -17.52 24.76
CA ASP J 817 -63.20 -17.49 23.31
C ASP J 817 -63.12 -16.06 22.79
N LEU J 818 -63.89 -15.15 23.38
CA LEU J 818 -63.84 -13.76 22.95
C LEU J 818 -62.44 -13.17 23.15
N LEU J 819 -61.84 -13.43 24.31
CA LEU J 819 -60.50 -12.91 24.57
C LEU J 819 -59.48 -13.51 23.61
N PHE J 820 -59.56 -14.82 23.36
CA PHE J 820 -58.61 -15.46 22.46
C PHE J 820 -58.73 -14.90 21.05
N ASN J 821 -59.96 -14.71 20.57
CA ASN J 821 -60.14 -14.14 19.24
C ASN J 821 -59.64 -12.70 19.18
N LYS J 822 -59.82 -11.94 20.26
CA LYS J 822 -59.36 -10.56 20.27
C LYS J 822 -57.84 -10.48 20.23
N VAL J 823 -57.15 -11.35 20.96
CA VAL J 823 -55.69 -11.25 21.04
C VAL J 823 -54.98 -12.00 19.93
N THR J 824 -55.63 -12.96 19.27
CA THR J 824 -54.96 -13.75 18.24
C THR J 824 -54.63 -12.95 16.99
N LEU J 825 -55.12 -11.71 16.88
CA LEU J 825 -54.85 -10.92 15.68
C LEU J 825 -53.36 -10.66 15.49
N ALA J 826 -52.59 -10.63 16.57
CA ALA J 826 -51.13 -10.45 16.51
C ALA J 826 -50.50 -11.51 17.41
N ASP J 827 -50.23 -12.68 16.85
CA ASP J 827 -49.65 -13.78 17.60
C ASP J 827 -48.98 -14.74 16.62
N ALA J 828 -48.11 -15.58 17.14
CA ALA J 828 -47.40 -16.59 16.36
C ALA J 828 -48.00 -17.98 16.51
N GLY J 829 -49.20 -18.09 17.07
CA GLY J 829 -49.79 -19.39 17.30
C GLY J 829 -50.20 -20.06 15.99
N PHE J 830 -50.42 -21.38 16.07
CA PHE J 830 -50.86 -22.24 14.97
C PHE J 830 -49.82 -22.39 13.86
N ILE J 831 -48.62 -21.83 14.01
CA ILE J 831 -47.56 -22.08 13.05
C ILE J 831 -46.38 -22.74 13.75
N LYS J 832 -45.72 -22.00 14.65
CA LYS J 832 -44.62 -22.50 15.47
C LYS J 832 -43.64 -23.35 14.67
N GLN J 833 -43.51 -23.03 13.38
CA GLN J 833 -42.74 -23.84 12.43
C GLN J 833 -43.08 -25.31 12.53
N TYR J 834 -44.37 -25.65 12.69
CA TYR J 834 -44.75 -27.05 12.78
C TYR J 834 -44.52 -27.76 11.46
N GLY J 835 -44.54 -27.01 10.36
CA GLY J 835 -44.16 -27.52 9.06
C GLY J 835 -43.03 -26.71 8.47
N ASP J 836 -42.05 -27.37 7.86
CA ASP J 836 -40.90 -26.67 7.31
C ASP J 836 -41.32 -25.80 6.14
N CYS J 837 -40.68 -24.63 6.05
CA CYS J 837 -40.97 -23.68 4.98
C CYS J 837 -39.76 -23.47 4.09
N CYS J 848 -40.26 -18.52 6.92
CA CYS J 848 -41.51 -18.29 7.63
C CYS J 848 -41.24 -17.81 9.06
N ALA J 849 -41.94 -16.75 9.47
CA ALA J 849 -41.75 -16.13 10.77
C ALA J 849 -40.28 -15.79 10.99
N GLN J 850 -39.72 -15.04 10.04
CA GLN J 850 -38.32 -14.64 10.01
C GLN J 850 -37.43 -15.86 9.82
N LYS J 851 -37.28 -16.67 10.88
CA LYS J 851 -36.48 -17.90 10.86
C LYS J 851 -35.04 -17.61 10.48
N PHE J 852 -34.24 -18.67 10.33
CA PHE J 852 -32.84 -18.58 9.92
C PHE J 852 -32.02 -17.74 10.89
N LYS J 853 -30.72 -17.63 10.62
CA LYS J 853 -29.82 -16.80 11.42
C LYS J 853 -29.83 -17.17 12.90
N GLY J 854 -30.22 -18.41 13.21
CA GLY J 854 -30.22 -18.88 14.57
C GLY J 854 -31.12 -18.12 15.51
N LEU J 855 -32.35 -17.84 15.08
CA LEU J 855 -33.36 -17.19 15.90
C LEU J 855 -34.64 -18.01 15.82
N THR J 856 -34.94 -18.74 16.90
CA THR J 856 -36.09 -19.63 16.95
C THR J 856 -37.00 -19.25 18.11
N VAL J 857 -38.17 -19.87 18.15
CA VAL J 857 -39.15 -19.66 19.20
C VAL J 857 -39.53 -21.01 19.78
N LEU J 858 -39.38 -21.15 21.09
CA LEU J 858 -39.69 -22.42 21.74
C LEU J 858 -41.14 -22.45 22.20
N PRO J 859 -41.87 -23.54 21.91
CA PRO J 859 -43.26 -23.61 22.34
C PRO J 859 -43.38 -23.74 23.84
N PRO J 860 -44.45 -23.24 24.44
CA PRO J 860 -44.60 -23.33 25.90
C PRO J 860 -44.86 -24.75 26.36
N LEU J 861 -44.51 -25.01 27.62
CA LEU J 861 -44.70 -26.35 28.18
C LEU J 861 -46.19 -26.69 28.29
N LEU J 862 -47.00 -25.74 28.77
CA LEU J 862 -48.42 -25.97 28.99
C LEU J 862 -49.19 -25.48 27.77
N THR J 863 -49.96 -26.37 27.16
CA THR J 863 -50.78 -26.00 26.02
C THR J 863 -51.96 -25.14 26.50
N ASP J 864 -52.79 -24.72 25.56
CA ASP J 864 -53.93 -23.88 25.91
C ASP J 864 -55.12 -24.68 26.43
N GLU J 865 -55.05 -26.02 26.40
CA GLU J 865 -56.12 -26.85 26.93
C GLU J 865 -55.94 -27.12 28.42
N MET J 866 -54.70 -27.35 28.85
CA MET J 866 -54.44 -27.63 30.25
C MET J 866 -54.77 -26.43 31.13
N ILE J 867 -54.46 -25.23 30.65
CA ILE J 867 -54.80 -24.02 31.40
C ILE J 867 -56.31 -23.87 31.53
N ALA J 868 -57.05 -24.15 30.45
CA ALA J 868 -58.51 -24.11 30.51
C ALA J 868 -59.05 -25.13 31.49
N GLN J 869 -58.46 -26.33 31.51
CA GLN J 869 -58.87 -27.33 32.49
C GLN J 869 -58.63 -26.86 33.91
N TYR J 870 -57.47 -26.25 34.16
CA TYR J 870 -57.18 -25.73 35.49
C TYR J 870 -58.19 -24.67 35.91
N THR J 871 -58.49 -23.72 35.01
CA THR J 871 -59.44 -22.67 35.34
C THR J 871 -60.83 -23.22 35.58
N SER J 872 -61.24 -24.21 34.78
CA SER J 872 -62.56 -24.82 34.99
C SER J 872 -62.62 -25.53 36.33
N ALA J 873 -61.55 -26.24 36.70
CA ALA J 873 -61.50 -26.89 38.01
C ALA J 873 -61.60 -25.87 39.14
N LEU J 874 -60.87 -24.77 39.01
CA LEU J 874 -60.93 -23.71 40.02
C LEU J 874 -62.33 -23.13 40.14
N LEU J 875 -62.99 -22.86 39.00
CA LEU J 875 -64.34 -22.34 39.04
C LEU J 875 -65.30 -23.31 39.71
N ALA J 876 -65.20 -24.60 39.36
CA ALA J 876 -66.10 -25.58 39.96
C ALA J 876 -65.87 -25.68 41.46
N GLY J 877 -64.61 -25.67 41.88
CA GLY J 877 -64.32 -25.72 43.31
C GLY J 877 -64.85 -24.51 44.05
N THR J 878 -64.66 -23.32 43.49
CA THR J 878 -65.16 -22.11 44.14
C THR J 878 -66.68 -22.12 44.22
N ILE J 879 -67.35 -22.60 43.18
CA ILE J 879 -68.81 -22.62 43.17
C ILE J 879 -69.34 -23.61 44.19
N THR J 880 -68.79 -24.83 44.21
CA THR J 880 -69.39 -25.91 44.99
C THR J 880 -68.78 -26.07 46.38
N SER J 881 -67.76 -25.30 46.74
CA SER J 881 -67.14 -25.49 48.05
C SER J 881 -66.98 -24.19 48.81
N GLY J 882 -66.84 -23.09 48.11
CA GLY J 882 -66.60 -21.80 48.75
C GLY J 882 -65.10 -21.51 48.88
N TRP J 883 -64.62 -21.45 50.12
CA TRP J 883 -63.20 -21.26 50.38
C TRP J 883 -62.58 -22.41 51.16
N THR J 884 -63.35 -23.47 51.44
CA THR J 884 -62.82 -24.59 52.20
C THR J 884 -61.87 -25.45 51.39
N PHE J 885 -62.03 -25.47 50.07
CA PHE J 885 -61.15 -26.31 49.24
C PHE J 885 -59.74 -25.74 49.12
N GLY J 886 -59.53 -24.49 49.51
CA GLY J 886 -58.21 -23.91 49.50
C GLY J 886 -57.39 -24.19 50.74
N ALA J 887 -57.97 -24.86 51.73
CA ALA J 887 -57.27 -25.17 52.96
C ALA J 887 -57.29 -26.66 53.30
N GLY J 888 -57.90 -27.49 52.48
CA GLY J 888 -57.97 -28.91 52.75
C GLY J 888 -58.90 -29.64 51.81
N ALA J 889 -59.75 -30.51 52.36
CA ALA J 889 -60.72 -31.22 51.55
C ALA J 889 -61.92 -30.34 51.22
N ALA J 890 -62.42 -30.46 50.00
CA ALA J 890 -63.55 -29.66 49.55
C ALA J 890 -64.82 -30.11 50.26
N LEU J 891 -65.56 -29.14 50.80
CA LEU J 891 -66.80 -29.40 51.53
C LEU J 891 -67.95 -28.71 50.82
N GLN J 892 -68.97 -29.48 50.46
CA GLN J 892 -70.10 -28.92 49.74
C GLN J 892 -70.96 -28.06 50.65
N ILE J 893 -71.65 -27.10 50.05
CA ILE J 893 -72.52 -26.17 50.78
C ILE J 893 -73.41 -25.46 49.76
N PRO J 894 -74.69 -25.22 50.07
CA PRO J 894 -75.55 -24.52 49.12
C PRO J 894 -75.04 -23.12 48.81
N PHE J 895 -75.26 -22.68 47.56
CA PHE J 895 -74.75 -21.40 47.12
C PHE J 895 -75.36 -20.24 47.89
N ALA J 896 -76.66 -20.30 48.18
CA ALA J 896 -77.31 -19.20 48.89
C ALA J 896 -76.69 -19.01 50.27
N MET J 897 -76.43 -20.11 50.98
CA MET J 897 -75.80 -20.01 52.29
C MET J 897 -74.39 -19.44 52.20
N GLN J 898 -73.63 -19.84 51.17
CA GLN J 898 -72.29 -19.30 51.00
C GLN J 898 -72.33 -17.80 50.75
N MET J 899 -73.26 -17.35 49.91
CA MET J 899 -73.40 -15.91 49.68
C MET J 899 -73.84 -15.19 50.95
N ALA J 900 -74.72 -15.81 51.75
CA ALA J 900 -75.13 -15.18 53.00
C ALA J 900 -73.95 -15.02 53.94
N TYR J 901 -73.09 -16.02 54.01
CA TYR J 901 -71.91 -15.93 54.87
C TYR J 901 -70.93 -14.90 54.34
N ARG J 902 -70.82 -14.76 53.02
CA ARG J 902 -69.97 -13.71 52.46
C ARG J 902 -70.52 -12.32 52.77
N PHE J 903 -71.85 -12.15 52.74
CA PHE J 903 -72.45 -10.91 53.24
C PHE J 903 -72.13 -10.69 54.71
N ASN J 904 -72.26 -11.74 55.52
CA ASN J 904 -71.97 -11.61 56.95
C ASN J 904 -70.52 -11.22 57.20
N GLY J 905 -69.63 -11.59 56.29
CA GLY J 905 -68.22 -11.27 56.46
C GLY J 905 -67.86 -9.81 56.24
N ILE J 906 -68.78 -8.99 55.71
CA ILE J 906 -68.51 -7.59 55.46
C ILE J 906 -69.35 -6.67 56.33
N GLY J 907 -70.01 -7.21 57.35
CA GLY J 907 -70.74 -6.39 58.30
C GLY J 907 -72.21 -6.20 58.03
N VAL J 908 -72.80 -6.99 57.13
CA VAL J 908 -74.24 -6.94 56.85
C VAL J 908 -74.84 -8.27 57.27
N THR J 909 -75.91 -8.22 58.07
CA THR J 909 -76.52 -9.43 58.60
C THR J 909 -77.09 -10.28 57.48
N GLN J 910 -77.16 -11.59 57.73
CA GLN J 910 -77.46 -12.55 56.69
C GLN J 910 -78.90 -12.53 56.23
N ASN J 911 -79.81 -11.92 57.00
CA ASN J 911 -81.21 -11.88 56.58
C ASN J 911 -81.42 -11.01 55.36
N VAL J 912 -80.51 -10.07 55.09
CA VAL J 912 -80.67 -9.17 53.95
C VAL J 912 -80.67 -9.96 52.65
N LEU J 913 -79.73 -10.91 52.50
CA LEU J 913 -79.73 -11.75 51.31
C LEU J 913 -80.97 -12.63 51.26
N TYR J 914 -81.36 -13.21 52.39
CA TYR J 914 -82.53 -14.08 52.37
C TYR J 914 -83.81 -13.31 52.08
N GLU J 915 -83.77 -11.99 52.15
CA GLU J 915 -84.92 -11.18 51.75
C GLU J 915 -84.79 -10.57 50.36
N ASN J 916 -83.58 -10.42 49.84
CA ASN J 916 -83.38 -9.79 48.54
C ASN J 916 -82.65 -10.70 47.56
N GLN J 917 -82.83 -12.01 47.72
CA GLN J 917 -82.16 -12.99 46.85
C GLN J 917 -82.51 -12.78 45.38
N LYS J 918 -83.79 -12.56 45.07
CA LYS J 918 -84.19 -12.41 43.67
C LYS J 918 -83.55 -11.17 43.06
N LEU J 919 -83.58 -10.06 43.79
CA LEU J 919 -82.97 -8.83 43.28
C LEU J 919 -81.48 -8.99 43.08
N ILE J 920 -80.80 -9.65 44.03
CA ILE J 920 -79.35 -9.84 43.91
C ILE J 920 -79.03 -10.72 42.72
N ALA J 921 -79.79 -11.79 42.52
CA ALA J 921 -79.55 -12.67 41.38
C ALA J 921 -79.77 -11.93 40.06
N ASN J 922 -80.83 -11.12 39.98
CA ASN J 922 -81.08 -10.36 38.76
C ASN J 922 -79.96 -9.36 38.48
N GLN J 923 -79.50 -8.67 39.53
CA GLN J 923 -78.41 -7.72 39.34
C GLN J 923 -77.14 -8.42 38.88
N PHE J 924 -76.82 -9.57 39.48
CA PHE J 924 -75.63 -10.31 39.07
C PHE J 924 -75.75 -10.77 37.62
N ASN J 925 -76.93 -11.26 37.22
CA ASN J 925 -77.11 -11.71 35.85
C ASN J 925 -76.93 -10.56 34.86
N SER J 926 -77.52 -9.40 35.17
CA SER J 926 -77.38 -8.25 34.27
C SER J 926 -75.93 -7.79 34.19
N ALA J 927 -75.23 -7.77 35.33
CA ALA J 927 -73.84 -7.35 35.33
C ALA J 927 -72.98 -8.30 34.50
N ILE J 928 -73.23 -9.60 34.63
CA ILE J 928 -72.49 -10.57 33.81
C ILE J 928 -72.80 -10.36 32.33
N GLY J 929 -74.07 -10.12 32.01
CA GLY J 929 -74.45 -9.90 30.62
C GLY J 929 -73.78 -8.69 30.00
N LYS J 930 -73.60 -7.63 30.79
CA LYS J 930 -72.97 -6.42 30.27
C LYS J 930 -71.50 -6.61 29.92
N ILE J 931 -70.82 -7.59 30.55
CA ILE J 931 -69.40 -7.80 30.30
C ILE J 931 -69.16 -8.25 28.86
N GLN J 932 -70.05 -9.10 28.33
CA GLN J 932 -69.90 -9.56 26.95
C GLN J 932 -69.97 -8.39 25.98
N ASP J 933 -70.93 -7.49 26.17
CA ASP J 933 -71.03 -6.32 25.31
C ASP J 933 -69.83 -5.41 25.47
N SER J 934 -69.35 -5.24 26.70
CA SER J 934 -68.18 -4.39 26.93
C SER J 934 -66.96 -4.95 26.21
N LEU J 935 -66.75 -6.26 26.26
CA LEU J 935 -65.58 -6.87 25.63
C LEU J 935 -65.72 -6.92 24.12
N SER J 936 -66.92 -7.17 23.61
CA SER J 936 -67.12 -7.32 22.17
C SER J 936 -66.90 -6.03 21.39
N SER J 937 -66.81 -4.89 22.06
CA SER J 937 -66.58 -3.63 21.39
C SER J 937 -65.16 -3.56 20.84
N THR J 938 -64.98 -2.70 19.84
CA THR J 938 -63.66 -2.54 19.22
C THR J 938 -62.68 -1.89 20.19
N ALA J 939 -63.16 -1.07 21.13
CA ALA J 939 -62.31 -0.38 22.09
C ALA J 939 -61.79 -1.40 23.09
N SER J 940 -60.79 -2.16 22.67
CA SER J 940 -60.23 -3.22 23.49
C SER J 940 -59.39 -2.64 24.62
N ALA J 941 -59.59 -3.14 25.83
CA ALA J 941 -58.79 -2.74 26.98
C ALA J 941 -57.59 -3.64 27.19
N LEU J 942 -57.36 -4.60 26.30
CA LEU J 942 -56.26 -5.55 26.43
C LEU J 942 -54.96 -4.99 25.87
N GLY J 943 -54.58 -3.81 26.35
CA GLY J 943 -53.32 -3.22 25.91
C GLY J 943 -52.11 -3.84 26.59
N LYS J 944 -52.26 -4.31 27.83
CA LYS J 944 -51.13 -4.90 28.54
C LYS J 944 -50.64 -6.17 27.85
N LEU J 945 -51.56 -7.02 27.42
CA LEU J 945 -51.17 -8.25 26.74
C LEU J 945 -50.60 -7.98 25.36
N GLN J 946 -51.11 -6.97 24.67
CA GLN J 946 -50.62 -6.65 23.33
C GLN J 946 -49.24 -6.00 23.37
N ASP J 947 -48.96 -5.23 24.42
CA ASP J 947 -47.70 -4.50 24.48
C ASP J 947 -46.51 -5.45 24.55
N VAL J 948 -46.63 -6.53 25.30
CA VAL J 948 -45.53 -7.48 25.42
C VAL J 948 -45.20 -8.10 24.06
N VAL J 949 -46.22 -8.53 23.33
CA VAL J 949 -46.00 -9.12 22.02
C VAL J 949 -45.39 -8.10 21.07
N ASN J 950 -45.89 -6.86 21.09
CA ASN J 950 -45.35 -5.84 20.22
C ASN J 950 -43.88 -5.57 20.53
N HIS J 951 -43.53 -5.48 21.81
CA HIS J 951 -42.16 -5.21 22.19
C HIS J 951 -41.23 -6.34 21.77
N ASN J 952 -41.64 -7.59 22.00
CA ASN J 952 -40.81 -8.72 21.61
C ASN J 952 -40.62 -8.77 20.10
N ALA J 953 -41.69 -8.57 19.34
CA ALA J 953 -41.58 -8.60 17.88
C ALA J 953 -40.68 -7.48 17.38
N GLN J 954 -40.80 -6.29 17.96
CA GLN J 954 -39.96 -5.18 17.51
C GLN J 954 -38.50 -5.40 17.86
N ALA J 955 -38.22 -5.97 19.04
CA ALA J 955 -36.83 -6.28 19.39
C ALA J 955 -36.23 -7.30 18.44
N LEU J 956 -36.99 -8.34 18.11
CA LEU J 956 -36.50 -9.33 17.14
C LEU J 956 -36.27 -8.69 15.78
N ASN J 957 -37.17 -7.80 15.36
CA ASN J 957 -37.02 -7.14 14.06
C ASN J 957 -35.76 -6.29 14.04
N THR J 958 -35.51 -5.52 15.10
CA THR J 958 -34.30 -4.72 15.14
C THR J 958 -33.05 -5.60 15.13
N LEU J 959 -33.06 -6.70 15.88
CA LEU J 959 -31.91 -7.59 15.91
C LEU J 959 -31.63 -8.17 14.53
N VAL J 960 -32.67 -8.60 13.82
CA VAL J 960 -32.44 -9.23 12.53
C VAL J 960 -32.12 -8.18 11.47
N LYS J 961 -32.52 -6.93 11.68
CA LYS J 961 -32.15 -5.86 10.77
C LYS J 961 -30.72 -5.39 10.98
N GLN J 962 -30.17 -5.59 12.18
CA GLN J 962 -28.82 -5.10 12.46
C GLN J 962 -27.75 -5.75 11.59
N LEU J 963 -28.05 -6.86 10.92
CA LEU J 963 -27.03 -7.54 10.11
C LEU J 963 -26.54 -6.69 8.95
N SER J 964 -27.37 -5.78 8.43
CA SER J 964 -26.99 -5.01 7.26
C SER J 964 -26.07 -3.84 7.58
N SER J 965 -25.78 -3.58 8.86
CA SER J 965 -24.92 -2.47 9.22
C SER J 965 -23.51 -2.69 8.72
N LYS J 966 -22.90 -1.65 8.14
CA LYS J 966 -21.56 -1.75 7.59
C LYS J 966 -20.49 -1.72 8.67
N PHE J 967 -20.71 -0.99 9.76
CA PHE J 967 -19.73 -0.80 10.82
C PHE J 967 -18.45 -0.14 10.29
N GLY J 968 -18.55 0.59 9.19
CA GLY J 968 -17.40 1.25 8.62
C GLY J 968 -16.48 0.38 7.80
N ALA J 969 -16.86 -0.87 7.54
CA ALA J 969 -16.03 -1.77 6.77
C ALA J 969 -16.23 -1.54 5.28
N ILE J 970 -15.49 -2.29 4.46
CA ILE J 970 -15.62 -2.18 3.01
C ILE J 970 -17.00 -2.69 2.57
N SER J 971 -17.41 -3.83 3.10
CA SER J 971 -18.68 -4.43 2.71
C SER J 971 -19.24 -5.22 3.88
N SER J 972 -20.55 -5.49 3.82
CA SER J 972 -21.23 -6.27 4.83
C SER J 972 -21.31 -7.75 4.47
N VAL J 973 -20.66 -8.18 3.40
CA VAL J 973 -20.67 -9.57 2.95
C VAL J 973 -19.30 -10.17 3.25
N LEU J 974 -19.31 -11.29 3.97
CA LEU J 974 -18.05 -11.90 4.39
C LEU J 974 -17.25 -12.43 3.20
N ASN J 975 -17.89 -13.23 2.34
CA ASN J 975 -17.17 -13.87 1.25
C ASN J 975 -16.56 -12.84 0.31
N ASP J 976 -17.25 -11.71 0.12
CA ASP J 976 -16.72 -10.65 -0.72
C ASP J 976 -15.41 -10.12 -0.17
N ILE J 977 -15.33 -9.95 1.15
CA ILE J 977 -14.11 -9.44 1.76
C ILE J 977 -13.00 -10.49 1.70
N PHE J 978 -13.33 -11.76 2.01
CA PHE J 978 -12.30 -12.79 1.98
C PHE J 978 -11.72 -12.99 0.58
N SER J 979 -12.57 -13.05 -0.45
CA SER J 979 -12.07 -13.41 -1.78
C SER J 979 -11.44 -12.22 -2.49
N ARG J 980 -12.05 -11.04 -2.37
CA ARG J 980 -11.63 -9.86 -3.11
C ARG J 980 -10.74 -8.96 -2.26
N LEU J 981 -9.97 -9.56 -1.35
CA LEU J 981 -9.07 -8.79 -0.51
C LEU J 981 -8.12 -9.75 0.18
N ASP J 982 -6.87 -9.33 0.35
CA ASP J 982 -5.84 -10.18 0.91
C ASP J 982 -6.05 -10.36 2.42
N PRO J 983 -5.54 -11.46 2.98
CA PRO J 983 -5.75 -11.77 4.40
C PRO J 983 -5.24 -10.69 5.36
N PRO J 984 -4.06 -10.08 5.12
CA PRO J 984 -3.41 -9.33 6.23
C PRO J 984 -4.27 -8.31 6.94
N GLU J 985 -5.18 -7.61 6.26
CA GLU J 985 -6.11 -6.72 6.95
C GLU J 985 -7.56 -7.09 6.74
N ALA J 986 -7.88 -8.00 5.81
CA ALA J 986 -9.20 -8.60 5.84
C ALA J 986 -9.45 -9.28 7.18
N GLU J 987 -8.40 -9.84 7.79
CA GLU J 987 -8.58 -10.47 9.09
C GLU J 987 -9.13 -9.48 10.11
N VAL J 988 -8.58 -8.27 10.15
CA VAL J 988 -9.08 -7.29 11.11
C VAL J 988 -10.44 -6.75 10.68
N GLN J 989 -10.73 -6.71 9.38
CA GLN J 989 -12.05 -6.27 8.93
C GLN J 989 -13.14 -7.23 9.45
N ILE J 990 -12.99 -8.52 9.18
CA ILE J 990 -13.94 -9.48 9.73
C ILE J 990 -13.91 -9.49 11.26
N ASP J 991 -12.74 -9.25 11.87
CA ASP J 991 -12.67 -9.15 13.32
C ASP J 991 -13.60 -8.05 13.82
N ARG J 992 -13.55 -6.88 13.19
CA ARG J 992 -14.44 -5.79 13.56
C ARG J 992 -15.90 -6.17 13.34
N LEU J 993 -16.18 -6.93 12.27
CA LEU J 993 -17.55 -7.36 12.03
C LEU J 993 -18.09 -8.22 13.16
N ILE J 994 -17.33 -9.23 13.59
CA ILE J 994 -17.79 -10.04 14.73
C ILE J 994 -17.89 -9.19 16.00
N THR J 995 -16.97 -8.25 16.20
CA THR J 995 -17.09 -7.43 17.40
C THR J 995 -18.41 -6.66 17.42
N GLY J 996 -18.77 -6.06 16.30
CA GLY J 996 -20.03 -5.32 16.24
C GLY J 996 -21.23 -6.21 16.44
N ARG J 997 -21.25 -7.37 15.78
CA ARG J 997 -22.40 -8.26 15.91
C ARG J 997 -22.52 -8.81 17.33
N LEU J 998 -21.38 -9.10 17.97
CA LEU J 998 -21.41 -9.55 19.36
C LEU J 998 -21.94 -8.46 20.28
N GLN J 999 -21.56 -7.20 20.02
CA GLN J 999 -22.11 -6.11 20.83
C GLN J 999 -23.63 -6.02 20.66
N SER J 1000 -24.11 -6.20 19.43
CA SER J 1000 -25.56 -6.17 19.20
C SER J 1000 -26.27 -7.29 19.96
N LEU J 1001 -25.70 -8.50 19.91
CA LEU J 1001 -26.29 -9.61 20.66
C LEU J 1001 -26.30 -9.31 22.15
N GLN J 1002 -25.21 -8.73 22.66
CA GLN J 1002 -25.16 -8.40 24.08
C GLN J 1002 -26.26 -7.41 24.46
N THR J 1003 -26.47 -6.39 23.62
CA THR J 1003 -27.53 -5.43 23.91
C THR J 1003 -28.90 -6.08 23.93
N TYR J 1004 -29.17 -6.95 22.94
CA TYR J 1004 -30.47 -7.63 22.92
C TYR J 1004 -30.66 -8.51 24.16
N VAL J 1005 -29.62 -9.24 24.55
CA VAL J 1005 -29.73 -10.11 25.71
C VAL J 1005 -29.97 -9.29 26.98
N THR J 1006 -29.28 -8.15 27.11
CA THR J 1006 -29.50 -7.29 28.27
C THR J 1006 -30.93 -6.78 28.31
N GLN J 1007 -31.48 -6.37 27.16
CA GLN J 1007 -32.85 -5.90 27.12
C GLN J 1007 -33.82 -7.00 27.56
N GLN J 1008 -33.61 -8.22 27.06
CA GLN J 1008 -34.47 -9.33 27.45
C GLN J 1008 -34.37 -9.62 28.93
N LEU J 1009 -33.15 -9.56 29.49
CA LEU J 1009 -32.97 -9.79 30.91
C LEU J 1009 -33.72 -8.75 31.74
N ILE J 1010 -33.69 -7.49 31.30
CA ILE J 1010 -34.41 -6.45 32.04
C ILE J 1010 -35.91 -6.69 31.97
N ARG J 1011 -36.43 -7.08 30.80
CA ARG J 1011 -37.87 -7.30 30.67
C ARG J 1011 -38.35 -8.51 31.49
N ALA J 1012 -37.52 -9.54 31.57
CA ALA J 1012 -37.93 -10.75 32.29
C ALA J 1012 -38.21 -10.47 33.76
N ALA J 1013 -37.45 -9.57 34.36
CA ALA J 1013 -37.68 -9.23 35.76
C ALA J 1013 -39.04 -8.58 35.97
N GLU J 1014 -39.42 -7.66 35.09
CA GLU J 1014 -40.74 -7.03 35.20
C GLU J 1014 -41.84 -8.06 35.02
N ILE J 1015 -41.67 -8.97 34.07
CA ILE J 1015 -42.69 -10.01 33.89
C ILE J 1015 -42.76 -10.92 35.10
N ARG J 1016 -41.62 -11.22 35.72
CA ARG J 1016 -41.62 -12.01 36.95
C ARG J 1016 -42.37 -11.31 38.08
N ALA J 1017 -42.16 -10.00 38.22
CA ALA J 1017 -42.87 -9.26 39.26
C ALA J 1017 -44.37 -9.27 39.01
N SER J 1018 -44.77 -9.08 37.75
CA SER J 1018 -46.19 -9.13 37.42
C SER J 1018 -46.78 -10.51 37.70
N ALA J 1019 -46.02 -11.56 37.40
CA ALA J 1019 -46.49 -12.92 37.67
C ALA J 1019 -46.68 -13.16 39.16
N ASN J 1020 -45.73 -12.69 39.97
CA ASN J 1020 -45.86 -12.83 41.42
C ASN J 1020 -47.09 -12.09 41.94
N LEU J 1021 -47.31 -10.87 41.45
CA LEU J 1021 -48.48 -10.12 41.87
C LEU J 1021 -49.77 -10.83 41.47
N ALA J 1022 -49.81 -11.38 40.25
CA ALA J 1022 -50.99 -12.09 39.79
C ALA J 1022 -51.25 -13.33 40.64
N ALA J 1023 -50.20 -14.08 40.98
CA ALA J 1023 -50.37 -15.27 41.81
C ALA J 1023 -50.89 -14.89 43.19
N THR J 1024 -50.35 -13.82 43.78
CA THR J 1024 -50.83 -13.39 45.09
C THR J 1024 -52.30 -12.98 45.02
N LYS J 1025 -52.67 -12.21 43.99
CA LYS J 1025 -54.07 -11.80 43.85
C LYS J 1025 -54.97 -13.01 43.67
N MET J 1026 -54.54 -13.98 42.87
CA MET J 1026 -55.32 -15.19 42.67
C MET J 1026 -55.56 -15.91 43.99
N SER J 1027 -54.49 -16.16 44.74
CA SER J 1027 -54.61 -16.91 45.98
C SER J 1027 -55.41 -16.16 47.04
N GLU J 1028 -55.37 -14.83 47.03
CA GLU J 1028 -56.05 -14.07 48.07
C GLU J 1028 -57.47 -13.65 47.72
N CYS J 1029 -57.85 -13.64 46.45
CA CYS J 1029 -59.19 -13.24 46.05
C CYS J 1029 -60.06 -14.39 45.56
N VAL J 1030 -59.48 -15.39 44.89
CA VAL J 1030 -60.31 -16.47 44.37
C VAL J 1030 -60.54 -17.54 45.43
N LEU J 1031 -59.50 -17.91 46.17
CA LEU J 1031 -59.58 -18.96 47.17
C LEU J 1031 -60.11 -18.47 48.50
N GLY J 1032 -60.42 -17.19 48.63
CA GLY J 1032 -60.95 -16.67 49.87
C GLY J 1032 -61.46 -15.25 49.70
N GLN J 1033 -61.88 -14.68 50.82
CA GLN J 1033 -62.39 -13.31 50.87
C GLN J 1033 -61.35 -12.42 51.53
N SER J 1034 -61.01 -11.31 50.88
CA SER J 1034 -59.95 -10.42 51.33
C SER J 1034 -60.56 -9.12 51.84
N LYS J 1035 -60.07 -8.65 52.98
CA LYS J 1035 -60.52 -7.40 53.57
C LYS J 1035 -59.62 -6.22 53.22
N ARG J 1036 -58.60 -6.43 52.38
CA ARG J 1036 -57.75 -5.33 51.95
C ARG J 1036 -58.51 -4.43 50.99
N VAL J 1037 -58.43 -3.11 51.21
CA VAL J 1037 -59.20 -2.18 50.42
C VAL J 1037 -58.58 -2.04 49.03
N ASP J 1038 -59.42 -2.12 47.99
CA ASP J 1038 -59.01 -1.90 46.61
C ASP J 1038 -57.93 -2.88 46.17
N PHE J 1039 -57.94 -4.09 46.71
CA PHE J 1039 -57.08 -5.16 46.24
C PHE J 1039 -57.81 -6.11 45.30
N CYS J 1040 -58.92 -6.68 45.77
CA CYS J 1040 -59.76 -7.52 44.93
C CYS J 1040 -60.97 -6.69 44.49
N GLY J 1041 -60.76 -5.91 43.44
CA GLY J 1041 -61.81 -5.05 42.92
C GLY J 1041 -61.97 -3.78 43.73
N LYS J 1042 -62.99 -3.02 43.38
CA LYS J 1042 -63.31 -1.75 44.02
C LYS J 1042 -64.63 -1.87 44.77
N GLY J 1043 -64.61 -1.55 46.06
CA GLY J 1043 -65.77 -1.69 46.92
C GLY J 1043 -65.50 -2.70 48.04
N TYR J 1044 -66.56 -3.40 48.42
CA TYR J 1044 -66.46 -4.47 49.42
C TYR J 1044 -66.44 -5.80 48.68
N HIS J 1045 -65.30 -6.49 48.75
CA HIS J 1045 -65.10 -7.69 47.97
C HIS J 1045 -66.01 -8.82 48.47
N LEU J 1046 -66.58 -9.57 47.53
CA LEU J 1046 -67.38 -10.75 47.86
C LEU J 1046 -66.73 -12.02 47.34
N MET J 1047 -66.42 -12.11 46.05
CA MET J 1047 -65.85 -13.31 45.47
C MET J 1047 -65.42 -12.99 44.04
N SER J 1048 -64.55 -13.83 43.50
CA SER J 1048 -63.94 -13.56 42.20
C SER J 1048 -63.96 -14.81 41.33
N PHE J 1049 -63.72 -14.62 40.05
CA PHE J 1049 -63.68 -15.71 39.07
C PHE J 1049 -62.48 -15.51 38.14
N PRO J 1050 -61.66 -16.53 37.93
CA PRO J 1050 -60.55 -16.42 36.98
C PRO J 1050 -60.95 -16.83 35.57
N GLN J 1051 -60.34 -16.15 34.60
CA GLN J 1051 -60.51 -16.47 33.19
C GLN J 1051 -59.17 -16.42 32.49
N SER J 1052 -58.95 -17.36 31.57
CA SER J 1052 -57.66 -17.48 30.89
C SER J 1052 -57.62 -16.61 29.63
N ALA J 1053 -56.49 -15.97 29.42
CA ALA J 1053 -56.24 -15.10 28.28
C ALA J 1053 -54.87 -15.43 27.72
N PRO J 1054 -54.62 -15.13 26.44
CA PRO J 1054 -53.30 -15.40 25.85
C PRO J 1054 -52.21 -14.64 26.57
N HIS J 1055 -51.27 -15.37 27.15
CA HIS J 1055 -50.14 -14.80 27.89
C HIS J 1055 -50.63 -13.91 29.04
N GLY J 1056 -51.67 -14.35 29.74
CA GLY J 1056 -52.19 -13.55 30.83
C GLY J 1056 -53.39 -14.22 31.47
N VAL J 1057 -54.00 -13.49 32.40
CA VAL J 1057 -55.17 -13.97 33.11
C VAL J 1057 -56.11 -12.78 33.33
N VAL J 1058 -57.41 -13.07 33.35
CA VAL J 1058 -58.44 -12.04 33.53
C VAL J 1058 -59.29 -12.42 34.74
N PHE J 1059 -59.47 -11.47 35.64
CA PHE J 1059 -60.26 -11.66 36.84
C PHE J 1059 -61.60 -10.92 36.72
N LEU J 1060 -62.64 -11.50 37.29
CA LEU J 1060 -63.94 -10.84 37.41
C LEU J 1060 -64.26 -10.72 38.89
N HIS J 1061 -64.21 -9.50 39.41
CA HIS J 1061 -64.43 -9.23 40.83
C HIS J 1061 -65.87 -8.85 41.06
N VAL J 1062 -66.52 -9.54 42.00
CA VAL J 1062 -67.87 -9.22 42.44
C VAL J 1062 -67.78 -8.43 43.73
N THR J 1063 -68.39 -7.24 43.74
CA THR J 1063 -68.25 -6.32 44.87
C THR J 1063 -69.62 -5.84 45.31
N TYR J 1064 -69.64 -5.13 46.44
CA TYR J 1064 -70.85 -4.62 47.05
C TYR J 1064 -70.74 -3.11 47.15
N VAL J 1065 -71.68 -2.39 46.54
CA VAL J 1065 -71.65 -0.94 46.48
C VAL J 1065 -72.96 -0.41 47.04
N PRO J 1066 -72.95 0.33 48.15
CA PRO J 1066 -74.19 0.91 48.68
C PRO J 1066 -74.67 2.07 47.82
N ALA J 1067 -75.94 2.40 47.97
CA ALA J 1067 -76.55 3.49 47.21
C ALA J 1067 -77.79 3.98 47.95
N GLN J 1068 -78.30 5.13 47.51
CA GLN J 1068 -79.52 5.73 48.03
C GLN J 1068 -79.41 6.02 49.53
N GLU J 1069 -78.50 6.92 49.86
CA GLU J 1069 -78.31 7.32 51.25
C GLU J 1069 -79.39 8.32 51.66
N LYS J 1070 -79.42 8.64 52.96
CA LYS J 1070 -80.43 9.52 53.50
C LYS J 1070 -79.89 10.16 54.79
N ASN J 1071 -80.19 11.44 54.98
CA ASN J 1071 -79.71 12.15 56.15
C ASN J 1071 -80.39 11.66 57.42
N PHE J 1072 -79.69 11.79 58.54
CA PHE J 1072 -80.23 11.39 59.85
C PHE J 1072 -79.55 12.23 60.93
N THR J 1073 -80.19 12.25 62.10
CA THR J 1073 -79.63 12.89 63.28
C THR J 1073 -79.21 11.81 64.28
N THR J 1074 -77.99 11.94 64.80
CA THR J 1074 -77.39 10.88 65.61
C THR J 1074 -76.87 11.44 66.92
N ALA J 1075 -76.73 10.54 67.90
CA ALA J 1075 -76.19 10.84 69.21
C ALA J 1075 -75.23 9.74 69.61
N PRO J 1076 -74.18 10.07 70.36
CA PRO J 1076 -73.17 9.05 70.72
C PRO J 1076 -73.64 8.07 71.79
N ALA J 1077 -74.49 8.53 72.71
CA ALA J 1077 -74.93 7.68 73.81
C ALA J 1077 -76.27 8.18 74.31
N ILE J 1078 -76.94 7.34 75.09
CA ILE J 1078 -78.25 7.64 75.65
C ILE J 1078 -78.23 7.36 77.14
N CYS J 1079 -78.65 8.34 77.94
CA CYS J 1079 -78.77 8.18 79.38
C CYS J 1079 -80.23 7.95 79.76
N HIS J 1080 -80.49 6.89 80.52
CA HIS J 1080 -81.84 6.52 80.90
C HIS J 1080 -82.12 6.75 82.38
N ASP J 1081 -81.30 6.16 83.27
CA ASP J 1081 -81.52 6.23 84.70
C ASP J 1081 -80.24 6.66 85.40
N GLY J 1082 -79.61 7.72 84.89
CA GLY J 1082 -78.36 8.18 85.44
C GLY J 1082 -77.13 7.44 84.97
N LYS J 1083 -77.29 6.49 84.04
CA LYS J 1083 -76.18 5.72 83.50
C LYS J 1083 -76.25 5.72 81.99
N ALA J 1084 -75.09 5.71 81.34
CA ALA J 1084 -75.00 5.79 79.90
C ALA J 1084 -75.07 4.41 79.27
N HIS J 1085 -75.70 4.34 78.10
CA HIS J 1085 -75.82 3.11 77.33
C HIS J 1085 -75.18 3.33 75.96
N PHE J 1086 -74.36 2.37 75.53
CA PHE J 1086 -73.68 2.45 74.25
C PHE J 1086 -74.15 1.34 73.32
N PRO J 1087 -74.18 1.59 72.01
CA PRO J 1087 -74.63 0.57 71.08
C PRO J 1087 -73.66 -0.61 71.03
N ARG J 1088 -74.20 -1.79 70.73
CA ARG J 1088 -73.39 -2.99 70.65
C ARG J 1088 -72.66 -3.10 69.31
N GLU J 1089 -73.41 -3.21 68.21
CA GLU J 1089 -72.83 -3.22 66.87
C GLU J 1089 -73.61 -2.31 65.94
N GLY J 1090 -73.90 -1.09 66.38
CA GLY J 1090 -74.68 -0.18 65.55
C GLY J 1090 -74.53 1.28 65.90
N VAL J 1091 -75.42 2.10 65.35
CA VAL J 1091 -75.44 3.54 65.61
C VAL J 1091 -76.82 3.91 66.10
N PHE J 1092 -76.91 5.08 66.74
CA PHE J 1092 -78.18 5.61 67.20
C PHE J 1092 -78.66 6.67 66.21
N VAL J 1093 -79.87 6.49 65.67
CA VAL J 1093 -80.43 7.42 64.71
C VAL J 1093 -81.81 7.84 65.18
N SER J 1094 -82.21 9.06 64.81
CA SER J 1094 -83.50 9.61 65.20
C SER J 1094 -84.22 10.09 63.95
N ASN J 1095 -85.43 9.57 63.73
CA ASN J 1095 -86.22 9.98 62.58
C ASN J 1095 -87.00 11.25 62.91
N GLY J 1096 -86.33 12.24 63.47
CA GLY J 1096 -86.98 13.48 63.85
C GLY J 1096 -87.60 13.46 65.23
N THR J 1097 -88.40 12.43 65.53
CA THR J 1097 -89.13 12.34 66.79
C THR J 1097 -88.64 11.22 67.69
N HIS J 1098 -88.60 9.99 67.18
CA HIS J 1098 -88.24 8.83 67.97
C HIS J 1098 -86.75 8.51 67.81
N TRP J 1099 -86.28 7.56 68.61
CA TRP J 1099 -84.90 7.10 68.57
C TRP J 1099 -84.86 5.61 68.28
N PHE J 1100 -83.89 5.20 67.47
CA PHE J 1100 -83.74 3.80 67.09
C PHE J 1100 -82.25 3.45 67.02
N VAL J 1101 -81.98 2.14 66.95
CA VAL J 1101 -80.64 1.63 66.74
C VAL J 1101 -80.67 0.75 65.50
N THR J 1102 -79.67 0.89 64.64
CA THR J 1102 -79.65 0.17 63.37
C THR J 1102 -78.21 -0.18 63.01
N GLN J 1103 -78.07 -1.16 62.11
CA GLN J 1103 -76.74 -1.58 61.69
C GLN J 1103 -76.10 -0.52 60.80
N ARG J 1104 -74.90 -0.84 60.30
CA ARG J 1104 -74.04 0.16 59.68
C ARG J 1104 -74.32 0.38 58.19
N ASN J 1105 -74.36 -0.69 57.40
CA ASN J 1105 -74.38 -0.54 55.95
C ASN J 1105 -75.76 -0.64 55.35
N PHE J 1106 -76.80 -0.85 56.16
CA PHE J 1106 -78.15 -0.98 55.63
C PHE J 1106 -79.13 -0.45 56.67
N TYR J 1107 -79.91 0.54 56.28
CA TYR J 1107 -80.88 1.14 57.19
C TYR J 1107 -81.92 0.10 57.60
N GLU J 1108 -81.94 -0.24 58.89
CA GLU J 1108 -82.90 -1.20 59.42
C GLU J 1108 -83.20 -0.83 60.86
N PRO J 1109 -84.14 0.09 61.08
CA PRO J 1109 -84.39 0.58 62.43
C PRO J 1109 -84.93 -0.52 63.34
N GLN J 1110 -84.58 -0.41 64.62
CA GLN J 1110 -85.01 -1.37 65.62
C GLN J 1110 -85.22 -0.64 66.94
N ILE J 1111 -86.06 -1.22 67.80
CA ILE J 1111 -86.34 -0.62 69.09
C ILE J 1111 -85.14 -0.81 70.02
N ILE J 1112 -84.97 0.12 70.95
CA ILE J 1112 -83.83 0.12 71.85
C ILE J 1112 -84.19 -0.70 73.09
N THR J 1113 -83.49 -1.82 73.28
CA THR J 1113 -83.71 -2.67 74.45
C THR J 1113 -82.41 -2.86 75.22
N THR J 1114 -82.46 -3.63 76.30
CA THR J 1114 -81.25 -3.92 77.06
C THR J 1114 -80.37 -4.94 76.36
N ASP J 1115 -80.89 -5.66 75.36
CA ASP J 1115 -80.11 -6.60 74.59
C ASP J 1115 -79.34 -5.93 73.45
N ASN J 1116 -79.64 -4.67 73.15
CA ASN J 1116 -78.97 -3.95 72.08
C ASN J 1116 -77.84 -3.06 72.57
N THR J 1117 -77.85 -2.69 73.85
CA THR J 1117 -76.87 -1.76 74.41
C THR J 1117 -76.25 -2.36 75.67
N PHE J 1118 -75.13 -1.79 76.08
CA PHE J 1118 -74.47 -2.17 77.32
C PHE J 1118 -74.17 -0.93 78.14
N VAL J 1119 -74.22 -1.10 79.46
CA VAL J 1119 -74.08 0.00 80.40
C VAL J 1119 -72.62 0.18 80.77
N SER J 1120 -72.19 1.44 80.90
CA SER J 1120 -70.81 1.75 81.29
C SER J 1120 -70.79 3.12 81.94
N GLY J 1121 -70.74 3.15 83.26
CA GLY J 1121 -70.57 4.40 83.99
C GLY J 1121 -71.81 5.25 84.03
N ASN J 1122 -71.62 6.49 84.48
CA ASN J 1122 -72.70 7.47 84.57
C ASN J 1122 -72.78 8.26 83.27
N CYS J 1123 -73.74 9.19 83.21
CA CYS J 1123 -74.05 9.92 81.99
C CYS J 1123 -73.79 11.41 82.15
N ASP J 1124 -72.65 11.77 82.74
CA ASP J 1124 -72.25 13.17 82.84
C ASP J 1124 -70.82 13.40 82.38
N VAL J 1125 -70.24 12.45 81.64
CA VAL J 1125 -68.89 12.62 81.12
C VAL J 1125 -68.83 12.57 79.60
N VAL J 1126 -69.77 11.90 78.95
CA VAL J 1126 -69.77 11.79 77.49
C VAL J 1126 -70.38 13.07 76.92
N ILE J 1127 -69.67 13.68 75.97
CA ILE J 1127 -70.11 14.91 75.34
C ILE J 1127 -71.14 14.58 74.27
N GLY J 1128 -72.31 15.20 74.37
CA GLY J 1128 -73.35 15.02 73.38
C GLY J 1128 -74.38 13.96 73.71
N ILE J 1129 -74.43 13.47 74.95
CA ILE J 1129 -75.40 12.45 75.30
C ILE J 1129 -76.81 13.02 75.23
N VAL J 1130 -77.79 12.16 74.92
CA VAL J 1130 -79.16 12.57 74.68
C VAL J 1130 -80.08 11.75 75.58
N ASN J 1131 -81.01 12.43 76.25
CA ASN J 1131 -81.98 11.75 77.10
C ASN J 1131 -82.96 10.94 76.27
N ASN J 1132 -83.27 9.74 76.75
CA ASN J 1132 -84.30 8.90 76.16
C ASN J 1132 -84.67 7.82 77.17
N THR J 1133 -85.45 6.84 76.72
CA THR J 1133 -85.85 5.71 77.54
C THR J 1133 -85.44 4.41 76.88
N VAL J 1134 -85.09 3.43 77.70
CA VAL J 1134 -84.64 2.12 77.22
C VAL J 1134 -85.69 1.09 77.62
N TYR J 1135 -86.30 0.46 76.63
CA TYR J 1135 -87.31 -0.55 76.88
C TYR J 1135 -86.68 -1.83 77.42
N ASP J 1136 -87.39 -2.48 78.34
CA ASP J 1136 -86.94 -3.74 78.92
C ASP J 1136 -87.86 -4.86 78.45
N PRO J 1137 -87.35 -5.88 77.77
CA PRO J 1137 -88.24 -6.89 77.18
C PRO J 1137 -88.67 -7.98 78.14
N LEU J 1138 -88.53 -7.76 79.45
CA LEU J 1138 -88.86 -8.80 80.41
C LEU J 1138 -90.06 -8.43 81.28
N GLN J 1139 -90.04 -7.27 81.93
CA GLN J 1139 -91.08 -6.90 82.88
C GLN J 1139 -92.47 -6.78 82.25
N PRO J 1140 -92.66 -5.94 81.22
CA PRO J 1140 -94.04 -5.67 80.78
C PRO J 1140 -94.79 -6.88 80.25
N GLU J 1141 -94.12 -7.82 79.58
CA GLU J 1141 -94.82 -9.00 79.10
C GLU J 1141 -94.78 -10.15 80.10
N LEU J 1142 -93.60 -10.49 80.60
CA LEU J 1142 -93.45 -11.63 81.51
C LEU J 1142 -93.40 -11.14 82.97
N ASP J 1143 -94.51 -10.56 83.40
CA ASP J 1143 -94.68 -10.09 84.77
C ASP J 1143 -95.32 -11.12 85.67
N SER J 1144 -95.68 -12.28 85.14
CA SER J 1144 -96.34 -13.32 85.91
C SER J 1144 -95.36 -14.03 86.84
N THR K 19 7.68 -61.30 -6.04
CA THR K 19 7.56 -60.48 -7.23
C THR K 19 6.27 -60.80 -7.99
N THR K 20 6.03 -62.09 -8.21
CA THR K 20 4.84 -62.57 -8.91
C THR K 20 4.02 -63.41 -7.94
N ARG K 21 2.83 -62.91 -7.61
CA ARG K 21 1.94 -63.61 -6.69
C ARG K 21 0.52 -63.11 -6.93
N THR K 22 -0.45 -63.94 -6.60
CA THR K 22 -1.85 -63.59 -6.83
C THR K 22 -2.32 -62.57 -5.79
N GLN K 23 -3.44 -61.92 -6.10
CA GLN K 23 -3.95 -60.85 -5.27
C GLN K 23 -4.54 -61.40 -3.97
N LEU K 24 -4.73 -60.51 -3.01
CA LEU K 24 -5.31 -60.85 -1.72
C LEU K 24 -6.51 -59.96 -1.45
N PRO K 25 -7.53 -60.48 -0.76
CA PRO K 25 -8.67 -59.65 -0.39
C PRO K 25 -8.39 -58.86 0.87
N PRO K 26 -8.32 -57.53 0.78
CA PRO K 26 -8.05 -56.73 1.98
C PRO K 26 -9.20 -56.83 2.98
N ALA K 27 -8.85 -56.95 4.25
CA ALA K 27 -9.82 -57.03 5.34
C ALA K 27 -9.70 -55.79 6.22
N TYR K 28 -10.57 -55.73 7.23
CA TYR K 28 -10.63 -54.57 8.10
C TYR K 28 -10.79 -55.02 9.55
N THR K 29 -10.43 -54.13 10.47
CA THR K 29 -10.59 -54.37 11.90
C THR K 29 -10.90 -53.05 12.59
N ASN K 30 -11.50 -53.15 13.77
CA ASN K 30 -11.89 -51.97 14.53
C ASN K 30 -10.67 -51.30 15.15
N SER K 31 -10.59 -49.98 15.00
CA SER K 31 -9.44 -49.24 15.53
C SER K 31 -9.58 -48.89 17.00
N PHE K 32 -10.78 -49.02 17.57
CA PHE K 32 -11.06 -48.69 18.98
C PHE K 32 -10.66 -47.23 19.20
N THR K 33 -10.07 -46.89 20.35
CA THR K 33 -9.64 -45.51 20.64
C THR K 33 -8.13 -45.45 20.44
N ARG K 34 -7.71 -44.94 19.28
CA ARG K 34 -6.29 -44.84 18.95
C ARG K 34 -6.08 -43.60 18.08
N GLY K 35 -4.84 -43.11 18.11
CA GLY K 35 -4.47 -42.00 17.26
C GLY K 35 -4.64 -40.64 17.90
N VAL K 36 -4.07 -40.46 19.09
CA VAL K 36 -4.14 -39.18 19.80
C VAL K 36 -2.70 -38.72 20.04
N TYR K 37 -2.41 -37.47 19.66
CA TYR K 37 -1.08 -36.92 19.78
C TYR K 37 -1.16 -35.53 20.38
N TYR K 38 -0.05 -35.10 20.99
CA TYR K 38 0.02 -33.77 21.57
C TYR K 38 -0.11 -32.73 20.47
N PRO K 39 -1.10 -31.86 20.51
CA PRO K 39 -1.28 -30.89 19.42
C PRO K 39 -0.31 -29.72 19.51
N ASP K 40 0.12 -29.38 20.73
CA ASP K 40 0.97 -28.22 20.94
C ASP K 40 2.17 -28.61 21.80
N LYS K 41 3.15 -27.69 21.83
CA LYS K 41 4.38 -27.94 22.57
C LYS K 41 4.30 -27.50 24.02
N VAL K 42 3.40 -26.56 24.33
CA VAL K 42 3.33 -25.98 25.66
C VAL K 42 2.76 -27.00 26.65
N PHE K 43 3.31 -27.01 27.87
CA PHE K 43 2.88 -27.92 28.91
C PHE K 43 1.76 -27.30 29.74
N ARG K 44 0.71 -28.08 30.00
CA ARG K 44 -0.38 -27.66 30.87
C ARG K 44 -0.83 -28.85 31.70
N SER K 45 -1.37 -28.55 32.88
CA SER K 45 -1.76 -29.59 33.84
C SER K 45 -3.17 -29.35 34.33
N SER K 46 -3.93 -30.44 34.47
CA SER K 46 -5.29 -30.47 34.99
C SER K 46 -6.25 -29.55 34.23
N VAL K 47 -6.11 -29.47 32.91
CA VAL K 47 -6.95 -28.59 32.10
C VAL K 47 -7.64 -29.42 31.03
N LEU K 48 -8.92 -29.17 30.84
CA LEU K 48 -9.72 -29.84 29.81
C LEU K 48 -9.69 -28.94 28.56
N HIS K 49 -8.71 -29.20 27.70
CA HIS K 49 -8.48 -28.37 26.53
C HIS K 49 -9.07 -29.01 25.28
N SER K 50 -9.60 -28.16 24.40
CA SER K 50 -10.20 -28.60 23.14
C SER K 50 -9.40 -28.02 21.97
N THR K 51 -9.04 -28.87 21.02
CA THR K 51 -8.24 -28.48 19.87
C THR K 51 -8.93 -28.91 18.58
N GLN K 52 -8.69 -28.15 17.52
CA GLN K 52 -9.23 -28.46 16.19
C GLN K 52 -8.05 -28.77 15.27
N ASP K 53 -7.94 -30.02 14.84
CA ASP K 53 -6.85 -30.44 13.98
C ASP K 53 -7.18 -31.81 13.39
N LEU K 54 -6.24 -32.34 12.62
CA LEU K 54 -6.44 -33.66 12.01
C LEU K 54 -6.28 -34.75 13.07
N PHE K 55 -7.24 -35.67 13.10
CA PHE K 55 -7.22 -36.76 14.06
C PHE K 55 -7.87 -37.99 13.46
N LEU K 56 -7.50 -39.15 13.99
CA LEU K 56 -8.12 -40.40 13.57
C LEU K 56 -9.46 -40.56 14.27
N PRO K 57 -10.57 -40.68 13.52
CA PRO K 57 -11.87 -40.84 14.17
C PRO K 57 -11.95 -42.11 15.00
N PHE K 58 -12.63 -42.03 16.13
CA PHE K 58 -12.79 -43.18 16.99
C PHE K 58 -13.67 -44.23 16.33
N PHE K 59 -13.34 -45.50 16.56
CA PHE K 59 -14.06 -46.65 16.01
C PHE K 59 -14.18 -46.54 14.49
N SER K 60 -13.02 -46.56 13.84
CA SER K 60 -12.94 -46.43 12.39
C SER K 60 -12.35 -47.71 11.80
N ASN K 61 -12.75 -48.01 10.57
CA ASN K 61 -12.24 -49.19 9.88
C ASN K 61 -10.80 -48.94 9.44
N VAL K 62 -9.92 -49.88 9.78
CA VAL K 62 -8.50 -49.78 9.46
C VAL K 62 -8.04 -51.08 8.82
N THR K 63 -7.27 -50.98 7.75
CA THR K 63 -6.76 -52.15 7.05
C THR K 63 -5.58 -52.75 7.81
N TRP K 64 -5.48 -54.08 7.78
CA TRP K 64 -4.51 -54.81 8.58
C TRP K 64 -3.78 -55.85 7.74
N PHE K 65 -3.20 -55.41 6.62
CA PHE K 65 -2.32 -56.25 5.80
C PHE K 65 -1.44 -57.14 6.65
N HIS K 66 -1.46 -58.44 6.34
CA HIS K 66 -0.73 -59.44 7.11
C HIS K 66 0.53 -59.83 6.35
N VAL K 67 1.69 -59.53 6.92
CA VAL K 67 2.98 -59.85 6.29
C VAL K 67 3.43 -61.18 6.88
N ILE K 68 3.02 -62.26 6.23
CA ILE K 68 3.44 -63.60 6.60
C ILE K 68 4.08 -64.26 5.38
N SER K 69 4.72 -65.41 5.61
CA SER K 69 5.32 -66.15 4.50
C SER K 69 4.27 -66.52 3.48
N GLY K 70 4.35 -65.91 2.30
CA GLY K 70 3.34 -66.10 1.27
C GLY K 70 3.48 -67.48 0.64
N THR K 71 2.40 -68.25 0.64
CA THR K 71 2.37 -69.58 0.00
C THR K 71 3.52 -70.44 0.53
N ASN K 72 3.79 -70.31 1.82
CA ASN K 72 4.84 -71.08 2.49
C ASN K 72 6.20 -70.92 1.81
N GLY K 73 6.51 -69.69 1.41
CA GLY K 73 7.82 -69.41 0.86
C GLY K 73 7.85 -68.69 -0.48
N THR K 74 6.72 -68.13 -0.90
CA THR K 74 6.62 -67.38 -2.14
C THR K 74 6.46 -65.90 -1.81
N LYS K 75 7.27 -65.07 -2.47
CA LYS K 75 7.22 -63.63 -2.20
C LYS K 75 5.88 -63.06 -2.61
N ARG K 76 5.27 -62.31 -1.70
CA ARG K 76 3.98 -61.66 -1.95
C ARG K 76 4.20 -60.17 -2.15
N PHE K 77 3.27 -59.55 -2.89
CA PHE K 77 3.35 -58.12 -3.18
C PHE K 77 2.64 -57.30 -2.12
N ASP K 78 2.96 -57.55 -0.86
CA ASP K 78 2.31 -56.82 0.22
C ASP K 78 2.97 -55.47 0.42
N ASN K 79 3.14 -54.73 -0.68
CA ASN K 79 3.61 -53.35 -0.66
C ASN K 79 2.77 -52.55 -1.64
N PRO K 80 1.46 -52.44 -1.39
CA PRO K 80 0.60 -51.73 -2.34
C PRO K 80 0.88 -50.23 -2.32
N VAL K 81 0.61 -49.60 -3.46
CA VAL K 81 0.76 -48.13 -3.57
C VAL K 81 -0.52 -47.55 -3.00
N LEU K 82 -0.46 -47.14 -1.74
CA LEU K 82 -1.62 -46.63 -1.02
C LEU K 82 -1.68 -45.11 -1.18
N PRO K 83 -2.87 -44.53 -1.30
CA PRO K 83 -2.97 -43.07 -1.35
C PRO K 83 -2.53 -42.46 -0.03
N PHE K 84 -1.89 -41.30 -0.12
CA PHE K 84 -1.45 -40.60 1.09
C PHE K 84 -2.56 -39.75 1.68
N ASN K 85 -3.41 -39.17 0.83
CA ASN K 85 -4.51 -38.32 1.25
C ASN K 85 -4.01 -37.16 2.11
N ASP K 86 -4.23 -37.23 3.43
CA ASP K 86 -3.80 -36.17 4.33
C ASP K 86 -3.00 -36.69 5.52
N GLY K 87 -2.96 -37.98 5.75
CA GLY K 87 -2.23 -38.53 6.87
C GLY K 87 -2.49 -40.02 7.01
N VAL K 88 -1.63 -40.65 7.80
CA VAL K 88 -1.71 -42.10 8.00
C VAL K 88 -1.48 -42.42 9.47
N TYR K 89 -1.91 -43.61 9.87
CA TYR K 89 -1.73 -44.11 11.23
C TYR K 89 -0.95 -45.42 11.21
N PHE K 90 0.18 -45.44 10.52
CA PHE K 90 0.97 -46.66 10.40
C PHE K 90 1.29 -47.23 11.77
N ALA K 91 1.00 -48.51 11.95
CA ALA K 91 1.24 -49.23 13.19
C ALA K 91 1.93 -50.55 12.87
N SER K 92 2.29 -51.31 13.91
CA SER K 92 2.97 -52.57 13.73
C SER K 92 2.93 -53.37 15.02
N ILE K 93 2.69 -54.68 14.89
CA ILE K 93 2.71 -55.60 16.02
C ILE K 93 3.75 -56.67 15.74
N GLU K 94 4.81 -56.30 15.02
CA GLU K 94 5.84 -57.25 14.64
C GLU K 94 6.60 -57.76 15.84
N LYS K 95 6.92 -59.06 15.81
CA LYS K 95 7.75 -59.64 16.88
C LYS K 95 9.20 -59.22 16.74
N SER K 96 9.73 -59.25 15.51
CA SER K 96 11.10 -58.83 15.26
C SER K 96 11.12 -57.64 14.31
N ASN K 97 12.32 -57.21 13.91
CA ASN K 97 12.48 -56.04 13.05
C ASN K 97 12.47 -56.48 11.59
N ILE K 98 11.35 -56.24 10.90
CA ILE K 98 11.20 -56.64 9.51
C ILE K 98 10.86 -55.44 8.64
N ILE K 99 10.22 -54.43 9.23
CA ILE K 99 9.63 -53.33 8.49
C ILE K 99 10.51 -52.10 8.67
N ARG K 100 11.11 -51.64 7.57
CA ARG K 100 11.83 -50.38 7.51
C ARG K 100 11.67 -49.79 6.14
N GLY K 101 11.21 -48.54 6.06
CA GLY K 101 11.06 -47.89 4.77
C GLY K 101 9.66 -47.35 4.52
N TRP K 102 9.57 -46.04 4.29
CA TRP K 102 8.29 -45.38 4.08
C TRP K 102 8.37 -44.41 2.91
N ILE K 103 8.87 -44.88 1.76
CA ILE K 103 9.08 -44.01 0.62
C ILE K 103 7.78 -43.30 0.25
N PHE K 104 7.90 -42.01 -0.07
CA PHE K 104 6.77 -41.22 -0.55
C PHE K 104 7.06 -40.72 -1.96
N GLY K 105 6.00 -40.40 -2.69
CA GLY K 105 6.17 -39.86 -4.02
C GLY K 105 4.89 -39.49 -4.72
N THR K 106 4.97 -38.56 -5.68
CA THR K 106 3.80 -38.21 -6.48
C THR K 106 3.46 -39.33 -7.46
N THR K 107 4.47 -39.87 -8.14
CA THR K 107 4.27 -40.97 -9.07
C THR K 107 5.35 -42.05 -8.97
N LEU K 108 6.28 -41.93 -8.03
CA LEU K 108 7.28 -42.97 -7.75
C LEU K 108 8.11 -43.31 -8.99
N ASP K 109 8.82 -42.30 -9.49
CA ASP K 109 9.72 -42.49 -10.61
C ASP K 109 10.87 -41.50 -10.51
N SER K 110 11.74 -41.51 -11.51
CA SER K 110 12.91 -40.66 -11.51
C SER K 110 12.61 -39.21 -11.89
N LYS K 111 11.40 -38.93 -12.36
CA LYS K 111 11.03 -37.58 -12.78
C LYS K 111 10.45 -36.73 -11.65
N THR K 112 10.20 -37.33 -10.49
CA THR K 112 9.71 -36.60 -9.31
C THR K 112 10.55 -37.00 -8.11
N GLN K 113 10.73 -36.06 -7.17
CA GLN K 113 11.48 -36.35 -5.97
C GLN K 113 10.75 -37.37 -5.12
N SER K 114 11.48 -38.04 -4.23
CA SER K 114 10.91 -39.06 -3.38
C SER K 114 11.62 -39.07 -2.03
N LEU K 115 10.94 -39.63 -1.04
CA LEU K 115 11.48 -39.82 0.30
C LEU K 115 11.82 -41.28 0.53
N LEU K 116 12.50 -41.55 1.64
CA LEU K 116 12.73 -42.91 2.10
C LEU K 116 13.25 -42.91 3.53
N ILE K 117 12.79 -43.85 4.35
CA ILE K 117 13.15 -43.88 5.75
C ILE K 117 13.81 -45.22 6.04
N VAL K 118 15.13 -45.29 5.94
CA VAL K 118 15.87 -46.55 6.04
C VAL K 118 16.70 -46.54 7.32
N ASN K 119 16.36 -47.42 8.26
CA ASN K 119 17.11 -47.56 9.50
C ASN K 119 18.06 -48.74 9.34
N ASN K 120 19.37 -48.45 9.24
CA ASN K 120 20.32 -49.53 9.02
C ASN K 120 20.52 -50.37 10.28
N ALA K 121 21.20 -49.82 11.28
CA ALA K 121 21.13 -50.34 12.64
C ALA K 121 21.14 -49.20 13.64
N THR K 122 21.74 -48.07 13.25
CA THR K 122 21.98 -46.94 14.15
C THR K 122 21.77 -45.59 13.49
N ASN K 123 21.20 -45.55 12.28
CA ASN K 123 21.05 -44.28 11.57
C ASN K 123 19.76 -44.32 10.78
N VAL K 124 19.29 -43.13 10.40
CA VAL K 124 18.03 -43.00 9.68
C VAL K 124 18.21 -42.69 8.20
N VAL K 125 19.29 -42.00 7.81
CA VAL K 125 19.62 -41.73 6.42
C VAL K 125 18.41 -41.11 5.74
N ILE K 126 18.06 -39.88 6.12
CA ILE K 126 16.98 -39.18 5.44
C ILE K 126 17.52 -38.58 4.15
N LYS K 127 16.90 -38.94 3.03
CA LYS K 127 17.41 -38.59 1.70
C LYS K 127 16.25 -38.07 0.87
N VAL K 128 16.33 -36.80 0.46
CA VAL K 128 15.32 -36.21 -0.42
C VAL K 128 15.95 -36.00 -1.78
N CYS K 129 15.76 -36.96 -2.68
CA CYS K 129 16.46 -36.94 -3.96
C CYS K 129 15.53 -37.57 -5.00
N GLU K 130 15.86 -37.36 -6.27
CA GLU K 130 15.12 -37.96 -7.37
C GLU K 130 15.62 -39.38 -7.61
N PHE K 131 14.75 -40.36 -7.40
CA PHE K 131 15.12 -41.77 -7.42
C PHE K 131 14.27 -42.53 -8.43
N GLN K 132 14.92 -43.42 -9.16
CA GLN K 132 14.23 -44.40 -9.99
C GLN K 132 14.07 -45.67 -9.18
N PHE K 133 12.82 -46.08 -8.94
CA PHE K 133 12.51 -47.16 -8.02
C PHE K 133 12.20 -48.45 -8.77
N CYS K 134 12.65 -49.57 -8.20
CA CYS K 134 12.37 -50.87 -8.76
C CYS K 134 10.89 -51.23 -8.57
N ASN K 135 10.45 -52.27 -9.27
CA ASN K 135 9.04 -52.67 -9.21
C ASN K 135 8.66 -53.15 -7.83
N ASP K 136 9.49 -53.99 -7.22
CA ASP K 136 9.24 -54.53 -5.88
C ASP K 136 10.48 -54.35 -5.03
N PRO K 137 10.74 -53.13 -4.56
CA PRO K 137 11.93 -52.91 -3.72
C PRO K 137 11.81 -53.63 -2.38
N PHE K 138 12.95 -54.09 -1.88
CA PHE K 138 13.00 -54.78 -0.58
C PHE K 138 14.42 -54.73 -0.06
N LEU K 139 14.56 -55.05 1.23
CA LEU K 139 15.84 -55.02 1.91
C LEU K 139 16.11 -56.39 2.53
N ASP K 140 17.24 -56.49 3.27
CA ASP K 140 17.68 -57.78 3.90
C ASP K 140 17.88 -57.62 5.40
N HIS K 141 17.12 -58.35 6.25
CA HIS K 141 17.17 -58.18 7.69
C HIS K 141 18.56 -58.48 8.23
N LYS K 142 19.19 -59.56 7.75
CA LYS K 142 20.47 -59.98 8.39
C LYS K 142 21.69 -59.27 7.80
N ASN K 143 21.54 -57.99 7.42
CA ASN K 143 22.67 -57.25 6.80
C ASN K 143 23.06 -57.96 5.51
N ASN K 144 22.30 -58.99 5.12
CA ASN K 144 22.60 -59.76 3.89
C ASN K 144 24.11 -59.99 3.84
N LYS K 145 24.68 -60.37 4.99
CA LYS K 145 26.14 -60.64 5.07
C LYS K 145 26.85 -59.30 4.94
N SER K 146 27.63 -59.13 3.89
CA SER K 146 27.88 -57.76 3.40
C SER K 146 28.44 -56.95 4.57
N MET K 148 30.11 -55.24 1.17
CA MET K 148 29.70 -55.14 2.60
C MET K 148 28.52 -54.17 2.74
N GLU K 149 27.59 -54.46 3.65
CA GLU K 149 26.39 -53.60 3.81
C GLU K 149 25.71 -53.49 2.45
N SER K 150 25.73 -54.57 1.67
CA SER K 150 25.16 -54.55 0.30
C SER K 150 23.74 -55.08 0.32
N GLU K 151 22.80 -54.26 0.78
CA GLU K 151 21.39 -54.67 0.80
C GLU K 151 20.61 -53.67 -0.04
N PHE K 152 20.99 -52.40 0.07
CA PHE K 152 20.26 -51.32 -0.60
C PHE K 152 20.07 -51.62 -2.07
N ARG K 153 18.80 -51.75 -2.48
CA ARG K 153 18.48 -51.92 -3.89
C ARG K 153 17.22 -51.17 -4.30
N VAL K 154 16.73 -50.22 -3.49
CA VAL K 154 15.47 -49.56 -3.80
C VAL K 154 15.61 -48.63 -5.00
N TYR K 155 16.70 -47.87 -5.06
CA TYR K 155 16.90 -46.86 -6.10
C TYR K 155 18.05 -47.25 -7.00
N SER K 156 17.96 -46.87 -8.27
CA SER K 156 18.95 -47.21 -9.28
C SER K 156 19.63 -45.96 -9.82
N SER K 157 19.22 -44.78 -9.35
CA SER K 157 19.79 -43.53 -9.83
C SER K 157 19.46 -42.36 -8.91
N ALA K 158 20.23 -41.28 -9.03
CA ALA K 158 19.97 -40.06 -8.27
C ALA K 158 20.44 -38.84 -9.05
N ASN K 159 19.51 -38.19 -9.77
CA ASN K 159 19.88 -37.04 -10.59
C ASN K 159 20.31 -35.87 -9.73
N ASN K 160 19.57 -35.61 -8.66
CA ASN K 160 19.78 -34.40 -7.86
C ASN K 160 19.47 -34.70 -6.41
N CYS K 161 20.07 -33.90 -5.52
CA CYS K 161 19.86 -34.05 -4.09
C CYS K 161 19.81 -32.67 -3.45
N THR K 162 18.86 -32.50 -2.55
CA THR K 162 18.61 -31.20 -1.94
C THR K 162 18.66 -31.23 -0.41
N PHE K 163 18.20 -32.30 0.22
CA PHE K 163 18.14 -32.35 1.67
C PHE K 163 18.75 -33.66 2.17
N GLU K 164 19.48 -33.56 3.28
CA GLU K 164 20.09 -34.71 3.91
C GLU K 164 19.96 -34.60 5.43
N TYR K 165 19.73 -35.72 6.09
CA TYR K 165 19.56 -35.74 7.54
C TYR K 165 19.94 -37.13 8.04
N VAL K 166 20.93 -37.20 8.93
CA VAL K 166 21.36 -38.44 9.55
C VAL K 166 21.38 -38.24 11.07
N SER K 167 20.79 -39.18 11.79
CA SER K 167 20.70 -39.07 13.24
C SER K 167 20.48 -40.48 13.80
N GLN K 168 20.15 -40.55 15.09
CA GLN K 168 19.90 -41.83 15.74
C GLN K 168 18.62 -42.46 15.17
N PRO K 169 18.51 -43.78 15.20
CA PRO K 169 17.36 -44.44 14.56
C PRO K 169 16.05 -44.09 15.23
N PHE K 170 14.97 -44.09 14.44
CA PHE K 170 13.64 -43.90 14.99
C PHE K 170 13.26 -45.02 15.94
N LEU K 171 13.85 -46.20 15.80
CA LEU K 171 13.45 -47.38 16.54
C LEU K 171 14.41 -47.60 17.71
N MET K 172 14.02 -47.14 18.88
CA MET K 172 14.75 -47.44 20.12
C MET K 172 14.44 -48.82 20.67
N ASP K 173 13.49 -49.52 20.06
CA ASP K 173 13.12 -50.85 20.54
C ASP K 173 14.27 -51.83 20.31
N LEU K 174 14.50 -52.69 21.32
CA LEU K 174 15.52 -53.71 21.23
C LEU K 174 14.91 -55.06 21.58
N GLU K 175 15.25 -56.08 20.80
CA GLU K 175 14.76 -57.43 20.99
C GLU K 175 15.77 -58.32 21.69
N GLY K 176 16.95 -57.77 22.03
CA GLY K 176 18.01 -58.57 22.62
C GLY K 176 17.71 -59.05 24.03
N LYS K 177 16.72 -58.46 24.69
CA LYS K 177 16.38 -58.87 26.05
C LYS K 177 15.90 -60.32 26.08
N GLN K 178 14.76 -60.58 25.43
CA GLN K 178 14.18 -61.93 25.37
C GLN K 178 13.05 -61.90 24.36
N GLY K 179 12.37 -63.02 24.23
CA GLY K 179 11.20 -63.16 23.39
C GLY K 179 9.90 -63.08 24.19
N ASN K 180 8.86 -63.73 23.68
CA ASN K 180 7.53 -63.81 24.27
C ASN K 180 6.83 -62.47 24.34
N PHE K 181 7.43 -61.39 23.82
CA PHE K 181 6.82 -60.08 23.80
C PHE K 181 7.04 -59.46 22.42
N LYS K 182 6.01 -58.81 21.90
CA LYS K 182 6.07 -58.15 20.61
C LYS K 182 5.98 -56.63 20.80
N ASN K 183 6.21 -55.92 19.71
CA ASN K 183 6.22 -54.46 19.75
C ASN K 183 4.88 -53.89 19.29
N LEU K 184 4.66 -52.62 19.62
CA LEU K 184 3.44 -51.90 19.25
C LEU K 184 3.80 -50.52 18.70
N ARG K 185 4.74 -50.49 17.77
CA ARG K 185 5.19 -49.23 17.19
C ARG K 185 4.04 -48.51 16.51
N GLU K 186 3.93 -47.21 16.78
CA GLU K 186 2.88 -46.39 16.20
C GLU K 186 3.48 -45.10 15.65
N PHE K 187 3.09 -44.75 14.43
CA PHE K 187 3.58 -43.53 13.78
C PHE K 187 2.41 -42.82 13.11
N VAL K 188 2.43 -41.49 13.19
CA VAL K 188 1.50 -40.65 12.47
C VAL K 188 2.29 -39.70 11.58
N PHE K 189 2.01 -39.73 10.28
CA PHE K 189 2.72 -38.93 9.30
C PHE K 189 1.78 -37.83 8.81
N LYS K 190 2.14 -36.58 9.08
CA LYS K 190 1.32 -35.43 8.71
C LYS K 190 2.19 -34.45 7.93
N ASN K 191 1.72 -34.06 6.75
CA ASN K 191 2.45 -33.16 5.86
C ASN K 191 1.58 -31.96 5.50
N ILE K 192 1.96 -30.79 6.02
CA ILE K 192 1.24 -29.56 5.72
C ILE K 192 2.26 -28.47 5.43
N ASP K 193 1.83 -27.45 4.69
CA ASP K 193 2.56 -26.19 4.41
C ASP K 193 4.08 -26.40 4.33
N GLY K 194 4.47 -27.36 3.49
CA GLY K 194 5.89 -27.61 3.29
C GLY K 194 6.63 -28.09 4.52
N TYR K 195 5.97 -28.87 5.38
CA TYR K 195 6.60 -29.42 6.57
C TYR K 195 6.18 -30.87 6.73
N PHE K 196 7.04 -31.64 7.40
CA PHE K 196 6.82 -33.06 7.62
C PHE K 196 7.05 -33.36 9.09
N LYS K 197 6.00 -33.78 9.79
CA LYS K 197 6.06 -34.05 11.22
C LYS K 197 5.92 -35.55 11.47
N ILE K 198 6.68 -36.04 12.46
CA ILE K 198 6.66 -37.45 12.83
C ILE K 198 6.38 -37.55 14.32
N TYR K 199 5.42 -38.40 14.67
CA TYR K 199 5.09 -38.70 16.07
C TYR K 199 5.23 -40.20 16.28
N SER K 200 5.74 -40.58 17.46
CA SER K 200 6.00 -41.99 17.72
C SER K 200 5.80 -42.28 19.21
N LYS K 201 5.48 -43.54 19.48
CA LYS K 201 5.32 -44.05 20.85
C LYS K 201 5.26 -45.57 20.78
N HIS K 202 5.98 -46.22 21.68
CA HIS K 202 6.04 -47.68 21.74
C HIS K 202 5.61 -48.17 23.11
N THR K 203 4.82 -49.24 23.12
CA THR K 203 4.37 -49.92 24.32
C THR K 203 4.49 -51.42 24.13
N PRO K 204 4.74 -52.17 25.19
CA PRO K 204 4.76 -53.63 25.08
C PRO K 204 3.35 -54.19 24.98
N ILE K 205 3.27 -55.43 24.52
CA ILE K 205 2.01 -56.14 24.34
C ILE K 205 2.05 -57.44 25.13
N ILE K 206 0.93 -57.79 25.75
CA ILE K 206 0.82 -58.99 26.57
C ILE K 206 0.19 -60.14 25.80
N VAL K 207 -0.99 -59.92 25.23
CA VAL K 207 -1.69 -60.97 24.50
C VAL K 207 -1.01 -61.19 23.16
N ARG K 208 -0.89 -62.46 22.77
CA ARG K 208 -0.25 -62.82 21.51
C ARG K 208 -1.18 -62.69 20.31
N GLU K 209 -2.45 -62.39 20.53
CA GLU K 209 -3.39 -62.29 19.42
C GLU K 209 -3.15 -61.00 18.64
N PRO K 210 -2.84 -61.07 17.34
CA PRO K 210 -2.73 -59.86 16.52
C PRO K 210 -4.01 -59.46 15.80
N GLU K 211 -5.15 -60.07 16.14
CA GLU K 211 -6.38 -59.82 15.39
C GLU K 211 -6.82 -58.37 15.55
N ASP K 212 -6.80 -57.85 16.78
CA ASP K 212 -7.29 -56.51 17.06
C ASP K 212 -6.27 -55.76 17.91
N LEU K 213 -6.25 -54.45 17.75
CA LEU K 213 -5.40 -53.62 18.58
C LEU K 213 -5.97 -53.55 20.00
N PRO K 214 -5.11 -53.56 21.02
CA PRO K 214 -5.61 -53.47 22.40
C PRO K 214 -6.31 -52.14 22.65
N GLN K 215 -7.32 -52.18 23.51
CA GLN K 215 -8.05 -50.97 23.89
C GLN K 215 -7.27 -50.23 24.95
N GLY K 216 -6.78 -49.04 24.61
CA GLY K 216 -6.01 -48.24 25.54
C GLY K 216 -5.61 -46.89 25.00
N PHE K 217 -5.61 -45.88 25.86
CA PHE K 217 -5.21 -44.54 25.43
C PHE K 217 -3.70 -44.44 25.35
N SER K 218 -3.22 -43.78 24.29
CA SER K 218 -1.80 -43.56 24.08
C SER K 218 -1.60 -42.16 23.53
N ALA K 219 -0.56 -41.48 24.02
CA ALA K 219 -0.21 -40.14 23.55
C ALA K 219 1.02 -40.24 22.67
N LEU K 220 0.93 -39.67 21.47
CA LEU K 220 1.98 -39.77 20.46
C LEU K 220 2.85 -38.52 20.55
N GLU K 221 4.00 -38.67 21.22
CA GLU K 221 4.88 -37.54 21.43
C GLU K 221 5.57 -37.14 20.13
N PRO K 222 5.76 -35.85 19.88
CA PRO K 222 6.49 -35.44 18.67
C PRO K 222 7.94 -35.90 18.70
N LEU K 223 8.45 -36.25 17.53
CA LEU K 223 9.81 -36.79 17.42
C LEU K 223 10.73 -35.90 16.62
N VAL K 224 10.35 -35.53 15.40
CA VAL K 224 11.22 -34.76 14.51
C VAL K 224 10.35 -33.97 13.54
N ASP K 225 10.89 -32.85 13.08
CA ASP K 225 10.23 -31.99 12.10
C ASP K 225 11.14 -31.83 10.88
N LEU K 226 10.54 -31.87 9.69
CA LEU K 226 11.31 -31.81 8.47
C LEU K 226 10.91 -30.59 7.64
N PRO K 227 11.89 -29.83 7.16
CA PRO K 227 11.60 -28.62 6.36
C PRO K 227 11.51 -28.84 4.87
N ILE K 228 11.43 -30.09 4.40
CA ILE K 228 11.41 -30.35 2.96
C ILE K 228 10.14 -29.79 2.34
N GLY K 229 10.18 -29.59 1.03
CA GLY K 229 9.05 -29.02 0.31
C GLY K 229 8.44 -29.87 -0.79
N ILE K 230 8.26 -31.17 -0.52
CA ILE K 230 7.75 -32.07 -1.54
C ILE K 230 6.23 -32.22 -1.45
N ASN K 231 5.62 -32.60 -2.57
CA ASN K 231 4.23 -33.01 -2.64
C ASN K 231 4.15 -34.53 -2.51
N ILE K 232 3.22 -35.01 -1.69
CA ILE K 232 3.02 -36.44 -1.49
C ILE K 232 1.59 -36.79 -1.87
N THR K 233 1.43 -37.79 -2.73
CA THR K 233 0.12 -38.27 -3.12
C THR K 233 -0.02 -39.79 -3.03
N ARG K 234 1.08 -40.52 -2.87
CA ARG K 234 1.03 -41.98 -2.80
C ARG K 234 1.97 -42.44 -1.70
N PHE K 235 1.65 -43.62 -1.15
CA PHE K 235 2.35 -44.17 0.01
C PHE K 235 2.82 -45.58 -0.30
N GLN K 236 4.05 -45.89 0.09
CA GLN K 236 4.62 -47.21 -0.11
C GLN K 236 5.51 -47.56 1.08
N THR K 237 5.45 -48.81 1.50
CA THR K 237 6.27 -49.31 2.59
C THR K 237 7.27 -50.33 2.06
N LEU K 238 8.31 -50.57 2.85
CA LEU K 238 9.37 -51.49 2.47
C LEU K 238 9.51 -52.59 3.51
N LEU K 239 10.22 -53.66 3.12
CA LEU K 239 10.37 -54.84 3.96
C LEU K 239 11.82 -55.30 3.93
N ALA K 240 12.19 -56.09 4.94
CA ALA K 240 13.53 -56.64 5.05
C ALA K 240 13.44 -58.17 4.92
N LEU K 241 13.87 -58.69 3.78
CA LEU K 241 13.88 -60.12 3.51
C LEU K 241 15.29 -60.52 3.10
N HIS K 242 16.07 -61.05 4.04
CA HIS K 242 17.47 -61.42 3.71
C HIS K 242 17.46 -62.70 2.85
N ARG K 243 17.00 -63.80 3.43
CA ARG K 243 17.03 -65.06 2.72
C ARG K 243 16.05 -66.02 3.39
N SER K 244 15.61 -67.01 2.62
CA SER K 244 14.73 -68.06 3.14
C SER K 244 15.55 -68.98 4.03
N TYR K 245 15.42 -68.79 5.34
CA TYR K 245 16.17 -69.59 6.30
C TYR K 245 15.46 -69.64 7.65
N SER K 253 14.46 -70.97 -1.77
CA SER K 253 13.85 -70.38 -2.96
C SER K 253 13.19 -69.05 -2.63
N GLY K 254 13.51 -68.02 -3.41
CA GLY K 254 12.94 -66.72 -3.19
C GLY K 254 13.53 -66.04 -1.95
N TRP K 255 12.83 -64.99 -1.52
CA TRP K 255 13.23 -64.19 -0.37
C TRP K 255 12.06 -64.15 0.60
N THR K 256 12.28 -64.58 1.84
CA THR K 256 11.20 -64.61 2.82
C THR K 256 11.78 -64.50 4.22
N ALA K 257 10.90 -64.21 5.17
CA ALA K 257 11.27 -64.05 6.57
C ALA K 257 10.09 -64.50 7.43
N GLY K 258 10.09 -64.11 8.70
CA GLY K 258 9.05 -64.49 9.63
C GLY K 258 7.72 -63.80 9.37
N ALA K 259 6.92 -63.69 10.42
CA ALA K 259 5.59 -63.12 10.33
C ALA K 259 5.56 -61.69 10.88
N ALA K 260 4.69 -60.87 10.32
CA ALA K 260 4.54 -59.48 10.74
C ALA K 260 3.17 -58.99 10.30
N ALA K 261 2.83 -57.79 10.75
CA ALA K 261 1.56 -57.17 10.38
C ALA K 261 1.65 -55.68 10.64
N TYR K 262 1.05 -54.89 9.75
CA TYR K 262 1.01 -53.45 9.92
C TYR K 262 -0.36 -52.93 9.51
N TYR K 263 -0.72 -51.77 10.06
CA TYR K 263 -2.05 -51.21 9.93
C TYR K 263 -1.97 -49.82 9.32
N VAL K 264 -2.91 -49.50 8.43
CA VAL K 264 -2.95 -48.21 7.75
C VAL K 264 -4.33 -47.61 7.91
N GLY K 265 -4.40 -46.44 8.54
CA GLY K 265 -5.66 -45.73 8.70
C GLY K 265 -5.50 -44.26 8.36
N TYR K 266 -6.57 -43.63 7.87
CA TYR K 266 -6.47 -42.29 7.34
C TYR K 266 -6.96 -41.25 8.34
N LEU K 267 -6.65 -39.98 8.06
CA LEU K 267 -6.99 -38.88 8.93
C LEU K 267 -7.82 -37.85 8.18
N GLN K 268 -8.75 -37.21 8.89
CA GLN K 268 -9.60 -36.17 8.35
C GLN K 268 -9.87 -35.15 9.44
N PRO K 269 -10.19 -33.92 9.06
CA PRO K 269 -10.39 -32.86 10.07
C PRO K 269 -11.48 -33.22 11.07
N ARG K 270 -11.18 -32.97 12.36
CA ARG K 270 -12.09 -33.26 13.44
C ARG K 270 -11.83 -32.29 14.58
N THR K 271 -12.70 -32.32 15.59
CA THR K 271 -12.52 -31.57 16.82
C THR K 271 -12.45 -32.54 17.99
N PHE K 272 -11.48 -32.32 18.88
CA PHE K 272 -11.22 -33.23 19.98
C PHE K 272 -11.18 -32.45 21.29
N LEU K 273 -11.42 -33.18 22.37
CA LEU K 273 -11.30 -32.66 23.73
C LEU K 273 -10.31 -33.52 24.50
N LEU K 274 -9.30 -32.88 25.09
CA LEU K 274 -8.23 -33.58 25.79
C LEU K 274 -8.23 -33.20 27.27
N LYS K 275 -8.01 -34.18 28.12
CA LYS K 275 -8.04 -34.00 29.57
C LYS K 275 -6.66 -34.34 30.14
N TYR K 276 -5.88 -33.30 30.45
CA TYR K 276 -4.59 -33.50 31.08
C TYR K 276 -4.76 -33.87 32.54
N ASN K 277 -3.94 -34.81 33.01
CA ASN K 277 -3.99 -35.26 34.39
C ASN K 277 -3.12 -34.35 35.25
N GLU K 278 -2.86 -34.76 36.49
CA GLU K 278 -2.00 -33.97 37.37
C GLU K 278 -0.58 -33.89 36.82
N ASN K 279 -0.07 -35.00 36.28
CA ASN K 279 1.27 -35.00 35.71
C ASN K 279 1.39 -34.05 34.53
N GLY K 280 0.40 -34.09 33.63
CA GLY K 280 0.46 -33.29 32.42
C GLY K 280 0.34 -34.14 31.17
N THR K 281 0.10 -35.43 31.36
CA THR K 281 -0.05 -36.37 30.26
C THR K 281 -1.51 -36.61 29.96
N ILE K 282 -1.82 -36.74 28.68
CA ILE K 282 -3.20 -36.98 28.25
C ILE K 282 -3.61 -38.38 28.68
N THR K 283 -4.66 -38.45 29.51
CA THR K 283 -5.15 -39.72 30.02
C THR K 283 -6.56 -40.06 29.55
N ASP K 284 -7.26 -39.10 28.95
CA ASP K 284 -8.62 -39.34 28.46
C ASP K 284 -8.94 -38.35 27.37
N ALA K 285 -9.68 -38.80 26.37
CA ALA K 285 -10.03 -37.97 25.23
C ALA K 285 -11.42 -38.34 24.72
N VAL K 286 -12.19 -37.32 24.35
CA VAL K 286 -13.52 -37.51 23.79
C VAL K 286 -13.66 -36.57 22.60
N ASP K 287 -14.10 -37.12 21.47
CA ASP K 287 -14.25 -36.33 20.25
C ASP K 287 -15.57 -35.56 20.28
N CYS K 288 -15.94 -34.96 19.16
CA CYS K 288 -17.16 -34.15 19.10
C CYS K 288 -17.94 -34.47 17.83
N ALA K 289 -17.66 -35.61 17.21
CA ALA K 289 -18.31 -35.95 15.95
C ALA K 289 -18.77 -37.40 15.92
N LEU K 290 -18.59 -38.12 17.02
CA LEU K 290 -18.96 -39.53 17.03
C LEU K 290 -20.46 -39.70 17.23
N ASP K 291 -20.98 -39.29 18.39
CA ASP K 291 -22.38 -39.50 18.70
C ASP K 291 -22.90 -38.35 19.55
N PRO K 292 -24.23 -38.14 19.64
CA PRO K 292 -24.75 -36.99 20.37
C PRO K 292 -24.32 -36.92 21.82
N LEU K 293 -24.14 -38.06 22.48
CA LEU K 293 -23.76 -38.03 23.89
C LEU K 293 -22.38 -37.41 24.08
N SER K 294 -21.38 -37.88 23.33
CA SER K 294 -20.03 -37.33 23.44
C SER K 294 -20.00 -35.88 22.97
N GLU K 295 -20.81 -35.57 21.95
CA GLU K 295 -20.88 -34.21 21.45
C GLU K 295 -21.41 -33.26 22.53
N THR K 296 -22.45 -33.68 23.26
CA THR K 296 -22.93 -32.88 24.38
C THR K 296 -21.89 -32.78 25.47
N LYS K 297 -21.19 -33.89 25.76
CA LYS K 297 -20.16 -33.85 26.79
C LYS K 297 -19.07 -32.84 26.46
N CYS K 298 -18.68 -32.76 25.19
CA CYS K 298 -17.60 -31.85 24.81
C CYS K 298 -18.08 -30.45 24.45
N THR K 299 -19.40 -30.24 24.34
CA THR K 299 -19.89 -28.87 24.24
C THR K 299 -20.21 -28.27 25.59
N LEU K 300 -20.45 -29.09 26.62
CA LEU K 300 -20.49 -28.56 27.97
C LEU K 300 -19.09 -28.54 28.59
N LYS K 301 -18.11 -29.08 27.87
CA LYS K 301 -16.73 -29.13 28.32
C LYS K 301 -16.60 -29.88 29.64
N SER K 302 -17.08 -31.13 29.67
CA SER K 302 -16.97 -31.97 30.85
C SER K 302 -17.20 -33.43 30.48
N PHE K 303 -17.16 -34.32 31.46
CA PHE K 303 -17.37 -35.74 31.21
C PHE K 303 -18.59 -36.31 31.92
N THR K 304 -19.26 -35.53 32.75
CA THR K 304 -20.48 -35.95 33.43
C THR K 304 -21.58 -34.92 33.18
N VAL K 305 -22.75 -35.40 32.79
CA VAL K 305 -23.89 -34.55 32.49
C VAL K 305 -25.06 -34.97 33.37
N GLU K 306 -25.80 -33.98 33.86
CA GLU K 306 -26.95 -34.25 34.72
C GLU K 306 -28.20 -34.53 33.89
N LYS K 307 -29.25 -34.99 34.57
CA LYS K 307 -30.51 -35.24 33.91
C LYS K 307 -31.10 -33.94 33.38
N GLY K 308 -31.66 -34.00 32.18
CA GLY K 308 -32.29 -32.84 31.58
C GLY K 308 -32.08 -32.84 30.09
N ILE K 309 -32.52 -31.75 29.47
CA ILE K 309 -32.40 -31.53 28.03
C ILE K 309 -31.40 -30.40 27.79
N TYR K 310 -30.44 -30.64 26.90
CA TYR K 310 -29.37 -29.70 26.63
C TYR K 310 -29.40 -29.26 25.18
N GLN K 311 -29.15 -27.98 24.94
CA GLN K 311 -29.15 -27.40 23.60
C GLN K 311 -27.69 -27.32 23.14
N THR K 312 -27.30 -28.30 22.32
CA THR K 312 -25.92 -28.39 21.86
C THR K 312 -25.67 -27.48 20.66
N SER K 313 -24.49 -27.61 20.06
CA SER K 313 -24.10 -26.83 18.89
C SER K 313 -23.95 -27.77 17.69
N ASN K 314 -23.42 -27.22 16.60
CA ASN K 314 -23.21 -27.98 15.37
C ASN K 314 -21.72 -28.21 15.17
N PHE K 315 -21.27 -29.45 15.36
CA PHE K 315 -19.88 -29.82 15.15
C PHE K 315 -19.65 -30.69 13.92
N ARG K 316 -20.70 -31.20 13.30
CA ARG K 316 -20.52 -31.99 12.08
C ARG K 316 -20.02 -31.09 10.95
N VAL K 317 -19.06 -31.59 10.19
CA VAL K 317 -18.41 -30.84 9.13
C VAL K 317 -18.91 -31.34 7.79
N GLN K 318 -19.33 -30.42 6.93
CA GLN K 318 -19.84 -30.74 5.61
C GLN K 318 -18.88 -30.27 4.52
N PRO K 319 -18.40 -31.16 3.68
CA PRO K 319 -17.52 -30.75 2.58
C PRO K 319 -18.26 -29.91 1.55
N THR K 320 -17.52 -29.00 0.92
CA THR K 320 -18.09 -28.07 -0.04
C THR K 320 -17.22 -28.00 -1.29
N GLU K 321 -17.86 -27.63 -2.40
CA GLU K 321 -17.17 -27.43 -3.66
C GLU K 321 -17.13 -25.94 -3.99
N SER K 322 -16.57 -25.62 -5.15
CA SER K 322 -16.52 -24.25 -5.65
C SER K 322 -17.11 -24.19 -7.06
N ILE K 323 -17.77 -23.08 -7.36
CA ILE K 323 -18.43 -22.90 -8.64
C ILE K 323 -18.36 -21.42 -9.00
N VAL K 324 -18.43 -21.13 -10.30
CA VAL K 324 -18.42 -19.76 -10.80
C VAL K 324 -19.09 -19.74 -12.18
N ARG K 325 -19.88 -18.70 -12.43
CA ARG K 325 -20.58 -18.54 -13.70
C ARG K 325 -20.44 -17.10 -14.17
N PHE K 326 -20.48 -16.92 -15.49
CA PHE K 326 -20.32 -15.59 -16.09
C PHE K 326 -21.07 -15.54 -17.41
N PRO K 327 -21.36 -14.34 -17.94
CA PRO K 327 -22.12 -14.25 -19.20
C PRO K 327 -21.37 -14.78 -20.42
N ASN K 328 -22.01 -14.68 -21.59
CA ASN K 328 -21.49 -15.24 -22.83
C ASN K 328 -20.47 -14.27 -23.44
N ILE K 329 -19.24 -14.75 -23.61
CA ILE K 329 -18.21 -13.97 -24.30
C ILE K 329 -18.52 -13.94 -25.79
N THR K 330 -18.89 -12.76 -26.30
CA THR K 330 -19.33 -12.67 -27.69
C THR K 330 -18.61 -11.58 -28.50
N ASN K 331 -18.27 -10.46 -27.86
CA ASN K 331 -17.78 -9.28 -28.59
C ASN K 331 -16.25 -9.23 -28.55
N LEU K 332 -15.63 -10.09 -29.35
CA LEU K 332 -14.18 -10.18 -29.38
C LEU K 332 -13.58 -8.94 -30.04
N CYS K 333 -12.27 -8.76 -29.81
CA CYS K 333 -11.52 -7.64 -30.36
C CYS K 333 -10.95 -8.01 -31.73
N PRO K 334 -10.73 -7.01 -32.59
CA PRO K 334 -10.17 -7.28 -33.93
C PRO K 334 -8.65 -7.41 -33.94
N PHE K 335 -8.16 -8.56 -33.44
CA PHE K 335 -6.72 -8.77 -33.39
C PHE K 335 -6.18 -9.31 -34.71
N ASP K 336 -7.02 -10.00 -35.47
CA ASP K 336 -6.57 -10.59 -36.73
C ASP K 336 -6.14 -9.52 -37.72
N GLU K 337 -6.86 -8.39 -37.76
CA GLU K 337 -6.56 -7.35 -38.72
C GLU K 337 -5.16 -6.76 -38.50
N VAL K 338 -4.72 -6.70 -37.26
CA VAL K 338 -3.44 -6.06 -36.96
C VAL K 338 -2.31 -7.10 -36.92
N PHE K 339 -2.63 -8.34 -36.55
CA PHE K 339 -1.58 -9.35 -36.46
C PHE K 339 -1.49 -10.23 -37.70
N ASN K 340 -2.48 -10.18 -38.59
CA ASN K 340 -2.49 -11.01 -39.79
C ASN K 340 -2.66 -10.17 -41.05
N ALA K 341 -2.17 -8.93 -41.03
CA ALA K 341 -2.24 -8.06 -42.19
C ALA K 341 -1.21 -8.46 -43.23
N THR K 342 -1.56 -8.27 -44.50
CA THR K 342 -0.67 -8.65 -45.59
C THR K 342 0.56 -7.75 -45.64
N ARG K 343 0.38 -6.45 -45.43
CA ARG K 343 1.46 -5.48 -45.52
C ARG K 343 1.52 -4.66 -44.24
N PHE K 344 2.74 -4.47 -43.74
CA PHE K 344 2.99 -3.64 -42.57
C PHE K 344 3.62 -2.33 -42.99
N ALA K 345 3.22 -1.25 -42.34
CA ALA K 345 3.77 0.07 -42.65
C ALA K 345 5.23 0.16 -42.24
N SER K 346 5.96 1.06 -42.89
CA SER K 346 7.37 1.24 -42.60
C SER K 346 7.57 1.81 -41.20
N VAL K 347 8.81 1.70 -40.70
CA VAL K 347 9.10 2.17 -39.35
C VAL K 347 8.95 3.67 -39.24
N TYR K 348 9.41 4.43 -40.24
CA TYR K 348 9.31 5.88 -40.17
C TYR K 348 7.86 6.34 -40.23
N ALA K 349 7.03 5.63 -40.99
CA ALA K 349 5.59 5.92 -41.06
C ALA K 349 4.84 4.74 -40.44
N TRP K 350 4.71 4.76 -39.12
CA TRP K 350 4.01 3.71 -38.40
C TRP K 350 2.49 3.92 -38.48
N ASN K 351 1.76 2.90 -38.08
CA ASN K 351 0.30 2.90 -38.12
C ASN K 351 -0.26 2.73 -36.72
N ARG K 352 -1.40 3.36 -36.47
CA ARG K 352 -2.07 3.33 -35.18
C ARG K 352 -3.51 2.89 -35.35
N LYS K 353 -3.97 2.02 -34.45
CA LYS K 353 -5.36 1.60 -34.41
C LYS K 353 -5.84 1.62 -32.96
N ARG K 354 -7.08 2.05 -32.78
CA ARG K 354 -7.69 2.17 -31.46
C ARG K 354 -8.57 0.93 -31.23
N ILE K 355 -8.11 0.03 -30.37
CA ILE K 355 -8.88 -1.16 -30.02
C ILE K 355 -9.76 -0.85 -28.83
N SER K 356 -11.03 -0.55 -29.08
CA SER K 356 -11.93 -0.21 -27.99
C SER K 356 -13.25 -0.96 -28.13
N ASN K 357 -13.98 -1.02 -27.01
CA ASN K 357 -15.32 -1.61 -26.96
C ASN K 357 -15.33 -3.07 -27.38
N CYS K 358 -14.55 -3.90 -26.70
CA CYS K 358 -14.52 -5.32 -26.98
C CYS K 358 -13.85 -6.08 -25.84
N VAL K 359 -13.80 -7.41 -25.94
CA VAL K 359 -13.16 -8.25 -24.95
C VAL K 359 -11.89 -8.84 -25.56
N ALA K 360 -10.77 -8.69 -24.87
CA ALA K 360 -9.49 -9.11 -25.40
C ALA K 360 -9.33 -10.62 -25.32
N ASP K 361 -8.45 -11.15 -26.16
CA ASP K 361 -8.21 -12.58 -26.25
C ASP K 361 -6.70 -12.83 -26.32
N TYR K 362 -5.95 -12.24 -25.39
CA TYR K 362 -4.50 -12.32 -25.39
C TYR K 362 -3.96 -13.75 -25.48
N SER K 363 -4.79 -14.75 -25.21
CA SER K 363 -4.32 -16.14 -25.24
C SER K 363 -3.85 -16.54 -26.63
N VAL K 364 -4.50 -16.03 -27.68
CA VAL K 364 -4.17 -16.40 -29.04
C VAL K 364 -2.77 -15.95 -29.45
N LEU K 365 -2.23 -14.94 -28.79
CA LEU K 365 -0.93 -14.39 -29.17
C LEU K 365 0.22 -15.34 -28.90
N TYR K 366 0.04 -16.32 -28.00
CA TYR K 366 1.16 -17.17 -27.62
C TYR K 366 1.51 -18.17 -28.72
N ASN K 367 0.54 -18.59 -29.53
CA ASN K 367 0.82 -19.57 -30.58
C ASN K 367 1.77 -19.01 -31.63
N LEU K 368 1.81 -17.69 -31.79
CA LEU K 368 2.73 -17.07 -32.73
C LEU K 368 4.18 -17.29 -32.27
N ALA K 369 5.08 -17.44 -33.25
CA ALA K 369 6.52 -17.59 -33.06
C ALA K 369 6.84 -18.97 -32.48
N PRO K 370 8.06 -19.49 -32.66
CA PRO K 370 8.37 -20.82 -32.12
C PRO K 370 8.19 -20.89 -30.61
N PHE K 371 8.94 -20.10 -29.85
CA PHE K 371 8.55 -19.85 -28.46
C PHE K 371 7.83 -18.53 -28.31
N PHE K 372 8.55 -17.43 -28.53
CA PHE K 372 8.01 -16.07 -28.64
C PHE K 372 9.14 -15.08 -28.85
N THR K 373 8.79 -13.81 -29.08
CA THR K 373 9.68 -12.71 -28.74
C THR K 373 8.97 -11.83 -27.70
N PHE K 374 7.93 -12.36 -27.07
CA PHE K 374 7.13 -11.61 -26.12
C PHE K 374 7.93 -11.29 -24.86
N LYS K 375 8.37 -10.04 -24.76
CA LYS K 375 8.87 -9.47 -23.52
C LYS K 375 7.94 -8.33 -23.15
N CYS K 376 7.60 -8.23 -21.88
CA CYS K 376 6.51 -7.30 -21.58
C CYS K 376 6.85 -6.38 -20.41
N TYR K 377 6.74 -5.07 -20.66
CA TYR K 377 7.31 -4.05 -19.77
C TYR K 377 6.20 -3.41 -18.95
N GLY K 378 6.44 -3.27 -17.65
CA GLY K 378 5.60 -2.46 -16.78
C GLY K 378 4.45 -3.18 -16.12
N VAL K 379 4.16 -4.41 -16.51
CA VAL K 379 3.01 -5.14 -15.98
C VAL K 379 3.28 -6.63 -16.15
N SER K 380 2.73 -7.43 -15.24
CA SER K 380 2.92 -8.88 -15.30
C SER K 380 2.32 -9.43 -16.58
N PRO K 381 3.13 -10.10 -17.41
CA PRO K 381 2.60 -10.61 -18.69
C PRO K 381 1.47 -11.61 -18.55
N THR K 382 1.50 -12.45 -17.51
CA THR K 382 0.58 -13.58 -17.42
C THR K 382 -0.73 -13.26 -16.72
N LYS K 383 -0.87 -12.07 -16.15
CA LYS K 383 -2.10 -11.74 -15.44
C LYS K 383 -2.80 -10.53 -16.06
N LEU K 384 -2.64 -10.34 -17.36
CA LEU K 384 -3.33 -9.26 -18.05
C LEU K 384 -4.79 -9.57 -18.30
N ASN K 385 -5.20 -10.84 -18.18
CA ASN K 385 -6.56 -11.22 -18.55
C ASN K 385 -7.58 -10.70 -17.53
N ASP K 386 -7.30 -10.88 -16.24
CA ASP K 386 -8.29 -10.55 -15.22
C ASP K 386 -8.39 -9.04 -15.00
N LEU K 387 -7.26 -8.33 -15.08
CA LEU K 387 -7.25 -6.90 -14.82
C LEU K 387 -7.98 -6.16 -15.95
N CYS K 388 -8.49 -4.96 -15.67
CA CYS K 388 -9.25 -4.23 -16.67
C CYS K 388 -8.59 -2.88 -16.94
N PHE K 389 -8.69 -2.44 -18.20
CA PHE K 389 -7.99 -1.26 -18.67
C PHE K 389 -8.98 -0.33 -19.37
N THR K 390 -8.55 0.91 -19.56
CA THR K 390 -9.40 1.91 -20.19
C THR K 390 -9.38 1.79 -21.71
N ASN K 391 -8.21 1.97 -22.32
CA ASN K 391 -8.09 1.98 -23.78
C ASN K 391 -6.80 1.27 -24.16
N VAL K 392 -6.80 0.63 -25.34
CA VAL K 392 -5.63 -0.12 -25.79
C VAL K 392 -5.23 0.36 -27.18
N TYR K 393 -4.13 1.11 -27.26
CA TYR K 393 -3.57 1.51 -28.54
C TYR K 393 -2.64 0.43 -29.07
N ALA K 394 -2.54 0.36 -30.40
CA ALA K 394 -1.72 -0.66 -31.04
C ALA K 394 -0.97 -0.04 -32.21
N ASP K 395 0.30 -0.41 -32.36
CA ASP K 395 1.13 0.08 -33.46
C ASP K 395 1.70 -1.08 -34.25
N SER K 396 2.33 -0.80 -35.39
CA SER K 396 2.89 -1.86 -36.22
C SER K 396 3.92 -1.32 -37.20
N PHE K 397 5.01 -2.06 -37.41
CA PHE K 397 6.09 -1.65 -38.29
C PHE K 397 7.05 -2.81 -38.47
N VAL K 398 8.03 -2.65 -39.37
CA VAL K 398 8.97 -3.68 -39.73
C VAL K 398 10.38 -3.11 -39.68
N ILE K 399 11.28 -3.77 -38.95
CA ILE K 399 12.67 -3.36 -38.85
C ILE K 399 13.55 -4.61 -38.95
N ARG K 400 14.87 -4.40 -38.89
CA ARG K 400 15.86 -5.47 -38.86
C ARG K 400 16.01 -6.05 -37.45
N GLY K 401 17.06 -6.83 -37.24
CA GLY K 401 17.26 -7.53 -35.98
C GLY K 401 17.62 -6.67 -34.79
N ASP K 402 18.78 -5.99 -34.83
CA ASP K 402 19.28 -5.27 -33.67
C ASP K 402 18.34 -4.18 -33.19
N GLU K 403 17.50 -3.65 -34.08
CA GLU K 403 16.61 -2.57 -33.70
C GLU K 403 15.44 -3.03 -32.86
N VAL K 404 15.16 -4.33 -32.79
CA VAL K 404 14.17 -4.77 -31.81
C VAL K 404 14.71 -4.57 -30.41
N ARG K 405 16.02 -4.76 -30.22
CA ARG K 405 16.66 -4.36 -28.98
C ARG K 405 16.65 -2.84 -28.85
N GLN K 406 16.91 -2.14 -29.94
CA GLN K 406 16.88 -0.68 -29.91
C GLN K 406 15.51 -0.13 -29.50
N ILE K 407 14.44 -0.90 -29.68
CA ILE K 407 13.10 -0.42 -29.36
C ILE K 407 12.90 -0.14 -27.87
N ALA K 408 13.46 -0.97 -26.99
CA ALA K 408 13.25 -0.95 -25.55
C ALA K 408 13.29 0.47 -24.97
N PRO K 409 12.46 0.75 -23.96
CA PRO K 409 12.38 2.12 -23.42
C PRO K 409 13.73 2.56 -22.85
N GLY K 410 14.04 3.84 -23.05
CA GLY K 410 15.27 4.43 -22.56
C GLY K 410 16.46 4.24 -23.47
N GLN K 411 16.59 3.07 -24.10
CA GLN K 411 17.72 2.81 -24.97
C GLN K 411 17.67 3.72 -26.20
N THR K 412 18.84 4.20 -26.60
CA THR K 412 18.96 5.16 -27.68
C THR K 412 19.57 4.50 -28.91
N GLY K 413 18.93 4.73 -30.06
CA GLY K 413 19.46 4.26 -31.33
C GLY K 413 18.87 5.09 -32.44
N ASN K 414 19.64 5.18 -33.54
CA ASN K 414 19.28 6.07 -34.64
C ASN K 414 17.85 5.84 -35.11
N ILE K 415 17.51 4.58 -35.40
CA ILE K 415 16.13 4.24 -35.74
C ILE K 415 15.21 4.53 -34.57
N ALA K 416 15.63 4.14 -33.36
CA ALA K 416 14.78 4.30 -32.19
C ALA K 416 14.48 5.77 -31.91
N ASP K 417 15.52 6.61 -31.88
CA ASP K 417 15.31 8.01 -31.50
C ASP K 417 14.70 8.80 -32.66
N TYR K 418 15.01 8.43 -33.90
CA TYR K 418 14.52 9.20 -35.03
C TYR K 418 13.17 8.75 -35.53
N ASN K 419 12.69 7.58 -35.10
CA ASN K 419 11.39 7.10 -35.59
C ASN K 419 10.33 6.89 -34.51
N TYR K 420 10.60 6.11 -33.46
CA TYR K 420 9.49 5.71 -32.61
C TYR K 420 9.66 6.29 -31.19
N LYS K 421 10.78 5.99 -30.54
CA LYS K 421 11.13 6.62 -29.26
C LYS K 421 10.07 6.41 -28.19
N LEU K 422 9.91 5.17 -27.71
CA LEU K 422 9.04 4.89 -26.57
C LEU K 422 9.40 5.79 -25.38
N PRO K 423 8.39 6.27 -24.67
CA PRO K 423 8.65 7.19 -23.54
C PRO K 423 9.23 6.44 -22.35
N ASP K 424 9.72 7.23 -21.39
CA ASP K 424 10.35 6.67 -20.20
C ASP K 424 9.35 5.87 -19.37
N ASP K 425 8.18 6.45 -19.08
CA ASP K 425 7.13 5.78 -18.33
C ASP K 425 6.21 5.08 -19.33
N PHE K 426 6.27 3.75 -19.35
CA PHE K 426 5.54 2.98 -20.36
C PHE K 426 4.79 1.85 -19.68
N THR K 427 3.50 1.74 -20.00
CA THR K 427 2.63 0.69 -19.50
C THR K 427 2.00 0.00 -20.71
N GLY K 428 2.73 -0.97 -21.25
CA GLY K 428 2.34 -1.69 -22.43
C GLY K 428 3.51 -2.54 -22.86
N CYS K 429 3.37 -3.32 -23.93
CA CYS K 429 4.47 -4.18 -24.35
C CYS K 429 4.28 -4.71 -25.77
N VAL K 430 5.36 -5.27 -26.31
CA VAL K 430 5.59 -5.38 -27.75
C VAL K 430 5.54 -6.84 -28.17
N ILE K 431 5.36 -7.07 -29.47
CA ILE K 431 5.41 -8.38 -30.08
C ILE K 431 6.43 -8.32 -31.22
N ALA K 432 7.18 -9.41 -31.42
CA ALA K 432 8.09 -9.49 -32.54
C ALA K 432 8.20 -10.94 -33.00
N TRP K 433 8.59 -11.13 -34.26
CA TRP K 433 8.83 -12.46 -34.78
C TRP K 433 9.54 -12.34 -36.12
N ASN K 434 10.15 -13.44 -36.56
CA ASN K 434 10.82 -13.47 -37.84
C ASN K 434 9.81 -13.41 -38.98
N SER K 435 10.16 -12.62 -40.00
CA SER K 435 9.26 -12.45 -41.15
C SER K 435 9.99 -12.63 -42.47
N ASN K 436 11.04 -13.45 -42.48
CA ASN K 436 11.83 -13.64 -43.69
C ASN K 436 11.00 -14.29 -44.79
N LYS K 437 10.02 -15.11 -44.41
CA LYS K 437 9.25 -15.86 -45.39
C LYS K 437 8.43 -14.94 -46.29
N LEU K 438 7.81 -13.92 -45.72
CA LEU K 438 6.87 -13.10 -46.47
C LEU K 438 7.32 -11.64 -46.62
N ASP K 439 8.59 -11.35 -46.31
CA ASP K 439 9.08 -9.98 -46.46
C ASP K 439 10.49 -9.96 -47.04
N SER K 440 10.81 -10.93 -47.90
CA SER K 440 12.13 -11.00 -48.51
C SER K 440 12.00 -11.15 -50.02
N LYS K 441 12.75 -10.33 -50.76
CA LYS K 441 12.77 -10.36 -52.21
C LYS K 441 14.16 -10.75 -52.68
N VAL K 442 14.21 -11.62 -53.71
CA VAL K 442 15.50 -12.08 -54.21
C VAL K 442 16.30 -10.92 -54.77
N SER K 443 15.64 -10.03 -55.52
CA SER K 443 16.33 -8.84 -56.02
C SER K 443 16.53 -7.80 -54.92
N GLY K 444 15.62 -7.78 -53.95
CA GLY K 444 15.70 -6.81 -52.86
C GLY K 444 14.44 -5.99 -52.72
N ASN K 445 13.85 -6.00 -51.53
CA ASN K 445 12.63 -5.24 -51.30
C ASN K 445 12.95 -3.76 -51.11
N TYR K 446 12.17 -2.92 -51.81
CA TYR K 446 12.33 -1.47 -51.74
C TYR K 446 11.12 -0.79 -51.11
N ASN K 447 10.22 -1.57 -50.51
CA ASN K 447 8.96 -1.05 -49.98
C ASN K 447 9.07 -0.60 -48.53
N TYR K 448 10.18 -0.88 -47.85
CA TYR K 448 10.35 -0.53 -46.46
C TYR K 448 11.49 0.46 -46.32
N LEU K 449 11.22 1.55 -45.59
CA LEU K 449 12.15 2.67 -45.50
C LEU K 449 12.35 3.05 -44.05
N TYR K 450 13.51 3.62 -43.76
CA TYR K 450 13.82 4.11 -42.42
C TYR K 450 14.53 5.45 -42.52
N ARG K 451 14.42 6.24 -41.45
CA ARG K 451 15.10 7.52 -41.38
C ARG K 451 16.47 7.35 -40.74
N LEU K 452 17.39 8.23 -41.12
CA LEU K 452 18.78 8.12 -40.70
C LEU K 452 19.26 9.26 -39.81
N PHE K 453 18.91 10.50 -40.16
CA PHE K 453 19.46 11.67 -39.49
C PHE K 453 18.46 12.79 -39.52
N ARG K 454 18.29 13.46 -38.38
CA ARG K 454 17.38 14.59 -38.26
C ARG K 454 18.03 15.65 -37.40
N LYS K 455 17.42 16.83 -37.33
CA LYS K 455 17.95 17.92 -36.52
C LYS K 455 18.09 17.51 -35.06
N SER K 456 17.06 16.88 -34.50
CA SER K 456 17.05 16.46 -33.11
C SER K 456 16.24 15.18 -32.96
N ASN K 457 15.96 14.82 -31.71
CA ASN K 457 15.18 13.64 -31.42
C ASN K 457 13.70 14.00 -31.27
N LEU K 458 12.84 13.01 -31.51
CA LEU K 458 11.40 13.20 -31.42
C LEU K 458 10.95 13.06 -29.98
N LYS K 459 9.99 13.90 -29.58
CA LYS K 459 9.30 13.68 -28.33
C LYS K 459 8.48 12.40 -28.42
N PRO K 460 8.21 11.74 -27.30
CA PRO K 460 7.53 10.44 -27.36
C PRO K 460 6.23 10.50 -28.14
N PHE K 461 6.05 9.53 -29.02
CA PHE K 461 4.85 9.41 -29.84
C PHE K 461 4.62 10.65 -30.70
N GLU K 462 5.64 11.04 -31.46
CA GLU K 462 5.54 12.15 -32.40
C GLU K 462 5.35 11.58 -33.80
N ARG K 463 4.46 12.19 -34.58
CA ARG K 463 4.15 11.75 -35.93
C ARG K 463 4.91 12.65 -36.91
N ASP K 464 5.94 12.11 -37.56
CA ASP K 464 6.77 12.87 -38.49
C ASP K 464 6.95 12.06 -39.77
N ILE K 465 6.50 12.62 -40.89
CA ILE K 465 6.65 11.97 -42.19
C ILE K 465 7.39 12.97 -43.08
N SER K 466 8.26 13.77 -42.50
CA SER K 466 9.00 14.81 -43.20
C SER K 466 9.90 14.19 -44.26
N THR K 467 9.84 14.75 -45.48
CA THR K 467 10.65 14.30 -46.61
C THR K 467 11.46 15.40 -47.26
N GLU K 468 11.47 16.61 -46.69
CA GLU K 468 12.20 17.73 -47.28
C GLU K 468 13.70 17.46 -47.26
N ILE K 469 14.41 18.12 -48.19
CA ILE K 469 15.86 17.99 -48.25
C ILE K 469 16.46 18.56 -46.97
N TYR K 470 17.39 17.81 -46.37
CA TYR K 470 17.97 18.15 -45.09
C TYR K 470 19.16 19.09 -45.29
N GLN K 471 19.20 20.16 -44.50
CA GLN K 471 20.29 21.13 -44.54
C GLN K 471 21.18 20.91 -43.32
N ALA K 472 22.14 19.99 -43.47
CA ALA K 472 23.09 19.74 -42.40
C ALA K 472 24.00 20.95 -42.17
N GLY K 473 24.47 21.57 -43.24
CA GLY K 473 25.28 22.75 -43.10
C GLY K 473 24.44 24.02 -43.00
N ASN K 474 25.09 25.11 -42.59
CA ASN K 474 24.40 26.39 -42.50
C ASN K 474 24.03 26.91 -43.88
N LYS K 475 24.79 26.53 -44.90
CA LYS K 475 24.49 26.95 -46.26
C LYS K 475 23.14 26.37 -46.70
N PRO K 476 22.31 27.17 -47.36
CA PRO K 476 20.99 26.67 -47.81
C PRO K 476 21.14 25.68 -48.95
N CYS K 477 20.57 24.49 -48.76
CA CYS K 477 20.59 23.48 -49.82
C CYS K 477 19.69 23.87 -50.98
N ASN K 478 18.61 24.62 -50.70
CA ASN K 478 17.66 25.07 -51.71
C ASN K 478 17.01 23.89 -52.43
N GLY K 479 16.80 22.80 -51.72
CA GLY K 479 16.01 21.69 -52.23
C GLY K 479 16.63 20.89 -53.33
N VAL K 480 17.96 20.87 -53.44
CA VAL K 480 18.66 20.10 -54.46
C VAL K 480 19.82 19.37 -53.79
N ALA K 481 20.04 18.14 -54.23
CA ALA K 481 21.08 17.30 -53.65
C ALA K 481 22.47 17.79 -54.04
N GLY K 482 23.45 17.43 -53.24
CA GLY K 482 24.83 17.84 -53.46
C GLY K 482 25.66 17.65 -52.20
N PHE K 483 26.77 18.37 -52.14
CA PHE K 483 27.64 18.29 -50.97
C PHE K 483 26.94 18.86 -49.75
N ASN K 484 27.03 18.12 -48.64
CA ASN K 484 26.47 18.56 -47.35
C ASN K 484 24.97 18.77 -47.47
N CYS K 485 24.35 18.05 -48.41
CA CYS K 485 22.90 18.17 -48.66
C CYS K 485 22.42 16.79 -49.09
N TYR K 486 21.91 16.02 -48.14
CA TYR K 486 21.59 14.61 -48.36
C TYR K 486 20.10 14.37 -48.25
N PHE K 487 19.62 13.43 -49.06
CA PHE K 487 18.24 12.99 -48.98
C PHE K 487 18.03 12.17 -47.71
N PRO K 488 16.99 12.48 -46.93
CA PRO K 488 16.90 11.94 -45.56
C PRO K 488 16.28 10.56 -45.41
N LEU K 489 15.81 9.92 -46.48
CA LEU K 489 15.16 8.61 -46.39
C LEU K 489 15.96 7.60 -47.20
N ARG K 490 16.29 6.46 -46.58
CA ARG K 490 16.98 5.37 -47.24
C ARG K 490 16.27 4.07 -46.89
N SER K 491 15.95 3.28 -47.91
CA SER K 491 15.17 2.06 -47.72
C SER K 491 16.06 0.89 -47.34
N TYR K 492 15.42 -0.20 -46.91
CA TYR K 492 16.12 -1.45 -46.67
C TYR K 492 16.34 -2.17 -48.00
N SER K 493 16.94 -3.35 -47.94
CA SER K 493 16.97 -4.27 -49.07
C SER K 493 16.99 -5.70 -48.54
N PHE K 494 15.82 -6.31 -48.41
CA PHE K 494 15.73 -7.64 -47.81
C PHE K 494 15.88 -8.72 -48.87
N ARG K 495 16.93 -9.53 -48.76
CA ARG K 495 17.15 -10.65 -49.64
C ARG K 495 17.37 -11.91 -48.83
N PRO K 496 17.00 -13.09 -49.34
CA PRO K 496 17.13 -14.32 -48.55
C PRO K 496 18.56 -14.61 -48.12
N THR K 497 19.53 -14.20 -48.93
CA THR K 497 20.95 -14.49 -48.70
C THR K 497 21.51 -13.75 -47.49
N TYR K 498 20.86 -12.75 -46.92
CA TYR K 498 21.42 -12.06 -45.77
C TYR K 498 21.23 -12.88 -44.50
N GLY K 499 22.00 -12.50 -43.47
CA GLY K 499 21.95 -13.22 -42.21
C GLY K 499 20.73 -12.87 -41.38
N VAL K 500 20.62 -13.55 -40.24
CA VAL K 500 19.49 -13.33 -39.35
C VAL K 500 19.51 -11.92 -38.78
N GLY K 501 20.72 -11.37 -38.57
CA GLY K 501 20.82 -10.02 -38.04
C GLY K 501 20.21 -8.98 -38.97
N HIS K 502 20.32 -9.19 -40.27
CA HIS K 502 19.80 -8.27 -41.26
C HIS K 502 18.44 -8.67 -41.80
N GLN K 503 17.85 -9.75 -41.28
CA GLN K 503 16.55 -10.20 -41.76
C GLN K 503 15.44 -9.29 -41.23
N PRO K 504 14.33 -9.19 -41.95
CA PRO K 504 13.23 -8.34 -41.50
C PRO K 504 12.45 -8.98 -40.35
N TYR K 505 12.00 -8.13 -39.43
CA TYR K 505 11.22 -8.57 -38.27
C TYR K 505 9.99 -7.68 -38.15
N ARG K 506 8.83 -8.30 -37.99
CA ARG K 506 7.58 -7.57 -37.82
C ARG K 506 7.35 -7.31 -36.34
N VAL K 507 7.16 -6.04 -35.98
CA VAL K 507 7.04 -5.62 -34.59
C VAL K 507 5.68 -4.97 -34.39
N VAL K 508 4.95 -5.42 -33.37
CA VAL K 508 3.67 -4.85 -32.99
C VAL K 508 3.78 -4.39 -31.54
N VAL K 509 3.45 -3.12 -31.30
CA VAL K 509 3.61 -2.50 -29.99
C VAL K 509 2.22 -2.21 -29.42
N LEU K 510 1.97 -2.67 -28.21
CA LEU K 510 0.74 -2.40 -27.49
C LEU K 510 1.00 -1.41 -26.37
N SER K 511 0.03 -0.52 -26.14
CA SER K 511 0.20 0.55 -25.15
C SER K 511 -1.09 0.66 -24.34
N PHE K 512 -1.04 0.15 -23.11
CA PHE K 512 -2.17 0.27 -22.20
C PHE K 512 -2.16 1.62 -21.50
N GLU K 513 -3.36 2.13 -21.23
CA GLU K 513 -3.52 3.40 -20.52
C GLU K 513 -4.76 3.32 -19.62
N LEU K 514 -4.76 4.14 -18.58
CA LEU K 514 -5.88 4.23 -17.67
C LEU K 514 -6.34 5.68 -17.60
N LEU K 515 -7.65 5.87 -17.57
CA LEU K 515 -8.26 7.19 -17.53
C LEU K 515 -9.43 7.13 -16.57
N HIS K 516 -10.30 8.14 -16.61
CA HIS K 516 -11.49 8.20 -15.77
C HIS K 516 -12.65 7.44 -16.39
N ALA K 517 -12.42 6.73 -17.48
CA ALA K 517 -13.44 5.95 -18.17
C ALA K 517 -13.83 4.74 -17.31
N PRO K 518 -15.01 4.18 -17.51
CA PRO K 518 -15.47 3.06 -16.66
C PRO K 518 -14.89 1.69 -17.02
N ALA K 519 -13.82 1.63 -17.80
CA ALA K 519 -13.14 0.39 -18.19
C ALA K 519 -13.99 -0.39 -19.17
N THR K 520 -13.46 -0.62 -20.38
CA THR K 520 -14.29 -1.14 -21.46
C THR K 520 -13.68 -2.34 -22.16
N VAL K 521 -12.35 -2.38 -22.28
CA VAL K 521 -11.71 -3.18 -23.33
C VAL K 521 -11.00 -4.38 -22.71
N CYS K 522 -11.36 -4.73 -21.47
CA CYS K 522 -10.57 -5.73 -20.78
C CYS K 522 -10.98 -7.15 -21.13
N GLY K 523 -10.25 -8.11 -20.57
CA GLY K 523 -10.25 -9.47 -21.05
C GLY K 523 -11.42 -10.32 -20.61
N PRO K 524 -11.38 -11.60 -20.93
CA PRO K 524 -12.56 -12.46 -20.76
C PRO K 524 -12.63 -13.08 -19.36
N LYS K 525 -13.83 -13.55 -19.04
CA LYS K 525 -14.09 -14.27 -17.80
C LYS K 525 -14.67 -15.63 -18.16
N LYS K 526 -14.05 -16.69 -17.68
CA LYS K 526 -14.49 -18.05 -17.97
C LYS K 526 -15.44 -18.54 -16.88
N SER K 527 -16.29 -19.48 -17.26
CA SER K 527 -17.32 -20.01 -16.37
C SER K 527 -17.24 -21.54 -16.37
N THR K 528 -17.74 -22.12 -15.29
CA THR K 528 -17.75 -23.57 -15.10
C THR K 528 -19.17 -24.10 -15.23
N ASN K 529 -19.33 -25.39 -14.95
CA ASN K 529 -20.64 -26.01 -14.98
C ASN K 529 -21.50 -25.48 -13.83
N LEU K 530 -22.75 -25.94 -13.77
CA LEU K 530 -23.68 -25.57 -12.72
C LEU K 530 -24.10 -26.81 -11.95
N VAL K 531 -23.92 -26.78 -10.64
CA VAL K 531 -24.27 -27.90 -9.78
C VAL K 531 -25.42 -27.47 -8.86
N LYS K 532 -26.28 -28.43 -8.53
CA LYS K 532 -27.46 -28.14 -7.72
C LYS K 532 -27.52 -29.14 -6.57
N ASN K 533 -28.25 -28.75 -5.52
CA ASN K 533 -28.54 -29.55 -4.33
C ASN K 533 -27.30 -29.90 -3.53
N LYS K 534 -26.18 -29.22 -3.73
CA LYS K 534 -24.96 -29.43 -2.96
C LYS K 534 -24.49 -28.11 -2.37
N CYS K 535 -23.87 -28.19 -1.20
CA CYS K 535 -23.37 -27.00 -0.53
C CYS K 535 -22.13 -26.49 -1.24
N VAL K 536 -22.29 -25.42 -2.01
CA VAL K 536 -21.20 -24.92 -2.85
C VAL K 536 -21.07 -23.41 -2.73
N ASN K 537 -19.84 -22.92 -2.55
CA ASN K 537 -19.59 -21.50 -2.66
C ASN K 537 -19.67 -21.07 -4.12
N PHE K 538 -20.23 -19.90 -4.36
CA PHE K 538 -20.54 -19.47 -5.71
C PHE K 538 -20.11 -18.03 -5.93
N ASN K 539 -19.86 -17.70 -7.20
CA ASN K 539 -19.56 -16.33 -7.64
C ASN K 539 -20.38 -16.07 -8.90
N PHE K 540 -21.61 -15.57 -8.70
CA PHE K 540 -22.52 -15.30 -9.81
C PHE K 540 -22.41 -13.83 -10.21
N ASN K 541 -21.59 -13.56 -11.21
CA ASN K 541 -21.49 -12.22 -11.81
C ASN K 541 -21.17 -11.16 -10.76
N GLY K 542 -20.28 -11.49 -9.83
CA GLY K 542 -19.86 -10.57 -8.81
C GLY K 542 -20.54 -10.71 -7.46
N LEU K 543 -21.64 -11.46 -7.38
CA LEU K 543 -22.29 -11.74 -6.11
C LEU K 543 -21.83 -13.11 -5.62
N LYS K 544 -21.45 -13.18 -4.35
CA LYS K 544 -20.77 -14.34 -3.80
C LYS K 544 -21.36 -14.73 -2.46
N GLY K 545 -21.46 -16.03 -2.23
CA GLY K 545 -22.00 -16.55 -0.98
C GLY K 545 -21.94 -18.06 -0.98
N THR K 546 -22.47 -18.63 0.10
CA THR K 546 -22.49 -20.07 0.30
C THR K 546 -23.92 -20.51 0.54
N GLY K 547 -24.34 -21.56 -0.15
CA GLY K 547 -25.70 -22.07 0.01
C GLY K 547 -25.91 -23.28 -0.87
N VAL K 548 -27.13 -23.81 -0.78
CA VAL K 548 -27.53 -24.96 -1.56
C VAL K 548 -28.43 -24.46 -2.69
N LEU K 549 -27.88 -24.42 -3.90
CA LEU K 549 -28.63 -23.97 -5.05
C LEU K 549 -29.76 -24.96 -5.37
N THR K 550 -30.93 -24.43 -5.72
CA THR K 550 -32.08 -25.27 -5.99
C THR K 550 -33.03 -24.52 -6.91
N GLU K 551 -33.98 -25.26 -7.50
CA GLU K 551 -34.97 -24.65 -8.37
C GLU K 551 -35.89 -23.74 -7.56
N SER K 552 -36.43 -22.72 -8.24
CA SER K 552 -37.26 -21.73 -7.57
C SER K 552 -38.53 -21.45 -8.35
N ASN K 553 -39.38 -20.58 -7.80
CA ASN K 553 -40.64 -20.23 -8.45
C ASN K 553 -40.89 -18.72 -8.46
N LYS K 554 -39.91 -17.91 -8.08
CA LYS K 554 -40.08 -16.47 -8.12
C LYS K 554 -40.21 -15.99 -9.56
N LYS K 555 -40.92 -14.88 -9.75
CA LYS K 555 -41.12 -14.27 -11.05
C LYS K 555 -40.47 -12.89 -11.04
N PHE K 556 -39.20 -12.84 -11.42
CA PHE K 556 -38.50 -11.56 -11.49
C PHE K 556 -39.01 -10.73 -12.65
N LEU K 557 -38.86 -9.41 -12.54
CA LEU K 557 -39.05 -8.54 -13.67
C LEU K 557 -37.88 -8.71 -14.64
N PRO K 558 -38.07 -8.36 -15.91
CA PRO K 558 -37.00 -8.59 -16.89
C PRO K 558 -35.68 -7.91 -16.54
N PHE K 559 -35.73 -6.71 -15.96
CA PHE K 559 -34.49 -5.99 -15.67
C PHE K 559 -33.90 -6.42 -14.33
N GLN K 560 -34.72 -6.96 -13.43
CA GLN K 560 -34.23 -7.34 -12.11
C GLN K 560 -33.28 -8.52 -12.23
N GLN K 561 -32.26 -8.53 -11.36
CA GLN K 561 -31.23 -9.56 -11.35
C GLN K 561 -31.23 -10.40 -10.09
N PHE K 562 -31.14 -9.79 -8.92
CA PHE K 562 -31.00 -10.52 -7.67
C PHE K 562 -32.31 -10.48 -6.89
N GLY K 563 -32.30 -11.02 -5.68
CA GLY K 563 -33.49 -11.02 -4.84
C GLY K 563 -33.12 -10.77 -3.40
N ARG K 564 -34.09 -10.29 -2.63
CA ARG K 564 -33.89 -9.99 -1.22
C ARG K 564 -35.03 -10.63 -0.43
N ASP K 565 -35.05 -10.37 0.87
CA ASP K 565 -36.11 -10.87 1.75
C ASP K 565 -36.38 -9.81 2.81
N ILE K 566 -37.18 -10.20 3.81
CA ILE K 566 -37.50 -9.28 4.90
C ILE K 566 -36.24 -8.93 5.69
N ALA K 567 -35.40 -9.92 5.95
CA ALA K 567 -34.18 -9.74 6.72
C ALA K 567 -33.07 -9.03 5.94
N ASP K 568 -33.36 -8.60 4.72
CA ASP K 568 -32.39 -7.90 3.88
C ASP K 568 -31.15 -8.74 3.62
N THR K 569 -31.37 -9.91 3.01
CA THR K 569 -30.31 -10.82 2.64
C THR K 569 -30.61 -11.40 1.28
N THR K 570 -29.56 -11.86 0.60
CA THR K 570 -29.73 -12.46 -0.72
C THR K 570 -30.57 -13.71 -0.63
N ASP K 571 -31.56 -13.82 -1.52
CA ASP K 571 -32.47 -14.95 -1.54
C ASP K 571 -32.56 -15.66 -2.87
N ALA K 572 -32.49 -14.93 -3.99
CA ALA K 572 -32.59 -15.54 -5.30
C ALA K 572 -31.63 -14.82 -6.24
N VAL K 573 -31.23 -15.52 -7.29
CA VAL K 573 -30.28 -14.99 -8.26
C VAL K 573 -30.63 -15.53 -9.64
N ARG K 574 -30.47 -14.68 -10.66
CA ARG K 574 -30.73 -15.05 -12.04
C ARG K 574 -29.48 -15.67 -12.65
N ASP K 575 -29.69 -16.73 -13.44
CA ASP K 575 -28.57 -17.38 -14.11
C ASP K 575 -27.96 -16.43 -15.14
N PRO K 576 -26.64 -16.35 -15.23
CA PRO K 576 -26.02 -15.49 -16.25
C PRO K 576 -26.15 -16.05 -17.66
N GLN K 577 -25.87 -17.34 -17.83
CA GLN K 577 -25.87 -17.95 -19.15
C GLN K 577 -27.27 -18.06 -19.71
N THR K 578 -28.14 -18.79 -19.02
CA THR K 578 -29.54 -18.86 -19.39
C THR K 578 -30.28 -17.72 -18.65
N LEU K 579 -31.60 -17.76 -18.65
CA LEU K 579 -32.38 -16.80 -17.86
C LEU K 579 -33.11 -17.48 -16.71
N GLU K 580 -32.65 -18.67 -16.31
CA GLU K 580 -33.30 -19.40 -15.24
C GLU K 580 -33.09 -18.70 -13.90
N ILE K 581 -34.09 -18.84 -13.02
CA ILE K 581 -34.05 -18.25 -11.68
C ILE K 581 -33.86 -19.35 -10.66
N LEU K 582 -33.02 -19.09 -9.66
CA LEU K 582 -32.65 -20.08 -8.66
C LEU K 582 -32.80 -19.50 -7.26
N ASP K 583 -33.01 -20.37 -6.29
CA ASP K 583 -33.13 -19.99 -4.89
C ASP K 583 -31.87 -20.36 -4.13
N ILE K 584 -31.67 -19.69 -2.99
CA ILE K 584 -30.55 -19.96 -2.09
C ILE K 584 -31.12 -20.39 -0.75
N THR K 585 -30.66 -21.52 -0.24
CA THR K 585 -31.08 -22.11 1.02
C THR K 585 -29.85 -22.35 1.88
N PRO K 586 -29.99 -22.34 3.20
CA PRO K 586 -28.80 -22.46 4.05
C PRO K 586 -28.18 -23.83 3.97
N CYS K 587 -26.86 -23.88 4.14
CA CYS K 587 -26.12 -25.12 3.93
C CYS K 587 -26.53 -26.20 4.93
N SER K 588 -26.58 -25.84 6.21
CA SER K 588 -26.96 -26.79 7.25
C SER K 588 -27.40 -26.04 8.50
N PHE K 589 -28.38 -26.60 9.20
CA PHE K 589 -28.81 -26.09 10.48
C PHE K 589 -28.36 -27.08 11.57
N GLY K 590 -27.91 -26.55 12.70
CA GLY K 590 -27.40 -27.38 13.76
C GLY K 590 -27.88 -26.95 15.12
N GLY K 591 -27.64 -27.81 16.10
CA GLY K 591 -27.96 -27.52 17.49
C GLY K 591 -28.76 -28.62 18.16
N VAL K 592 -29.70 -29.21 17.41
CA VAL K 592 -30.57 -30.31 17.84
C VAL K 592 -30.99 -30.17 19.30
N SER K 593 -31.26 -31.30 19.96
CA SER K 593 -31.56 -31.31 21.38
C SER K 593 -31.27 -32.72 21.91
N VAL K 594 -30.66 -32.78 23.09
CA VAL K 594 -30.13 -34.01 23.65
C VAL K 594 -30.81 -34.24 24.99
N ILE K 595 -31.52 -35.35 25.13
CA ILE K 595 -32.18 -35.71 26.38
C ILE K 595 -31.48 -36.91 27.00
N THR K 596 -30.68 -36.67 28.03
CA THR K 596 -29.93 -37.76 28.65
C THR K 596 -30.33 -37.92 30.12
N PRO K 597 -30.55 -39.14 30.59
CA PRO K 597 -30.79 -39.33 32.03
C PRO K 597 -29.61 -38.93 32.89
N GLY K 598 -28.40 -39.09 32.38
CA GLY K 598 -27.19 -38.76 33.11
C GLY K 598 -26.18 -39.88 32.96
N THR K 599 -24.90 -39.51 32.87
CA THR K 599 -23.85 -40.51 32.72
C THR K 599 -23.74 -41.41 33.93
N ASN K 600 -24.19 -40.93 35.09
CA ASN K 600 -24.16 -41.76 36.29
C ASN K 600 -25.05 -42.98 36.18
N THR K 601 -26.05 -42.96 35.29
CA THR K 601 -26.99 -44.06 35.09
C THR K 601 -27.24 -44.22 33.58
N SER K 602 -26.53 -45.16 32.97
CA SER K 602 -26.74 -45.57 31.58
C SER K 602 -26.25 -44.52 30.59
N ASN K 603 -25.96 -44.95 29.36
CA ASN K 603 -25.50 -44.06 28.32
C ASN K 603 -26.51 -43.86 27.21
N GLN K 604 -27.73 -44.38 27.36
CA GLN K 604 -28.75 -44.21 26.34
C GLN K 604 -29.19 -42.76 26.26
N VAL K 605 -29.62 -42.34 25.07
CA VAL K 605 -29.98 -40.95 24.82
C VAL K 605 -30.97 -40.90 23.66
N ALA K 606 -31.87 -39.90 23.70
CA ALA K 606 -32.76 -39.64 22.60
C ALA K 606 -32.59 -38.21 22.10
N VAL K 607 -32.69 -38.03 20.79
CA VAL K 607 -32.40 -36.75 20.14
C VAL K 607 -33.71 -36.16 19.64
N LEU K 608 -33.85 -34.84 19.80
CA LEU K 608 -35.02 -34.11 19.36
C LEU K 608 -34.62 -33.11 18.29
N TYR K 609 -35.27 -33.17 17.13
CA TYR K 609 -35.02 -32.25 16.04
C TYR K 609 -36.12 -31.19 16.04
N GLN K 610 -35.73 -29.94 16.25
CA GLN K 610 -36.70 -28.87 16.51
C GLN K 610 -37.25 -28.30 15.21
N GLY K 611 -38.57 -28.27 15.09
CA GLY K 611 -39.23 -27.67 13.96
C GLY K 611 -38.93 -28.31 12.61
N VAL K 612 -38.84 -29.64 12.59
CA VAL K 612 -38.58 -30.36 11.35
C VAL K 612 -39.54 -31.53 11.27
N ASN K 613 -40.16 -31.71 10.11
CA ASN K 613 -41.05 -32.84 9.91
C ASN K 613 -40.27 -34.14 9.98
N CYS K 614 -40.91 -35.17 10.54
CA CYS K 614 -40.23 -36.45 10.76
C CYS K 614 -39.79 -37.09 9.45
N THR K 615 -40.64 -37.03 8.42
CA THR K 615 -40.31 -37.68 7.16
C THR K 615 -39.13 -36.98 6.48
N GLU K 616 -38.96 -35.69 6.72
CA GLU K 616 -37.92 -34.91 6.07
C GLU K 616 -36.60 -34.90 6.83
N VAL K 617 -36.52 -35.64 7.95
CA VAL K 617 -35.27 -35.66 8.74
C VAL K 617 -34.10 -36.18 7.93
N PRO K 618 -34.20 -37.29 7.18
CA PRO K 618 -33.04 -37.73 6.39
C PRO K 618 -32.55 -36.70 5.38
N VAL K 619 -33.44 -35.81 4.94
CA VAL K 619 -33.02 -34.78 3.98
C VAL K 619 -32.62 -33.51 4.71
N ALA K 620 -33.24 -33.23 5.86
CA ALA K 620 -32.92 -32.02 6.60
C ALA K 620 -31.45 -32.01 7.03
N ILE K 621 -31.00 -33.09 7.64
CA ILE K 621 -29.58 -33.28 7.92
C ILE K 621 -29.03 -34.29 6.92
N HIS K 622 -27.85 -34.01 6.36
CA HIS K 622 -27.31 -34.85 5.32
C HIS K 622 -26.87 -36.18 5.90
N ALA K 623 -27.75 -37.20 5.78
CA ALA K 623 -27.50 -38.47 6.44
C ALA K 623 -26.34 -39.23 5.81
N ASP K 624 -26.23 -39.17 4.49
CA ASP K 624 -25.17 -39.91 3.80
C ASP K 624 -23.79 -39.41 4.21
N GLN K 625 -23.63 -38.09 4.37
CA GLN K 625 -22.34 -37.54 4.74
C GLN K 625 -21.99 -37.83 6.20
N LEU K 626 -22.99 -38.15 7.02
CA LEU K 626 -22.76 -38.36 8.43
C LEU K 626 -22.07 -39.71 8.68
N THR K 627 -21.48 -39.83 9.86
CA THR K 627 -20.86 -41.07 10.28
C THR K 627 -21.94 -42.11 10.58
N PRO K 628 -21.58 -43.40 10.58
CA PRO K 628 -22.58 -44.43 10.92
C PRO K 628 -23.21 -44.24 12.28
N THR K 629 -22.48 -43.67 13.24
CA THR K 629 -23.04 -43.46 14.57
C THR K 629 -24.09 -42.37 14.56
N TRP K 630 -23.84 -41.24 13.88
CA TRP K 630 -24.89 -40.27 13.64
C TRP K 630 -25.98 -40.79 12.71
N ARG K 631 -25.73 -41.85 11.97
CA ARG K 631 -26.84 -42.52 11.28
C ARG K 631 -27.59 -43.35 12.31
N VAL K 632 -28.50 -44.21 11.83
CA VAL K 632 -29.57 -44.72 12.67
C VAL K 632 -30.28 -43.47 13.19
N TYR K 633 -30.82 -43.51 14.41
CA TYR K 633 -31.60 -42.41 14.96
C TYR K 633 -32.58 -41.84 13.94
N SER K 634 -33.07 -42.68 13.02
CA SER K 634 -34.02 -42.21 12.02
C SER K 634 -35.17 -43.19 11.84
N THR K 635 -34.94 -44.48 12.09
CA THR K 635 -35.97 -45.49 11.84
C THR K 635 -36.09 -46.50 12.97
N GLY K 636 -35.05 -46.64 13.79
CA GLY K 636 -34.99 -47.73 14.74
C GLY K 636 -36.09 -47.72 15.78
N SER K 637 -36.05 -46.77 16.71
CA SER K 637 -37.16 -46.57 17.63
C SER K 637 -38.26 -45.80 16.91
N ASN K 638 -39.52 -46.16 17.17
CA ASN K 638 -40.64 -45.50 16.51
C ASN K 638 -40.53 -43.99 16.68
N VAL K 639 -40.33 -43.30 15.56
CA VAL K 639 -40.14 -41.85 15.58
C VAL K 639 -41.47 -41.19 15.94
N PHE K 640 -41.42 -40.25 16.88
CA PHE K 640 -42.60 -39.57 17.36
C PHE K 640 -42.58 -38.12 16.86
N GLN K 641 -43.71 -37.68 16.31
CA GLN K 641 -43.83 -36.33 15.78
C GLN K 641 -44.58 -35.47 16.79
N THR K 642 -43.95 -34.37 17.22
CA THR K 642 -44.54 -33.42 18.15
C THR K 642 -44.57 -32.04 17.51
N ARG K 643 -45.33 -31.15 18.14
CA ARG K 643 -45.38 -29.77 17.65
C ARG K 643 -44.03 -29.07 17.77
N ALA K 644 -43.22 -29.46 18.76
CA ALA K 644 -41.86 -28.94 18.84
C ALA K 644 -41.01 -29.44 17.68
N GLY K 645 -41.22 -30.69 17.26
CA GLY K 645 -40.44 -31.25 16.17
C GLY K 645 -40.55 -32.76 16.18
N CYS K 646 -39.49 -33.40 15.67
CA CYS K 646 -39.41 -34.85 15.61
C CYS K 646 -38.53 -35.36 16.74
N LEU K 647 -39.05 -36.26 17.55
CA LEU K 647 -38.34 -36.84 18.68
C LEU K 647 -38.03 -38.30 18.35
N ILE K 648 -36.74 -38.65 18.38
CA ILE K 648 -36.27 -39.97 17.99
C ILE K 648 -35.43 -40.55 19.12
N GLY K 649 -35.69 -41.81 19.46
CA GLY K 649 -34.99 -42.48 20.53
C GLY K 649 -35.82 -42.81 21.74
N ALA K 650 -37.13 -42.55 21.71
CA ALA K 650 -38.00 -42.84 22.83
C ALA K 650 -39.28 -43.49 22.31
N GLU K 651 -39.92 -44.26 23.19
CA GLU K 651 -41.15 -44.97 22.85
C GLU K 651 -42.34 -44.28 23.51
N TYR K 652 -43.37 -43.99 22.72
CA TYR K 652 -44.55 -43.30 23.22
C TYR K 652 -45.45 -44.26 23.98
N VAL K 653 -46.00 -43.79 25.10
CA VAL K 653 -46.93 -44.57 25.91
C VAL K 653 -48.12 -43.71 26.26
N ASN K 654 -49.30 -44.33 26.34
CA ASN K 654 -50.52 -43.58 26.61
C ASN K 654 -50.65 -43.21 28.08
N ASN K 655 -50.09 -44.03 28.98
CA ASN K 655 -50.22 -43.81 30.41
C ASN K 655 -49.67 -42.45 30.82
N SER K 656 -50.55 -41.58 31.32
CA SER K 656 -50.13 -40.23 31.69
C SER K 656 -49.48 -40.25 33.07
N TYR K 657 -48.25 -39.74 33.15
CA TYR K 657 -47.50 -39.67 34.39
C TYR K 657 -47.15 -38.22 34.69
N GLU K 658 -46.65 -38.00 35.91
CA GLU K 658 -46.21 -36.67 36.30
C GLU K 658 -44.92 -36.32 35.55
N CYS K 659 -44.78 -35.05 35.19
CA CYS K 659 -43.70 -34.64 34.32
C CYS K 659 -42.33 -34.74 35.01
N ASP K 660 -41.36 -35.28 34.27
CA ASP K 660 -39.99 -35.43 34.77
C ASP K 660 -39.00 -34.56 34.02
N ILE K 661 -38.94 -34.69 32.70
CA ILE K 661 -38.10 -33.84 31.86
C ILE K 661 -38.99 -33.14 30.84
N PRO K 662 -39.10 -31.82 30.86
CA PRO K 662 -40.05 -31.13 29.99
C PRO K 662 -39.53 -31.03 28.56
N ILE K 663 -40.11 -31.83 27.66
CA ILE K 663 -39.76 -31.74 26.26
C ILE K 663 -40.38 -30.48 25.65
N GLY K 664 -41.65 -30.24 25.93
CA GLY K 664 -42.34 -29.07 25.38
C GLY K 664 -43.68 -29.41 24.78
N ALA K 665 -44.58 -28.42 24.76
CA ALA K 665 -45.92 -28.57 24.19
C ALA K 665 -46.69 -29.71 24.83
N GLY K 666 -46.55 -29.86 26.15
CA GLY K 666 -47.31 -30.83 26.88
C GLY K 666 -46.78 -32.26 26.86
N ILE K 667 -45.52 -32.45 26.49
CA ILE K 667 -44.92 -33.77 26.40
C ILE K 667 -43.67 -33.79 27.29
N CYS K 668 -43.55 -34.87 28.09
CA CYS K 668 -42.41 -35.04 28.97
C CYS K 668 -41.80 -36.41 28.76
N ALA K 669 -40.54 -36.55 29.16
CA ALA K 669 -39.81 -37.80 29.01
C ALA K 669 -39.19 -38.20 30.35
N SER K 670 -38.96 -39.50 30.51
CA SER K 670 -38.40 -40.02 31.75
C SER K 670 -37.76 -41.37 31.48
N TYR K 671 -36.92 -41.80 32.42
CA TYR K 671 -36.24 -43.10 32.35
C TYR K 671 -36.99 -44.08 33.23
N GLN K 672 -37.68 -45.04 32.60
CA GLN K 672 -38.49 -46.00 33.33
C GLN K 672 -38.37 -47.37 32.67
N THR K 673 -38.75 -48.40 33.42
CA THR K 673 -38.73 -49.76 32.92
C THR K 673 -39.78 -49.96 31.82
N SER K 686 -34.89 -53.69 29.31
CA SER K 686 -35.11 -53.40 30.72
C SER K 686 -35.46 -51.94 30.93
N GLN K 687 -34.49 -51.06 30.69
CA GLN K 687 -34.66 -49.62 30.88
C GLN K 687 -34.51 -48.91 29.54
N SER K 688 -35.38 -47.94 29.29
CA SER K 688 -35.34 -47.18 28.05
C SER K 688 -36.05 -45.84 28.26
N ILE K 689 -35.79 -44.92 27.33
CA ILE K 689 -36.44 -43.62 27.38
C ILE K 689 -37.87 -43.74 26.88
N ILE K 690 -38.79 -43.08 27.58
CA ILE K 690 -40.20 -43.10 27.19
C ILE K 690 -40.69 -41.66 27.07
N ALA K 691 -41.75 -41.48 26.28
CA ALA K 691 -42.39 -40.20 26.09
C ALA K 691 -43.88 -40.34 26.34
N TYR K 692 -44.49 -39.30 26.89
CA TYR K 692 -45.89 -39.35 27.26
C TYR K 692 -46.43 -37.93 27.40
N THR K 693 -47.67 -37.83 27.84
CA THR K 693 -48.32 -36.55 28.09
C THR K 693 -48.51 -36.38 29.60
N MET K 694 -48.13 -35.21 30.11
CA MET K 694 -48.18 -34.97 31.54
C MET K 694 -49.62 -35.00 32.05
N SER K 695 -49.77 -35.37 33.31
CA SER K 695 -51.08 -35.49 33.95
C SER K 695 -51.30 -34.31 34.89
N LEU K 696 -52.44 -33.65 34.75
CA LEU K 696 -52.73 -32.48 35.57
C LEU K 696 -53.00 -32.88 37.02
N GLY K 697 -53.77 -33.94 37.24
CA GLY K 697 -54.09 -34.36 38.57
C GLY K 697 -55.20 -35.38 38.58
N ALA K 698 -55.60 -35.76 39.78
CA ALA K 698 -56.63 -36.77 39.96
C ALA K 698 -58.02 -36.16 39.75
N GLU K 699 -58.89 -36.91 39.10
CA GLU K 699 -60.26 -36.46 38.88
C GLU K 699 -61.06 -36.54 40.18
N ASN K 700 -61.96 -35.58 40.36
CA ASN K 700 -62.79 -35.53 41.55
C ASN K 700 -64.12 -34.86 41.20
N SER K 701 -65.12 -35.12 42.02
CA SER K 701 -66.46 -34.56 41.82
C SER K 701 -67.10 -34.29 43.17
N VAL K 702 -67.57 -33.06 43.37
CA VAL K 702 -68.18 -32.67 44.63
C VAL K 702 -69.67 -32.96 44.57
N ALA K 703 -70.20 -33.57 45.64
CA ALA K 703 -71.60 -33.97 45.69
C ALA K 703 -72.46 -32.78 46.12
N TYR K 704 -72.61 -31.83 45.20
CA TYR K 704 -73.43 -30.65 45.45
C TYR K 704 -74.91 -31.02 45.45
N SER K 705 -75.67 -30.34 46.31
CA SER K 705 -77.09 -30.62 46.43
C SER K 705 -77.78 -29.38 47.00
N ASN K 706 -79.11 -29.37 46.91
CA ASN K 706 -79.89 -28.24 47.40
C ASN K 706 -79.73 -28.07 48.90
N ASN K 707 -79.82 -29.16 49.66
CA ASN K 707 -79.72 -29.12 51.12
C ASN K 707 -78.74 -30.20 51.56
N SER K 708 -77.46 -29.83 51.61
CA SER K 708 -76.42 -30.74 52.05
C SER K 708 -75.21 -29.93 52.49
N ILE K 709 -74.60 -30.34 53.60
CA ILE K 709 -73.44 -29.65 54.15
C ILE K 709 -72.57 -30.66 54.88
N ALA K 710 -71.29 -30.37 54.94
CA ALA K 710 -70.31 -31.24 55.59
C ALA K 710 -69.56 -30.44 56.65
N ILE K 711 -69.44 -31.01 57.84
CA ILE K 711 -68.76 -30.38 58.97
C ILE K 711 -67.64 -31.31 59.42
N PRO K 712 -66.41 -30.84 59.51
CA PRO K 712 -65.33 -31.69 60.03
C PRO K 712 -65.52 -31.98 61.50
N THR K 713 -64.99 -33.14 61.92
CA THR K 713 -65.10 -33.59 63.30
C THR K 713 -63.74 -33.79 63.96
N ASN K 714 -62.64 -33.50 63.27
CA ASN K 714 -61.31 -33.71 63.81
C ASN K 714 -60.36 -32.80 63.04
N PHE K 715 -59.18 -32.58 63.62
CA PHE K 715 -58.22 -31.65 63.04
C PHE K 715 -56.82 -32.26 63.08
N THR K 716 -55.96 -31.75 62.21
CA THR K 716 -54.56 -32.15 62.14
C THR K 716 -53.68 -30.91 62.15
N ILE K 717 -52.56 -30.99 62.85
CA ILE K 717 -51.59 -29.90 62.92
C ILE K 717 -50.47 -30.20 61.94
N SER K 718 -50.21 -29.26 61.03
CA SER K 718 -49.22 -29.44 59.99
C SER K 718 -48.14 -28.38 60.11
N VAL K 719 -46.89 -28.79 59.92
CA VAL K 719 -45.73 -27.89 59.95
C VAL K 719 -44.99 -28.01 58.64
N THR K 720 -44.76 -26.86 57.99
CA THR K 720 -44.08 -26.81 56.70
C THR K 720 -42.96 -25.79 56.75
N THR K 721 -41.99 -25.95 55.86
CA THR K 721 -40.83 -25.08 55.77
C THR K 721 -40.93 -24.18 54.54
N GLU K 722 -40.05 -23.19 54.50
CA GLU K 722 -39.99 -22.25 53.39
C GLU K 722 -38.65 -21.53 53.42
N ILE K 723 -37.96 -21.53 52.29
CA ILE K 723 -36.61 -20.99 52.18
C ILE K 723 -36.63 -19.77 51.28
N LEU K 724 -36.03 -18.67 51.73
CA LEU K 724 -35.98 -17.44 50.98
C LEU K 724 -34.57 -16.85 51.02
N PRO K 725 -33.96 -16.57 49.87
CA PRO K 725 -32.65 -15.92 49.88
C PRO K 725 -32.74 -14.50 50.40
N VAL K 726 -31.63 -14.03 50.97
CA VAL K 726 -31.59 -12.70 51.56
C VAL K 726 -30.47 -11.86 50.96
N SER K 727 -29.25 -12.40 50.96
CA SER K 727 -28.09 -11.66 50.50
C SER K 727 -27.17 -12.60 49.73
N MET K 728 -26.26 -12.01 48.96
CA MET K 728 -25.25 -12.76 48.21
C MET K 728 -23.86 -12.29 48.60
N THR K 729 -22.86 -12.78 47.88
CA THR K 729 -21.47 -12.48 48.20
C THR K 729 -21.08 -11.09 47.74
N LYS K 730 -20.28 -10.40 48.54
CA LYS K 730 -19.76 -9.10 48.21
C LYS K 730 -18.39 -9.26 47.56
N THR K 731 -18.19 -8.60 46.42
CA THR K 731 -16.95 -8.72 45.67
C THR K 731 -16.48 -7.34 45.21
N SER K 732 -15.16 -7.23 45.03
CA SER K 732 -14.53 -6.03 44.51
C SER K 732 -13.48 -6.41 43.48
N VAL K 733 -13.29 -5.54 42.49
CA VAL K 733 -12.42 -5.82 41.36
C VAL K 733 -11.38 -4.73 41.24
N ASP K 734 -10.13 -5.12 41.06
CA ASP K 734 -9.03 -4.18 40.80
C ASP K 734 -8.87 -4.07 39.29
N CYS K 735 -9.47 -3.03 38.71
CA CYS K 735 -9.50 -2.91 37.26
C CYS K 735 -8.10 -2.70 36.68
N THR K 736 -7.29 -1.87 37.32
CA THR K 736 -5.99 -1.52 36.76
C THR K 736 -5.10 -2.74 36.61
N MET K 737 -5.09 -3.62 37.62
CA MET K 737 -4.28 -4.82 37.52
C MET K 737 -4.90 -5.84 36.57
N TYR K 738 -6.23 -5.90 36.52
CA TYR K 738 -6.89 -6.92 35.71
C TYR K 738 -6.75 -6.64 34.22
N ILE K 739 -6.89 -5.37 33.82
CA ILE K 739 -6.76 -5.03 32.40
C ILE K 739 -5.38 -5.39 31.89
N CYS K 740 -4.34 -5.03 32.64
CA CYS K 740 -2.98 -5.38 32.29
C CYS K 740 -2.11 -5.29 33.54
N GLY K 741 -1.51 -6.42 33.93
CA GLY K 741 -0.67 -6.48 35.10
C GLY K 741 0.81 -6.47 34.72
N ASP K 742 1.62 -5.82 35.54
CA ASP K 742 3.06 -5.77 35.37
C ASP K 742 3.45 -5.16 34.03
N SER K 743 2.92 -3.96 33.78
CA SER K 743 3.24 -3.21 32.56
C SER K 743 3.05 -1.73 32.87
N THR K 744 4.16 -1.02 33.06
CA THR K 744 4.08 0.39 33.44
C THR K 744 3.53 1.24 32.31
N GLU K 745 3.87 0.92 31.06
CA GLU K 745 3.42 1.73 29.94
C GLU K 745 1.94 1.47 29.63
N CYS K 746 1.45 0.27 29.90
CA CYS K 746 0.03 0.00 29.72
C CYS K 746 -0.81 0.83 30.68
N SER K 747 -0.33 1.06 31.89
CA SER K 747 -1.04 1.93 32.83
C SER K 747 -1.14 3.34 32.28
N ASN K 748 -0.06 3.84 31.68
CA ASN K 748 -0.11 5.17 31.07
C ASN K 748 -1.07 5.19 29.89
N LEU K 749 -1.07 4.15 29.07
CA LEU K 749 -1.99 4.10 27.94
C LEU K 749 -3.45 4.05 28.39
N LEU K 750 -3.73 3.31 29.46
CA LEU K 750 -5.09 3.21 29.96
C LEU K 750 -5.61 4.55 30.48
N LEU K 751 -4.73 5.44 30.94
CA LEU K 751 -5.17 6.74 31.44
C LEU K 751 -5.82 7.58 30.35
N GLN K 752 -5.62 7.25 29.09
CA GLN K 752 -6.20 8.00 27.98
C GLN K 752 -7.65 7.68 27.73
N TYR K 753 -8.22 6.71 28.45
CA TYR K 753 -9.59 6.26 28.23
C TYR K 753 -10.58 6.92 29.17
N GLY K 754 -10.18 7.97 29.88
CA GLY K 754 -11.09 8.67 30.76
C GLY K 754 -11.37 7.87 32.03
N SER K 755 -12.57 8.09 32.58
CA SER K 755 -12.98 7.47 33.84
C SER K 755 -13.80 6.24 33.52
N PHE K 756 -13.12 5.10 33.38
CA PHE K 756 -13.78 3.82 33.18
C PHE K 756 -13.64 2.91 34.39
N CYS K 757 -13.04 3.40 35.47
CA CYS K 757 -12.87 2.62 36.69
C CYS K 757 -13.56 3.20 37.91
N THR K 758 -13.91 4.48 37.89
CA THR K 758 -14.60 5.07 39.04
C THR K 758 -16.03 4.56 39.14
N GLN K 759 -16.74 4.52 38.01
CA GLN K 759 -18.14 4.10 38.04
C GLN K 759 -18.26 2.62 38.40
N LEU K 760 -17.33 1.80 37.92
CA LEU K 760 -17.35 0.39 38.26
C LEU K 760 -17.17 0.19 39.76
N LYS K 761 -16.20 0.87 40.35
CA LYS K 761 -15.96 0.76 41.78
C LYS K 761 -17.16 1.29 42.57
N ARG K 762 -17.75 2.39 42.12
CA ARG K 762 -18.92 2.94 42.81
C ARG K 762 -20.09 1.95 42.76
N ALA K 763 -20.32 1.33 41.61
CA ALA K 763 -21.40 0.35 41.51
C ALA K 763 -21.15 -0.84 42.43
N LEU K 764 -19.93 -1.34 42.47
CA LEU K 764 -19.63 -2.48 43.33
C LEU K 764 -19.80 -2.13 44.81
N THR K 765 -19.34 -0.93 45.21
CA THR K 765 -19.53 -0.50 46.60
C THR K 765 -21.00 -0.35 46.94
N GLY K 766 -21.79 0.21 46.02
CA GLY K 766 -23.22 0.29 46.26
C GLY K 766 -23.86 -1.07 46.41
N ILE K 767 -23.45 -2.03 45.59
CA ILE K 767 -23.98 -3.39 45.70
C ILE K 767 -23.62 -3.99 47.06
N ALA K 768 -22.38 -3.79 47.51
CA ALA K 768 -21.97 -4.31 48.82
C ALA K 768 -22.78 -3.68 49.96
N VAL K 769 -22.96 -2.37 49.90
CA VAL K 769 -23.71 -1.69 50.95
C VAL K 769 -25.15 -2.18 50.99
N GLU K 770 -25.75 -2.37 49.80
CA GLU K 770 -27.10 -2.89 49.75
C GLU K 770 -27.17 -4.31 50.28
N GLN K 771 -26.13 -5.11 50.04
CA GLN K 771 -26.08 -6.46 50.59
C GLN K 771 -26.10 -6.42 52.11
N ASP K 772 -25.34 -5.52 52.72
CA ASP K 772 -25.39 -5.39 54.18
C ASP K 772 -26.76 -4.91 54.65
N LYS K 773 -27.33 -3.93 53.94
CA LYS K 773 -28.62 -3.37 54.33
C LYS K 773 -29.73 -4.40 54.28
N ASN K 774 -29.64 -5.36 53.35
CA ASN K 774 -30.67 -6.40 53.27
C ASN K 774 -30.76 -7.19 54.56
N THR K 775 -29.63 -7.72 55.04
CA THR K 775 -29.62 -8.46 56.29
C THR K 775 -30.02 -7.58 57.45
N GLN K 776 -29.53 -6.33 57.48
CA GLN K 776 -29.88 -5.43 58.57
C GLN K 776 -31.38 -5.21 58.65
N GLU K 777 -32.04 -5.08 57.50
CA GLU K 777 -33.48 -4.88 57.49
C GLU K 777 -34.22 -6.15 57.86
N VAL K 778 -33.79 -7.30 57.35
CA VAL K 778 -34.55 -8.53 57.56
C VAL K 778 -34.49 -8.96 59.02
N PHE K 779 -33.29 -8.96 59.62
CA PHE K 779 -33.14 -9.58 60.93
C PHE K 779 -33.25 -8.61 62.09
N ALA K 780 -32.64 -7.43 62.01
CA ALA K 780 -32.64 -6.48 63.13
C ALA K 780 -34.00 -5.80 63.20
N GLN K 781 -34.96 -6.53 63.77
CA GLN K 781 -36.32 -6.04 63.96
C GLN K 781 -36.70 -5.79 65.40
N VAL K 782 -35.88 -6.24 66.37
CA VAL K 782 -36.18 -6.09 67.78
C VAL K 782 -35.05 -5.32 68.45
N LYS K 783 -35.39 -4.38 69.31
CA LYS K 783 -34.42 -3.58 70.02
C LYS K 783 -34.07 -4.14 71.39
N GLN K 784 -34.60 -5.31 71.74
CA GLN K 784 -34.30 -5.98 73.00
C GLN K 784 -33.82 -7.38 72.72
N ILE K 785 -32.97 -7.90 73.59
CA ILE K 785 -32.46 -9.26 73.48
C ILE K 785 -33.06 -10.05 74.64
N TYR K 786 -34.12 -10.79 74.36
CA TYR K 786 -34.80 -11.56 75.39
C TYR K 786 -34.11 -12.89 75.62
N LYS K 787 -34.32 -13.45 76.80
CA LYS K 787 -33.78 -14.75 77.18
C LYS K 787 -34.91 -15.65 77.63
N THR K 788 -34.87 -16.90 77.19
CA THR K 788 -35.86 -17.88 77.62
C THR K 788 -35.65 -18.23 79.09
N PRO K 789 -36.73 -18.50 79.82
CA PRO K 789 -36.58 -18.92 81.21
C PRO K 789 -35.87 -20.25 81.29
N PRO K 790 -35.17 -20.52 82.40
CA PRO K 790 -34.44 -21.80 82.51
C PRO K 790 -35.33 -23.02 82.40
N ILE K 791 -36.56 -22.96 82.87
CA ILE K 791 -37.49 -24.08 82.76
C ILE K 791 -38.05 -24.11 81.35
N LYS K 792 -37.91 -25.25 80.68
CA LYS K 792 -38.33 -25.41 79.29
C LYS K 792 -39.65 -26.17 79.18
N TYR K 793 -40.56 -25.92 80.12
CA TYR K 793 -41.90 -26.50 80.10
C TYR K 793 -42.88 -25.43 79.65
N PHE K 794 -43.50 -25.63 78.49
CA PHE K 794 -44.47 -24.70 77.93
C PHE K 794 -45.73 -25.48 77.55
N GLY K 795 -46.60 -25.71 78.52
CA GLY K 795 -47.88 -26.35 78.26
C GLY K 795 -47.78 -27.73 77.64
N GLY K 796 -46.64 -28.40 77.77
CA GLY K 796 -46.43 -29.70 77.17
C GLY K 796 -45.79 -29.68 75.80
N PHE K 797 -45.59 -28.51 75.20
CA PHE K 797 -44.91 -28.42 73.92
C PHE K 797 -43.41 -28.51 74.11
N ASN K 798 -42.73 -29.19 73.19
CA ASN K 798 -41.29 -29.42 73.28
C ASN K 798 -40.59 -28.56 72.23
N PHE K 799 -39.71 -27.67 72.70
CA PHE K 799 -38.99 -26.74 71.83
C PHE K 799 -37.48 -26.98 71.85
N SER K 800 -37.05 -28.18 72.24
CA SER K 800 -35.63 -28.46 72.34
C SER K 800 -34.93 -28.47 70.99
N GLN K 801 -35.65 -28.72 69.91
CA GLN K 801 -35.04 -28.84 68.58
C GLN K 801 -34.79 -27.49 67.92
N ILE K 802 -35.38 -26.41 68.42
CA ILE K 802 -35.19 -25.09 67.82
C ILE K 802 -34.57 -24.08 68.75
N LEU K 803 -34.64 -24.26 70.07
CA LEU K 803 -33.99 -23.33 70.98
C LEU K 803 -32.49 -23.60 71.01
N PRO K 804 -31.68 -22.55 71.20
CA PRO K 804 -30.22 -22.74 71.24
C PRO K 804 -29.79 -23.50 72.47
N ASP K 805 -28.65 -24.18 72.36
CA ASP K 805 -28.06 -24.91 73.48
C ASP K 805 -26.64 -24.43 73.73
N PRO K 806 -26.21 -24.35 74.98
CA PRO K 806 -24.87 -23.85 75.30
C PRO K 806 -23.75 -24.87 75.16
N SER K 807 -24.01 -26.03 74.59
CA SER K 807 -23.01 -27.08 74.46
C SER K 807 -22.17 -26.94 73.20
N LYS K 808 -22.18 -25.79 72.56
CA LYS K 808 -21.42 -25.56 71.33
C LYS K 808 -20.83 -24.16 71.37
N PRO K 809 -19.69 -23.95 70.69
CA PRO K 809 -19.12 -22.59 70.62
C PRO K 809 -20.05 -21.60 69.96
N SER K 810 -20.84 -22.04 68.99
CA SER K 810 -21.86 -21.20 68.36
C SER K 810 -23.22 -21.57 68.94
N LYS K 811 -23.92 -20.58 69.48
CA LYS K 811 -25.21 -20.82 70.14
C LYS K 811 -26.26 -21.07 69.06
N ARG K 812 -26.27 -22.31 68.57
CA ARG K 812 -27.09 -22.71 67.44
C ARG K 812 -27.90 -23.95 67.79
N SER K 813 -29.12 -24.03 67.27
CA SER K 813 -29.96 -25.18 67.53
C SER K 813 -29.58 -26.33 66.60
N PHE K 814 -30.29 -27.46 66.75
CA PHE K 814 -30.02 -28.63 65.95
C PHE K 814 -30.36 -28.39 64.47
N ILE K 815 -31.51 -27.78 64.22
CA ILE K 815 -31.94 -27.55 62.85
C ILE K 815 -31.01 -26.60 62.14
N GLU K 816 -30.54 -25.56 62.83
CA GLU K 816 -29.59 -24.63 62.22
C GLU K 816 -28.29 -25.33 61.86
N ASP K 817 -27.83 -26.24 62.72
CA ASP K 817 -26.62 -27.00 62.40
C ASP K 817 -26.83 -27.90 61.19
N LEU K 818 -28.00 -28.54 61.11
CA LEU K 818 -28.28 -29.37 59.94
C LEU K 818 -28.30 -28.52 58.66
N LEU K 819 -28.91 -27.34 58.72
CA LEU K 819 -28.97 -26.47 57.54
C LEU K 819 -27.58 -26.00 57.13
N PHE K 820 -26.76 -25.59 58.10
CA PHE K 820 -25.40 -25.18 57.77
C PHE K 820 -24.59 -26.32 57.17
N ASN K 821 -24.73 -27.53 57.72
CA ASN K 821 -24.02 -28.66 57.13
C ASN K 821 -24.51 -28.94 55.71
N LYS K 822 -25.82 -28.80 55.46
CA LYS K 822 -26.33 -29.02 54.11
C LYS K 822 -25.79 -27.99 53.13
N VAL K 823 -25.70 -26.73 53.53
CA VAL K 823 -25.33 -25.66 52.58
C VAL K 823 -23.83 -25.46 52.47
N THR K 824 -23.04 -25.89 53.45
CA THR K 824 -21.59 -25.60 53.49
C THR K 824 -20.81 -26.26 52.37
N LEU K 825 -21.48 -26.90 51.40
CA LEU K 825 -20.76 -27.50 50.27
C LEU K 825 -19.92 -26.45 49.55
N ALA K 826 -20.47 -25.26 49.35
CA ALA K 826 -19.73 -24.13 48.82
C ALA K 826 -20.12 -22.86 49.56
N ASP K 827 -19.11 -22.05 49.87
CA ASP K 827 -19.25 -20.80 50.61
C ASP K 827 -18.15 -19.86 50.12
N ALA K 828 -17.97 -18.74 50.84
CA ALA K 828 -16.91 -17.80 50.49
C ALA K 828 -15.53 -18.44 50.63
N GLY K 829 -15.33 -19.25 51.66
CA GLY K 829 -14.05 -19.87 51.91
C GLY K 829 -13.73 -19.93 53.38
N PHE K 830 -14.43 -19.11 54.17
CA PHE K 830 -14.31 -19.08 55.63
C PHE K 830 -12.95 -18.56 56.08
N ILE K 831 -12.06 -18.29 55.14
CA ILE K 831 -10.75 -17.72 55.44
C ILE K 831 -10.44 -16.65 54.39
N LYS K 832 -9.99 -15.49 54.86
CA LYS K 832 -9.61 -14.41 53.96
C LYS K 832 -8.32 -13.72 54.42
N GLN K 833 -7.48 -14.42 55.19
CA GLN K 833 -6.29 -13.81 55.78
C GLN K 833 -5.04 -13.97 54.96
N TYR K 834 -5.10 -14.65 53.81
CA TYR K 834 -3.99 -14.86 52.89
C TYR K 834 -2.94 -15.77 53.49
N GLY K 835 -3.10 -16.20 54.75
CA GLY K 835 -2.10 -17.03 55.38
C GLY K 835 -1.92 -18.37 54.72
N ASP K 836 -3.03 -19.01 54.32
CA ASP K 836 -2.96 -20.31 53.68
C ASP K 836 -2.73 -20.24 52.17
N CYS K 837 -2.79 -19.04 51.58
CA CYS K 837 -2.60 -18.89 50.13
C CYS K 837 -1.11 -18.82 49.82
N LEU K 838 -0.52 -20.01 49.72
CA LEU K 838 0.90 -20.18 49.39
C LEU K 838 1.80 -19.40 50.35
N ASP K 845 -7.15 -24.32 45.89
CA ASP K 845 -6.36 -23.80 44.80
C ASP K 845 -7.24 -23.13 43.76
N LEU K 846 -8.36 -22.58 44.22
CA LEU K 846 -9.29 -21.86 43.35
C LEU K 846 -9.42 -20.40 43.73
N ILE K 847 -9.51 -20.09 45.03
CA ILE K 847 -9.62 -18.70 45.45
C ILE K 847 -8.34 -17.93 45.14
N CYS K 848 -7.18 -18.57 45.28
CA CYS K 848 -5.91 -17.89 44.99
C CYS K 848 -5.79 -17.54 43.51
N ALA K 849 -6.29 -18.40 42.63
CA ALA K 849 -6.22 -18.10 41.20
C ALA K 849 -6.97 -16.82 40.86
N GLN K 850 -8.16 -16.64 41.43
CA GLN K 850 -8.89 -15.40 41.24
C GLN K 850 -8.24 -14.23 41.97
N LYS K 851 -7.65 -14.48 43.14
CA LYS K 851 -7.03 -13.41 43.91
C LYS K 851 -5.82 -12.83 43.17
N PHE K 852 -5.11 -13.67 42.43
CA PHE K 852 -3.94 -13.19 41.70
C PHE K 852 -4.28 -12.29 40.53
N LYS K 853 -5.56 -12.09 40.22
CA LYS K 853 -5.97 -11.20 39.15
C LYS K 853 -6.85 -10.07 39.68
N GLY K 854 -6.68 -9.70 40.94
CA GLY K 854 -7.42 -8.61 41.53
C GLY K 854 -8.92 -8.83 41.65
N LEU K 855 -9.33 -10.02 42.11
CA LEU K 855 -10.74 -10.35 42.31
C LEU K 855 -10.90 -10.85 43.74
N THR K 856 -11.29 -9.97 44.64
CA THR K 856 -11.37 -10.28 46.05
C THR K 856 -12.82 -10.37 46.51
N VAL K 857 -13.00 -10.84 47.75
CA VAL K 857 -14.31 -10.98 48.37
C VAL K 857 -14.27 -10.30 49.73
N LEU K 858 -15.24 -9.42 49.99
CA LEU K 858 -15.22 -8.76 51.29
C LEU K 858 -16.10 -9.51 52.29
N PRO K 859 -15.69 -9.57 53.55
CA PRO K 859 -16.48 -10.30 54.54
C PRO K 859 -17.75 -9.55 54.90
N PRO K 860 -18.81 -10.26 55.30
CA PRO K 860 -20.04 -9.58 55.69
C PRO K 860 -19.87 -8.82 56.99
N LEU K 861 -20.67 -7.78 57.16
CA LEU K 861 -20.61 -6.97 58.38
C LEU K 861 -21.04 -7.76 59.60
N LEU K 862 -22.10 -8.57 59.47
CA LEU K 862 -22.62 -9.35 60.58
C LEU K 862 -22.19 -10.81 60.44
N THR K 863 -21.58 -11.34 61.48
CA THR K 863 -21.17 -12.73 61.49
C THR K 863 -22.37 -13.63 61.77
N ASP K 864 -22.11 -14.94 61.84
CA ASP K 864 -23.19 -15.90 62.06
C ASP K 864 -23.72 -15.84 63.48
N GLU K 865 -22.86 -15.56 64.47
CA GLU K 865 -23.28 -15.59 65.86
C GLU K 865 -24.33 -14.52 66.14
N MET K 866 -24.17 -13.32 65.57
CA MET K 866 -25.13 -12.25 65.80
C MET K 866 -26.49 -12.60 65.18
N ILE K 867 -26.48 -13.19 63.99
CA ILE K 867 -27.74 -13.63 63.38
C ILE K 867 -28.41 -14.70 64.23
N ALA K 868 -27.62 -15.63 64.75
CA ALA K 868 -28.18 -16.65 65.64
C ALA K 868 -28.76 -16.02 66.89
N GLN K 869 -28.11 -15.00 67.43
CA GLN K 869 -28.63 -14.32 68.61
C GLN K 869 -29.95 -13.63 68.31
N TYR K 870 -30.05 -12.98 67.15
CA TYR K 870 -31.32 -12.37 66.75
C TYR K 870 -32.42 -13.40 66.63
N THR K 871 -32.12 -14.54 66.00
CA THR K 871 -33.14 -15.58 65.86
C THR K 871 -33.57 -16.11 67.23
N SER K 872 -32.61 -16.32 68.13
CA SER K 872 -32.96 -16.80 69.47
C SER K 872 -33.81 -15.77 70.22
N ALA K 873 -33.47 -14.49 70.08
CA ALA K 873 -34.27 -13.45 70.73
C ALA K 873 -35.69 -13.43 70.21
N LEU K 874 -35.85 -13.55 68.88
CA LEU K 874 -37.19 -13.58 68.31
C LEU K 874 -37.97 -14.80 68.80
N LEU K 875 -37.31 -15.96 68.85
CA LEU K 875 -37.98 -17.16 69.35
C LEU K 875 -38.44 -17.00 70.79
N ALA K 876 -37.54 -16.50 71.66
CA ALA K 876 -37.91 -16.32 73.06
C ALA K 876 -39.04 -15.32 73.21
N GLY K 877 -39.00 -14.23 72.45
CA GLY K 877 -40.07 -13.24 72.52
C GLY K 877 -41.41 -13.80 72.10
N THR K 878 -41.44 -14.52 70.96
CA THR K 878 -42.72 -15.03 70.46
C THR K 878 -43.21 -16.19 71.31
N ILE K 879 -42.33 -16.84 72.07
CA ILE K 879 -42.77 -17.92 72.94
C ILE K 879 -43.34 -17.37 74.25
N THR K 880 -42.63 -16.43 74.88
CA THR K 880 -43.02 -15.95 76.20
C THR K 880 -43.96 -14.74 76.16
N SER K 881 -44.22 -14.16 74.99
CA SER K 881 -45.07 -12.98 74.96
C SER K 881 -46.23 -13.09 73.97
N GLY K 882 -46.02 -13.75 72.84
CA GLY K 882 -47.03 -13.81 71.81
C GLY K 882 -46.81 -12.80 70.71
N TRP K 883 -47.72 -11.85 70.56
CA TRP K 883 -47.58 -10.78 69.59
C TRP K 883 -47.48 -9.40 70.23
N THR K 884 -47.50 -9.33 71.57
CA THR K 884 -47.48 -8.03 72.24
C THR K 884 -46.12 -7.35 72.11
N PHE K 885 -45.04 -8.13 72.00
CA PHE K 885 -43.72 -7.54 71.91
C PHE K 885 -43.45 -6.90 70.56
N GLY K 886 -44.31 -7.14 69.58
CA GLY K 886 -44.18 -6.52 68.27
C GLY K 886 -44.78 -5.14 68.16
N ALA K 887 -45.46 -4.65 69.19
CA ALA K 887 -46.09 -3.35 69.17
C ALA K 887 -45.90 -2.58 70.48
N GLY K 888 -44.85 -2.88 71.22
CA GLY K 888 -44.59 -2.21 72.48
C GLY K 888 -43.78 -3.12 73.39
N ALA K 889 -43.91 -2.88 74.69
CA ALA K 889 -43.21 -3.69 75.68
C ALA K 889 -43.78 -5.10 75.73
N ALA K 890 -42.92 -6.08 75.99
CA ALA K 890 -43.34 -7.46 76.06
C ALA K 890 -44.15 -7.71 77.33
N LEU K 891 -45.29 -8.40 77.18
CA LEU K 891 -46.13 -8.77 78.30
C LEU K 891 -46.24 -10.29 78.35
N GLN K 892 -45.94 -10.85 79.52
CA GLN K 892 -45.92 -12.30 79.67
C GLN K 892 -47.34 -12.86 79.70
N ILE K 893 -47.47 -14.12 79.28
CA ILE K 893 -48.76 -14.81 79.23
C ILE K 893 -48.48 -16.30 79.06
N PRO K 894 -49.20 -17.18 79.74
CA PRO K 894 -48.97 -18.62 79.57
C PRO K 894 -49.21 -19.06 78.15
N PHE K 895 -48.47 -20.09 77.73
CA PHE K 895 -48.53 -20.55 76.34
C PHE K 895 -49.90 -21.11 76.00
N ALA K 896 -50.54 -21.79 76.95
CA ALA K 896 -51.82 -22.43 76.67
C ALA K 896 -52.89 -21.41 76.29
N MET K 897 -52.98 -20.31 77.03
CA MET K 897 -53.99 -19.31 76.71
C MET K 897 -53.67 -18.60 75.40
N GLN K 898 -52.38 -18.41 75.10
CA GLN K 898 -52.02 -17.83 73.81
C GLN K 898 -52.46 -18.72 72.66
N MET K 899 -52.25 -20.03 72.80
CA MET K 899 -52.72 -20.95 71.76
C MET K 899 -54.24 -20.94 71.66
N ALA K 900 -54.93 -20.85 72.81
CA ALA K 900 -56.39 -20.79 72.80
C ALA K 900 -56.88 -19.55 72.07
N TYR K 901 -56.21 -18.42 72.28
CA TYR K 901 -56.61 -17.19 71.62
C TYR K 901 -56.30 -17.25 70.13
N ARG K 902 -55.21 -17.93 69.76
CA ARG K 902 -54.91 -18.12 68.35
C ARG K 902 -55.98 -18.97 67.67
N PHE K 903 -56.46 -20.03 68.33
CA PHE K 903 -57.62 -20.74 67.79
C PHE K 903 -58.85 -19.85 67.72
N ASN K 904 -59.10 -19.05 68.76
CA ASN K 904 -60.27 -18.18 68.74
C ASN K 904 -60.21 -17.19 67.59
N GLY K 905 -59.00 -16.84 67.15
CA GLY K 905 -58.87 -15.91 66.04
C GLY K 905 -59.20 -16.49 64.68
N ILE K 906 -59.37 -17.81 64.56
CA ILE K 906 -59.66 -18.44 63.28
C ILE K 906 -61.06 -19.06 63.26
N GLY K 907 -61.88 -18.78 64.26
CA GLY K 907 -63.25 -19.22 64.25
C GLY K 907 -63.56 -20.48 65.04
N VAL K 908 -62.64 -20.95 65.88
CA VAL K 908 -62.85 -22.13 66.71
C VAL K 908 -62.77 -21.70 68.17
N THR K 909 -63.79 -22.05 68.95
CA THR K 909 -63.82 -21.66 70.35
C THR K 909 -62.72 -22.35 71.13
N GLN K 910 -62.26 -21.68 72.19
CA GLN K 910 -61.07 -22.10 72.93
C GLN K 910 -61.29 -23.36 73.76
N ASN K 911 -62.55 -23.73 74.02
CA ASN K 911 -62.79 -24.97 74.75
C ASN K 911 -62.26 -26.18 73.98
N VAL K 912 -62.16 -26.06 72.66
CA VAL K 912 -61.57 -27.14 71.86
C VAL K 912 -60.12 -27.37 72.28
N LEU K 913 -59.35 -26.29 72.41
CA LEU K 913 -57.99 -26.43 72.90
C LEU K 913 -57.97 -26.93 74.34
N TYR K 914 -58.79 -26.35 75.20
CA TYR K 914 -58.74 -26.73 76.61
C TYR K 914 -59.20 -28.16 76.84
N GLU K 915 -59.82 -28.79 75.84
CA GLU K 915 -60.18 -30.19 75.95
C GLU K 915 -59.27 -31.12 75.14
N ASN K 916 -58.52 -30.61 74.16
CA ASN K 916 -57.67 -31.44 73.32
C ASN K 916 -56.21 -31.02 73.38
N GLN K 917 -55.80 -30.39 74.50
CA GLN K 917 -54.43 -29.93 74.65
C GLN K 917 -53.43 -31.06 74.49
N LYS K 918 -53.68 -32.22 75.10
CA LYS K 918 -52.72 -33.32 75.03
C LYS K 918 -52.55 -33.80 73.59
N LEU K 919 -53.66 -33.99 72.88
CA LEU K 919 -53.58 -34.45 71.50
C LEU K 919 -52.86 -33.43 70.62
N ILE K 920 -53.16 -32.14 70.82
CA ILE K 920 -52.52 -31.11 70.00
C ILE K 920 -51.03 -31.06 70.26
N ALA K 921 -50.63 -31.17 71.53
CA ALA K 921 -49.21 -31.18 71.86
C ALA K 921 -48.51 -32.39 71.25
N ASN K 922 -49.16 -33.56 71.29
CA ASN K 922 -48.56 -34.75 70.70
C ASN K 922 -48.39 -34.59 69.19
N GLN K 923 -49.40 -34.05 68.51
CA GLN K 923 -49.30 -33.84 67.08
C GLN K 923 -48.19 -32.86 66.73
N PHE K 924 -48.09 -31.77 67.49
CA PHE K 924 -47.03 -30.79 67.25
C PHE K 924 -45.65 -31.40 67.45
N ASN K 925 -45.48 -32.20 68.51
CA ASN K 925 -44.20 -32.85 68.75
C ASN K 925 -43.85 -33.81 67.62
N SER K 926 -44.82 -34.58 67.15
CA SER K 926 -44.56 -35.52 66.06
C SER K 926 -44.17 -34.78 64.78
N ALA K 927 -44.84 -33.67 64.48
CA ALA K 927 -44.49 -32.90 63.29
C ALA K 927 -43.08 -32.33 63.39
N ILE K 928 -42.73 -31.79 64.56
CA ILE K 928 -41.38 -31.27 64.75
C ILE K 928 -40.35 -32.37 64.57
N GLY K 929 -40.62 -33.55 65.13
CA GLY K 929 -39.70 -34.67 64.95
C GLY K 929 -39.57 -35.08 63.49
N LYS K 930 -40.67 -35.05 62.75
CA LYS K 930 -40.62 -35.42 61.34
C LYS K 930 -39.85 -34.41 60.50
N ILE K 931 -39.83 -33.14 60.92
CA ILE K 931 -39.08 -32.13 60.19
C ILE K 931 -37.60 -32.49 60.14
N GLN K 932 -37.05 -32.98 61.25
CA GLN K 932 -35.64 -33.34 61.29
C GLN K 932 -35.33 -34.47 60.31
N ASP K 933 -36.18 -35.49 60.27
CA ASP K 933 -35.97 -36.58 59.33
C ASP K 933 -36.09 -36.10 57.89
N SER K 934 -37.03 -35.21 57.62
CA SER K 934 -37.17 -34.67 56.27
C SER K 934 -35.93 -33.90 55.84
N LEU K 935 -35.36 -33.10 56.76
CA LEU K 935 -34.19 -32.30 56.39
C LEU K 935 -32.93 -33.16 56.30
N SER K 936 -32.82 -34.18 57.15
CA SER K 936 -31.63 -35.00 57.20
C SER K 936 -31.48 -35.92 55.99
N SER K 937 -32.51 -36.03 55.15
CA SER K 937 -32.43 -36.88 53.98
C SER K 937 -31.48 -36.29 52.94
N THR K 938 -30.94 -37.17 52.10
CA THR K 938 -30.04 -36.72 51.04
C THR K 938 -30.76 -35.84 50.02
N ALA K 939 -32.08 -36.00 49.89
CA ALA K 939 -32.84 -35.18 48.97
C ALA K 939 -32.99 -33.77 49.52
N SER K 940 -32.02 -32.91 49.21
CA SER K 940 -32.00 -31.56 49.74
C SER K 940 -32.93 -30.65 48.94
N ALA K 941 -33.80 -29.94 49.64
CA ALA K 941 -34.69 -28.96 49.03
C ALA K 941 -34.13 -27.55 49.08
N LEU K 942 -32.89 -27.39 49.54
CA LEU K 942 -32.27 -26.07 49.66
C LEU K 942 -31.54 -25.67 48.38
N GLY K 943 -32.24 -25.75 47.25
CA GLY K 943 -31.63 -25.38 45.99
C GLY K 943 -31.52 -23.87 45.79
N LYS K 944 -32.46 -23.11 46.34
CA LYS K 944 -32.46 -21.67 46.13
C LYS K 944 -31.19 -21.03 46.67
N LEU K 945 -30.72 -21.49 47.83
CA LEU K 945 -29.49 -20.95 48.40
C LEU K 945 -28.27 -21.39 47.60
N GLN K 946 -28.32 -22.57 46.99
CA GLN K 946 -27.16 -23.06 46.24
C GLN K 946 -27.02 -22.39 44.88
N ASP K 947 -28.14 -22.03 44.24
CA ASP K 947 -28.06 -21.41 42.92
C ASP K 947 -27.33 -20.07 42.97
N VAL K 948 -27.49 -19.32 44.05
CA VAL K 948 -26.81 -18.03 44.16
C VAL K 948 -25.30 -18.22 44.15
N VAL K 949 -24.81 -19.15 44.99
CA VAL K 949 -23.38 -19.41 45.05
C VAL K 949 -22.88 -19.93 43.71
N ASN K 950 -23.62 -20.84 43.10
CA ASN K 950 -23.20 -21.38 41.81
C ASN K 950 -23.10 -20.29 40.77
N HIS K 951 -24.09 -19.41 40.70
CA HIS K 951 -24.08 -18.33 39.71
C HIS K 951 -22.89 -17.40 39.93
N ASN K 952 -22.65 -17.01 41.18
CA ASN K 952 -21.55 -16.09 41.44
C ASN K 952 -20.20 -16.72 41.10
N ALA K 953 -19.97 -17.96 41.54
CA ALA K 953 -18.71 -18.63 41.26
C ALA K 953 -18.52 -18.83 39.76
N GLN K 954 -19.57 -19.26 39.05
CA GLN K 954 -19.47 -19.48 37.61
C GLN K 954 -19.18 -18.18 36.86
N ALA K 955 -19.83 -17.08 37.26
CA ALA K 955 -19.56 -15.80 36.63
C ALA K 955 -18.11 -15.36 36.85
N LEU K 956 -17.61 -15.52 38.08
CA LEU K 956 -16.21 -15.17 38.33
C LEU K 956 -15.27 -16.03 37.50
N ASN K 957 -15.59 -17.32 37.37
CA ASN K 957 -14.75 -18.22 36.59
C ASN K 957 -14.72 -17.82 35.11
N THR K 958 -15.88 -17.47 34.54
CA THR K 958 -15.87 -17.07 33.14
C THR K 958 -15.18 -15.72 32.95
N LEU K 959 -15.27 -14.82 33.93
CA LEU K 959 -14.54 -13.57 33.85
C LEU K 959 -13.03 -13.81 33.84
N VAL K 960 -12.57 -14.75 34.67
CA VAL K 960 -11.15 -15.09 34.67
C VAL K 960 -10.76 -15.74 33.34
N LYS K 961 -11.58 -16.65 32.84
CA LYS K 961 -11.26 -17.37 31.61
C LYS K 961 -11.26 -16.46 30.38
N GLN K 962 -12.00 -15.35 30.44
CA GLN K 962 -12.07 -14.44 29.30
C GLN K 962 -10.73 -13.81 28.93
N LEU K 963 -9.73 -13.88 29.82
CA LEU K 963 -8.43 -13.28 29.50
C LEU K 963 -7.73 -14.00 28.37
N SER K 964 -8.17 -15.21 28.01
CA SER K 964 -7.51 -16.00 26.99
C SER K 964 -7.74 -15.50 25.57
N SER K 965 -8.79 -14.71 25.34
CA SER K 965 -9.11 -14.28 23.99
C SER K 965 -8.08 -13.28 23.48
N LYS K 966 -7.62 -13.50 22.25
CA LYS K 966 -6.65 -12.61 21.64
C LYS K 966 -7.27 -11.31 21.14
N PHE K 967 -8.60 -11.28 20.97
CA PHE K 967 -9.31 -10.09 20.52
C PHE K 967 -8.79 -9.57 19.18
N GLY K 968 -8.25 -10.46 18.36
CA GLY K 968 -7.77 -10.08 17.04
C GLY K 968 -6.37 -9.51 16.99
N ALA K 969 -5.67 -9.46 18.12
CA ALA K 969 -4.29 -9.01 18.13
C ALA K 969 -3.36 -10.19 17.80
N ILE K 970 -2.06 -9.93 17.84
CA ILE K 970 -1.10 -11.00 17.56
C ILE K 970 -1.08 -12.00 18.71
N SER K 971 -1.01 -11.51 19.96
CA SER K 971 -0.90 -12.38 21.13
C SER K 971 -1.74 -11.82 22.25
N SER K 972 -2.09 -12.68 23.19
CA SER K 972 -2.85 -12.27 24.37
C SER K 972 -1.96 -11.89 25.54
N VAL K 973 -0.64 -11.93 25.38
CA VAL K 973 0.30 -11.64 26.44
C VAL K 973 0.95 -10.29 26.16
N LEU K 974 1.02 -9.44 27.20
CA LEU K 974 1.44 -8.06 26.99
C LEU K 974 2.93 -7.95 26.73
N ASN K 975 3.74 -8.66 27.52
CA ASN K 975 5.18 -8.45 27.50
C ASN K 975 5.77 -8.79 26.13
N ASP K 976 5.35 -9.91 25.56
CA ASP K 976 5.85 -10.27 24.23
C ASP K 976 5.43 -9.25 23.19
N ILE K 977 4.17 -8.81 23.24
CA ILE K 977 3.69 -7.89 22.19
C ILE K 977 4.37 -6.53 22.30
N PHE K 978 4.85 -6.15 23.50
CA PHE K 978 5.73 -4.98 23.53
C PHE K 978 7.11 -5.31 22.99
N SER K 979 7.68 -6.46 23.38
CA SER K 979 9.05 -6.77 22.96
C SER K 979 9.15 -7.15 21.49
N ARG K 980 8.10 -7.73 20.92
CA ARG K 980 8.16 -8.31 19.58
C ARG K 980 7.77 -7.34 18.48
N LEU K 981 7.35 -6.11 18.81
CA LEU K 981 6.76 -5.23 17.83
C LEU K 981 7.24 -3.80 18.05
N ASP K 982 7.15 -3.01 16.98
CA ASP K 982 7.55 -1.62 16.87
C ASP K 982 6.44 -0.73 17.44
N PRO K 983 6.78 0.26 18.26
CA PRO K 983 5.76 0.96 19.08
C PRO K 983 4.59 1.53 18.29
N PRO K 984 4.78 2.07 17.09
CA PRO K 984 3.62 2.63 16.36
C PRO K 984 2.46 1.66 16.18
N GLU K 985 2.72 0.37 15.92
CA GLU K 985 1.66 -0.62 15.89
C GLU K 985 1.30 -1.17 17.26
N ALA K 986 2.23 -1.09 18.22
CA ALA K 986 1.92 -1.50 19.58
C ALA K 986 0.75 -0.71 20.14
N GLU K 987 0.62 0.56 19.76
CA GLU K 987 -0.49 1.37 20.28
C GLU K 987 -1.83 0.75 19.93
N VAL K 988 -2.05 0.46 18.64
CA VAL K 988 -3.34 -0.09 18.23
C VAL K 988 -3.51 -1.52 18.76
N GLN K 989 -2.42 -2.30 18.79
CA GLN K 989 -2.54 -3.66 19.29
C GLN K 989 -2.96 -3.67 20.76
N ILE K 990 -2.40 -2.77 21.56
CA ILE K 990 -2.79 -2.66 22.96
C ILE K 990 -4.21 -2.11 23.08
N ASP K 991 -4.59 -1.16 22.22
CA ASP K 991 -5.91 -0.57 22.31
C ASP K 991 -7.01 -1.61 22.08
N ARG K 992 -6.78 -2.54 21.15
CA ARG K 992 -7.79 -3.56 20.89
C ARG K 992 -8.03 -4.42 22.12
N LEU K 993 -6.96 -4.88 22.77
CA LEU K 993 -7.10 -5.68 23.98
C LEU K 993 -7.76 -4.89 25.10
N ILE K 994 -7.39 -3.62 25.24
CA ILE K 994 -7.98 -2.79 26.29
C ILE K 994 -9.48 -2.67 26.09
N THR K 995 -9.91 -2.42 24.86
CA THR K 995 -11.34 -2.31 24.58
C THR K 995 -12.06 -3.62 24.86
N GLY K 996 -11.47 -4.75 24.46
CA GLY K 996 -12.11 -6.02 24.74
C GLY K 996 -12.30 -6.28 26.21
N ARG K 997 -11.25 -6.02 27.01
CA ARG K 997 -11.35 -6.28 28.44
C ARG K 997 -12.32 -5.32 29.12
N LEU K 998 -12.36 -4.06 28.67
CA LEU K 998 -13.37 -3.14 29.20
C LEU K 998 -14.77 -3.64 28.90
N GLN K 999 -15.00 -4.17 27.69
CA GLN K 999 -16.31 -4.72 27.37
C GLN K 999 -16.67 -5.87 28.31
N SER K 1000 -15.70 -6.76 28.56
CA SER K 1000 -15.97 -7.87 29.47
C SER K 1000 -16.34 -7.38 30.87
N LEU K 1001 -15.58 -6.41 31.39
CA LEU K 1001 -15.87 -5.89 32.72
C LEU K 1001 -17.25 -5.23 32.78
N GLN K 1002 -17.62 -4.48 31.74
CA GLN K 1002 -18.92 -3.83 31.73
C GLN K 1002 -20.04 -4.86 31.72
N THR K 1003 -19.90 -5.92 30.93
CA THR K 1003 -20.92 -6.96 30.92
C THR K 1003 -21.06 -7.61 32.29
N TYR K 1004 -19.93 -7.89 32.94
CA TYR K 1004 -19.97 -8.48 34.27
C TYR K 1004 -20.70 -7.58 35.26
N VAL K 1005 -20.39 -6.28 35.23
CA VAL K 1005 -21.03 -5.34 36.16
C VAL K 1005 -22.54 -5.28 35.91
N THR K 1006 -22.94 -5.24 34.63
CA THR K 1006 -24.36 -5.18 34.32
C THR K 1006 -25.10 -6.41 34.83
N GLN K 1007 -24.52 -7.59 34.62
CA GLN K 1007 -25.17 -8.80 35.12
C GLN K 1007 -25.25 -8.81 36.64
N GLN K 1008 -24.20 -8.32 37.32
CA GLN K 1008 -24.24 -8.27 38.78
C GLN K 1008 -25.35 -7.35 39.26
N LEU K 1009 -25.51 -6.18 38.65
CA LEU K 1009 -26.59 -5.29 39.06
C LEU K 1009 -27.95 -5.92 38.82
N ILE K 1010 -28.13 -6.59 37.68
CA ILE K 1010 -29.41 -7.22 37.38
C ILE K 1010 -29.75 -8.28 38.41
N ARG K 1011 -28.75 -9.09 38.80
CA ARG K 1011 -29.01 -10.09 39.84
C ARG K 1011 -29.31 -9.43 41.19
N ALA K 1012 -28.61 -8.35 41.52
CA ALA K 1012 -28.83 -7.68 42.79
C ALA K 1012 -30.25 -7.15 42.89
N ALA K 1013 -30.83 -6.74 41.78
CA ALA K 1013 -32.22 -6.26 41.81
C ALA K 1013 -33.17 -7.33 42.33
N GLU K 1014 -33.11 -8.53 41.76
CA GLU K 1014 -34.02 -9.58 42.20
C GLU K 1014 -33.68 -10.07 43.60
N ILE K 1015 -32.40 -10.02 43.97
CA ILE K 1015 -32.05 -10.36 45.36
C ILE K 1015 -32.70 -9.37 46.33
N ARG K 1016 -32.69 -8.08 45.98
CA ARG K 1016 -33.35 -7.08 46.81
C ARG K 1016 -34.85 -7.35 46.90
N ALA K 1017 -35.48 -7.71 45.78
CA ALA K 1017 -36.91 -8.01 45.82
C ALA K 1017 -37.20 -9.18 46.75
N SER K 1018 -36.40 -10.25 46.66
CA SER K 1018 -36.60 -11.41 47.53
C SER K 1018 -36.37 -11.04 48.99
N ALA K 1019 -35.38 -10.20 49.27
CA ALA K 1019 -35.12 -9.78 50.65
C ALA K 1019 -36.29 -8.98 51.21
N ASN K 1020 -36.86 -8.09 50.40
CA ASN K 1020 -38.03 -7.34 50.86
C ASN K 1020 -39.21 -8.25 51.14
N LEU K 1021 -39.44 -9.23 50.27
CA LEU K 1021 -40.52 -10.19 50.52
C LEU K 1021 -40.28 -10.96 51.81
N ALA K 1022 -39.04 -11.40 52.04
CA ALA K 1022 -38.73 -12.14 53.25
C ALA K 1022 -38.94 -11.28 54.49
N ALA K 1023 -38.53 -10.01 54.44
CA ALA K 1023 -38.73 -9.11 55.57
C ALA K 1023 -40.21 -8.92 55.86
N THR K 1024 -41.01 -8.73 54.82
CA THR K 1024 -42.45 -8.59 55.03
C THR K 1024 -43.05 -9.84 55.65
N LYS K 1025 -42.65 -11.01 55.16
CA LYS K 1025 -43.17 -12.26 55.73
C LYS K 1025 -42.77 -12.40 57.19
N MET K 1026 -41.53 -12.04 57.52
CA MET K 1026 -41.08 -12.11 58.91
C MET K 1026 -41.88 -11.17 59.80
N SER K 1027 -42.15 -9.97 59.31
CA SER K 1027 -42.87 -9.00 60.12
C SER K 1027 -44.34 -9.35 60.26
N GLU K 1028 -44.92 -10.06 59.29
CA GLU K 1028 -46.35 -10.33 59.32
C GLU K 1028 -46.72 -11.70 59.90
N CYS K 1029 -45.89 -12.72 59.73
CA CYS K 1029 -46.21 -14.06 60.19
C CYS K 1029 -45.65 -14.38 61.57
N VAL K 1030 -44.46 -13.88 61.89
CA VAL K 1030 -43.85 -14.21 63.18
C VAL K 1030 -44.35 -13.29 64.28
N LEU K 1031 -44.41 -11.99 64.00
CA LEU K 1031 -44.80 -11.00 65.01
C LEU K 1031 -46.31 -10.88 65.15
N GLY K 1032 -47.08 -11.64 64.39
CA GLY K 1032 -48.52 -11.57 64.51
C GLY K 1032 -49.19 -12.72 63.79
N GLN K 1033 -50.50 -12.63 63.66
CA GLN K 1033 -51.31 -13.62 62.96
C GLN K 1033 -51.90 -12.99 61.71
N SER K 1034 -51.78 -13.68 60.58
CA SER K 1034 -52.20 -13.16 59.29
C SER K 1034 -53.42 -13.91 58.78
N LYS K 1035 -54.41 -13.17 58.31
CA LYS K 1035 -55.62 -13.74 57.74
C LYS K 1035 -55.52 -13.95 56.24
N ARG K 1036 -54.40 -13.59 55.61
CA ARG K 1036 -54.24 -13.78 54.19
C ARG K 1036 -54.09 -15.27 53.88
N VAL K 1037 -54.87 -15.75 52.92
CA VAL K 1037 -54.87 -17.17 52.60
C VAL K 1037 -53.58 -17.52 51.87
N ASP K 1038 -52.94 -18.60 52.30
CA ASP K 1038 -51.74 -19.15 51.66
C ASP K 1038 -50.60 -18.13 51.62
N PHE K 1039 -50.51 -17.27 52.64
CA PHE K 1039 -49.37 -16.39 52.81
C PHE K 1039 -48.38 -16.96 53.81
N CYS K 1040 -48.82 -17.22 55.03
CA CYS K 1040 -47.99 -17.85 56.05
C CYS K 1040 -48.42 -19.31 56.17
N GLY K 1041 -47.88 -20.13 55.29
CA GLY K 1041 -48.18 -21.55 55.28
C GLY K 1041 -49.46 -21.87 54.53
N LYS K 1042 -49.74 -23.17 54.47
CA LYS K 1042 -50.91 -23.68 53.75
C LYS K 1042 -51.95 -24.13 54.77
N GLY K 1043 -53.14 -23.54 54.71
CA GLY K 1043 -54.19 -23.80 55.67
C GLY K 1043 -54.53 -22.57 56.48
N TYR K 1044 -54.91 -22.79 57.73
CA TYR K 1044 -55.20 -21.71 58.67
C TYR K 1044 -53.98 -21.45 59.52
N HIS K 1045 -53.40 -20.26 59.38
CA HIS K 1045 -52.15 -19.93 60.05
C HIS K 1045 -52.35 -19.79 61.55
N LEU K 1046 -51.39 -20.28 62.32
CA LEU K 1046 -51.37 -20.11 63.77
C LEU K 1046 -50.16 -19.31 64.24
N MET K 1047 -48.94 -19.75 63.91
CA MET K 1047 -47.73 -19.05 64.33
C MET K 1047 -46.58 -19.56 63.48
N SER K 1048 -45.46 -18.83 63.55
CA SER K 1048 -44.28 -19.17 62.78
C SER K 1048 -43.03 -18.99 63.64
N PHE K 1049 -41.97 -19.72 63.28
CA PHE K 1049 -40.71 -19.64 63.98
C PHE K 1049 -39.59 -19.48 62.95
N PRO K 1050 -38.73 -18.49 63.09
CA PRO K 1050 -37.66 -18.28 62.12
C PRO K 1050 -36.39 -19.05 62.45
N GLN K 1051 -35.64 -19.38 61.40
CA GLN K 1051 -34.37 -20.06 61.51
C GLN K 1051 -33.37 -19.43 60.55
N SER K 1052 -32.09 -19.52 60.89
CA SER K 1052 -31.04 -18.91 60.09
C SER K 1052 -30.40 -19.92 59.15
N ALA K 1053 -30.18 -19.51 57.91
CA ALA K 1053 -29.54 -20.30 56.87
C ALA K 1053 -28.51 -19.45 56.15
N PRO K 1054 -27.50 -20.07 55.55
CA PRO K 1054 -26.45 -19.30 54.87
C PRO K 1054 -27.01 -18.47 53.73
N HIS K 1055 -26.82 -17.15 53.84
CA HIS K 1055 -27.32 -16.20 52.84
C HIS K 1055 -28.82 -16.34 52.62
N GLY K 1056 -29.54 -16.64 53.69
CA GLY K 1056 -30.96 -16.90 53.57
C GLY K 1056 -31.60 -17.04 54.93
N VAL K 1057 -32.85 -17.49 54.92
CA VAL K 1057 -33.64 -17.63 56.14
C VAL K 1057 -34.68 -18.72 55.91
N VAL K 1058 -35.02 -19.44 56.98
CA VAL K 1058 -35.96 -20.56 56.93
C VAL K 1058 -37.08 -20.30 57.92
N PHE K 1059 -38.32 -20.46 57.46
CA PHE K 1059 -39.51 -20.30 58.28
C PHE K 1059 -40.14 -21.66 58.54
N LEU K 1060 -40.75 -21.81 59.71
CA LEU K 1060 -41.53 -22.99 60.06
C LEU K 1060 -42.95 -22.54 60.38
N HIS K 1061 -43.90 -22.89 59.50
CA HIS K 1061 -45.27 -22.45 59.63
C HIS K 1061 -46.11 -23.54 60.30
N VAL K 1062 -46.91 -23.16 61.29
CA VAL K 1062 -47.82 -24.06 61.98
C VAL K 1062 -49.23 -23.73 61.51
N THR K 1063 -49.95 -24.73 61.03
CA THR K 1063 -51.26 -24.53 60.43
C THR K 1063 -52.27 -25.50 61.01
N TYR K 1064 -53.54 -25.22 60.75
CA TYR K 1064 -54.67 -25.99 61.26
C TYR K 1064 -55.44 -26.54 60.07
N VAL K 1065 -55.53 -27.86 59.99
CA VAL K 1065 -56.12 -28.55 58.85
C VAL K 1065 -57.28 -29.41 59.33
N PRO K 1066 -58.50 -29.17 58.85
CA PRO K 1066 -59.64 -30.03 59.24
C PRO K 1066 -59.56 -31.39 58.59
N ALA K 1067 -60.29 -32.34 59.16
CA ALA K 1067 -60.32 -33.70 58.65
C ALA K 1067 -61.59 -34.39 59.13
N GLN K 1068 -61.90 -35.53 58.48
CA GLN K 1068 -63.01 -36.39 58.86
C GLN K 1068 -64.36 -35.68 58.82
N GLU K 1069 -64.80 -35.26 57.64
CA GLU K 1069 -66.10 -34.65 57.46
C GLU K 1069 -67.20 -35.71 57.45
N LYS K 1070 -68.45 -35.25 57.48
CA LYS K 1070 -69.61 -36.13 57.49
C LYS K 1070 -70.77 -35.48 56.74
N ASN K 1071 -71.63 -36.30 56.17
CA ASN K 1071 -72.87 -35.80 55.58
C ASN K 1071 -73.77 -35.19 56.64
N PHE K 1072 -74.51 -34.15 56.25
CA PHE K 1072 -75.49 -33.53 57.11
C PHE K 1072 -76.52 -32.82 56.24
N THR K 1073 -77.65 -32.49 56.85
CA THR K 1073 -78.72 -31.75 56.19
C THR K 1073 -78.88 -30.39 56.85
N THR K 1074 -79.00 -29.35 56.02
CA THR K 1074 -79.02 -27.98 56.51
C THR K 1074 -80.24 -27.25 55.98
N ALA K 1075 -80.63 -26.20 56.70
CA ALA K 1075 -81.72 -25.33 56.33
C ALA K 1075 -81.31 -23.88 56.57
N PRO K 1076 -81.83 -22.94 55.79
CA PRO K 1076 -81.41 -21.54 55.96
C PRO K 1076 -82.05 -20.88 57.17
N ALA K 1077 -83.29 -21.22 57.49
CA ALA K 1077 -84.02 -20.57 58.57
C ALA K 1077 -85.01 -21.55 59.18
N ILE K 1078 -85.47 -21.21 60.39
CA ILE K 1078 -86.41 -22.05 61.14
C ILE K 1078 -87.59 -21.19 61.55
N CYS K 1079 -88.80 -21.68 61.30
CA CYS K 1079 -90.03 -20.98 61.64
C CYS K 1079 -90.65 -21.61 62.86
N HIS K 1080 -90.95 -20.80 63.87
CA HIS K 1080 -91.53 -21.28 65.12
C HIS K 1080 -92.95 -20.78 65.36
N ASP K 1081 -93.15 -19.47 65.35
CA ASP K 1081 -94.44 -18.85 65.65
C ASP K 1081 -94.77 -17.80 64.61
N GLY K 1082 -94.62 -18.16 63.33
CA GLY K 1082 -94.78 -17.18 62.28
C GLY K 1082 -93.64 -16.19 62.19
N LYS K 1083 -92.47 -16.55 62.72
CA LYS K 1083 -91.31 -15.67 62.73
C LYS K 1083 -90.10 -16.44 62.23
N ALA K 1084 -89.20 -15.73 61.56
CA ALA K 1084 -87.99 -16.32 61.01
C ALA K 1084 -86.84 -16.19 62.00
N HIS K 1085 -86.15 -17.29 62.26
CA HIS K 1085 -85.03 -17.33 63.19
C HIS K 1085 -83.75 -17.64 62.43
N PHE K 1086 -82.70 -16.88 62.70
CA PHE K 1086 -81.41 -17.08 62.07
C PHE K 1086 -80.33 -17.29 63.13
N PRO K 1087 -79.35 -18.14 62.86
CA PRO K 1087 -78.28 -18.36 63.83
C PRO K 1087 -77.41 -17.12 64.01
N ARG K 1088 -76.81 -17.00 65.19
CA ARG K 1088 -75.91 -15.88 65.45
C ARG K 1088 -74.58 -16.09 64.75
N GLU K 1089 -73.84 -17.13 65.14
CA GLU K 1089 -72.55 -17.45 64.55
C GLU K 1089 -72.43 -18.95 64.29
N GLY K 1090 -73.48 -19.53 63.74
CA GLY K 1090 -73.48 -20.96 63.48
C GLY K 1090 -74.28 -21.38 62.28
N VAL K 1091 -74.47 -22.68 62.10
CA VAL K 1091 -75.25 -23.24 61.01
C VAL K 1091 -76.30 -24.17 61.60
N PHE K 1092 -77.34 -24.43 60.81
CA PHE K 1092 -78.42 -25.31 61.22
C PHE K 1092 -78.14 -26.70 60.67
N VAL K 1093 -78.18 -27.70 61.54
CA VAL K 1093 -77.85 -29.08 61.18
C VAL K 1093 -78.94 -29.99 61.71
N SER K 1094 -79.10 -31.13 61.04
CA SER K 1094 -80.15 -32.09 61.38
C SER K 1094 -79.53 -33.47 61.55
N ASN K 1095 -79.84 -34.13 62.67
CA ASN K 1095 -79.39 -35.50 62.89
C ASN K 1095 -80.42 -36.50 62.38
N GLY K 1096 -80.87 -36.31 61.14
CA GLY K 1096 -81.90 -37.14 60.57
C GLY K 1096 -83.30 -36.79 61.07
N THR K 1097 -83.47 -36.66 62.38
CA THR K 1097 -84.77 -36.36 62.98
C THR K 1097 -84.78 -35.02 63.70
N HIS K 1098 -83.80 -34.77 64.57
CA HIS K 1098 -83.76 -33.55 65.36
C HIS K 1098 -82.98 -32.46 64.64
N TRP K 1099 -82.99 -31.27 65.23
CA TRP K 1099 -82.30 -30.12 64.69
C TRP K 1099 -81.38 -29.52 65.75
N PHE K 1100 -80.22 -29.03 65.32
CA PHE K 1100 -79.24 -28.45 66.21
C PHE K 1100 -78.60 -27.24 65.55
N VAL K 1101 -77.77 -26.53 66.32
CA VAL K 1101 -76.94 -25.44 65.82
C VAL K 1101 -75.52 -25.70 66.26
N THR K 1102 -74.56 -25.49 65.37
CA THR K 1102 -73.17 -25.78 65.66
C THR K 1102 -72.28 -24.81 64.91
N GLN K 1103 -71.04 -24.69 65.37
CA GLN K 1103 -70.07 -23.84 64.70
C GLN K 1103 -69.66 -24.46 63.38
N ARG K 1104 -69.16 -23.61 62.48
CA ARG K 1104 -68.91 -24.00 61.10
C ARG K 1104 -67.60 -24.76 60.91
N ASN K 1105 -66.71 -24.77 61.88
CA ASN K 1105 -65.39 -25.37 61.72
C ASN K 1105 -65.19 -26.61 62.58
N PHE K 1106 -66.13 -26.91 63.48
CA PHE K 1106 -66.01 -28.09 64.33
C PHE K 1106 -67.41 -28.57 64.65
N TYR K 1107 -67.60 -29.88 64.66
CA TYR K 1107 -68.92 -30.46 64.94
C TYR K 1107 -69.16 -30.42 66.44
N GLU K 1108 -70.13 -29.60 66.86
CA GLU K 1108 -70.47 -29.46 68.27
C GLU K 1108 -71.95 -29.10 68.38
N PRO K 1109 -72.82 -30.09 68.32
CA PRO K 1109 -74.26 -29.80 68.31
C PRO K 1109 -74.74 -29.19 69.62
N GLN K 1110 -75.77 -28.36 69.51
CA GLN K 1110 -76.37 -27.73 70.67
C GLN K 1110 -77.86 -27.56 70.43
N ILE K 1111 -78.61 -27.41 71.52
CA ILE K 1111 -80.05 -27.21 71.44
C ILE K 1111 -80.33 -25.78 70.97
N ILE K 1112 -81.29 -25.64 70.07
CA ILE K 1112 -81.66 -24.33 69.52
C ILE K 1112 -82.49 -23.60 70.56
N THR K 1113 -81.96 -22.50 71.08
CA THR K 1113 -82.64 -21.68 72.08
C THR K 1113 -82.80 -20.26 71.55
N THR K 1114 -83.40 -19.40 72.38
CA THR K 1114 -83.56 -18.00 71.99
C THR K 1114 -82.26 -17.22 72.14
N ASP K 1115 -81.27 -17.77 72.86
CA ASP K 1115 -79.98 -17.12 72.98
C ASP K 1115 -79.03 -17.46 71.83
N ASN K 1116 -79.38 -18.43 71.00
CA ASN K 1116 -78.56 -18.81 69.86
C ASN K 1116 -79.04 -18.21 68.55
N THR K 1117 -80.26 -17.69 68.51
CA THR K 1117 -80.85 -17.17 67.28
C THR K 1117 -81.48 -15.81 67.55
N PHE K 1118 -81.65 -15.03 66.48
CA PHE K 1118 -82.33 -13.76 66.54
C PHE K 1118 -83.47 -13.73 65.53
N VAL K 1119 -84.51 -12.97 65.86
CA VAL K 1119 -85.77 -12.97 65.12
C VAL K 1119 -85.81 -11.77 64.19
N SER K 1120 -86.23 -12.01 62.94
CA SER K 1120 -86.37 -10.92 61.97
C SER K 1120 -87.30 -11.39 60.86
N GLY K 1121 -88.44 -10.71 60.71
CA GLY K 1121 -89.35 -11.00 59.63
C GLY K 1121 -90.36 -12.09 59.97
N ASN K 1122 -91.03 -12.56 58.93
CA ASN K 1122 -92.02 -13.63 59.03
C ASN K 1122 -91.58 -14.81 58.16
N CYS K 1123 -92.46 -15.80 58.02
CA CYS K 1123 -92.14 -17.08 57.41
C CYS K 1123 -92.69 -17.22 56.00
N ASP K 1124 -92.68 -16.14 55.20
CA ASP K 1124 -93.18 -16.25 53.84
C ASP K 1124 -92.28 -15.56 52.82
N VAL K 1125 -91.05 -15.21 53.21
CA VAL K 1125 -90.13 -14.55 52.29
C VAL K 1125 -88.84 -15.33 52.09
N VAL K 1126 -88.48 -16.24 52.99
CA VAL K 1126 -87.24 -17.01 52.88
C VAL K 1126 -87.53 -18.32 52.20
N ILE K 1127 -86.74 -18.66 51.19
CA ILE K 1127 -86.90 -19.90 50.45
C ILE K 1127 -86.17 -21.01 51.17
N GLY K 1128 -86.88 -22.10 51.45
CA GLY K 1128 -86.29 -23.24 52.13
C GLY K 1128 -86.46 -23.28 53.62
N ILE K 1129 -87.35 -22.47 54.19
CA ILE K 1129 -87.53 -22.45 55.64
C ILE K 1129 -88.11 -23.78 56.09
N VAL K 1130 -87.77 -24.18 57.32
CA VAL K 1130 -88.15 -25.48 57.86
C VAL K 1130 -88.83 -25.27 59.20
N ASN K 1131 -89.99 -25.89 59.39
CA ASN K 1131 -90.70 -25.81 60.65
C ASN K 1131 -89.96 -26.55 61.75
N ASN K 1132 -89.92 -25.94 62.93
CA ASN K 1132 -89.33 -26.57 64.11
C ASN K 1132 -89.80 -25.85 65.37
N THR K 1133 -89.18 -26.16 66.50
CA THR K 1133 -89.52 -25.53 67.77
C THR K 1133 -88.26 -24.95 68.39
N VAL K 1134 -88.42 -23.84 69.10
CA VAL K 1134 -87.33 -23.15 69.76
C VAL K 1134 -87.60 -23.16 71.26
N TYR K 1135 -86.64 -23.67 72.02
CA TYR K 1135 -86.79 -23.79 73.46
C TYR K 1135 -86.42 -22.48 74.15
N ASP K 1136 -87.29 -22.05 75.06
CA ASP K 1136 -87.03 -20.84 75.86
C ASP K 1136 -86.44 -21.26 77.19
N PRO K 1137 -85.21 -20.87 77.51
CA PRO K 1137 -84.56 -21.39 78.72
C PRO K 1137 -84.92 -20.62 79.99
N LEU K 1138 -85.94 -19.77 79.92
CA LEU K 1138 -86.28 -18.90 81.04
C LEU K 1138 -87.61 -19.23 81.67
N GLN K 1139 -88.70 -19.24 80.89
CA GLN K 1139 -90.04 -19.37 81.43
C GLN K 1139 -90.32 -20.71 82.13
N PRO K 1140 -89.92 -21.88 81.60
CA PRO K 1140 -90.44 -23.12 82.20
C PRO K 1140 -89.86 -23.43 83.57
N GLU K 1141 -88.55 -23.31 83.75
CA GLU K 1141 -87.98 -23.60 85.07
C GLU K 1141 -88.05 -22.39 86.00
N LEU K 1142 -87.65 -21.22 85.52
CA LEU K 1142 -87.65 -20.01 86.36
C LEU K 1142 -89.02 -19.33 86.28
N ASP K 1143 -90.05 -20.11 86.59
CA ASP K 1143 -91.43 -19.64 86.57
C ASP K 1143 -91.90 -19.18 87.95
N SER K 1144 -91.08 -19.37 88.98
CA SER K 1144 -91.45 -18.97 90.33
C SER K 1144 -91.44 -17.46 90.49
#